data_6X6N
#
_entry.id   6X6N
#
_entity_poly.entity_id   1
_entity_poly.type   'polypeptide(L)'
_entity_poly.pdbx_seq_one_letter_code
;GPERISKAYESKDVRLVARDSAFLGLQRAIRSERFELDNFKSNFPYLTVANGSLRTIVTGLKGIVEFDDGQMKDIAKEIL
DTQICGVPFSQFGTCSGSARDLVDNASYQQEKIIIKHLNELFEKVALHLVGAEV
;
_entity_poly.pdbx_strand_id   A
#
# COMPACT_ATOMS: atom_id res chain seq x y z
N GLY A 1 11.23 -38.98 25.45
CA GLY A 1 12.20 -37.87 25.40
C GLY A 1 11.73 -36.83 24.43
N PRO A 2 11.23 -35.76 24.99
CA PRO A 2 10.73 -34.64 24.23
C PRO A 2 11.77 -33.58 23.99
N GLU A 3 12.79 -33.93 23.18
CA GLU A 3 13.83 -32.97 22.89
C GLU A 3 13.95 -32.85 21.40
N ARG A 4 14.15 -31.61 20.92
CA ARG A 4 14.28 -31.39 19.50
C ARG A 4 15.54 -30.59 19.29
N ILE A 5 16.20 -30.81 18.14
CA ILE A 5 17.42 -30.07 17.86
C ILE A 5 17.23 -29.37 16.55
N SER A 6 17.89 -28.20 16.41
CA SER A 6 17.78 -27.44 15.18
C SER A 6 19.16 -27.07 14.74
N LYS A 7 19.34 -26.89 13.42
CA LYS A 7 20.63 -26.52 12.90
C LYS A 7 20.82 -25.06 13.19
N ALA A 8 22.09 -24.66 13.42
CA ALA A 8 22.35 -23.27 13.74
C ALA A 8 22.85 -22.60 12.50
N TYR A 9 22.44 -21.32 12.31
CA TYR A 9 22.87 -20.58 11.16
C TYR A 9 24.01 -19.69 11.60
N GLU A 10 24.93 -19.38 10.66
CA GLU A 10 26.05 -18.54 10.99
C GLU A 10 25.54 -17.12 11.16
N SER A 11 26.13 -16.38 12.11
CA SER A 11 25.69 -15.03 12.34
C SER A 11 26.83 -14.13 11.99
N LYS A 12 26.62 -13.25 10.98
CA LYS A 12 27.66 -12.36 10.57
C LYS A 12 27.01 -11.21 9.84
N ASP A 13 27.46 -9.96 10.16
CA ASP A 13 26.91 -8.79 9.51
C ASP A 13 25.42 -8.72 9.79
N VAL A 14 25.04 -8.77 11.09
CA VAL A 14 23.63 -8.72 11.45
C VAL A 14 22.98 -7.48 10.89
N ARG A 15 23.59 -6.28 11.06
CA ARG A 15 22.96 -5.08 10.55
C ARG A 15 23.01 -5.02 9.03
N LEU A 16 24.14 -5.43 8.41
CA LEU A 16 24.26 -5.36 6.95
C LEU A 16 23.24 -6.24 6.27
N VAL A 17 23.06 -7.50 6.75
CA VAL A 17 22.11 -8.40 6.11
C VAL A 17 20.70 -7.89 6.35
N ALA A 18 20.43 -7.39 7.58
CA ALA A 18 19.11 -6.88 7.91
C ALA A 18 18.76 -5.72 7.02
N ARG A 19 19.74 -4.85 6.70
CA ARG A 19 19.48 -3.70 5.86
C ARG A 19 19.05 -4.18 4.49
N ASP A 20 19.67 -5.27 3.96
CA ASP A 20 19.30 -5.79 2.66
C ASP A 20 17.86 -6.26 2.66
N SER A 21 17.43 -6.95 3.75
CA SER A 21 16.05 -7.45 3.85
C SER A 21 15.07 -6.30 3.79
N ALA A 22 15.39 -5.18 4.47
CA ALA A 22 14.51 -4.03 4.48
C ALA A 22 14.29 -3.54 3.06
N PHE A 23 15.34 -3.65 2.20
CA PHE A 23 15.25 -3.20 0.83
C PHE A 23 14.16 -3.99 0.11
N LEU A 24 14.10 -5.34 0.31
CA LEU A 24 13.10 -6.16 -0.35
C LEU A 24 11.70 -5.78 0.08
N GLY A 25 11.50 -5.40 1.36
CA GLY A 25 10.17 -5.05 1.84
C GLY A 25 9.63 -3.91 1.01
N LEU A 26 10.48 -2.92 0.67
CA LEU A 26 10.02 -1.80 -0.12
C LEU A 26 9.67 -2.28 -1.51
N GLN A 27 10.39 -3.30 -2.02
CA GLN A 27 10.13 -3.81 -3.36
C GLN A 27 8.71 -4.35 -3.48
N ARG A 28 8.20 -5.11 -2.47
CA ARG A 28 6.83 -5.62 -2.55
C ARG A 28 5.88 -4.43 -2.57
N ALA A 29 6.23 -3.39 -1.79
CA ALA A 29 5.42 -2.20 -1.74
C ALA A 29 5.31 -1.58 -3.13
N ILE A 30 6.41 -1.62 -3.91
CA ILE A 30 6.41 -1.04 -5.24
C ILE A 30 5.59 -1.88 -6.21
N ARG A 31 5.67 -3.24 -6.12
CA ARG A 31 4.96 -4.09 -7.07
C ARG A 31 3.46 -3.96 -6.92
N SER A 32 2.95 -3.92 -5.67
CA SER A 32 1.51 -3.81 -5.45
C SER A 32 0.82 -5.03 -6.03
N GLU A 33 -0.51 -5.14 -5.81
CA GLU A 33 -1.26 -6.25 -6.34
C GLU A 33 -2.68 -6.06 -5.89
N ARG A 34 -3.57 -5.61 -6.81
CA ARG A 34 -4.93 -5.38 -6.44
C ARG A 34 -5.80 -5.64 -7.64
N PHE A 35 -6.97 -6.30 -7.44
CA PHE A 35 -7.85 -6.58 -8.54
C PHE A 35 -8.71 -5.36 -8.74
N GLU A 36 -9.18 -5.14 -9.98
CA GLU A 36 -9.96 -3.95 -10.24
C GLU A 36 -11.40 -4.33 -10.46
N LEU A 37 -12.10 -3.55 -11.34
CA LEU A 37 -13.50 -3.74 -11.63
C LEU A 37 -13.79 -5.12 -12.19
N ASP A 38 -12.76 -5.89 -12.59
CA ASP A 38 -13.00 -7.20 -13.15
C ASP A 38 -13.64 -8.10 -12.13
N ASN A 39 -13.21 -8.02 -10.85
CA ASN A 39 -13.81 -8.87 -9.86
C ASN A 39 -14.61 -8.00 -8.94
N PHE A 40 -14.40 -6.68 -8.99
CA PHE A 40 -15.16 -5.79 -8.16
C PHE A 40 -16.44 -5.49 -8.88
N LYS A 41 -16.65 -6.15 -10.04
CA LYS A 41 -17.85 -5.94 -10.81
C LYS A 41 -19.04 -6.42 -10.04
N SER A 42 -19.01 -7.65 -9.50
CA SER A 42 -20.15 -8.13 -8.78
C SER A 42 -19.71 -8.42 -7.38
N ASN A 43 -18.38 -8.61 -7.19
CA ASN A 43 -17.87 -8.95 -5.89
C ASN A 43 -17.17 -7.74 -5.32
N PHE A 44 -17.54 -6.52 -5.77
CA PHE A 44 -16.91 -5.32 -5.25
C PHE A 44 -16.94 -5.30 -3.72
N PRO A 45 -18.10 -5.49 -3.12
CA PRO A 45 -18.24 -5.49 -1.68
C PRO A 45 -17.89 -6.80 -1.02
N TYR A 46 -17.78 -7.90 -1.80
CA TYR A 46 -17.51 -9.20 -1.23
C TYR A 46 -16.09 -9.27 -0.70
N LEU A 47 -15.09 -8.75 -1.45
CA LEU A 47 -13.75 -8.83 -0.96
C LEU A 47 -13.44 -7.56 -0.22
N THR A 48 -13.61 -7.60 1.11
CA THR A 48 -13.34 -6.45 1.93
C THR A 48 -11.98 -6.58 2.56
N VAL A 49 -11.55 -7.84 2.88
CA VAL A 49 -10.26 -8.01 3.51
C VAL A 49 -9.58 -9.22 2.89
N ALA A 50 -8.23 -9.26 3.00
CA ALA A 50 -7.48 -10.39 2.47
C ALA A 50 -6.01 -10.02 2.40
N ASN A 51 -5.53 -9.03 3.21
CA ASN A 51 -4.13 -8.61 3.16
C ASN A 51 -3.83 -8.28 1.72
N GLY A 52 -4.71 -7.44 1.11
CA GLY A 52 -4.57 -7.10 -0.28
C GLY A 52 -3.26 -6.40 -0.52
N SER A 53 -2.91 -5.39 0.31
CA SER A 53 -1.67 -4.70 0.07
C SER A 53 -1.47 -3.64 1.12
N LEU A 54 -2.55 -3.23 1.81
CA LEU A 54 -2.41 -2.18 2.80
C LEU A 54 -1.62 -2.70 3.98
N ARG A 55 -1.95 -3.93 4.44
CA ARG A 55 -1.27 -4.48 5.60
C ARG A 55 0.14 -4.91 5.27
N THR A 56 0.37 -5.48 4.06
CA THR A 56 1.70 -5.94 3.70
C THR A 56 2.66 -4.78 3.58
N ILE A 57 2.22 -3.65 2.97
CA ILE A 57 3.12 -2.53 2.81
C ILE A 57 3.28 -1.82 4.13
N VAL A 58 2.40 -2.10 5.12
CA VAL A 58 2.53 -1.44 6.41
C VAL A 58 3.67 -2.10 7.15
N THR A 59 3.90 -3.42 6.90
CA THR A 59 4.98 -4.12 7.54
C THR A 59 6.29 -3.56 7.02
N GLY A 60 6.36 -3.31 5.69
CA GLY A 60 7.57 -2.76 5.11
C GLY A 60 7.83 -1.40 5.71
N LEU A 61 6.75 -0.65 6.00
CA LEU A 61 6.89 0.68 6.56
C LEU A 61 7.51 0.59 7.93
N LYS A 62 7.24 -0.49 8.71
CA LYS A 62 7.82 -0.62 10.03
C LYS A 62 9.33 -0.70 9.88
N GLY A 63 9.80 -1.44 8.84
CA GLY A 63 11.23 -1.56 8.63
C GLY A 63 11.81 -0.20 8.26
N ILE A 64 11.00 0.71 7.68
CA ILE A 64 11.50 2.02 7.29
C ILE A 64 11.81 2.84 8.52
N VAL A 65 10.92 2.84 9.54
CA VAL A 65 11.16 3.65 10.75
C VAL A 65 12.37 3.11 11.51
N GLU A 66 12.55 1.78 11.53
CA GLU A 66 13.63 1.15 12.28
C GLU A 66 15.00 1.49 11.74
N PHE A 67 15.17 1.58 10.41
CA PHE A 67 16.50 1.82 9.89
C PHE A 67 16.73 3.28 9.63
N ASP A 68 15.75 3.99 9.02
CA ASP A 68 15.94 5.40 8.73
C ASP A 68 15.94 6.19 10.01
N ASP A 69 14.95 5.94 10.90
CA ASP A 69 14.86 6.63 12.16
C ASP A 69 14.81 8.13 11.90
N GLY A 70 13.88 8.57 11.01
CA GLY A 70 13.79 9.98 10.70
C GLY A 70 12.34 10.41 10.78
N GLN A 71 11.96 11.39 9.92
CA GLN A 71 10.61 11.89 9.91
C GLN A 71 9.83 11.15 8.85
N MET A 72 10.48 10.17 8.17
CA MET A 72 9.82 9.42 7.14
C MET A 72 8.78 8.55 7.77
N LYS A 73 9.02 8.13 9.05
CA LYS A 73 8.05 7.31 9.76
C LYS A 73 6.71 8.04 9.84
N ASP A 74 6.75 9.37 10.10
CA ASP A 74 5.52 10.15 10.20
C ASP A 74 4.78 10.13 8.87
N ILE A 75 5.53 10.26 7.75
CA ILE A 75 4.92 10.25 6.43
C ILE A 75 4.22 8.92 6.20
N ALA A 76 4.76 7.81 6.77
CA ALA A 76 4.18 6.50 6.59
C ALA A 76 2.78 6.47 7.17
N LYS A 77 2.56 7.12 8.34
CA LYS A 77 1.24 7.13 8.96
C LYS A 77 0.23 7.79 8.04
N GLU A 78 0.62 8.91 7.39
CA GLU A 78 -0.30 9.61 6.49
C GLU A 78 -0.70 8.71 5.34
N ILE A 79 0.25 7.89 4.85
CA ILE A 79 -0.03 6.99 3.73
C ILE A 79 -1.17 6.05 4.07
N LEU A 80 -1.21 5.50 5.31
CA LEU A 80 -2.28 4.58 5.68
C LEU A 80 -3.61 5.28 5.59
N ASP A 81 -3.70 6.53 6.10
CA ASP A 81 -4.97 7.24 6.07
C ASP A 81 -5.27 7.73 4.67
N THR A 82 -6.38 7.24 4.08
CA THR A 82 -6.74 7.69 2.74
C THR A 82 -8.22 7.44 2.53
N GLN A 83 -8.85 8.30 1.68
CA GLN A 83 -10.27 8.16 1.41
C GLN A 83 -10.46 7.65 -0.01
N ILE A 84 -11.28 6.58 -0.18
CA ILE A 84 -11.57 6.08 -1.51
C ILE A 84 -13.04 5.72 -1.55
N CYS A 85 -13.76 6.28 -2.56
CA CYS A 85 -15.18 6.02 -2.74
C CYS A 85 -15.98 6.95 -1.87
N GLY A 86 -15.34 8.03 -1.36
CA GLY A 86 -16.06 8.98 -0.53
C GLY A 86 -15.97 8.54 0.91
N VAL A 87 -15.41 7.35 1.18
CA VAL A 87 -15.31 6.89 2.54
C VAL A 87 -13.88 6.50 2.79
N PRO A 88 -13.48 6.62 4.02
CA PRO A 88 -12.12 6.31 4.45
C PRO A 88 -11.80 4.85 4.48
N PHE A 89 -10.52 4.52 4.79
CA PHE A 89 -10.07 3.14 4.85
C PHE A 89 -10.87 2.40 5.90
N SER A 90 -11.38 3.12 6.93
CA SER A 90 -12.15 2.53 8.00
C SER A 90 -13.46 1.97 7.47
N GLN A 91 -14.14 2.69 6.56
CA GLN A 91 -15.42 2.21 6.08
C GLN A 91 -15.24 1.45 4.79
N PHE A 92 -13.98 1.13 4.41
CA PHE A 92 -13.77 0.41 3.19
C PHE A 92 -13.25 -0.95 3.56
N GLY A 93 -13.36 -1.32 4.86
CA GLY A 93 -12.87 -2.60 5.29
C GLY A 93 -14.04 -3.53 5.49
N THR A 94 -15.29 -3.05 5.25
CA THR A 94 -16.42 -3.91 5.44
C THR A 94 -17.40 -3.66 4.33
N CYS A 95 -18.42 -4.53 4.22
CA CYS A 95 -19.40 -4.36 3.19
C CYS A 95 -20.67 -3.89 3.81
N SER A 96 -21.38 -3.02 3.08
CA SER A 96 -22.63 -2.49 3.57
C SER A 96 -23.66 -2.77 2.51
N GLY A 97 -24.91 -3.10 2.94
CA GLY A 97 -25.97 -3.37 1.99
C GLY A 97 -26.42 -2.09 1.35
N SER A 98 -26.14 -0.95 2.01
CA SER A 98 -26.50 0.33 1.46
C SER A 98 -25.60 0.61 0.29
N ALA A 99 -24.35 0.11 0.35
CA ALA A 99 -23.42 0.37 -0.71
C ALA A 99 -23.60 -0.67 -1.79
N ARG A 100 -24.24 -1.84 -1.47
CA ARG A 100 -24.42 -2.85 -2.48
C ARG A 100 -25.55 -2.44 -3.39
N ASP A 101 -26.56 -1.72 -2.84
CA ASP A 101 -27.67 -1.28 -3.64
C ASP A 101 -27.23 -0.14 -4.52
N LEU A 102 -26.35 0.73 -3.98
CA LEU A 102 -25.87 1.88 -4.72
C LEU A 102 -25.02 1.44 -5.89
N VAL A 103 -24.17 0.40 -5.69
CA VAL A 103 -23.31 -0.08 -6.76
C VAL A 103 -24.16 -0.59 -7.89
N ASP A 104 -25.15 -1.47 -7.60
CA ASP A 104 -26.03 -1.99 -8.64
C ASP A 104 -26.75 -0.89 -9.38
N ASN A 105 -27.15 0.20 -8.69
CA ASN A 105 -27.87 1.27 -9.36
C ASN A 105 -26.91 2.04 -10.22
N ALA A 106 -25.60 1.96 -9.88
CA ALA A 106 -24.60 2.64 -10.65
C ALA A 106 -24.22 1.72 -11.78
N SER A 107 -23.67 2.29 -12.87
CA SER A 107 -23.32 1.44 -13.98
C SER A 107 -21.82 1.35 -14.03
N TYR A 108 -21.29 0.98 -15.21
CA TYR A 108 -19.86 0.82 -15.34
C TYR A 108 -19.25 2.19 -15.38
N GLN A 109 -19.86 3.07 -16.20
CA GLN A 109 -19.39 4.46 -16.31
C GLN A 109 -19.38 5.14 -14.95
N GLN A 110 -20.21 4.68 -13.98
CA GLN A 110 -20.23 5.34 -12.70
C GLN A 110 -19.10 4.76 -11.90
N GLU A 111 -18.80 3.47 -12.17
CA GLU A 111 -17.72 2.80 -11.51
C GLU A 111 -16.42 3.35 -12.03
N LYS A 112 -16.44 3.95 -13.25
CA LYS A 112 -15.23 4.49 -13.83
C LYS A 112 -14.77 5.67 -13.00
N ILE A 113 -15.72 6.49 -12.51
CA ILE A 113 -15.31 7.63 -11.69
C ILE A 113 -14.83 7.11 -10.34
N ILE A 114 -15.40 5.98 -9.86
CA ILE A 114 -14.99 5.41 -8.59
C ILE A 114 -13.59 4.84 -8.72
N ILE A 115 -13.27 4.25 -9.90
CA ILE A 115 -11.96 3.66 -10.08
C ILE A 115 -10.97 4.77 -10.21
N LYS A 116 -11.46 6.00 -10.53
CA LYS A 116 -10.58 7.13 -10.62
C LYS A 116 -10.15 7.55 -9.26
N HIS A 117 -11.01 7.33 -8.24
CA HIS A 117 -10.62 7.66 -6.90
C HIS A 117 -9.45 6.77 -6.58
N LEU A 118 -9.50 5.52 -7.09
CA LEU A 118 -8.42 4.59 -6.91
C LEU A 118 -7.20 5.05 -7.68
N ASN A 119 -7.39 5.59 -8.92
CA ASN A 119 -6.25 6.03 -9.71
C ASN A 119 -5.45 7.09 -9.01
N GLU A 120 -6.10 8.13 -8.42
CA GLU A 120 -5.33 9.14 -7.70
C GLU A 120 -4.66 8.49 -6.50
N LEU A 121 -5.41 7.61 -5.79
CA LEU A 121 -4.85 6.88 -4.65
C LEU A 121 -3.52 6.24 -5.03
N PHE A 122 -3.44 5.59 -6.21
CA PHE A 122 -2.21 4.96 -6.66
C PHE A 122 -1.12 6.01 -6.82
N GLU A 123 -1.49 7.22 -7.30
CA GLU A 123 -0.54 8.29 -7.50
C GLU A 123 0.07 8.70 -6.16
N LYS A 124 -0.71 8.70 -5.06
CA LYS A 124 -0.18 9.06 -3.75
C LYS A 124 0.85 8.04 -3.35
N VAL A 125 0.61 6.75 -3.70
CA VAL A 125 1.56 5.71 -3.39
C VAL A 125 2.87 6.01 -4.09
N ALA A 126 2.79 6.52 -5.34
CA ALA A 126 3.98 6.85 -6.11
C ALA A 126 4.70 8.02 -5.46
N LEU A 127 3.98 8.88 -4.71
CA LEU A 127 4.62 10.00 -4.06
C LEU A 127 5.60 9.47 -3.03
N HIS A 128 5.24 8.37 -2.32
CA HIS A 128 6.18 7.82 -1.36
C HIS A 128 7.22 7.01 -2.13
N LEU A 129 6.89 6.66 -3.40
CA LEU A 129 7.78 5.91 -4.26
C LEU A 129 9.01 6.74 -4.59
N VAL A 130 8.86 8.09 -4.70
CA VAL A 130 9.99 8.94 -5.06
C VAL A 130 10.86 9.17 -3.84
N GLY A 131 10.73 8.31 -2.81
CA GLY A 131 11.52 8.44 -1.62
C GLY A 131 12.82 7.71 -1.82
N ALA A 132 13.04 7.13 -3.02
CA ALA A 132 14.26 6.42 -3.27
C ALA A 132 15.09 7.22 -4.23
N GLU A 133 14.49 8.27 -4.86
CA GLU A 133 15.22 9.08 -5.78
C GLU A 133 15.89 10.20 -5.02
N VAL A 134 15.52 10.37 -3.74
CA VAL A 134 16.11 11.43 -2.96
C VAL A 134 17.50 10.97 -2.48
N GLY A 1 55.77 7.73 21.90
CA GLY A 1 55.34 6.35 22.17
C GLY A 1 54.46 5.86 21.07
N PRO A 2 53.22 5.70 21.41
CA PRO A 2 52.20 5.23 20.49
C PRO A 2 51.79 6.27 19.49
N GLU A 3 51.31 5.82 18.32
CA GLU A 3 50.90 6.75 17.29
C GLU A 3 49.40 6.69 17.19
N ARG A 4 48.76 7.87 17.08
CA ARG A 4 47.33 7.90 16.97
C ARG A 4 46.98 8.80 15.81
N ILE A 5 46.30 8.23 14.79
CA ILE A 5 45.93 9.02 13.65
C ILE A 5 44.88 8.26 12.87
N SER A 6 44.97 6.91 12.84
CA SER A 6 44.00 6.13 12.12
C SER A 6 43.27 5.29 13.12
N LYS A 7 41.94 5.17 12.96
CA LYS A 7 41.14 4.38 13.88
C LYS A 7 41.49 2.92 13.69
N ALA A 8 41.62 2.48 12.41
CA ALA A 8 41.96 1.10 12.10
C ALA A 8 41.01 0.17 12.80
N TYR A 9 39.68 0.38 12.63
CA TYR A 9 38.74 -0.48 13.29
C TYR A 9 37.63 -0.78 12.30
N GLU A 10 37.53 -2.05 11.86
CA GLU A 10 36.50 -2.41 10.93
C GLU A 10 36.13 -3.84 11.18
N SER A 11 34.84 -4.08 11.51
CA SER A 11 34.40 -5.42 11.76
C SER A 11 33.11 -5.63 11.02
N LYS A 12 32.78 -6.91 10.72
CA LYS A 12 31.57 -7.21 10.01
C LYS A 12 30.43 -7.11 10.99
N ASP A 13 29.36 -6.37 10.62
CA ASP A 13 28.24 -6.21 11.51
C ASP A 13 27.02 -6.79 10.86
N VAL A 14 26.12 -7.36 11.69
CA VAL A 14 24.89 -7.95 11.21
C VAL A 14 23.94 -6.86 10.75
N ARG A 15 24.21 -5.58 11.11
CA ARG A 15 23.31 -4.51 10.71
C ARG A 15 23.31 -4.35 9.20
N LEU A 16 24.40 -4.76 8.51
CA LEU A 16 24.44 -4.63 7.06
C LEU A 16 23.44 -5.62 6.44
N VAL A 17 23.37 -6.84 7.00
CA VAL A 17 22.46 -7.87 6.48
C VAL A 17 21.03 -7.41 6.70
N ALA A 18 20.75 -6.86 7.90
CA ALA A 18 19.40 -6.42 8.22
C ALA A 18 18.99 -5.32 7.26
N ARG A 19 19.93 -4.43 6.89
CA ARG A 19 19.64 -3.34 5.99
C ARG A 19 19.19 -3.88 4.65
N ASP A 20 19.80 -5.00 4.20
CA ASP A 20 19.47 -5.58 2.92
C ASP A 20 18.03 -6.06 2.88
N SER A 21 17.54 -6.67 3.99
CA SER A 21 16.16 -7.17 4.03
C SER A 21 15.18 -6.02 3.92
N ALA A 22 15.48 -4.88 4.57
CA ALA A 22 14.62 -3.72 4.53
C ALA A 22 14.42 -3.28 3.09
N PHE A 23 15.47 -3.42 2.26
CA PHE A 23 15.39 -3.02 0.87
C PHE A 23 14.32 -3.82 0.15
N LEU A 24 14.20 -5.15 0.43
CA LEU A 24 13.22 -5.98 -0.25
C LEU A 24 11.81 -5.60 0.16
N GLY A 25 11.60 -5.17 1.43
CA GLY A 25 10.26 -4.82 1.89
C GLY A 25 9.72 -3.69 1.04
N LEU A 26 10.60 -2.71 0.71
CA LEU A 26 10.18 -1.59 -0.11
C LEU A 26 9.79 -2.08 -1.49
N GLN A 27 10.47 -3.14 -2.00
CA GLN A 27 10.17 -3.65 -3.33
C GLN A 27 8.75 -4.18 -3.42
N ARG A 28 8.23 -4.88 -2.36
CA ARG A 28 6.86 -5.39 -2.42
C ARG A 28 5.92 -4.22 -2.49
N ALA A 29 6.26 -3.15 -1.75
CA ALA A 29 5.47 -1.93 -1.75
C ALA A 29 5.34 -1.43 -3.19
N ILE A 30 6.39 -1.61 -4.02
CA ILE A 30 6.36 -1.17 -5.41
C ILE A 30 5.33 -1.95 -6.19
N ARG A 31 5.20 -3.28 -5.93
CA ARG A 31 4.29 -4.10 -6.71
C ARG A 31 2.84 -3.68 -6.49
N SER A 32 2.43 -3.35 -5.24
CA SER A 32 1.05 -2.94 -4.97
C SER A 32 0.04 -3.92 -5.55
N GLU A 33 -1.20 -3.43 -5.81
CA GLU A 33 -2.26 -4.25 -6.36
C GLU A 33 -3.36 -3.32 -6.80
N ARG A 34 -4.22 -3.74 -7.78
CA ARG A 34 -5.28 -2.88 -8.24
C ARG A 34 -6.46 -3.71 -8.67
N PHE A 35 -7.69 -3.13 -8.58
CA PHE A 35 -8.88 -3.84 -9.00
C PHE A 35 -9.59 -2.94 -9.97
N GLU A 36 -10.51 -3.50 -10.78
CA GLU A 36 -11.24 -2.69 -11.73
C GLU A 36 -12.68 -2.64 -11.28
N LEU A 37 -13.58 -2.15 -12.17
CA LEU A 37 -14.98 -2.06 -11.85
C LEU A 37 -15.56 -3.46 -11.93
N ASP A 38 -14.98 -4.29 -12.81
CA ASP A 38 -15.45 -5.64 -12.97
C ASP A 38 -15.09 -6.42 -11.75
N ASN A 39 -13.96 -6.08 -11.07
CA ASN A 39 -13.58 -6.81 -9.90
C ASN A 39 -14.23 -6.20 -8.70
N PHE A 40 -14.86 -5.01 -8.86
CA PHE A 40 -15.53 -4.42 -7.73
C PHE A 40 -16.77 -5.21 -7.44
N LYS A 41 -17.57 -5.55 -8.49
CA LYS A 41 -18.78 -6.33 -8.28
C LYS A 41 -18.43 -7.78 -8.02
N SER A 42 -17.47 -8.31 -8.82
CA SER A 42 -17.07 -9.70 -8.71
C SER A 42 -16.52 -10.00 -7.34
N ASN A 43 -15.65 -9.12 -6.80
CA ASN A 43 -15.05 -9.36 -5.50
C ASN A 43 -15.74 -8.49 -4.47
N PHE A 44 -17.00 -8.11 -4.73
CA PHE A 44 -17.71 -7.24 -3.81
C PHE A 44 -17.96 -7.93 -2.48
N PRO A 45 -18.66 -9.04 -2.49
CA PRO A 45 -18.98 -9.76 -1.27
C PRO A 45 -18.00 -10.80 -0.82
N TYR A 46 -17.04 -11.20 -1.69
CA TYR A 46 -16.12 -12.23 -1.28
C TYR A 46 -14.88 -11.61 -0.69
N LEU A 47 -14.29 -10.59 -1.33
CA LEU A 47 -13.08 -10.02 -0.78
C LEU A 47 -13.44 -8.81 0.03
N THR A 48 -13.56 -8.97 1.35
CA THR A 48 -13.89 -7.85 2.19
C THR A 48 -12.76 -7.60 3.15
N VAL A 49 -11.93 -8.63 3.44
CA VAL A 49 -10.85 -8.43 4.39
C VAL A 49 -9.85 -9.53 4.20
N ALA A 50 -8.55 -9.19 4.35
CA ALA A 50 -7.51 -10.17 4.20
C ALA A 50 -6.19 -9.44 4.21
N ASN A 51 -5.51 -9.44 3.05
CA ASN A 51 -4.23 -8.77 2.93
C ASN A 51 -4.12 -8.35 1.50
N GLY A 52 -4.91 -7.32 1.11
CA GLY A 52 -4.89 -6.85 -0.25
C GLY A 52 -3.52 -6.33 -0.57
N SER A 53 -2.94 -5.52 0.35
CA SER A 53 -1.63 -4.96 0.13
C SER A 53 -1.43 -3.82 1.09
N LEU A 54 -2.55 -3.30 1.65
CA LEU A 54 -2.45 -2.16 2.55
C LEU A 54 -1.64 -2.54 3.78
N ARG A 55 -2.00 -3.68 4.42
CA ARG A 55 -1.33 -4.10 5.62
C ARG A 55 0.08 -4.58 5.36
N THR A 56 0.32 -5.26 4.21
CA THR A 56 1.64 -5.77 3.92
C THR A 56 2.63 -4.64 3.74
N ILE A 57 2.25 -3.55 3.04
CA ILE A 57 3.20 -2.48 2.84
C ILE A 57 3.36 -1.71 4.13
N VAL A 58 2.44 -1.87 5.11
CA VAL A 58 2.59 -1.18 6.38
C VAL A 58 3.76 -1.79 7.11
N THR A 59 3.89 -3.15 7.03
CA THR A 59 4.97 -3.85 7.71
C THR A 59 6.29 -3.38 7.15
N GLY A 60 6.40 -3.22 5.81
CA GLY A 60 7.64 -2.77 5.20
C GLY A 60 7.97 -1.40 5.73
N LEU A 61 6.94 -0.55 5.92
CA LEU A 61 7.15 0.80 6.40
C LEU A 61 7.71 0.78 7.79
N LYS A 62 7.32 -0.17 8.67
CA LYS A 62 7.85 -0.21 10.01
C LYS A 62 9.33 -0.44 9.93
N GLY A 63 9.75 -1.28 8.95
CA GLY A 63 11.16 -1.58 8.78
C GLY A 63 11.90 -0.30 8.46
N ILE A 64 11.28 0.65 7.71
CA ILE A 64 11.95 1.89 7.36
C ILE A 64 12.08 2.76 8.60
N VAL A 65 11.00 2.85 9.40
CA VAL A 65 10.98 3.68 10.59
C VAL A 65 12.00 3.20 11.62
N GLU A 66 12.04 1.88 11.87
CA GLU A 66 12.93 1.32 12.89
C GLU A 66 14.39 1.48 12.57
N PHE A 67 14.78 1.34 11.29
CA PHE A 67 16.20 1.42 10.97
C PHE A 67 16.58 2.84 10.72
N ASP A 68 15.63 3.69 10.26
CA ASP A 68 15.95 5.06 10.00
C ASP A 68 15.94 5.81 11.30
N ASP A 69 14.73 6.11 11.85
CA ASP A 69 14.64 6.82 13.11
C ASP A 69 14.80 8.28 12.77
N GLY A 70 13.94 8.79 11.86
CA GLY A 70 14.02 10.16 11.45
C GLY A 70 12.64 10.67 11.16
N GLN A 71 12.49 11.35 9.99
CA GLN A 71 11.22 11.91 9.61
C GLN A 71 10.50 10.97 8.66
N MET A 72 11.12 9.82 8.32
CA MET A 72 10.49 8.92 7.38
C MET A 72 9.31 8.26 8.05
N LYS A 73 9.42 8.02 9.37
CA LYS A 73 8.34 7.40 10.13
C LYS A 73 7.06 8.21 10.00
N ASP A 74 7.17 9.57 10.00
CA ASP A 74 6.00 10.42 9.86
C ASP A 74 5.35 10.17 8.52
N ILE A 75 6.19 9.97 7.47
CA ILE A 75 5.67 9.72 6.14
C ILE A 75 4.86 8.43 6.13
N ALA A 76 5.27 7.42 6.95
CA ALA A 76 4.55 6.15 6.98
C ALA A 76 3.11 6.36 7.41
N LYS A 77 2.86 7.28 8.39
CA LYS A 77 1.50 7.54 8.85
C LYS A 77 0.65 8.05 7.71
N GLU A 78 1.22 8.94 6.86
CA GLU A 78 0.47 9.49 5.74
C GLU A 78 0.02 8.39 4.80
N ILE A 79 0.88 7.37 4.59
CA ILE A 79 0.55 6.27 3.68
C ILE A 79 -0.65 5.49 4.19
N LEU A 80 -0.78 5.26 5.52
CA LEU A 80 -1.91 4.51 6.06
C LEU A 80 -3.19 5.19 5.65
N ASP A 81 -3.21 6.54 5.68
CA ASP A 81 -4.38 7.28 5.30
C ASP A 81 -4.62 7.12 3.80
N THR A 82 -5.77 6.50 3.42
CA THR A 82 -6.06 6.29 2.02
C THR A 82 -7.56 6.26 1.81
N GLN A 83 -8.04 6.95 0.73
CA GLN A 83 -9.46 7.01 0.43
C GLN A 83 -9.75 6.28 -0.87
N ILE A 84 -10.82 5.44 -0.89
CA ILE A 84 -11.20 4.76 -2.13
C ILE A 84 -12.70 4.74 -2.21
N CYS A 85 -13.25 5.16 -3.37
CA CYS A 85 -14.69 5.15 -3.59
C CYS A 85 -15.33 6.29 -2.86
N GLY A 86 -14.53 7.30 -2.42
CA GLY A 86 -15.10 8.43 -1.73
C GLY A 86 -15.08 8.17 -0.25
N VAL A 87 -14.69 6.96 0.18
CA VAL A 87 -14.66 6.67 1.60
C VAL A 87 -13.29 6.14 1.93
N PRO A 88 -12.85 6.45 3.12
CA PRO A 88 -11.53 6.06 3.61
C PRO A 88 -11.37 4.62 3.99
N PHE A 89 -10.18 4.30 4.57
CA PHE A 89 -9.88 2.96 5.03
C PHE A 89 -10.92 2.54 6.06
N SER A 90 -11.41 3.50 6.86
CA SER A 90 -12.40 3.21 7.88
C SER A 90 -13.66 2.62 7.28
N GLN A 91 -14.08 3.07 6.07
CA GLN A 91 -15.31 2.52 5.51
C GLN A 91 -14.96 1.47 4.49
N PHE A 92 -13.68 1.04 4.45
CA PHE A 92 -13.31 0.02 3.51
C PHE A 92 -12.96 -1.19 4.33
N GLY A 93 -13.71 -2.29 4.13
CA GLY A 93 -13.46 -3.48 4.88
C GLY A 93 -14.77 -4.20 5.02
N THR A 94 -15.89 -3.49 4.76
CA THR A 94 -17.19 -4.10 4.84
C THR A 94 -18.05 -3.42 3.81
N CYS A 95 -19.09 -4.11 3.31
CA CYS A 95 -19.92 -3.49 2.31
C CYS A 95 -21.33 -3.41 2.82
N SER A 96 -21.74 -2.19 3.23
CA SER A 96 -23.10 -1.96 3.72
C SER A 96 -24.06 -2.22 2.58
N GLY A 97 -25.30 -2.67 2.93
CA GLY A 97 -26.30 -2.96 1.92
C GLY A 97 -26.77 -1.68 1.26
N SER A 98 -26.49 -0.51 1.87
CA SER A 98 -26.88 0.74 1.27
C SER A 98 -26.05 0.91 0.03
N ALA A 99 -24.76 0.52 0.12
CA ALA A 99 -23.87 0.67 -1.00
C ALA A 99 -24.12 -0.45 -1.99
N ARG A 100 -24.68 -1.60 -1.55
CA ARG A 100 -24.90 -2.70 -2.49
C ARG A 100 -26.10 -2.38 -3.36
N ASP A 101 -27.10 -1.64 -2.81
CA ASP A 101 -28.28 -1.32 -3.57
C ASP A 101 -27.92 -0.28 -4.60
N LEU A 102 -27.08 0.71 -4.20
CA LEU A 102 -26.68 1.76 -5.11
C LEU A 102 -25.86 1.19 -6.23
N VAL A 103 -24.93 0.25 -5.93
CA VAL A 103 -24.11 -0.34 -6.98
C VAL A 103 -24.99 -0.99 -8.02
N ASP A 104 -26.04 -1.74 -7.62
CA ASP A 104 -26.94 -2.35 -8.58
C ASP A 104 -27.60 -1.27 -9.41
N ASN A 105 -27.96 -0.12 -8.80
CA ASN A 105 -28.62 0.93 -9.54
C ASN A 105 -27.59 1.95 -9.99
N ALA A 106 -26.30 1.58 -9.92
CA ALA A 106 -25.25 2.49 -10.32
C ALA A 106 -24.89 2.12 -11.73
N SER A 107 -24.62 3.11 -12.59
CA SER A 107 -24.23 2.78 -13.93
C SER A 107 -22.73 2.56 -13.92
N TYR A 108 -22.20 1.96 -15.01
CA TYR A 108 -20.77 1.69 -15.09
C TYR A 108 -20.07 3.02 -15.13
N GLN A 109 -20.61 3.90 -16.00
CA GLN A 109 -20.07 5.25 -16.16
C GLN A 109 -19.86 5.94 -14.81
N GLN A 110 -20.66 5.61 -13.75
CA GLN A 110 -20.47 6.33 -12.50
C GLN A 110 -19.44 5.57 -11.69
N GLU A 111 -19.39 4.24 -11.90
CA GLU A 111 -18.45 3.41 -11.20
C GLU A 111 -17.07 3.70 -11.77
N LYS A 112 -17.01 4.24 -13.02
CA LYS A 112 -15.77 4.53 -13.68
C LYS A 112 -15.10 5.69 -12.98
N ILE A 113 -15.87 6.72 -12.56
CA ILE A 113 -15.23 7.83 -11.87
C ILE A 113 -14.75 7.36 -10.50
N ILE A 114 -15.45 6.37 -9.89
CA ILE A 114 -15.04 5.86 -8.59
C ILE A 114 -13.72 5.13 -8.71
N ILE A 115 -13.54 4.34 -9.80
CA ILE A 115 -12.31 3.59 -9.95
C ILE A 115 -11.18 4.55 -10.20
N LYS A 116 -11.48 5.78 -10.68
CA LYS A 116 -10.43 6.73 -10.91
C LYS A 116 -9.94 7.27 -9.61
N HIS A 117 -10.81 7.28 -8.57
CA HIS A 117 -10.35 7.75 -7.27
C HIS A 117 -9.23 6.84 -6.87
N LEU A 118 -9.40 5.54 -7.18
CA LEU A 118 -8.40 4.55 -6.88
C LEU A 118 -7.17 4.76 -7.74
N ASN A 119 -7.32 5.10 -9.05
CA ASN A 119 -6.17 5.27 -9.92
C ASN A 119 -5.23 6.34 -9.41
N GLU A 120 -5.75 7.55 -9.07
CA GLU A 120 -4.88 8.60 -8.57
C GLU A 120 -4.22 8.16 -7.27
N LEU A 121 -5.06 7.65 -6.33
CA LEU A 121 -4.52 7.15 -5.06
C LEU A 121 -3.26 6.30 -5.30
N PHE A 122 -3.24 5.45 -6.36
CA PHE A 122 -2.09 4.63 -6.67
C PHE A 122 -0.89 5.52 -6.97
N GLU A 123 -1.10 6.64 -7.71
CA GLU A 123 0.01 7.51 -8.05
C GLU A 123 0.65 8.07 -6.79
N LYS A 124 -0.14 8.41 -5.74
CA LYS A 124 0.44 8.94 -4.50
C LYS A 124 1.33 7.90 -3.87
N VAL A 125 0.97 6.60 -4.02
CA VAL A 125 1.79 5.54 -3.48
C VAL A 125 3.15 5.59 -4.13
N ALA A 126 3.21 5.88 -5.45
CA ALA A 126 4.47 5.96 -6.16
C ALA A 126 5.26 7.15 -5.65
N LEU A 127 4.59 8.20 -5.12
CA LEU A 127 5.29 9.36 -4.63
C LEU A 127 6.14 8.95 -3.43
N HIS A 128 5.63 8.06 -2.56
CA HIS A 128 6.42 7.63 -1.43
C HIS A 128 7.50 6.69 -1.92
N LEU A 129 7.26 6.06 -3.08
CA LEU A 129 8.21 5.13 -3.65
C LEU A 129 9.50 5.86 -3.96
N VAL A 130 9.42 7.14 -4.42
CA VAL A 130 10.65 7.86 -4.74
C VAL A 130 11.26 8.42 -3.48
N GLY A 131 10.85 7.87 -2.32
CA GLY A 131 11.37 8.30 -1.06
C GLY A 131 12.60 7.51 -0.73
N ALA A 132 13.11 6.73 -1.71
CA ALA A 132 14.28 5.93 -1.48
C ALA A 132 15.43 6.58 -2.20
N GLU A 133 15.13 7.49 -3.16
CA GLU A 133 16.20 8.12 -3.89
C GLU A 133 16.55 9.42 -3.20
N VAL A 134 15.71 9.87 -2.25
CA VAL A 134 15.99 11.10 -1.56
C VAL A 134 16.61 10.73 -0.20
N GLY A 1 23.58 26.14 -0.80
CA GLY A 1 23.35 24.67 -0.73
C GLY A 1 22.66 24.32 0.54
N PRO A 2 21.41 23.97 0.39
CA PRO A 2 20.57 23.58 1.50
C PRO A 2 20.58 22.11 1.77
N GLU A 3 21.77 21.57 2.10
CA GLU A 3 21.87 20.15 2.37
C GLU A 3 22.56 19.99 3.70
N ARG A 4 22.14 18.96 4.46
CA ARG A 4 22.75 18.72 5.75
C ARG A 4 23.25 17.31 5.75
N ILE A 5 24.44 17.09 6.38
CA ILE A 5 24.99 15.76 6.42
C ILE A 5 25.30 15.43 7.86
N SER A 6 25.39 14.12 8.17
CA SER A 6 25.66 13.72 9.53
C SER A 6 26.86 12.81 9.50
N LYS A 7 27.63 12.82 10.61
CA LYS A 7 28.81 11.97 10.69
C LYS A 7 28.35 10.59 11.04
N ALA A 8 29.04 9.56 10.50
CA ALA A 8 28.66 8.21 10.79
C ALA A 8 29.90 7.35 10.75
N TYR A 9 29.86 6.20 11.46
CA TYR A 9 31.00 5.33 11.47
C TYR A 9 30.63 4.12 10.65
N GLU A 10 31.61 3.60 9.86
CA GLU A 10 31.32 2.45 9.04
C GLU A 10 32.13 1.30 9.59
N SER A 11 31.43 0.32 10.18
CA SER A 11 32.11 -0.84 10.73
C SER A 11 31.30 -2.05 10.34
N LYS A 12 31.95 -3.23 10.30
CA LYS A 12 31.24 -4.43 9.95
C LYS A 12 30.54 -4.92 11.18
N ASP A 13 29.24 -5.31 11.04
CA ASP A 13 28.50 -5.78 12.17
C ASP A 13 27.26 -6.48 11.66
N VAL A 14 26.43 -6.97 12.60
CA VAL A 14 25.21 -7.66 12.25
C VAL A 14 24.17 -6.68 11.74
N ARG A 15 24.39 -5.36 11.93
CA ARG A 15 23.42 -4.39 11.46
C ARG A 15 23.39 -4.39 9.95
N LEU A 16 24.46 -4.88 9.28
CA LEU A 16 24.48 -4.92 7.82
C LEU A 16 23.50 -5.97 7.33
N VAL A 17 23.47 -7.13 8.04
CA VAL A 17 22.59 -8.22 7.66
C VAL A 17 21.15 -7.77 7.83
N ALA A 18 20.86 -7.09 8.96
CA ALA A 18 19.50 -6.64 9.23
C ALA A 18 19.07 -5.64 8.18
N ARG A 19 20.00 -4.76 7.73
CA ARG A 19 19.68 -3.75 6.74
C ARG A 19 19.32 -4.42 5.42
N ASP A 20 19.93 -5.58 5.12
CA ASP A 20 19.65 -6.28 3.88
C ASP A 20 18.22 -6.75 3.85
N SER A 21 17.69 -7.24 5.01
CA SER A 21 16.32 -7.73 5.06
C SER A 21 15.34 -6.59 4.83
N ALA A 22 15.63 -5.40 5.37
CA ALA A 22 14.75 -4.26 5.22
C ALA A 22 14.59 -3.91 3.76
N PHE A 23 15.67 -4.09 2.95
CA PHE A 23 15.61 -3.77 1.54
C PHE A 23 14.59 -4.65 0.84
N LEU A 24 14.45 -5.94 1.24
CA LEU A 24 13.51 -6.83 0.58
C LEU A 24 12.09 -6.38 0.86
N GLY A 25 11.81 -5.91 2.10
CA GLY A 25 10.47 -5.49 2.48
C GLY A 25 10.03 -4.35 1.60
N LEU A 26 10.94 -3.41 1.28
CA LEU A 26 10.59 -2.28 0.45
C LEU A 26 10.25 -2.75 -0.95
N GLN A 27 10.90 -3.84 -1.41
CA GLN A 27 10.64 -4.37 -2.74
C GLN A 27 9.22 -4.90 -2.86
N ARG A 28 8.68 -5.55 -1.79
CA ARG A 28 7.33 -6.11 -1.86
C ARG A 28 6.32 -4.98 -1.97
N ALA A 29 6.56 -3.89 -1.22
CA ALA A 29 5.66 -2.76 -1.23
C ALA A 29 5.52 -2.20 -2.63
N ILE A 30 6.63 -2.15 -3.40
CA ILE A 30 6.58 -1.63 -4.75
C ILE A 30 5.74 -2.51 -5.66
N ARG A 31 5.82 -3.86 -5.51
CA ARG A 31 5.09 -4.76 -6.40
C ARG A 31 3.58 -4.67 -6.21
N SER A 32 3.09 -4.20 -5.03
CA SER A 32 1.65 -4.13 -4.80
C SER A 32 0.96 -3.33 -5.90
N GLU A 33 -0.17 -3.91 -6.43
CA GLU A 33 -0.93 -3.25 -7.48
C GLU A 33 -2.22 -4.03 -7.68
N ARG A 34 -3.40 -3.34 -7.63
CA ARG A 34 -4.65 -4.06 -7.82
C ARG A 34 -5.67 -3.17 -8.51
N PHE A 35 -6.67 -3.82 -9.18
CA PHE A 35 -7.72 -3.10 -9.88
C PHE A 35 -8.81 -2.72 -8.91
N GLU A 36 -9.70 -1.77 -9.32
CA GLU A 36 -10.74 -1.35 -8.42
C GLU A 36 -12.12 -1.59 -9.00
N LEU A 37 -12.40 -1.23 -10.29
CA LEU A 37 -13.74 -1.43 -10.83
C LEU A 37 -13.97 -2.87 -11.18
N ASP A 38 -12.96 -3.50 -11.85
CA ASP A 38 -13.09 -4.87 -12.27
C ASP A 38 -13.21 -5.75 -11.06
N ASN A 39 -12.47 -5.43 -9.98
CA ASN A 39 -12.53 -6.25 -8.81
C ASN A 39 -13.59 -5.72 -7.88
N PHE A 40 -14.24 -4.61 -8.25
CA PHE A 40 -15.27 -4.07 -7.39
C PHE A 40 -16.49 -4.95 -7.48
N LYS A 41 -16.88 -5.38 -8.69
CA LYS A 41 -18.06 -6.22 -8.80
C LYS A 41 -17.75 -7.65 -8.42
N SER A 42 -16.68 -8.22 -9.00
CA SER A 42 -16.32 -9.60 -8.75
C SER A 42 -15.95 -9.85 -7.30
N ASN A 43 -15.18 -8.94 -6.66
CA ASN A 43 -14.76 -9.18 -5.29
C ASN A 43 -15.50 -8.27 -4.35
N PHE A 44 -16.73 -7.83 -4.69
CA PHE A 44 -17.46 -6.94 -3.80
C PHE A 44 -17.70 -7.59 -2.45
N PRO A 45 -18.35 -8.74 -2.41
CA PRO A 45 -18.65 -9.41 -1.17
C PRO A 45 -17.66 -10.46 -0.74
N TYR A 46 -16.76 -10.90 -1.63
CA TYR A 46 -15.84 -11.94 -1.26
C TYR A 46 -14.61 -11.34 -0.64
N LEU A 47 -14.21 -10.12 -1.05
CA LEU A 47 -13.03 -9.53 -0.47
C LEU A 47 -13.45 -8.61 0.64
N THR A 48 -13.49 -9.14 1.89
CA THR A 48 -13.86 -8.32 3.02
C THR A 48 -12.63 -8.04 3.86
N VAL A 49 -11.48 -8.66 3.51
CA VAL A 49 -10.27 -8.44 4.28
C VAL A 49 -9.20 -8.03 3.32
N ALA A 50 -8.15 -7.37 3.83
CA ALA A 50 -7.10 -6.94 2.94
C ALA A 50 -5.79 -7.02 3.67
N ASN A 51 -5.15 -8.20 3.61
CA ASN A 51 -3.84 -8.36 4.22
C ASN A 51 -2.94 -8.96 3.19
N GLY A 52 -3.44 -9.06 1.93
CA GLY A 52 -2.67 -9.61 0.86
C GLY A 52 -1.50 -8.70 0.59
N SER A 53 -1.73 -7.37 0.59
CA SER A 53 -0.64 -6.47 0.31
C SER A 53 -0.76 -5.26 1.20
N LEU A 54 -1.97 -5.01 1.78
CA LEU A 54 -2.15 -3.84 2.61
C LEU A 54 -1.48 -4.05 3.95
N ARG A 55 -1.72 -5.21 4.59
CA ARG A 55 -1.17 -5.45 5.90
C ARG A 55 0.31 -5.75 5.79
N THR A 56 0.73 -6.43 4.70
CA THR A 56 2.13 -6.76 4.52
C THR A 56 2.93 -5.49 4.30
N ILE A 57 2.38 -4.53 3.53
CA ILE A 57 3.09 -3.28 3.29
C ILE A 57 3.25 -2.53 4.58
N VAL A 58 2.36 -2.75 5.59
CA VAL A 58 2.48 -2.04 6.85
C VAL A 58 3.72 -2.52 7.57
N THR A 59 4.01 -3.84 7.54
CA THR A 59 5.19 -4.39 8.22
C THR A 59 6.45 -3.82 7.62
N GLY A 60 6.53 -3.72 6.27
CA GLY A 60 7.71 -3.18 5.62
C GLY A 60 7.90 -1.76 6.06
N LEU A 61 6.79 -1.02 6.25
CA LEU A 61 6.87 0.37 6.64
C LEU A 61 7.54 0.48 7.99
N LYS A 62 7.28 -0.46 8.94
CA LYS A 62 7.90 -0.39 10.25
C LYS A 62 9.40 -0.50 10.10
N GLY A 63 9.88 -1.39 9.20
CA GLY A 63 11.31 -1.55 9.02
C GLY A 63 11.90 -0.28 8.42
N ILE A 64 11.08 0.53 7.71
CA ILE A 64 11.58 1.74 7.10
C ILE A 64 11.77 2.78 8.18
N VAL A 65 10.75 2.92 9.06
CA VAL A 65 10.77 3.89 10.14
C VAL A 65 11.89 3.60 11.13
N GLU A 66 12.00 2.32 11.54
CA GLU A 66 12.98 1.91 12.54
C GLU A 66 14.41 2.08 12.09
N PHE A 67 14.73 1.81 10.81
CA PHE A 67 16.12 1.89 10.40
C PHE A 67 16.46 3.25 9.87
N ASP A 68 15.60 3.84 9.02
CA ASP A 68 15.91 5.15 8.47
C ASP A 68 15.93 6.17 9.57
N ASP A 69 14.87 6.18 10.42
CA ASP A 69 14.78 7.12 11.52
C ASP A 69 14.87 8.52 10.97
N GLY A 70 14.05 8.84 9.93
CA GLY A 70 14.12 10.14 9.36
C GLY A 70 12.73 10.64 9.09
N GLN A 71 12.50 11.09 7.83
CA GLN A 71 11.21 11.63 7.45
C GLN A 71 10.41 10.55 6.76
N MET A 72 10.94 9.31 6.69
CA MET A 72 10.23 8.28 5.99
C MET A 72 9.12 7.78 6.88
N LYS A 73 9.34 7.84 8.22
CA LYS A 73 8.32 7.42 9.17
C LYS A 73 7.04 8.19 8.95
N ASP A 74 7.15 9.52 8.71
CA ASP A 74 5.99 10.35 8.48
C ASP A 74 5.26 9.88 7.25
N ILE A 75 6.04 9.49 6.22
CA ILE A 75 5.46 9.02 4.97
C ILE A 75 4.62 7.77 5.21
N ALA A 76 5.07 6.88 6.15
CA ALA A 76 4.36 5.64 6.39
C ALA A 76 2.94 5.90 6.88
N LYS A 77 2.76 6.89 7.79
CA LYS A 77 1.44 7.18 8.32
C LYS A 77 0.50 7.63 7.21
N GLU A 78 1.00 8.48 6.29
CA GLU A 78 0.16 8.98 5.21
C GLU A 78 -0.30 7.85 4.30
N ILE A 79 0.57 6.84 4.04
CA ILE A 79 0.19 5.75 3.16
C ILE A 79 -0.99 4.98 3.71
N LEU A 80 -1.05 4.73 5.04
CA LEU A 80 -2.18 3.97 5.61
C LEU A 80 -3.45 4.71 5.30
N ASP A 81 -3.47 6.05 5.49
CA ASP A 81 -4.69 6.80 5.23
C ASP A 81 -4.94 6.84 3.74
N THR A 82 -6.10 6.28 3.31
CA THR A 82 -6.42 6.29 1.89
C THR A 82 -7.93 6.23 1.73
N GLN A 83 -8.50 7.28 1.08
CA GLN A 83 -9.93 7.33 0.86
C GLN A 83 -10.20 7.09 -0.60
N ILE A 84 -11.15 6.17 -0.92
CA ILE A 84 -11.48 5.92 -2.31
C ILE A 84 -12.98 5.76 -2.46
N CYS A 85 -13.61 6.75 -3.13
CA CYS A 85 -15.05 6.72 -3.42
C CYS A 85 -15.76 7.47 -2.33
N GLY A 86 -15.02 8.28 -1.55
CA GLY A 86 -15.63 9.04 -0.49
C GLY A 86 -15.57 8.26 0.79
N VAL A 87 -15.11 6.99 0.73
CA VAL A 87 -15.03 6.20 1.94
C VAL A 87 -13.60 5.74 2.07
N PRO A 88 -13.12 5.79 3.29
CA PRO A 88 -11.75 5.40 3.62
C PRO A 88 -11.50 3.92 3.66
N PHE A 89 -10.25 3.55 4.01
CA PHE A 89 -9.86 2.15 4.11
C PHE A 89 -10.70 1.47 5.16
N SER A 90 -11.18 2.24 6.16
CA SER A 90 -11.98 1.69 7.23
C SER A 90 -13.34 1.23 6.73
N GLN A 91 -13.99 2.02 5.84
CA GLN A 91 -15.32 1.64 5.38
C GLN A 91 -15.22 0.78 4.13
N PHE A 92 -14.00 0.38 3.72
CA PHE A 92 -13.90 -0.45 2.55
C PHE A 92 -13.67 -1.87 3.01
N GLY A 93 -13.55 -2.07 4.34
CA GLY A 93 -13.32 -3.38 4.87
C GLY A 93 -14.63 -3.95 5.39
N THR A 94 -15.77 -3.27 5.14
CA THR A 94 -17.03 -3.77 5.65
C THR A 94 -18.05 -3.70 4.56
N CYS A 95 -18.89 -4.77 4.47
CA CYS A 95 -19.93 -4.84 3.46
C CYS A 95 -21.01 -3.83 3.82
N SER A 96 -21.52 -3.12 2.79
CA SER A 96 -22.57 -2.15 3.02
C SER A 96 -23.74 -2.51 2.16
N GLY A 97 -24.97 -2.44 2.74
CA GLY A 97 -26.15 -2.76 1.99
C GLY A 97 -26.64 -1.52 1.29
N SER A 98 -26.28 -0.34 1.82
CA SER A 98 -26.67 0.90 1.19
C SER A 98 -25.90 1.01 -0.09
N ALA A 99 -24.63 0.59 -0.04
CA ALA A 99 -23.78 0.64 -1.20
C ALA A 99 -24.22 -0.41 -2.19
N ARG A 100 -24.73 -1.58 -1.71
CA ARG A 100 -25.13 -2.62 -2.64
C ARG A 100 -26.36 -2.21 -3.41
N ASP A 101 -27.25 -1.37 -2.83
CA ASP A 101 -28.45 -0.97 -3.52
C ASP A 101 -28.11 0.01 -4.61
N LEU A 102 -27.25 1.02 -4.30
CA LEU A 102 -26.91 2.01 -5.30
C LEU A 102 -26.02 1.43 -6.37
N VAL A 103 -24.99 0.64 -5.99
CA VAL A 103 -24.09 0.03 -6.97
C VAL A 103 -24.88 -0.84 -7.92
N ASP A 104 -25.86 -1.62 -7.41
CA ASP A 104 -26.65 -2.48 -8.27
C ASP A 104 -27.41 -1.64 -9.29
N ASN A 105 -27.93 -0.46 -8.88
CA ASN A 105 -28.68 0.37 -9.80
C ASN A 105 -27.78 1.46 -10.34
N ALA A 106 -26.45 1.35 -10.12
CA ALA A 106 -25.53 2.35 -10.62
C ALA A 106 -25.02 1.84 -11.93
N SER A 107 -24.77 2.75 -12.89
CA SER A 107 -24.25 2.30 -14.16
C SER A 107 -22.76 2.35 -14.08
N TYR A 108 -22.07 1.79 -15.11
CA TYR A 108 -20.62 1.78 -15.11
C TYR A 108 -20.17 3.22 -15.26
N GLN A 109 -20.92 3.93 -16.12
CA GLN A 109 -20.67 5.36 -16.37
C GLN A 109 -20.55 6.13 -15.04
N GLN A 110 -21.32 5.79 -13.97
CA GLN A 110 -21.22 6.57 -12.76
C GLN A 110 -20.08 5.97 -11.98
N GLU A 111 -19.77 4.69 -12.27
CA GLU A 111 -18.68 4.02 -11.63
C GLU A 111 -17.40 4.62 -12.20
N LYS A 112 -17.50 5.26 -13.41
CA LYS A 112 -16.36 5.86 -14.06
C LYS A 112 -15.89 7.01 -13.24
N ILE A 113 -16.83 7.79 -12.66
CA ILE A 113 -16.40 8.89 -11.79
C ILE A 113 -15.69 8.28 -10.60
N ILE A 114 -16.17 7.10 -10.13
CA ILE A 114 -15.53 6.44 -9.02
C ILE A 114 -14.10 6.09 -9.42
N ILE A 115 -13.88 5.64 -10.69
CA ILE A 115 -12.53 5.27 -11.11
C ILE A 115 -11.60 6.45 -11.03
N LYS A 116 -12.03 7.69 -11.37
CA LYS A 116 -11.08 8.78 -11.28
C LYS A 116 -10.65 8.96 -9.83
N HIS A 117 -11.49 8.51 -8.86
CA HIS A 117 -11.07 8.57 -7.47
C HIS A 117 -9.86 7.67 -7.33
N LEU A 118 -9.89 6.52 -8.03
CA LEU A 118 -8.79 5.56 -8.03
C LEU A 118 -7.61 6.17 -8.78
N ASN A 119 -7.87 7.18 -9.64
CA ASN A 119 -6.79 7.77 -10.40
C ASN A 119 -5.86 8.46 -9.42
N GLU A 120 -6.44 9.26 -8.48
CA GLU A 120 -5.60 9.93 -7.48
C GLU A 120 -5.10 8.89 -6.49
N LEU A 121 -5.82 7.77 -6.45
CA LEU A 121 -5.45 6.65 -5.58
C LEU A 121 -4.05 6.22 -5.96
N PHE A 122 -3.86 5.86 -7.25
CA PHE A 122 -2.55 5.48 -7.77
C PHE A 122 -1.52 6.56 -7.50
N GLU A 123 -1.86 7.86 -7.69
CA GLU A 123 -0.89 8.92 -7.46
C GLU A 123 -0.37 8.88 -6.03
N LYS A 124 -1.25 8.59 -5.04
CA LYS A 124 -0.83 8.53 -3.65
C LYS A 124 0.20 7.43 -3.47
N VAL A 125 0.04 6.31 -4.19
CA VAL A 125 0.98 5.22 -4.11
C VAL A 125 2.34 5.71 -4.56
N ALA A 126 2.38 6.56 -5.62
CA ALA A 126 3.63 7.08 -6.13
C ALA A 126 4.22 8.04 -5.12
N LEU A 127 3.37 8.63 -4.24
CA LEU A 127 3.90 9.54 -3.24
C LEU A 127 4.82 8.75 -2.36
N HIS A 128 4.48 7.48 -2.07
CA HIS A 128 5.36 6.65 -1.29
C HIS A 128 6.62 6.40 -2.11
N LEU A 129 6.46 6.21 -3.45
CA LEU A 129 7.59 5.95 -4.33
C LEU A 129 8.20 7.26 -4.82
N VAL A 130 7.96 8.37 -4.09
CA VAL A 130 8.55 9.65 -4.49
C VAL A 130 9.97 9.72 -3.97
N GLY A 131 10.56 8.56 -3.55
CA GLY A 131 11.91 8.58 -3.05
C GLY A 131 12.87 8.35 -4.17
N ALA A 132 12.36 8.22 -5.42
CA ALA A 132 13.24 8.00 -6.55
C ALA A 132 13.75 9.33 -7.02
N GLU A 133 13.14 10.45 -6.52
CA GLU A 133 13.55 11.78 -6.91
C GLU A 133 13.41 11.91 -8.41
N VAL A 134 12.17 11.79 -8.92
CA VAL A 134 11.96 11.89 -10.34
C VAL A 134 11.51 13.32 -10.66
N GLY A 1 6.93 -25.16 3.90
CA GLY A 1 7.65 -23.86 3.96
C GLY A 1 9.08 -24.06 3.59
N PRO A 2 9.41 -23.52 2.44
CA PRO A 2 10.74 -23.60 1.90
C PRO A 2 11.73 -22.72 2.62
N GLU A 3 13.02 -23.12 2.61
CA GLU A 3 14.02 -22.34 3.29
C GLU A 3 15.32 -22.57 2.59
N ARG A 4 16.29 -21.65 2.82
CA ARG A 4 17.58 -21.78 2.19
C ARG A 4 18.62 -21.73 3.28
N ILE A 5 19.73 -22.47 3.08
CA ILE A 5 20.77 -22.49 4.08
C ILE A 5 22.02 -21.93 3.44
N SER A 6 22.62 -20.90 4.07
CA SER A 6 23.82 -20.30 3.53
C SER A 6 24.90 -20.42 4.55
N LYS A 7 26.17 -20.50 4.07
CA LYS A 7 27.28 -20.62 4.98
C LYS A 7 28.01 -19.31 4.97
N ALA A 8 28.49 -18.88 6.17
CA ALA A 8 29.20 -17.63 6.25
C ALA A 8 30.27 -17.80 7.30
N TYR A 9 31.43 -17.14 7.07
CA TYR A 9 32.51 -17.23 8.01
C TYR A 9 33.29 -15.95 7.92
N GLU A 10 33.61 -15.35 9.10
CA GLU A 10 34.37 -14.11 9.15
C GLU A 10 33.50 -13.00 8.63
N SER A 11 32.41 -12.70 9.36
CA SER A 11 31.52 -11.64 8.92
C SER A 11 31.22 -10.77 10.12
N LYS A 12 31.37 -9.44 9.94
CA LYS A 12 31.11 -8.52 11.03
C LYS A 12 30.19 -7.45 10.51
N ASP A 13 29.42 -6.83 11.45
CA ASP A 13 28.50 -5.75 11.11
C ASP A 13 27.25 -6.35 10.53
N VAL A 14 26.36 -6.88 11.41
CA VAL A 14 25.11 -7.45 10.99
C VAL A 14 24.15 -6.37 10.56
N ARG A 15 24.45 -5.08 10.86
CA ARG A 15 23.55 -4.00 10.48
C ARG A 15 23.52 -3.86 8.97
N LEU A 16 24.60 -4.27 8.26
CA LEU A 16 24.62 -4.15 6.80
C LEU A 16 23.65 -5.17 6.22
N VAL A 17 23.60 -6.39 6.81
CA VAL A 17 22.73 -7.44 6.32
C VAL A 17 21.29 -7.03 6.51
N ALA A 18 20.96 -6.43 7.68
CA ALA A 18 19.58 -6.03 7.95
C ALA A 18 19.15 -4.97 6.96
N ARG A 19 20.07 -4.03 6.61
CA ARG A 19 19.76 -2.96 5.69
C ARG A 19 19.39 -3.54 4.33
N ASP A 20 20.05 -4.65 3.93
CA ASP A 20 19.79 -5.25 2.63
C ASP A 20 18.38 -5.80 2.57
N SER A 21 17.88 -6.42 3.69
CA SER A 21 16.54 -6.98 3.69
C SER A 21 15.50 -5.90 3.49
N ALA A 22 15.69 -4.74 4.16
CA ALA A 22 14.76 -3.63 4.04
C ALA A 22 14.64 -3.22 2.59
N PHE A 23 15.73 -3.34 1.81
CA PHE A 23 15.70 -2.95 0.42
C PHE A 23 14.67 -3.79 -0.33
N LEU A 24 14.56 -5.11 -0.04
CA LEU A 24 13.62 -5.98 -0.73
C LEU A 24 12.19 -5.58 -0.42
N GLY A 25 11.92 -5.16 0.85
CA GLY A 25 10.57 -4.79 1.23
C GLY A 25 10.07 -3.67 0.33
N LEU A 26 10.96 -2.71 -0.01
CA LEU A 26 10.59 -1.62 -0.87
C LEU A 26 10.20 -2.17 -2.23
N GLN A 27 10.93 -3.22 -2.69
CA GLN A 27 10.68 -3.80 -4.00
C GLN A 27 9.29 -4.40 -4.10
N ARG A 28 8.77 -5.08 -3.04
CA ARG A 28 7.44 -5.67 -3.12
C ARG A 28 6.40 -4.59 -3.27
N ALA A 29 6.59 -3.48 -2.53
CA ALA A 29 5.66 -2.36 -2.62
C ALA A 29 5.52 -1.93 -4.08
N ILE A 30 6.62 -1.97 -4.85
CA ILE A 30 6.55 -1.59 -6.26
C ILE A 30 5.73 -2.59 -7.06
N ARG A 31 5.85 -3.91 -6.78
CA ARG A 31 5.13 -4.90 -7.60
C ARG A 31 3.74 -5.22 -7.07
N SER A 32 3.20 -4.40 -6.14
CA SER A 32 1.83 -4.64 -5.64
C SER A 32 0.89 -4.82 -6.81
N GLU A 33 -0.10 -5.76 -6.67
CA GLU A 33 -1.03 -6.04 -7.74
C GLU A 33 -2.44 -5.65 -7.34
N ARG A 34 -3.33 -5.54 -8.38
CA ARG A 34 -4.71 -5.15 -8.15
C ARG A 34 -5.64 -5.86 -9.11
N PHE A 35 -6.98 -5.74 -8.86
CA PHE A 35 -7.98 -6.35 -9.71
C PHE A 35 -8.88 -5.24 -10.18
N GLU A 36 -9.56 -5.42 -11.34
CA GLU A 36 -10.42 -4.37 -11.85
C GLU A 36 -11.87 -4.72 -11.59
N LEU A 37 -12.79 -4.03 -12.33
CA LEU A 37 -14.23 -4.23 -12.20
C LEU A 37 -14.64 -5.66 -12.42
N ASP A 38 -13.72 -6.54 -12.88
CA ASP A 38 -14.09 -7.93 -13.09
C ASP A 38 -14.53 -8.53 -11.78
N ASN A 39 -13.86 -8.19 -10.67
CA ASN A 39 -14.24 -8.73 -9.40
C ASN A 39 -14.86 -7.63 -8.59
N PHE A 40 -14.63 -6.37 -8.98
CA PHE A 40 -15.22 -5.28 -8.27
C PHE A 40 -16.59 -5.04 -8.83
N LYS A 41 -17.08 -5.95 -9.70
CA LYS A 41 -18.39 -5.77 -10.27
C LYS A 41 -19.42 -6.01 -9.24
N SER A 42 -19.45 -7.19 -8.58
CA SER A 42 -20.45 -7.40 -7.59
C SER A 42 -19.75 -7.61 -6.29
N ASN A 43 -18.42 -7.89 -6.35
CA ASN A 43 -17.68 -8.13 -5.14
C ASN A 43 -16.98 -6.86 -4.78
N PHE A 44 -17.44 -5.70 -5.33
CA PHE A 44 -16.80 -4.45 -5.01
C PHE A 44 -16.78 -4.27 -3.50
N PRO A 45 -17.93 -4.39 -2.86
CA PRO A 45 -18.01 -4.26 -1.41
C PRO A 45 -17.65 -5.53 -0.67
N TYR A 46 -17.63 -6.69 -1.38
CA TYR A 46 -17.32 -7.95 -0.75
C TYR A 46 -15.86 -8.01 -0.38
N LEU A 47 -14.98 -7.26 -1.08
CA LEU A 47 -13.58 -7.29 -0.73
C LEU A 47 -13.39 -6.30 0.38
N THR A 48 -13.64 -6.76 1.62
CA THR A 48 -13.54 -5.91 2.78
C THR A 48 -12.20 -6.08 3.44
N VAL A 49 -11.33 -6.97 2.93
CA VAL A 49 -10.06 -7.15 3.56
C VAL A 49 -9.03 -6.90 2.51
N ALA A 50 -7.92 -6.22 2.89
CA ALA A 50 -6.92 -5.94 1.90
C ALA A 50 -5.58 -6.20 2.50
N ASN A 51 -5.07 -7.43 2.31
CA ASN A 51 -3.75 -7.76 2.77
C ASN A 51 -2.97 -8.19 1.56
N GLY A 52 -3.56 -7.93 0.37
CA GLY A 52 -2.91 -8.28 -0.85
C GLY A 52 -2.15 -7.09 -1.36
N SER A 53 -2.26 -5.92 -0.69
CA SER A 53 -1.55 -4.77 -1.17
C SER A 53 -1.39 -3.77 -0.06
N LEU A 54 -2.44 -3.59 0.77
CA LEU A 54 -2.37 -2.62 1.83
C LEU A 54 -1.52 -3.12 2.97
N ARG A 55 -1.74 -4.37 3.41
CA ARG A 55 -1.01 -4.91 4.54
C ARG A 55 0.45 -5.11 4.17
N THR A 56 0.72 -5.60 2.93
CA THR A 56 2.09 -5.82 2.51
C THR A 56 2.89 -4.53 2.55
N ILE A 57 2.32 -3.41 2.04
CA ILE A 57 3.06 -2.16 2.04
C ILE A 57 3.16 -1.63 3.46
N VAL A 58 2.34 -2.15 4.40
CA VAL A 58 2.41 -1.67 5.77
C VAL A 58 3.70 -2.17 6.38
N THR A 59 4.06 -3.46 6.09
CA THR A 59 5.26 -4.06 6.65
C THR A 59 6.50 -3.36 6.11
N GLY A 60 6.52 -3.03 4.80
CA GLY A 60 7.67 -2.35 4.23
C GLY A 60 7.91 -1.04 4.95
N LEU A 61 6.82 -0.31 5.28
CA LEU A 61 6.97 0.97 5.95
C LEU A 61 7.46 0.73 7.37
N LYS A 62 7.17 -0.45 7.95
CA LYS A 62 7.62 -0.77 9.29
C LYS A 62 9.13 -0.81 9.27
N GLY A 63 9.70 -1.33 8.15
CA GLY A 63 11.14 -1.39 8.02
C GLY A 63 11.72 -0.01 8.07
N ILE A 64 11.08 0.98 7.38
CA ILE A 64 11.60 2.34 7.41
C ILE A 64 11.64 2.91 8.81
N VAL A 65 10.57 2.74 9.63
CA VAL A 65 10.58 3.32 10.97
C VAL A 65 11.71 2.76 11.82
N GLU A 66 12.04 1.45 11.67
CA GLU A 66 13.07 0.85 12.50
C GLU A 66 14.45 1.38 12.16
N PHE A 67 14.77 1.56 10.86
CA PHE A 67 16.11 2.00 10.53
C PHE A 67 16.23 3.51 10.58
N ASP A 68 15.34 4.25 9.87
CA ASP A 68 15.42 5.70 9.88
C ASP A 68 15.30 6.26 11.27
N ASP A 69 14.36 5.76 12.10
CA ASP A 69 14.21 6.28 13.44
C ASP A 69 14.04 7.78 13.37
N GLY A 70 12.95 8.26 12.73
CA GLY A 70 12.73 9.67 12.59
C GLY A 70 11.26 9.88 12.55
N GLN A 71 10.79 10.99 11.93
CA GLN A 71 9.38 11.24 11.83
C GLN A 71 8.89 10.70 10.51
N MET A 72 9.73 9.90 9.82
CA MET A 72 9.34 9.36 8.55
C MET A 72 8.25 8.35 8.79
N LYS A 73 8.27 7.73 10.00
CA LYS A 73 7.26 6.75 10.36
C LYS A 73 5.90 7.42 10.40
N ASP A 74 5.85 8.68 10.92
CA ASP A 74 4.60 9.40 11.03
C ASP A 74 4.05 9.73 9.66
N ILE A 75 4.93 9.84 8.65
CA ILE A 75 4.47 10.17 7.32
C ILE A 75 3.71 8.96 6.79
N ALA A 76 4.25 7.76 7.10
CA ALA A 76 3.65 6.51 6.67
C ALA A 76 2.24 6.37 7.21
N LYS A 77 1.98 6.81 8.47
CA LYS A 77 0.65 6.72 9.04
C LYS A 77 -0.33 7.55 8.24
N GLU A 78 0.10 8.77 7.81
CA GLU A 78 -0.77 9.64 7.05
C GLU A 78 -1.15 9.00 5.73
N ILE A 79 -0.22 8.24 5.11
CA ILE A 79 -0.48 7.61 3.83
C ILE A 79 -1.60 6.59 3.97
N LEU A 80 -1.62 5.82 5.08
CA LEU A 80 -2.66 4.80 5.28
C LEU A 80 -4.00 5.46 5.29
N ASP A 81 -4.13 6.62 5.98
CA ASP A 81 -5.42 7.29 6.04
C ASP A 81 -5.72 7.89 4.69
N THR A 82 -6.80 7.39 4.03
CA THR A 82 -7.16 7.90 2.74
C THR A 82 -8.57 7.44 2.42
N GLN A 83 -9.29 8.24 1.59
CA GLN A 83 -10.65 7.89 1.23
C GLN A 83 -10.66 7.42 -0.21
N ILE A 84 -11.37 6.29 -0.47
CA ILE A 84 -11.46 5.77 -1.82
C ILE A 84 -12.88 5.31 -2.03
N CYS A 85 -13.60 5.97 -3.00
CA CYS A 85 -14.98 5.63 -3.33
C CYS A 85 -15.86 6.70 -2.77
N GLY A 86 -15.31 7.49 -1.83
CA GLY A 86 -16.08 8.54 -1.22
C GLY A 86 -16.18 8.21 0.24
N VAL A 87 -15.63 7.06 0.63
CA VAL A 87 -15.64 6.65 2.01
C VAL A 87 -14.23 6.25 2.36
N PRO A 88 -13.89 6.42 3.61
CA PRO A 88 -12.56 6.13 4.10
C PRO A 88 -12.22 4.67 4.15
N PHE A 89 -10.94 4.36 4.47
CA PHE A 89 -10.46 3.00 4.57
C PHE A 89 -11.28 2.25 5.59
N SER A 90 -11.70 2.94 6.67
CA SER A 90 -12.46 2.30 7.73
C SER A 90 -13.77 1.77 7.22
N GLN A 91 -14.51 2.52 6.37
CA GLN A 91 -15.78 2.02 5.89
C GLN A 91 -15.58 1.22 4.63
N PHE A 92 -14.33 1.03 4.19
CA PHE A 92 -14.08 0.26 3.00
C PHE A 92 -13.79 -1.16 3.43
N GLY A 93 -13.55 -1.36 4.75
CA GLY A 93 -13.24 -2.68 5.25
C GLY A 93 -14.50 -3.34 5.73
N THR A 94 -15.69 -2.73 5.47
CA THR A 94 -16.92 -3.33 5.93
C THR A 94 -17.92 -3.27 4.79
N CYS A 95 -18.73 -4.36 4.64
CA CYS A 95 -19.71 -4.41 3.58
C CYS A 95 -21.02 -3.89 4.13
N SER A 96 -21.63 -2.90 3.43
CA SER A 96 -22.87 -2.34 3.89
C SER A 96 -23.91 -2.50 2.82
N GLY A 97 -25.20 -2.68 3.24
CA GLY A 97 -26.27 -2.84 2.30
C GLY A 97 -26.64 -1.49 1.74
N SER A 98 -26.24 -0.41 2.43
CA SER A 98 -26.53 0.92 1.95
C SER A 98 -25.71 1.13 0.71
N ALA A 99 -24.47 0.60 0.73
CA ALA A 99 -23.59 0.74 -0.40
C ALA A 99 -23.97 -0.26 -1.46
N ARG A 100 -24.67 -1.37 -1.11
CA ARG A 100 -25.04 -2.34 -2.13
C ARG A 100 -26.13 -1.75 -2.99
N ASP A 101 -26.99 -0.88 -2.40
CA ASP A 101 -28.05 -0.28 -3.16
C ASP A 101 -27.49 0.82 -4.04
N LEU A 102 -26.44 1.51 -3.55
CA LEU A 102 -25.83 2.59 -4.30
C LEU A 102 -24.95 2.05 -5.41
N VAL A 103 -24.46 0.80 -5.28
CA VAL A 103 -23.61 0.24 -6.32
C VAL A 103 -24.49 -0.20 -7.45
N ASP A 104 -25.54 -0.99 -7.14
CA ASP A 104 -26.46 -1.46 -8.15
C ASP A 104 -27.13 -0.29 -8.86
N ASN A 105 -27.48 0.79 -8.13
CA ASN A 105 -28.14 1.92 -8.77
C ASN A 105 -27.09 2.66 -9.57
N ALA A 106 -25.81 2.56 -9.14
CA ALA A 106 -24.73 3.16 -9.86
C ALA A 106 -24.50 2.32 -11.08
N SER A 107 -23.88 2.89 -12.11
CA SER A 107 -23.68 2.10 -13.29
C SER A 107 -22.22 1.95 -13.55
N TYR A 108 -21.93 1.32 -14.70
CA TYR A 108 -20.56 1.09 -15.14
C TYR A 108 -19.83 2.41 -15.27
N GLN A 109 -20.57 3.53 -15.39
CA GLN A 109 -19.92 4.83 -15.55
C GLN A 109 -19.49 5.37 -14.20
N GLN A 110 -20.08 4.86 -13.11
CA GLN A 110 -19.74 5.41 -11.82
C GLN A 110 -18.60 4.58 -11.31
N GLU A 111 -18.74 3.26 -11.53
CA GLU A 111 -17.73 2.30 -11.13
C GLU A 111 -16.42 2.63 -11.81
N LYS A 112 -16.46 3.10 -13.09
CA LYS A 112 -15.23 3.40 -13.80
C LYS A 112 -14.47 4.51 -13.11
N ILE A 113 -15.14 5.60 -12.66
CA ILE A 113 -14.38 6.66 -12.01
C ILE A 113 -13.96 6.23 -10.60
N ILE A 114 -14.70 5.30 -9.97
CA ILE A 114 -14.35 4.87 -8.62
C ILE A 114 -13.10 4.01 -8.66
N ILE A 115 -13.00 3.09 -9.66
CA ILE A 115 -11.85 2.23 -9.75
C ILE A 115 -10.64 3.06 -10.08
N LYS A 116 -10.83 4.25 -10.68
CA LYS A 116 -9.71 5.08 -10.99
C LYS A 116 -9.23 5.75 -9.73
N HIS A 117 -10.11 5.91 -8.71
CA HIS A 117 -9.67 6.49 -7.46
C HIS A 117 -8.62 5.56 -6.92
N LEU A 118 -8.87 4.24 -7.09
CA LEU A 118 -7.95 3.24 -6.63
C LEU A 118 -6.65 3.35 -7.38
N ASN A 119 -6.68 3.58 -8.73
CA ASN A 119 -5.45 3.65 -9.48
C ASN A 119 -4.68 4.91 -9.13
N GLU A 120 -5.37 6.07 -9.03
CA GLU A 120 -4.71 7.32 -8.73
C GLU A 120 -4.22 7.36 -7.29
N LEU A 121 -4.76 6.50 -6.40
CA LEU A 121 -4.35 6.59 -5.02
C LEU A 121 -3.09 5.77 -4.90
N PHE A 122 -3.03 4.70 -5.71
CA PHE A 122 -1.90 3.81 -5.70
C PHE A 122 -0.69 4.56 -6.21
N GLU A 123 -0.87 5.48 -7.19
CA GLU A 123 0.28 6.18 -7.72
C GLU A 123 0.81 7.13 -6.68
N LYS A 124 -0.08 7.76 -5.85
CA LYS A 124 0.43 8.66 -4.82
C LYS A 124 1.26 7.85 -3.83
N VAL A 125 0.95 6.55 -3.66
CA VAL A 125 1.71 5.70 -2.78
C VAL A 125 3.12 5.59 -3.33
N ALA A 126 3.23 5.50 -4.68
CA ALA A 126 4.53 5.40 -5.33
C ALA A 126 5.32 6.66 -5.06
N LEU A 127 4.64 7.83 -4.91
CA LEU A 127 5.34 9.07 -4.65
C LEU A 127 6.07 8.96 -3.33
N HIS A 128 5.43 8.32 -2.31
CA HIS A 128 6.08 8.14 -1.02
C HIS A 128 7.29 7.24 -1.20
N LEU A 129 7.16 6.26 -2.11
CA LEU A 129 8.21 5.29 -2.37
C LEU A 129 9.45 5.98 -2.88
N VAL A 130 9.33 7.06 -3.70
CA VAL A 130 10.53 7.69 -4.24
C VAL A 130 11.10 8.66 -3.23
N GLY A 131 10.77 8.49 -1.93
CA GLY A 131 11.30 9.36 -0.92
C GLY A 131 12.52 8.70 -0.35
N ALA A 132 13.02 7.65 -1.04
CA ALA A 132 14.17 6.93 -0.56
C ALA A 132 15.42 7.70 -0.89
N GLU A 133 15.32 8.68 -1.84
CA GLU A 133 16.49 9.46 -2.22
C GLU A 133 17.47 8.57 -2.91
N VAL A 134 17.09 8.06 -4.09
CA VAL A 134 17.97 7.17 -4.81
C VAL A 134 18.50 7.94 -6.05
N GLY A 1 15.16 22.57 19.10
CA GLY A 1 15.58 21.15 19.26
C GLY A 1 15.99 20.90 20.67
N PRO A 2 15.17 20.13 21.33
CA PRO A 2 15.39 19.76 22.72
C PRO A 2 16.54 18.82 22.92
N GLU A 3 16.92 18.08 21.85
CA GLU A 3 18.01 17.15 21.97
C GLU A 3 19.00 17.46 20.88
N ARG A 4 20.29 17.19 21.15
CA ARG A 4 21.31 17.46 20.17
C ARG A 4 21.77 16.13 19.64
N ILE A 5 21.98 16.06 18.31
CA ILE A 5 22.43 14.82 17.71
C ILE A 5 23.64 15.12 16.88
N SER A 6 24.50 14.08 16.69
CA SER A 6 25.70 14.28 15.91
C SER A 6 26.10 12.92 15.39
N LYS A 7 26.66 12.88 14.15
CA LYS A 7 27.08 11.62 13.58
C LYS A 7 28.57 11.55 13.72
N ALA A 8 29.08 10.43 14.29
CA ALA A 8 30.50 10.30 14.45
C ALA A 8 30.84 8.85 14.69
N TYR A 9 29.96 7.93 14.25
CA TYR A 9 30.23 6.52 14.47
C TYR A 9 30.14 5.84 13.13
N GLU A 10 31.11 4.93 12.87
CA GLU A 10 31.10 4.21 11.61
C GLU A 10 31.71 2.86 11.87
N SER A 11 30.96 1.79 11.55
CA SER A 11 31.47 0.45 11.77
C SER A 11 30.60 -0.48 10.97
N LYS A 12 30.78 -1.81 11.16
CA LYS A 12 29.97 -2.75 10.43
C LYS A 12 29.69 -3.92 11.34
N ASP A 13 28.51 -4.57 11.13
CA ASP A 13 28.15 -5.70 11.94
C ASP A 13 26.97 -6.38 11.28
N VAL A 14 26.12 -7.03 12.11
CA VAL A 14 24.94 -7.71 11.60
C VAL A 14 23.93 -6.73 11.06
N ARG A 15 24.07 -5.41 11.35
CA ARG A 15 23.11 -4.45 10.87
C ARG A 15 23.23 -4.32 9.36
N LEU A 16 24.38 -4.71 8.76
CA LEU A 16 24.53 -4.63 7.32
C LEU A 16 23.62 -5.64 6.65
N VAL A 17 23.55 -6.87 7.21
CA VAL A 17 22.71 -7.91 6.65
C VAL A 17 21.26 -7.51 6.77
N ALA A 18 20.87 -6.94 7.95
CA ALA A 18 19.50 -6.52 8.16
C ALA A 18 19.12 -5.45 7.15
N ARG A 19 20.09 -4.56 6.81
CA ARG A 19 19.84 -3.49 5.87
C ARG A 19 19.45 -4.07 4.53
N ASP A 20 20.08 -5.21 4.14
CA ASP A 20 19.80 -5.83 2.86
C ASP A 20 18.36 -6.32 2.80
N SER A 21 17.84 -6.94 3.89
CA SER A 21 16.47 -7.44 3.89
C SER A 21 15.48 -6.31 3.77
N ALA A 22 15.78 -5.17 4.44
CA ALA A 22 14.91 -4.01 4.40
C ALA A 22 14.71 -3.57 2.97
N PHE A 23 15.76 -3.73 2.12
CA PHE A 23 15.66 -3.32 0.74
C PHE A 23 14.57 -4.12 0.03
N LEU A 24 14.44 -5.43 0.32
CA LEU A 24 13.46 -6.27 -0.33
C LEU A 24 12.05 -5.84 0.04
N GLY A 25 11.83 -5.42 1.32
CA GLY A 25 10.49 -5.02 1.75
C GLY A 25 10.01 -3.87 0.91
N LEU A 26 10.91 -2.93 0.56
CA LEU A 26 10.54 -1.80 -0.27
C LEU A 26 10.08 -2.28 -1.63
N GLN A 27 10.74 -3.34 -2.17
CA GLN A 27 10.39 -3.83 -3.49
C GLN A 27 8.97 -4.38 -3.56
N ARG A 28 8.48 -5.12 -2.52
CA ARG A 28 7.12 -5.68 -2.58
C ARG A 28 6.12 -4.54 -2.58
N ALA A 29 6.41 -3.51 -1.77
CA ALA A 29 5.53 -2.36 -1.70
C ALA A 29 5.33 -1.77 -3.08
N ILE A 30 6.37 -1.78 -3.94
CA ILE A 30 6.26 -1.24 -5.29
C ILE A 30 5.32 -2.07 -6.15
N ARG A 31 5.37 -3.43 -6.03
CA ARG A 31 4.55 -4.27 -6.90
C ARG A 31 3.05 -4.16 -6.63
N SER A 32 2.62 -3.83 -5.40
CA SER A 32 1.18 -3.73 -5.08
C SER A 32 0.42 -2.95 -6.14
N GLU A 33 -0.75 -3.52 -6.59
CA GLU A 33 -1.59 -2.87 -7.58
C GLU A 33 -2.85 -3.71 -7.77
N ARG A 34 -4.07 -3.13 -7.51
CA ARG A 34 -5.28 -3.92 -7.68
C ARG A 34 -6.42 -3.02 -8.14
N PHE A 35 -7.45 -3.64 -8.79
CA PHE A 35 -8.63 -2.91 -9.26
C PHE A 35 -9.62 -2.80 -8.12
N GLU A 36 -10.60 -1.87 -8.25
CA GLU A 36 -11.55 -1.68 -7.19
C GLU A 36 -12.94 -2.09 -7.63
N LEU A 37 -13.73 -1.16 -8.23
CA LEU A 37 -15.11 -1.42 -8.61
C LEU A 37 -15.24 -2.47 -9.67
N ASP A 38 -14.29 -2.51 -10.63
CA ASP A 38 -14.38 -3.49 -11.70
C ASP A 38 -14.41 -4.87 -11.12
N ASN A 39 -13.60 -5.12 -10.07
CA ASN A 39 -13.59 -6.41 -9.44
C ASN A 39 -14.36 -6.33 -8.15
N PHE A 40 -15.03 -5.19 -7.91
CA PHE A 40 -15.78 -5.00 -6.70
C PHE A 40 -17.08 -5.78 -6.75
N LYS A 41 -17.82 -5.72 -7.89
CA LYS A 41 -19.09 -6.44 -7.94
C LYS A 41 -18.87 -7.93 -7.84
N SER A 42 -17.93 -8.46 -8.66
CA SER A 42 -17.66 -9.89 -8.68
C SER A 42 -17.09 -10.38 -7.37
N ASN A 43 -16.19 -9.61 -6.73
CA ASN A 43 -15.56 -10.06 -5.51
C ASN A 43 -16.12 -9.33 -4.33
N PHE A 44 -17.39 -8.86 -4.41
CA PHE A 44 -17.99 -8.12 -3.32
C PHE A 44 -18.08 -8.94 -2.04
N PRO A 45 -18.74 -10.07 -2.08
CA PRO A 45 -18.92 -10.89 -0.90
C PRO A 45 -17.80 -11.84 -0.55
N TYR A 46 -16.84 -12.07 -1.46
CA TYR A 46 -15.80 -13.03 -1.15
C TYR A 46 -14.61 -12.35 -0.55
N LEU A 47 -14.11 -11.25 -1.15
CA LEU A 47 -12.94 -10.62 -0.59
C LEU A 47 -13.36 -9.47 0.28
N THR A 48 -13.41 -9.69 1.61
CA THR A 48 -13.77 -8.63 2.51
C THR A 48 -12.63 -8.34 3.44
N VAL A 49 -11.72 -9.33 3.66
CA VAL A 49 -10.63 -9.10 4.59
C VAL A 49 -9.58 -10.15 4.34
N ALA A 50 -8.29 -9.75 4.50
CA ALA A 50 -7.21 -10.69 4.32
C ALA A 50 -5.93 -9.91 4.32
N ASN A 51 -5.19 -9.97 3.19
CA ASN A 51 -3.93 -9.27 3.07
C ASN A 51 -3.83 -8.90 1.62
N GLY A 52 -4.63 -7.90 1.20
CA GLY A 52 -4.60 -7.47 -0.18
C GLY A 52 -3.23 -6.93 -0.48
N SER A 53 -2.68 -6.14 0.47
CA SER A 53 -1.37 -5.56 0.28
C SER A 53 -1.20 -4.47 1.29
N LEU A 54 -2.32 -3.99 1.88
CA LEU A 54 -2.26 -2.93 2.86
C LEU A 54 -1.49 -3.38 4.08
N ARG A 55 -1.72 -4.63 4.53
CA ARG A 55 -1.07 -5.12 5.73
C ARG A 55 0.38 -5.47 5.43
N THR A 56 0.66 -6.01 4.23
CA THR A 56 2.01 -6.37 3.87
C THR A 56 2.86 -5.12 3.76
N ILE A 57 2.31 -4.04 3.15
CA ILE A 57 3.07 -2.83 3.00
C ILE A 57 3.30 -2.19 4.36
N VAL A 58 2.48 -2.53 5.40
CA VAL A 58 2.69 -1.95 6.72
C VAL A 58 3.96 -2.53 7.29
N THR A 59 4.20 -3.85 7.07
CA THR A 59 5.40 -4.51 7.59
C THR A 59 6.63 -3.86 7.00
N GLY A 60 6.62 -3.55 5.68
CA GLY A 60 7.76 -2.92 5.07
C GLY A 60 7.96 -1.56 5.70
N LEU A 61 6.84 -0.91 6.10
CA LEU A 61 6.92 0.40 6.71
C LEU A 61 7.68 0.31 8.00
N LYS A 62 7.55 -0.80 8.79
CA LYS A 62 8.29 -0.90 10.03
C LYS A 62 9.77 -0.90 9.73
N GLY A 63 10.19 -1.59 8.64
CA GLY A 63 11.60 -1.62 8.29
C GLY A 63 12.03 -0.21 7.89
N ILE A 64 11.06 0.64 7.51
CA ILE A 64 11.40 1.99 7.08
C ILE A 64 11.77 2.81 8.29
N VAL A 65 10.98 2.74 9.38
CA VAL A 65 11.26 3.52 10.59
C VAL A 65 12.52 3.00 11.29
N GLU A 66 12.73 1.66 11.27
CA GLU A 66 13.86 1.07 11.98
C GLU A 66 15.17 1.52 11.42
N PHE A 67 15.30 1.68 10.10
CA PHE A 67 16.58 2.10 9.59
C PHE A 67 16.54 3.60 9.49
N ASP A 68 15.31 4.14 9.32
CA ASP A 68 15.13 5.57 9.26
C ASP A 68 14.10 5.90 10.31
N ASP A 69 14.55 6.11 11.56
CA ASP A 69 13.65 6.43 12.64
C ASP A 69 13.60 7.93 12.71
N GLY A 70 12.48 8.53 12.27
CA GLY A 70 12.39 9.96 12.30
C GLY A 70 11.10 10.37 11.65
N GLN A 71 11.18 11.43 10.83
CA GLN A 71 10.02 11.96 10.16
C GLN A 71 9.64 11.09 8.97
N MET A 72 10.47 10.09 8.59
CA MET A 72 10.12 9.28 7.45
C MET A 72 8.96 8.40 7.83
N LYS A 73 8.99 7.87 9.08
CA LYS A 73 7.94 7.03 9.59
C LYS A 73 6.61 7.77 9.57
N ASP A 74 6.64 9.11 9.80
CA ASP A 74 5.42 9.90 9.82
C ASP A 74 4.77 9.88 8.44
N ILE A 75 5.62 9.91 7.38
CA ILE A 75 5.11 9.90 6.03
C ILE A 75 4.41 8.58 5.76
N ALA A 76 4.95 7.48 6.37
CA ALA A 76 4.35 6.17 6.20
C ALA A 76 2.91 6.18 6.69
N LYS A 77 2.63 6.89 7.80
CA LYS A 77 1.28 6.98 8.34
C LYS A 77 0.36 7.63 7.32
N GLU A 78 0.87 8.68 6.61
CA GLU A 78 0.05 9.37 5.63
C GLU A 78 -0.38 8.40 4.54
N ILE A 79 0.51 7.47 4.14
CA ILE A 79 0.18 6.50 3.09
C ILE A 79 -0.98 5.63 3.53
N LEU A 80 -1.03 5.21 4.81
CA LEU A 80 -2.10 4.35 5.29
C LEU A 80 -3.42 5.05 5.07
N ASP A 81 -3.47 6.37 5.34
CA ASP A 81 -4.70 7.11 5.17
C ASP A 81 -4.97 7.27 3.68
N THR A 82 -6.12 6.76 3.20
CA THR A 82 -6.42 6.88 1.80
C THR A 82 -7.93 6.98 1.62
N GLN A 83 -8.33 7.82 0.63
CA GLN A 83 -9.75 8.02 0.34
C GLN A 83 -10.07 7.36 -0.98
N ILE A 84 -11.12 6.52 -1.00
CA ILE A 84 -11.53 5.89 -2.23
C ILE A 84 -13.04 5.86 -2.25
N CYS A 85 -13.63 6.31 -3.40
CA CYS A 85 -15.08 6.34 -3.54
C CYS A 85 -15.65 7.45 -2.68
N GLY A 86 -14.79 8.36 -2.18
CA GLY A 86 -15.30 9.45 -1.38
C GLY A 86 -15.28 9.04 0.08
N VAL A 87 -14.91 7.78 0.38
CA VAL A 87 -14.87 7.35 1.76
C VAL A 87 -13.50 6.76 2.00
N PRO A 88 -13.06 6.88 3.22
CA PRO A 88 -11.73 6.41 3.63
C PRO A 88 -11.57 4.92 3.71
N PHE A 89 -10.35 4.51 4.16
CA PHE A 89 -10.00 3.11 4.31
C PHE A 89 -10.96 2.44 5.29
N SER A 90 -11.39 3.17 6.34
CA SER A 90 -12.27 2.58 7.35
C SER A 90 -13.59 2.13 6.74
N GLN A 91 -14.16 2.91 5.79
CA GLN A 91 -15.44 2.52 5.21
C GLN A 91 -15.26 1.34 4.27
N PHE A 92 -14.01 1.01 3.91
CA PHE A 92 -13.81 -0.11 3.04
C PHE A 92 -13.23 -1.21 3.87
N GLY A 93 -13.99 -2.31 4.03
CA GLY A 93 -13.52 -3.40 4.82
C GLY A 93 -14.70 -4.28 5.10
N THR A 94 -15.92 -3.70 5.07
CA THR A 94 -17.10 -4.48 5.33
C THR A 94 -18.08 -4.19 4.24
N CYS A 95 -19.12 -5.04 4.13
CA CYS A 95 -20.11 -4.84 3.10
C CYS A 95 -21.14 -3.85 3.58
N SER A 96 -21.66 -3.05 2.63
CA SER A 96 -22.68 -2.08 2.95
C SER A 96 -23.86 -2.34 2.07
N GLY A 97 -25.09 -2.27 2.65
CA GLY A 97 -26.28 -2.51 1.88
C GLY A 97 -26.70 -1.21 1.23
N SER A 98 -26.29 -0.07 1.83
CA SER A 98 -26.61 1.21 1.26
C SER A 98 -25.85 1.35 -0.03
N ALA A 99 -24.60 0.86 -0.03
CA ALA A 99 -23.77 0.96 -1.20
C ALA A 99 -24.19 -0.09 -2.20
N ARG A 100 -24.80 -1.22 -1.76
CA ARG A 100 -25.19 -2.23 -2.73
C ARG A 100 -26.38 -1.76 -3.52
N ASP A 101 -27.25 -0.91 -2.92
CA ASP A 101 -28.42 -0.45 -3.63
C ASP A 101 -28.02 0.61 -4.65
N LEU A 102 -27.19 1.59 -4.24
CA LEU A 102 -26.80 2.65 -5.17
C LEU A 102 -25.91 2.09 -6.26
N VAL A 103 -24.95 1.21 -5.91
CA VAL A 103 -24.06 0.62 -6.91
C VAL A 103 -24.87 -0.12 -7.96
N ASP A 104 -25.88 -0.92 -7.55
CA ASP A 104 -26.69 -1.64 -8.50
C ASP A 104 -27.38 -0.69 -9.46
N ASN A 105 -27.86 0.47 -8.98
CA ASN A 105 -28.54 1.40 -9.85
C ASN A 105 -27.52 2.09 -10.73
N ALA A 106 -26.25 2.17 -10.28
CA ALA A 106 -25.22 2.81 -11.06
C ALA A 106 -24.71 1.82 -12.07
N SER A 107 -24.13 2.33 -13.17
CA SER A 107 -23.60 1.47 -14.18
C SER A 107 -22.11 1.42 -13.99
N TYR A 108 -21.39 0.86 -15.00
CA TYR A 108 -19.96 0.75 -14.86
C TYR A 108 -19.38 2.10 -15.17
N GLN A 109 -20.05 2.84 -16.08
CA GLN A 109 -19.60 4.18 -16.44
C GLN A 109 -19.51 5.09 -15.23
N GLN A 110 -20.41 4.95 -14.22
CA GLN A 110 -20.33 5.86 -13.09
C GLN A 110 -19.27 5.30 -12.18
N GLU A 111 -19.13 3.96 -12.19
CA GLU A 111 -18.11 3.33 -11.39
C GLU A 111 -16.75 3.67 -11.98
N LYS A 112 -16.71 4.07 -13.29
CA LYS A 112 -15.46 4.41 -13.94
C LYS A 112 -14.90 5.66 -13.32
N ILE A 113 -15.76 6.65 -13.02
CA ILE A 113 -15.25 7.88 -12.42
C ILE A 113 -14.74 7.56 -11.03
N ILE A 114 -15.42 6.63 -10.32
CA ILE A 114 -15.00 6.27 -8.98
C ILE A 114 -13.64 5.58 -9.03
N ILE A 115 -13.40 4.76 -10.08
CA ILE A 115 -12.14 4.03 -10.15
C ILE A 115 -11.03 4.95 -10.55
N LYS A 116 -11.31 6.12 -11.20
CA LYS A 116 -10.22 6.99 -11.55
C LYS A 116 -9.78 7.71 -10.31
N HIS A 117 -10.67 7.82 -9.27
CA HIS A 117 -10.28 8.44 -8.02
C HIS A 117 -9.16 7.61 -7.43
N LEU A 118 -9.34 6.28 -7.50
CA LEU A 118 -8.38 5.34 -6.98
C LEU A 118 -7.08 5.39 -7.77
N ASN A 119 -7.18 5.56 -9.11
CA ASN A 119 -6.00 5.56 -9.96
C ASN A 119 -5.04 6.66 -9.54
N GLU A 120 -5.54 7.89 -9.26
CA GLU A 120 -4.63 8.95 -8.88
C GLU A 120 -4.07 8.64 -7.51
N LEU A 121 -4.96 8.31 -6.55
CA LEU A 121 -4.51 7.94 -5.20
C LEU A 121 -3.33 6.95 -5.26
N PHE A 122 -3.33 6.01 -6.23
CA PHE A 122 -2.23 5.06 -6.37
C PHE A 122 -0.96 5.79 -6.71
N GLU A 123 -1.04 6.81 -7.61
CA GLU A 123 0.12 7.58 -7.99
C GLU A 123 0.73 8.27 -6.78
N LYS A 124 -0.13 8.71 -5.81
CA LYS A 124 0.36 9.38 -4.62
C LYS A 124 1.20 8.39 -3.84
N VAL A 125 0.83 7.10 -3.91
CA VAL A 125 1.59 6.05 -3.25
C VAL A 125 2.97 6.04 -3.86
N ALA A 126 3.05 6.25 -5.19
CA ALA A 126 4.32 6.26 -5.89
C ALA A 126 5.14 7.46 -5.44
N LEU A 127 4.46 8.55 -4.96
CA LEU A 127 5.21 9.71 -4.48
C LEU A 127 6.01 9.31 -3.26
N HIS A 128 5.44 8.44 -2.38
CA HIS A 128 6.19 8.00 -1.21
C HIS A 128 7.31 7.10 -1.68
N LEU A 129 7.09 6.43 -2.84
CA LEU A 129 8.07 5.53 -3.39
C LEU A 129 9.35 6.26 -3.70
N VAL A 130 9.27 7.53 -4.19
CA VAL A 130 10.49 8.25 -4.52
C VAL A 130 11.10 8.85 -3.27
N GLY A 131 10.69 8.34 -2.10
CA GLY A 131 11.22 8.81 -0.84
C GLY A 131 12.49 8.06 -0.51
N ALA A 132 13.03 7.30 -1.48
CA ALA A 132 14.24 6.54 -1.22
C ALA A 132 15.43 7.46 -1.36
N GLU A 133 15.25 8.58 -2.13
CA GLU A 133 16.33 9.51 -2.34
C GLU A 133 17.41 8.83 -3.14
N VAL A 134 17.07 8.43 -4.38
CA VAL A 134 18.03 7.74 -5.21
C VAL A 134 18.60 8.74 -6.21
N GLY A 1 10.03 -16.65 -11.87
CA GLY A 1 10.43 -18.00 -12.35
C GLY A 1 11.47 -18.58 -11.46
N PRO A 2 12.31 -19.37 -12.08
CA PRO A 2 13.41 -20.03 -11.40
C PRO A 2 14.53 -19.10 -11.02
N GLU A 3 15.20 -19.38 -9.88
CA GLU A 3 16.28 -18.55 -9.43
C GLU A 3 17.40 -19.45 -8.99
N ARG A 4 18.64 -18.94 -9.06
CA ARG A 4 19.78 -19.72 -8.65
C ARG A 4 20.19 -19.24 -7.30
N ILE A 5 20.62 -20.18 -6.42
CA ILE A 5 21.02 -19.80 -5.09
C ILE A 5 22.49 -20.09 -4.96
N SER A 6 23.28 -19.06 -4.57
CA SER A 6 24.69 -19.25 -4.41
C SER A 6 25.18 -18.26 -3.39
N LYS A 7 26.38 -18.50 -2.83
CA LYS A 7 26.92 -17.60 -1.84
C LYS A 7 28.11 -16.94 -2.44
N ALA A 8 28.24 -15.61 -2.21
CA ALA A 8 29.36 -14.89 -2.75
C ALA A 8 29.59 -13.69 -1.87
N TYR A 9 30.84 -13.14 -1.94
CA TYR A 9 31.19 -11.97 -1.15
C TYR A 9 31.42 -12.40 0.28
N GLU A 10 31.70 -11.41 1.16
CA GLU A 10 31.95 -11.73 2.54
C GLU A 10 31.09 -10.83 3.39
N SER A 11 30.81 -11.28 4.63
CA SER A 11 29.98 -10.49 5.51
C SER A 11 30.89 -9.65 6.36
N LYS A 12 30.48 -8.39 6.65
CA LYS A 12 31.30 -7.53 7.44
C LYS A 12 30.57 -7.20 8.72
N ASP A 13 29.50 -6.36 8.62
CA ASP A 13 28.78 -5.98 9.81
C ASP A 13 27.37 -6.52 9.73
N VAL A 14 26.87 -7.04 10.88
CA VAL A 14 25.53 -7.57 10.98
C VAL A 14 24.50 -6.49 10.69
N ARG A 15 24.73 -5.23 11.14
CA ARG A 15 23.76 -4.17 10.90
C ARG A 15 23.56 -3.96 9.41
N LEU A 16 24.63 -4.12 8.59
CA LEU A 16 24.51 -3.92 7.16
C LEU A 16 23.57 -4.98 6.58
N VAL A 17 23.66 -6.24 7.08
CA VAL A 17 22.83 -7.32 6.56
C VAL A 17 21.37 -7.03 6.86
N ALA A 18 21.06 -6.55 8.08
CA ALA A 18 19.68 -6.28 8.45
C ALA A 18 19.13 -5.18 7.57
N ARG A 19 19.97 -4.17 7.24
CA ARG A 19 19.56 -3.05 6.41
C ARG A 19 19.13 -3.57 5.06
N ASP A 20 19.83 -4.61 4.54
CA ASP A 20 19.51 -5.17 3.24
C ASP A 20 18.12 -5.77 3.25
N SER A 21 17.72 -6.45 4.35
CA SER A 21 16.40 -7.07 4.44
C SER A 21 15.31 -6.02 4.30
N ALA A 22 15.46 -4.85 4.97
CA ALA A 22 14.45 -3.81 4.89
C ALA A 22 14.28 -3.37 3.46
N PHE A 23 15.38 -3.39 2.66
CA PHE A 23 15.32 -2.97 1.28
C PHE A 23 14.33 -3.83 0.51
N LEU A 24 14.30 -5.17 0.75
CA LEU A 24 13.39 -6.05 0.03
C LEU A 24 11.96 -5.70 0.33
N GLY A 25 11.65 -5.32 1.61
CA GLY A 25 10.28 -5.00 1.97
C GLY A 25 9.77 -3.86 1.11
N LEU A 26 10.63 -2.86 0.83
CA LEU A 26 10.22 -1.74 -0.01
C LEU A 26 9.89 -2.24 -1.41
N GLN A 27 10.66 -3.22 -1.91
CA GLN A 27 10.44 -3.75 -3.25
C GLN A 27 9.05 -4.36 -3.39
N ARG A 28 8.54 -5.11 -2.39
CA ARG A 28 7.19 -5.70 -2.49
C ARG A 28 6.18 -4.58 -2.59
N ALA A 29 6.42 -3.49 -1.85
CA ALA A 29 5.51 -2.36 -1.85
C ALA A 29 5.36 -1.84 -3.27
N ILE A 30 6.47 -1.86 -4.06
CA ILE A 30 6.43 -1.38 -5.43
C ILE A 30 5.61 -2.31 -6.32
N ARG A 31 5.72 -3.64 -6.13
CA ARG A 31 5.03 -4.56 -7.02
C ARG A 31 3.63 -4.86 -6.54
N SER A 32 3.09 -4.09 -5.57
CA SER A 32 1.72 -4.31 -5.11
C SER A 32 0.77 -4.29 -6.30
N GLU A 33 -0.21 -5.24 -6.28
CA GLU A 33 -1.17 -5.33 -7.36
C GLU A 33 -2.55 -5.32 -6.75
N ARG A 34 -3.57 -4.93 -7.55
CA ARG A 34 -4.92 -4.87 -7.03
C ARG A 34 -5.88 -5.16 -8.15
N PHE A 35 -7.00 -5.87 -7.85
CA PHE A 35 -7.98 -6.18 -8.87
C PHE A 35 -8.85 -4.96 -9.06
N GLU A 36 -9.44 -4.80 -10.27
CA GLU A 36 -10.25 -3.64 -10.54
C GLU A 36 -11.69 -4.03 -10.66
N LEU A 37 -12.44 -3.31 -11.55
CA LEU A 37 -13.86 -3.55 -11.77
C LEU A 37 -14.11 -4.96 -12.27
N ASP A 38 -13.06 -5.74 -12.63
CA ASP A 38 -13.27 -7.07 -13.12
C ASP A 38 -13.89 -7.94 -12.06
N ASN A 39 -13.47 -7.79 -10.78
CA ASN A 39 -14.04 -8.62 -9.75
C ASN A 39 -14.90 -7.76 -8.87
N PHE A 40 -14.72 -6.42 -8.97
CA PHE A 40 -15.51 -5.53 -8.17
C PHE A 40 -16.81 -5.29 -8.90
N LYS A 41 -16.98 -5.93 -10.08
CA LYS A 41 -18.17 -5.73 -10.84
C LYS A 41 -19.36 -6.26 -10.11
N SER A 42 -19.33 -7.51 -9.59
CA SER A 42 -20.49 -8.00 -8.93
C SER A 42 -20.07 -8.33 -7.52
N ASN A 43 -18.74 -8.50 -7.31
CA ASN A 43 -18.25 -8.87 -6.00
C ASN A 43 -17.60 -7.66 -5.38
N PHE A 44 -18.00 -6.44 -5.79
CA PHE A 44 -17.41 -5.24 -5.23
C PHE A 44 -17.47 -5.28 -3.71
N PRO A 45 -18.63 -5.50 -3.13
CA PRO A 45 -18.79 -5.55 -1.68
C PRO A 45 -18.34 -6.84 -1.04
N TYR A 46 -18.15 -7.92 -1.84
CA TYR A 46 -17.78 -9.20 -1.28
C TYR A 46 -16.33 -9.20 -0.85
N LEU A 47 -15.44 -8.40 -1.49
CA LEU A 47 -14.06 -8.43 -1.09
C LEU A 47 -13.87 -7.36 -0.04
N THR A 48 -14.08 -7.75 1.23
CA THR A 48 -13.93 -6.83 2.34
C THR A 48 -12.64 -7.11 3.08
N VAL A 49 -11.82 -8.06 2.58
CA VAL A 49 -10.58 -8.37 3.28
C VAL A 49 -9.47 -7.98 2.35
N ALA A 50 -8.50 -7.17 2.85
CA ALA A 50 -7.44 -6.76 1.99
C ALA A 50 -6.11 -6.94 2.68
N ASN A 51 -5.51 -8.15 2.53
CA ASN A 51 -4.20 -8.39 3.09
C ASN A 51 -3.38 -8.95 1.99
N GLY A 52 -3.90 -8.84 0.75
CA GLY A 52 -3.21 -9.33 -0.41
C GLY A 52 -1.93 -8.56 -0.56
N SER A 53 -1.99 -7.23 -0.32
CA SER A 53 -0.80 -6.43 -0.46
C SER A 53 -0.90 -5.22 0.44
N LEU A 54 -2.12 -4.90 0.91
CA LEU A 54 -2.31 -3.74 1.77
C LEU A 54 -1.70 -3.99 3.13
N ARG A 55 -1.94 -5.19 3.70
CA ARG A 55 -1.43 -5.50 5.02
C ARG A 55 0.08 -5.70 4.95
N THR A 56 0.57 -6.27 3.83
CA THR A 56 1.98 -6.52 3.67
C THR A 56 2.75 -5.21 3.62
N ILE A 57 2.22 -4.17 2.91
CA ILE A 57 2.93 -2.90 2.83
C ILE A 57 2.99 -2.29 4.22
N VAL A 58 2.01 -2.61 5.11
CA VAL A 58 2.02 -2.08 6.46
C VAL A 58 3.26 -2.58 7.17
N THR A 59 3.62 -3.88 6.98
CA THR A 59 4.79 -4.45 7.65
C THR A 59 6.06 -3.74 7.20
N GLY A 60 6.21 -3.49 5.87
CA GLY A 60 7.41 -2.82 5.38
C GLY A 60 7.57 -1.47 6.03
N LEU A 61 6.47 -0.73 6.29
CA LEU A 61 6.58 0.59 6.91
C LEU A 61 7.09 0.45 8.33
N LYS A 62 6.82 -0.71 8.97
CA LYS A 62 7.27 -0.93 10.33
C LYS A 62 8.79 -0.91 10.34
N GLY A 63 9.41 -1.61 9.36
CA GLY A 63 10.86 -1.65 9.28
C GLY A 63 11.39 -0.31 8.81
N ILE A 64 10.54 0.49 8.14
CA ILE A 64 11.00 1.78 7.63
C ILE A 64 11.33 2.71 8.77
N VAL A 65 10.42 2.86 9.76
CA VAL A 65 10.69 3.78 10.85
C VAL A 65 11.80 3.28 11.76
N GLU A 66 11.80 1.97 12.08
CA GLU A 66 12.76 1.41 13.01
C GLU A 66 14.19 1.52 12.54
N PHE A 67 14.47 1.30 11.24
CA PHE A 67 15.85 1.34 10.81
C PHE A 67 16.13 2.58 10.01
N ASP A 68 15.15 3.46 9.79
CA ASP A 68 15.45 4.63 9.01
C ASP A 68 15.84 5.74 9.92
N ASP A 69 14.98 6.15 10.91
CA ASP A 69 15.34 7.25 11.77
C ASP A 69 15.21 8.50 10.92
N GLY A 70 14.05 9.20 11.01
CA GLY A 70 13.86 10.37 10.19
C GLY A 70 12.40 10.68 10.16
N GLN A 71 12.00 11.63 9.28
CA GLN A 71 10.61 12.01 9.16
C GLN A 71 9.93 11.11 8.15
N MET A 72 10.62 10.04 7.72
CA MET A 72 10.05 9.12 6.77
C MET A 72 8.92 8.37 7.44
N LYS A 73 9.02 8.21 8.78
CA LYS A 73 8.00 7.53 9.54
C LYS A 73 6.68 8.29 9.39
N ASP A 74 6.75 9.64 9.37
CA ASP A 74 5.55 10.44 9.25
C ASP A 74 4.89 10.17 7.92
N ILE A 75 5.71 10.05 6.85
CA ILE A 75 5.19 9.77 5.53
C ILE A 75 4.51 8.41 5.53
N ALA A 76 4.96 7.50 6.43
CA ALA A 76 4.37 6.17 6.51
C ALA A 76 2.91 6.29 6.92
N LYS A 77 2.61 7.23 7.85
CA LYS A 77 1.24 7.44 8.30
C LYS A 77 0.38 7.89 7.14
N GLU A 78 0.94 8.74 6.23
CA GLU A 78 0.15 9.19 5.10
C GLU A 78 -0.29 7.99 4.29
N ILE A 79 0.60 6.97 4.16
CA ILE A 79 0.24 5.76 3.44
C ILE A 79 -0.98 5.12 4.08
N LEU A 80 -1.04 5.05 5.44
CA LEU A 80 -2.20 4.47 6.13
C LEU A 80 -3.39 5.39 6.00
N ASP A 81 -3.18 6.59 5.44
CA ASP A 81 -4.28 7.53 5.32
C ASP A 81 -4.76 7.47 3.88
N THR A 82 -5.93 6.83 3.64
CA THR A 82 -6.40 6.75 2.27
C THR A 82 -7.90 6.61 2.25
N GLN A 83 -8.56 7.55 1.50
CA GLN A 83 -10.00 7.51 1.36
C GLN A 83 -10.32 7.09 -0.05
N ILE A 84 -11.17 6.05 -0.22
CA ILE A 84 -11.52 5.62 -1.55
C ILE A 84 -13.00 5.31 -1.55
N CYS A 85 -13.76 5.95 -2.49
CA CYS A 85 -15.18 5.73 -2.63
C CYS A 85 -15.91 6.73 -1.77
N GLY A 86 -15.17 7.71 -1.20
CA GLY A 86 -15.81 8.72 -0.39
C GLY A 86 -15.66 8.33 1.06
N VAL A 87 -15.19 7.10 1.33
CA VAL A 87 -15.02 6.67 2.69
C VAL A 87 -13.62 6.14 2.82
N PRO A 88 -13.07 6.24 4.01
CA PRO A 88 -11.71 5.79 4.30
C PRO A 88 -11.54 4.30 4.28
N PHE A 89 -10.29 3.85 4.56
CA PHE A 89 -9.98 2.43 4.57
C PHE A 89 -10.84 1.72 5.59
N SER A 90 -11.16 2.40 6.72
CA SER A 90 -11.94 1.78 7.78
C SER A 90 -13.33 1.38 7.31
N GLN A 91 -14.02 2.21 6.48
CA GLN A 91 -15.37 1.83 6.07
C GLN A 91 -15.34 1.08 4.76
N PHE A 92 -14.15 0.77 4.22
CA PHE A 92 -14.11 0.07 2.96
C PHE A 92 -13.82 -1.38 3.25
N GLY A 93 -13.62 -1.74 4.54
CA GLY A 93 -13.33 -3.10 4.88
C GLY A 93 -14.58 -3.77 5.37
N THR A 94 -15.77 -3.12 5.20
CA THR A 94 -16.99 -3.73 5.68
C THR A 94 -18.03 -3.64 4.59
N CYS A 95 -18.83 -4.72 4.44
CA CYS A 95 -19.86 -4.75 3.42
C CYS A 95 -21.15 -4.24 4.04
N SER A 96 -21.78 -3.25 3.38
CA SER A 96 -23.02 -2.71 3.89
C SER A 96 -24.05 -2.83 2.78
N GLY A 97 -25.33 -3.09 3.16
CA GLY A 97 -26.39 -3.24 2.20
C GLY A 97 -26.74 -1.90 1.62
N SER A 98 -26.34 -0.80 2.31
CA SER A 98 -26.60 0.52 1.81
C SER A 98 -25.79 0.71 0.55
N ALA A 99 -24.55 0.19 0.57
CA ALA A 99 -23.68 0.35 -0.56
C ALA A 99 -24.01 -0.67 -1.62
N ARG A 100 -24.68 -1.80 -1.26
CA ARG A 100 -24.99 -2.80 -2.27
C ARG A 100 -26.10 -2.29 -3.17
N ASP A 101 -27.06 -1.53 -2.60
CA ASP A 101 -28.16 -1.02 -3.40
C ASP A 101 -27.66 0.11 -4.26
N LEU A 102 -26.74 0.94 -3.73
CA LEU A 102 -26.23 2.08 -4.48
C LEU A 102 -25.39 1.62 -5.65
N VAL A 103 -24.56 0.57 -5.46
CA VAL A 103 -23.72 0.09 -6.55
C VAL A 103 -24.58 -0.41 -7.69
N ASP A 104 -25.57 -1.29 -7.38
CA ASP A 104 -26.45 -1.80 -8.43
C ASP A 104 -27.17 -0.69 -9.18
N ASN A 105 -27.59 0.39 -8.50
CA ASN A 105 -28.30 1.46 -9.16
C ASN A 105 -27.30 2.25 -9.98
N ALA A 106 -26.01 2.18 -9.58
CA ALA A 106 -24.97 2.88 -10.29
C ALA A 106 -24.60 2.03 -11.46
N SER A 107 -24.02 2.64 -12.50
CA SER A 107 -23.64 1.86 -13.64
C SER A 107 -22.15 1.93 -13.79
N TYR A 108 -21.65 1.41 -14.93
CA TYR A 108 -20.24 1.36 -15.23
C TYR A 108 -19.70 2.75 -15.43
N GLN A 109 -20.56 3.80 -15.47
CA GLN A 109 -19.99 5.07 -15.81
C GLN A 109 -19.61 5.71 -14.50
N GLN A 110 -20.35 5.33 -13.44
CA GLN A 110 -20.13 5.91 -12.15
C GLN A 110 -19.10 5.07 -11.46
N GLU A 111 -18.88 3.82 -11.92
CA GLU A 111 -17.91 2.98 -11.27
C GLU A 111 -16.57 3.38 -11.82
N LYS A 112 -16.54 3.89 -13.09
CA LYS A 112 -15.31 4.30 -13.72
C LYS A 112 -14.73 5.48 -12.95
N ILE A 113 -15.58 6.43 -12.50
CA ILE A 113 -15.03 7.56 -11.75
C ILE A 113 -14.58 7.10 -10.37
N ILE A 114 -15.20 6.02 -9.83
CA ILE A 114 -14.80 5.52 -8.52
C ILE A 114 -13.42 4.91 -8.59
N ILE A 115 -13.12 4.14 -9.68
CA ILE A 115 -11.82 3.52 -9.80
C ILE A 115 -10.80 4.60 -10.03
N LYS A 116 -11.25 5.77 -10.49
CA LYS A 116 -10.34 6.85 -10.71
C LYS A 116 -9.93 7.43 -9.38
N HIS A 117 -10.79 7.30 -8.35
CA HIS A 117 -10.41 7.78 -7.04
C HIS A 117 -9.21 6.97 -6.64
N LEU A 118 -9.24 5.66 -6.98
CA LEU A 118 -8.14 4.79 -6.65
C LEU A 118 -6.92 5.11 -7.51
N ASN A 119 -7.08 5.40 -8.83
CA ASN A 119 -5.91 5.66 -9.66
C ASN A 119 -5.09 6.82 -9.13
N GLU A 120 -5.72 7.95 -8.76
CA GLU A 120 -4.94 9.06 -8.23
C GLU A 120 -4.30 8.63 -6.92
N LEU A 121 -5.09 7.92 -6.09
CA LEU A 121 -4.59 7.40 -4.82
C LEU A 121 -3.26 6.70 -5.00
N PHE A 122 -3.10 5.82 -6.04
CA PHE A 122 -1.84 5.14 -6.28
C PHE A 122 -0.76 6.14 -6.62
N GLU A 123 -1.13 7.24 -7.30
CA GLU A 123 -0.16 8.25 -7.69
C GLU A 123 0.52 8.79 -6.44
N LYS A 124 -0.26 9.03 -5.36
CA LYS A 124 0.31 9.53 -4.11
C LYS A 124 1.24 8.49 -3.53
N VAL A 125 0.91 7.18 -3.72
CA VAL A 125 1.76 6.12 -3.24
C VAL A 125 3.10 6.24 -3.94
N ALA A 126 3.09 6.58 -5.26
CA ALA A 126 4.31 6.71 -6.03
C ALA A 126 5.11 7.88 -5.51
N LEU A 127 4.45 8.90 -4.89
CA LEU A 127 5.17 10.04 -4.36
C LEU A 127 6.09 9.56 -3.26
N HIS A 128 5.62 8.60 -2.42
CA HIS A 128 6.48 8.08 -1.36
C HIS A 128 7.59 7.26 -1.99
N LEU A 129 7.28 6.64 -3.14
CA LEU A 129 8.23 5.79 -3.85
C LEU A 129 9.44 6.58 -4.31
N VAL A 130 9.25 7.87 -4.72
CA VAL A 130 10.39 8.63 -5.23
C VAL A 130 11.30 9.10 -4.12
N GLY A 131 11.07 8.64 -2.87
CA GLY A 131 11.92 9.03 -1.77
C GLY A 131 13.17 8.18 -1.80
N ALA A 132 13.26 7.22 -2.76
CA ALA A 132 14.42 6.40 -2.84
C ALA A 132 15.34 6.98 -3.89
N GLU A 133 14.81 7.92 -4.70
CA GLU A 133 15.63 8.52 -5.72
C GLU A 133 16.09 9.88 -5.25
N VAL A 134 15.72 10.26 -4.01
CA VAL A 134 16.11 11.55 -3.50
C VAL A 134 17.55 11.43 -2.98
N GLY A 1 49.54 -13.52 -9.57
CA GLY A 1 48.33 -12.68 -9.49
C GLY A 1 48.71 -11.23 -9.50
N PRO A 2 48.46 -10.63 -10.64
CA PRO A 2 48.76 -9.23 -10.87
C PRO A 2 47.84 -8.29 -10.13
N GLU A 3 46.65 -8.80 -9.70
CA GLU A 3 45.73 -7.96 -8.99
C GLU A 3 45.45 -8.59 -7.66
N ARG A 4 45.28 -7.74 -6.62
CA ARG A 4 45.01 -8.26 -5.30
C ARG A 4 43.66 -7.79 -4.88
N ILE A 5 42.71 -7.68 -5.84
CA ILE A 5 41.38 -7.22 -5.50
C ILE A 5 40.46 -8.40 -5.61
N SER A 6 39.80 -8.74 -4.48
CA SER A 6 38.88 -9.85 -4.48
C SER A 6 37.83 -9.54 -3.46
N LYS A 7 36.55 -9.86 -3.77
CA LYS A 7 35.49 -9.58 -2.84
C LYS A 7 34.83 -10.88 -2.49
N ALA A 8 35.08 -11.37 -1.25
CA ALA A 8 34.47 -12.60 -0.83
C ALA A 8 34.72 -12.77 0.65
N TYR A 9 33.75 -13.42 1.35
CA TYR A 9 33.88 -13.67 2.77
C TYR A 9 33.97 -12.36 3.52
N GLU A 10 32.98 -11.46 3.33
CA GLU A 10 33.01 -10.20 4.02
C GLU A 10 32.28 -10.37 5.32
N SER A 11 32.86 -9.84 6.42
CA SER A 11 32.23 -9.96 7.70
C SER A 11 32.62 -8.73 8.50
N LYS A 12 31.62 -8.03 9.08
CA LYS A 12 31.92 -6.86 9.85
C LYS A 12 30.85 -6.69 10.89
N ASP A 13 29.70 -6.08 10.51
CA ASP A 13 28.65 -5.86 11.46
C ASP A 13 27.38 -6.51 10.95
N VAL A 14 26.53 -6.96 11.90
CA VAL A 14 25.27 -7.60 11.57
C VAL A 14 24.28 -6.57 11.05
N ARG A 15 24.58 -5.26 11.22
CA ARG A 15 23.67 -4.23 10.74
C ARG A 15 23.55 -4.29 9.23
N LEU A 16 24.60 -4.78 8.51
CA LEU A 16 24.54 -4.88 7.07
C LEU A 16 23.49 -5.90 6.66
N VAL A 17 23.42 -7.03 7.41
CA VAL A 17 22.46 -8.09 7.09
C VAL A 17 21.05 -7.57 7.29
N ALA A 18 20.82 -6.86 8.42
CA ALA A 18 19.50 -6.32 8.73
C ALA A 18 19.08 -5.34 7.65
N ARG A 19 20.03 -4.54 7.13
CA ARG A 19 19.73 -3.56 6.10
C ARG A 19 19.21 -4.26 4.86
N ASP A 20 19.80 -5.45 4.55
CA ASP A 20 19.39 -6.19 3.37
C ASP A 20 17.94 -6.60 3.45
N SER A 21 17.44 -7.03 4.64
CA SER A 21 16.05 -7.45 4.77
C SER A 21 15.10 -6.30 4.52
N ALA A 22 15.45 -5.09 5.02
CA ALA A 22 14.60 -3.92 4.85
C ALA A 22 14.39 -3.65 3.37
N PHE A 23 15.44 -3.86 2.54
CA PHE A 23 15.32 -3.61 1.13
C PHE A 23 14.27 -4.52 0.50
N LEU A 24 14.15 -5.79 0.96
CA LEU A 24 13.18 -6.71 0.38
C LEU A 24 11.76 -6.24 0.65
N GLY A 25 11.49 -5.69 1.86
CA GLY A 25 10.14 -5.24 2.20
C GLY A 25 9.69 -4.18 1.22
N LEU A 26 10.59 -3.25 0.86
CA LEU A 26 10.22 -2.19 -0.07
C LEU A 26 9.84 -2.80 -1.42
N GLN A 27 10.56 -3.85 -1.85
CA GLN A 27 10.29 -4.47 -3.14
C GLN A 27 8.88 -5.04 -3.22
N ARG A 28 8.34 -5.65 -2.14
CA ARG A 28 7.00 -6.22 -2.19
C ARG A 28 6.00 -5.10 -2.39
N ALA A 29 6.24 -3.97 -1.70
CA ALA A 29 5.35 -2.82 -1.79
C ALA A 29 5.22 -2.37 -3.24
N ILE A 30 6.32 -2.40 -4.02
CA ILE A 30 6.26 -1.97 -5.41
C ILE A 30 5.41 -2.90 -6.26
N ARG A 31 5.51 -4.23 -6.02
CA ARG A 31 4.81 -5.20 -6.86
C ARG A 31 3.29 -5.15 -6.75
N SER A 32 2.73 -4.92 -5.54
CA SER A 32 1.28 -4.95 -5.39
C SER A 32 0.57 -3.92 -6.26
N GLU A 33 -0.59 -4.35 -6.86
CA GLU A 33 -1.40 -3.46 -7.70
C GLU A 33 -2.72 -4.17 -7.95
N ARG A 34 -3.88 -3.47 -7.72
CA ARG A 34 -5.18 -4.11 -7.92
C ARG A 34 -6.12 -3.16 -8.64
N PHE A 35 -7.08 -3.75 -9.43
CA PHE A 35 -8.07 -2.95 -10.16
C PHE A 35 -9.22 -2.62 -9.25
N GLU A 36 -10.08 -1.65 -9.68
CA GLU A 36 -11.18 -1.25 -8.86
C GLU A 36 -12.51 -1.80 -9.32
N LEU A 37 -13.09 -1.26 -10.44
CA LEU A 37 -14.42 -1.70 -10.87
C LEU A 37 -14.40 -3.08 -11.47
N ASP A 38 -13.31 -3.43 -12.18
CA ASP A 38 -13.23 -4.73 -12.80
C ASP A 38 -13.29 -5.77 -11.74
N ASN A 39 -12.64 -5.51 -10.60
CA ASN A 39 -12.66 -6.46 -9.52
C ASN A 39 -13.64 -6.01 -8.48
N PHE A 40 -14.46 -4.99 -8.79
CA PHE A 40 -15.43 -4.51 -7.83
C PHE A 40 -16.64 -5.42 -7.85
N LYS A 41 -17.23 -5.70 -9.04
CA LYS A 41 -18.40 -6.58 -9.08
C LYS A 41 -17.96 -8.00 -8.79
N SER A 42 -16.89 -8.42 -9.49
CA SER A 42 -16.34 -9.76 -9.33
C SER A 42 -15.95 -10.03 -7.89
N ASN A 43 -15.36 -9.04 -7.18
CA ASN A 43 -14.92 -9.27 -5.82
C ASN A 43 -15.84 -8.54 -4.87
N PHE A 44 -17.12 -8.35 -5.26
CA PHE A 44 -18.06 -7.63 -4.44
C PHE A 44 -18.22 -8.26 -3.06
N PRO A 45 -18.64 -9.50 -3.00
CA PRO A 45 -18.85 -10.17 -1.74
C PRO A 45 -17.73 -11.05 -1.26
N TYR A 46 -16.76 -11.37 -2.13
CA TYR A 46 -15.69 -12.25 -1.71
C TYR A 46 -14.54 -11.47 -1.15
N LEU A 47 -14.26 -10.25 -1.66
CA LEU A 47 -13.13 -9.52 -1.13
C LEU A 47 -13.62 -8.56 -0.08
N THR A 48 -13.65 -9.02 1.19
CA THR A 48 -14.08 -8.16 2.26
C THR A 48 -12.89 -7.90 3.17
N VAL A 49 -11.68 -8.37 2.78
CA VAL A 49 -10.53 -8.15 3.60
C VAL A 49 -9.40 -7.82 2.67
N ALA A 50 -8.54 -6.86 3.06
CA ALA A 50 -7.46 -6.50 2.18
C ALA A 50 -6.20 -6.32 2.98
N ASN A 51 -5.43 -7.41 3.13
CA ASN A 51 -4.17 -7.33 3.83
C ASN A 51 -3.15 -7.93 2.92
N GLY A 52 -3.47 -7.97 1.60
CA GLY A 52 -2.56 -8.53 0.65
C GLY A 52 -1.64 -7.45 0.13
N SER A 53 -1.85 -6.18 0.54
CA SER A 53 -0.98 -5.14 0.05
C SER A 53 -1.07 -3.92 0.93
N LEU A 54 -2.22 -3.74 1.63
CA LEU A 54 -2.39 -2.57 2.47
C LEU A 54 -1.67 -2.80 3.78
N ARG A 55 -1.93 -3.94 4.43
CA ARG A 55 -1.33 -4.23 5.70
C ARG A 55 0.09 -4.69 5.51
N THR A 56 0.40 -5.35 4.36
CA THR A 56 1.74 -5.83 4.11
C THR A 56 2.68 -4.64 3.99
N ILE A 57 2.28 -3.56 3.29
CA ILE A 57 3.17 -2.43 3.15
C ILE A 57 3.41 -1.82 4.51
N VAL A 58 2.36 -1.75 5.39
CA VAL A 58 2.56 -1.21 6.73
C VAL A 58 3.72 -1.89 7.45
N THR A 59 3.86 -3.24 7.35
CA THR A 59 4.95 -3.93 8.05
C THR A 59 6.29 -3.47 7.51
N GLY A 60 6.43 -3.40 6.16
CA GLY A 60 7.68 -2.98 5.55
C GLY A 60 8.01 -1.56 5.95
N LEU A 61 6.96 -0.72 6.08
CA LEU A 61 7.16 0.67 6.41
C LEU A 61 7.60 0.84 7.83
N LYS A 62 7.39 -0.14 8.76
CA LYS A 62 7.83 0.10 10.12
C LYS A 62 9.30 -0.23 10.11
N GLY A 63 9.69 -1.16 9.22
CA GLY A 63 11.08 -1.53 9.07
C GLY A 63 11.86 -0.33 8.62
N ILE A 64 11.26 0.56 7.79
CA ILE A 64 11.96 1.72 7.28
C ILE A 64 12.17 2.72 8.40
N VAL A 65 11.13 2.94 9.25
CA VAL A 65 11.24 3.92 10.32
C VAL A 65 12.29 3.50 11.36
N GLU A 66 12.38 2.18 11.66
CA GLU A 66 13.29 1.67 12.68
C GLU A 66 14.74 1.74 12.26
N PHE A 67 15.04 1.47 10.97
CA PHE A 67 16.42 1.46 10.56
C PHE A 67 16.80 2.80 10.04
N ASP A 68 15.82 3.71 9.88
CA ASP A 68 16.13 5.03 9.41
C ASP A 68 16.18 5.92 10.61
N ASP A 69 14.99 6.32 11.14
CA ASP A 69 14.94 7.16 12.31
C ASP A 69 15.07 8.58 11.80
N GLY A 70 13.95 9.11 11.24
CA GLY A 70 13.98 10.43 10.70
C GLY A 70 12.57 10.86 10.37
N GLN A 71 12.42 11.53 9.20
CA GLN A 71 11.12 12.02 8.80
C GLN A 71 10.45 11.02 7.89
N MET A 72 11.10 9.86 7.62
CA MET A 72 10.52 8.88 6.73
C MET A 72 9.29 8.29 7.39
N LYS A 73 9.37 8.07 8.73
CA LYS A 73 8.26 7.50 9.47
C LYS A 73 7.00 8.36 9.33
N ASP A 74 7.15 9.72 9.28
CA ASP A 74 5.99 10.59 9.15
C ASP A 74 5.29 10.32 7.84
N ILE A 75 6.09 10.07 6.78
CA ILE A 75 5.52 9.82 5.46
C ILE A 75 4.71 8.52 5.50
N ALA A 76 5.15 7.54 6.32
CA ALA A 76 4.45 6.27 6.42
C ALA A 76 3.03 6.49 6.89
N LYS A 77 2.83 7.43 7.84
CA LYS A 77 1.50 7.72 8.35
C LYS A 77 0.63 8.23 7.22
N GLU A 78 1.19 9.06 6.31
CA GLU A 78 0.41 9.58 5.20
C GLU A 78 -0.10 8.43 4.34
N ILE A 79 0.72 7.36 4.18
CA ILE A 79 0.32 6.21 3.38
C ILE A 79 -0.93 5.55 3.93
N LEU A 80 -1.03 5.37 5.28
CA LEU A 80 -2.21 4.73 5.89
C LEU A 80 -3.44 5.54 5.58
N ASP A 81 -3.29 6.86 5.38
CA ASP A 81 -4.44 7.69 5.11
C ASP A 81 -4.82 7.51 3.66
N THR A 82 -5.96 6.81 3.38
CA THR A 82 -6.37 6.60 2.01
C THR A 82 -7.88 6.47 1.96
N GLN A 83 -8.52 7.23 1.02
CA GLN A 83 -9.96 7.18 0.88
C GLN A 83 -10.33 6.50 -0.42
N ILE A 84 -11.35 5.61 -0.40
CA ILE A 84 -11.80 4.96 -1.62
C ILE A 84 -13.31 4.89 -1.57
N CYS A 85 -13.97 5.32 -2.69
CA CYS A 85 -15.43 5.29 -2.76
C CYS A 85 -15.98 6.50 -2.05
N GLY A 86 -15.10 7.47 -1.72
CA GLY A 86 -15.56 8.67 -1.04
C GLY A 86 -15.56 8.41 0.44
N VAL A 87 -15.04 7.25 0.87
CA VAL A 87 -15.02 6.92 2.27
C VAL A 87 -13.67 6.30 2.54
N PRO A 88 -13.09 6.64 3.67
CA PRO A 88 -11.75 6.16 4.06
C PRO A 88 -11.63 4.67 4.20
N PHE A 89 -10.40 4.20 4.53
CA PHE A 89 -10.17 2.78 4.69
C PHE A 89 -10.94 2.27 5.87
N SER A 90 -11.43 3.18 6.74
CA SER A 90 -12.20 2.77 7.90
C SER A 90 -13.48 2.08 7.45
N GLN A 91 -14.18 2.62 6.42
CA GLN A 91 -15.40 1.98 5.96
C GLN A 91 -15.09 1.06 4.82
N PHE A 92 -13.79 0.85 4.52
CA PHE A 92 -13.44 -0.05 3.46
C PHE A 92 -13.15 -1.37 4.09
N GLY A 93 -13.95 -2.39 3.73
CA GLY A 93 -13.74 -3.69 4.29
C GLY A 93 -15.09 -4.35 4.40
N THR A 94 -16.16 -3.54 4.60
CA THR A 94 -17.48 -4.10 4.72
C THR A 94 -18.34 -3.42 3.70
N CYS A 95 -19.15 -4.21 2.94
CA CYS A 95 -19.99 -3.61 1.95
C CYS A 95 -21.36 -3.44 2.56
N SER A 96 -21.76 -2.16 2.74
CA SER A 96 -23.05 -1.84 3.32
C SER A 96 -24.14 -2.07 2.29
N GLY A 97 -25.37 -2.34 2.78
CA GLY A 97 -26.52 -2.61 1.93
C GLY A 97 -26.83 -1.39 1.09
N SER A 98 -26.62 -0.17 1.62
CA SER A 98 -26.88 1.02 0.84
C SER A 98 -25.97 1.03 -0.36
N ALA A 99 -24.72 0.59 -0.16
CA ALA A 99 -23.76 0.55 -1.24
C ALA A 99 -24.20 -0.47 -2.27
N ARG A 100 -24.77 -1.63 -1.83
CA ARG A 100 -25.16 -2.67 -2.76
C ARG A 100 -26.38 -2.27 -3.56
N ASP A 101 -27.26 -1.40 -3.00
CA ASP A 101 -28.45 -1.01 -3.72
C ASP A 101 -28.06 -0.13 -4.87
N LEU A 102 -27.10 0.79 -4.63
CA LEU A 102 -26.66 1.68 -5.66
C LEU A 102 -25.87 0.92 -6.70
N VAL A 103 -25.01 -0.03 -6.27
CA VAL A 103 -24.22 -0.80 -7.22
C VAL A 103 -25.13 -1.49 -8.22
N ASP A 104 -26.22 -2.14 -7.74
CA ASP A 104 -27.14 -2.81 -8.65
C ASP A 104 -27.74 -1.81 -9.64
N ASN A 105 -28.09 -0.59 -9.16
CA ASN A 105 -28.69 0.40 -10.03
C ASN A 105 -27.63 1.40 -10.48
N ALA A 106 -26.35 1.00 -10.39
CA ALA A 106 -25.25 1.88 -10.76
C ALA A 106 -24.91 1.61 -12.20
N SER A 107 -24.27 2.61 -12.84
CA SER A 107 -23.85 2.45 -14.20
C SER A 107 -22.35 2.52 -14.19
N TYR A 108 -21.69 2.13 -15.31
CA TYR A 108 -20.24 2.15 -15.38
C TYR A 108 -19.77 3.58 -15.30
N GLN A 109 -20.63 4.49 -15.79
CA GLN A 109 -20.28 5.90 -15.78
C GLN A 109 -19.98 6.30 -14.33
N GLN A 110 -21.03 6.29 -13.47
CA GLN A 110 -20.83 6.59 -12.04
C GLN A 110 -19.77 5.70 -11.38
N GLU A 111 -19.71 4.40 -11.73
CA GLU A 111 -18.73 3.52 -11.11
C GLU A 111 -17.32 3.95 -11.47
N LYS A 112 -17.10 4.43 -12.70
CA LYS A 112 -15.78 4.83 -13.17
C LYS A 112 -15.24 5.99 -12.36
N ILE A 113 -16.11 6.93 -11.93
CA ILE A 113 -15.62 8.08 -11.16
C ILE A 113 -15.15 7.60 -9.80
N ILE A 114 -15.88 6.63 -9.19
CA ILE A 114 -15.49 6.14 -7.88
C ILE A 114 -14.15 5.45 -7.97
N ILE A 115 -13.91 4.66 -9.04
CA ILE A 115 -12.64 3.95 -9.17
C ILE A 115 -11.54 4.94 -9.41
N LYS A 116 -11.89 6.15 -9.87
CA LYS A 116 -10.89 7.15 -10.11
C LYS A 116 -10.41 7.70 -8.80
N HIS A 117 -11.26 7.68 -7.76
CA HIS A 117 -10.82 8.14 -6.46
C HIS A 117 -9.68 7.26 -6.05
N LEU A 118 -9.85 5.94 -6.31
CA LEU A 118 -8.81 4.99 -5.98
C LEU A 118 -7.63 5.13 -6.91
N ASN A 119 -7.87 5.39 -8.24
CA ASN A 119 -6.76 5.45 -9.18
C ASN A 119 -5.76 6.52 -8.77
N GLU A 120 -6.24 7.73 -8.39
CA GLU A 120 -5.31 8.76 -7.99
C GLU A 120 -4.61 8.35 -6.70
N LEU A 121 -5.40 7.93 -5.69
CA LEU A 121 -4.83 7.48 -4.42
C LEU A 121 -3.65 6.53 -4.62
N PHE A 122 -3.74 5.58 -5.59
CA PHE A 122 -2.65 4.65 -5.85
C PHE A 122 -1.43 5.41 -6.33
N GLU A 123 -1.65 6.45 -7.16
CA GLU A 123 -0.55 7.26 -7.69
C GLU A 123 0.22 7.91 -6.54
N LYS A 124 -0.48 8.31 -5.45
CA LYS A 124 0.19 8.93 -4.30
C LYS A 124 1.12 7.91 -3.68
N VAL A 125 0.70 6.62 -3.70
CA VAL A 125 1.54 5.56 -3.17
C VAL A 125 2.82 5.52 -3.95
N ALA A 126 2.73 5.75 -5.29
CA ALA A 126 3.89 5.74 -6.15
C ALA A 126 4.82 6.87 -5.76
N LEU A 127 4.27 8.02 -5.29
CA LEU A 127 5.09 9.14 -4.90
C LEU A 127 6.00 8.76 -3.75
N HIS A 128 5.52 7.96 -2.77
CA HIS A 128 6.39 7.55 -1.67
C HIS A 128 7.50 6.68 -2.22
N LEU A 129 7.16 5.86 -3.24
CA LEU A 129 8.11 4.97 -3.85
C LEU A 129 9.28 5.73 -4.44
N VAL A 130 9.05 6.93 -5.02
CA VAL A 130 10.15 7.65 -5.64
C VAL A 130 10.96 8.37 -4.59
N GLY A 131 10.85 7.95 -3.31
CA GLY A 131 11.61 8.57 -2.25
C GLY A 131 12.91 7.84 -2.08
N ALA A 132 13.27 6.96 -3.04
CA ALA A 132 14.49 6.21 -2.94
C ALA A 132 15.62 7.08 -3.44
N GLU A 133 15.30 8.10 -4.26
CA GLU A 133 16.31 9.00 -4.78
C GLU A 133 17.18 8.21 -5.72
N VAL A 134 16.58 7.70 -6.82
CA VAL A 134 17.33 6.91 -7.76
C VAL A 134 17.66 7.80 -8.97
N GLY A 1 28.93 -26.37 -14.11
CA GLY A 1 29.00 -24.89 -13.93
C GLY A 1 29.97 -24.57 -12.85
N PRO A 2 31.10 -24.07 -13.27
CA PRO A 2 32.18 -23.68 -12.38
C PRO A 2 31.87 -22.42 -11.61
N GLU A 3 32.49 -22.28 -10.41
CA GLU A 3 32.26 -21.12 -9.61
C GLU A 3 33.59 -20.52 -9.27
N ARG A 4 33.62 -19.18 -9.06
CA ARG A 4 34.86 -18.52 -8.73
C ARG A 4 34.85 -18.25 -7.25
N ILE A 5 36.03 -18.31 -6.61
CA ILE A 5 36.11 -18.07 -5.19
C ILE A 5 36.92 -16.82 -4.99
N SER A 6 36.34 -15.83 -4.27
CA SER A 6 37.05 -14.60 -4.03
C SER A 6 37.16 -14.41 -2.55
N LYS A 7 38.26 -13.77 -2.10
CA LYS A 7 38.45 -13.53 -0.69
C LYS A 7 37.75 -12.26 -0.34
N ALA A 8 37.27 -12.15 0.91
CA ALA A 8 36.58 -10.97 1.34
C ALA A 8 36.90 -10.74 2.79
N TYR A 9 36.78 -9.48 3.25
CA TYR A 9 37.07 -9.16 4.62
C TYR A 9 35.88 -9.55 5.45
N GLU A 10 36.15 -10.08 6.67
CA GLU A 10 35.06 -10.48 7.53
C GLU A 10 35.10 -9.60 8.74
N SER A 11 33.94 -9.00 9.09
CA SER A 11 33.89 -8.12 10.23
C SER A 11 32.52 -8.27 10.84
N LYS A 12 32.42 -8.09 12.17
CA LYS A 12 31.13 -8.21 12.83
C LYS A 12 30.33 -6.99 12.50
N ASP A 13 29.16 -7.20 11.83
CA ASP A 13 28.33 -6.08 11.47
C ASP A 13 27.02 -6.64 11.00
N VAL A 14 26.20 -7.18 11.94
CA VAL A 14 24.92 -7.74 11.57
C VAL A 14 23.95 -6.65 11.12
N ARG A 15 24.25 -5.37 11.39
CA ARG A 15 23.34 -4.31 10.98
C ARG A 15 23.33 -4.19 9.46
N LEU A 16 24.47 -4.51 8.78
CA LEU A 16 24.53 -4.43 7.33
C LEU A 16 23.58 -5.46 6.73
N VAL A 17 23.52 -6.67 7.31
CA VAL A 17 22.66 -7.72 6.77
C VAL A 17 21.21 -7.31 6.96
N ALA A 18 20.87 -6.75 8.14
CA ALA A 18 19.51 -6.34 8.42
C ALA A 18 19.07 -5.26 7.46
N ARG A 19 20.00 -4.35 7.08
CA ARG A 19 19.69 -3.27 6.17
C ARG A 19 19.25 -3.86 4.84
N ASP A 20 19.92 -4.95 4.40
CA ASP A 20 19.60 -5.58 3.14
C ASP A 20 18.17 -6.09 3.13
N SER A 21 17.69 -6.67 4.27
CA SER A 21 16.32 -7.19 4.33
C SER A 21 15.31 -6.07 4.12
N ALA A 22 15.54 -4.91 4.78
CA ALA A 22 14.64 -3.78 4.65
C ALA A 22 14.50 -3.37 3.21
N PHE A 23 15.55 -3.57 2.38
CA PHE A 23 15.50 -3.18 0.99
C PHE A 23 14.43 -4.01 0.30
N LEU A 24 14.32 -5.32 0.65
CA LEU A 24 13.34 -6.21 0.04
C LEU A 24 11.93 -5.75 0.38
N GLY A 25 11.69 -5.24 1.62
CA GLY A 25 10.36 -4.83 2.00
C GLY A 25 9.86 -3.74 1.07
N LEU A 26 10.74 -2.79 0.71
CA LEU A 26 10.36 -1.72 -0.20
C LEU A 26 9.98 -2.32 -1.53
N GLN A 27 10.72 -3.38 -1.95
CA GLN A 27 10.49 -4.06 -3.21
C GLN A 27 9.05 -4.54 -3.33
N ARG A 28 8.46 -5.16 -2.26
CA ARG A 28 7.08 -5.66 -2.35
C ARG A 28 6.13 -4.50 -2.54
N ALA A 29 6.44 -3.38 -1.85
CA ALA A 29 5.61 -2.18 -1.95
C ALA A 29 5.49 -1.77 -3.41
N ILE A 30 6.58 -1.91 -4.19
CA ILE A 30 6.55 -1.53 -5.60
C ILE A 30 5.66 -2.47 -6.41
N ARG A 31 5.67 -3.79 -6.11
CA ARG A 31 4.91 -4.74 -6.91
C ARG A 31 3.41 -4.51 -6.80
N SER A 32 2.87 -4.25 -5.58
CA SER A 32 1.43 -4.03 -5.41
C SER A 32 0.65 -5.22 -5.99
N GLU A 33 -0.69 -5.02 -6.21
CA GLU A 33 -1.52 -6.06 -6.79
C GLU A 33 -2.96 -5.59 -6.71
N ARG A 34 -3.37 -4.74 -7.68
CA ARG A 34 -4.72 -4.22 -7.68
C ARG A 34 -5.51 -4.79 -8.84
N PHE A 35 -6.87 -4.83 -8.66
CA PHE A 35 -7.74 -5.32 -9.70
C PHE A 35 -8.71 -4.20 -9.99
N GLU A 36 -9.30 -4.18 -11.21
CA GLU A 36 -10.22 -3.11 -11.56
C GLU A 36 -11.63 -3.57 -11.37
N LEU A 37 -12.60 -2.90 -12.05
CA LEU A 37 -14.02 -3.22 -11.94
C LEU A 37 -14.31 -4.57 -12.53
N ASP A 38 -13.34 -5.20 -13.21
CA ASP A 38 -13.59 -6.49 -13.81
C ASP A 38 -13.96 -7.49 -12.73
N ASN A 39 -13.32 -7.38 -11.55
CA ASN A 39 -13.64 -8.30 -10.48
C ASN A 39 -14.44 -7.57 -9.44
N PHE A 40 -14.40 -6.23 -9.47
CA PHE A 40 -15.16 -5.47 -8.52
C PHE A 40 -16.56 -5.30 -9.07
N LYS A 41 -16.86 -5.97 -10.19
CA LYS A 41 -18.16 -5.85 -10.80
C LYS A 41 -19.19 -6.52 -9.95
N SER A 42 -19.00 -7.79 -9.54
CA SER A 42 -19.99 -8.43 -8.76
C SER A 42 -19.35 -8.80 -7.45
N ASN A 43 -17.99 -8.80 -7.42
CA ASN A 43 -17.31 -9.17 -6.21
C ASN A 43 -16.83 -7.90 -5.55
N PHE A 44 -17.45 -6.74 -5.90
CA PHE A 44 -17.06 -5.50 -5.28
C PHE A 44 -17.15 -5.62 -3.76
N PRO A 45 -18.29 -6.06 -3.25
CA PRO A 45 -18.48 -6.22 -1.81
C PRO A 45 -17.95 -7.52 -1.25
N TYR A 46 -17.66 -8.51 -2.12
CA TYR A 46 -17.21 -9.80 -1.64
C TYR A 46 -15.81 -9.70 -1.08
N LEU A 47 -14.88 -8.99 -1.76
CA LEU A 47 -13.53 -8.92 -1.25
C LEU A 47 -13.42 -7.66 -0.43
N THR A 48 -13.61 -7.81 0.89
CA THR A 48 -13.52 -6.67 1.77
C THR A 48 -12.36 -6.84 2.72
N VAL A 49 -11.83 -8.09 2.88
CA VAL A 49 -10.75 -8.29 3.81
C VAL A 49 -9.76 -9.24 3.21
N ALA A 50 -8.51 -9.20 3.74
CA ALA A 50 -7.43 -10.07 3.30
C ALA A 50 -6.16 -9.26 3.37
N ASN A 51 -5.59 -8.97 2.19
CA ASN A 51 -4.36 -8.22 2.10
C ASN A 51 -4.35 -7.63 0.72
N GLY A 52 -5.16 -6.56 0.52
CA GLY A 52 -5.25 -5.94 -0.79
C GLY A 52 -3.91 -5.39 -1.15
N SER A 53 -3.25 -4.70 -0.19
CA SER A 53 -1.95 -4.13 -0.45
C SER A 53 -1.73 -3.04 0.56
N LEU A 54 -2.84 -2.56 1.19
CA LEU A 54 -2.74 -1.50 2.15
C LEU A 54 -1.95 -1.95 3.37
N ARG A 55 -2.20 -3.20 3.84
CA ARG A 55 -1.52 -3.65 5.03
C ARG A 55 -0.14 -4.18 4.72
N THR A 56 0.07 -4.80 3.54
CA THR A 56 1.38 -5.31 3.21
C THR A 56 2.37 -4.17 3.12
N ILE A 57 1.96 -3.01 2.53
CA ILE A 57 2.88 -1.92 2.40
C ILE A 57 3.20 -1.34 3.76
N VAL A 58 2.19 -1.15 4.67
CA VAL A 58 2.50 -0.60 5.98
C VAL A 58 3.47 -1.49 6.74
N THR A 59 3.54 -2.81 6.42
CA THR A 59 4.47 -3.67 7.13
C THR A 59 5.88 -3.27 6.74
N GLY A 60 6.12 -3.08 5.42
CA GLY A 60 7.44 -2.65 4.95
C GLY A 60 7.77 -1.31 5.55
N LEU A 61 6.74 -0.45 5.71
CA LEU A 61 6.93 0.88 6.23
C LEU A 61 7.31 0.83 7.70
N LYS A 62 7.07 -0.30 8.40
CA LYS A 62 7.40 -0.34 9.81
C LYS A 62 8.87 -0.65 9.88
N GLY A 63 9.36 -1.47 8.92
CA GLY A 63 10.77 -1.78 8.89
C GLY A 63 11.55 -0.55 8.50
N ILE A 64 10.90 0.44 7.82
CA ILE A 64 11.61 1.63 7.40
C ILE A 64 11.83 2.53 8.60
N VAL A 65 10.81 2.71 9.46
CA VAL A 65 10.96 3.60 10.61
C VAL A 65 12.03 3.08 11.54
N GLU A 66 12.03 1.75 11.83
CA GLU A 66 12.96 1.17 12.76
C GLU A 66 14.38 1.21 12.27
N PHE A 67 14.61 1.00 10.97
CA PHE A 67 15.97 0.96 10.51
C PHE A 67 16.38 2.31 10.01
N ASP A 68 15.49 3.33 10.04
CA ASP A 68 15.89 4.62 9.59
C ASP A 68 15.96 5.51 10.80
N ASP A 69 14.78 5.95 11.32
CA ASP A 69 14.72 6.80 12.50
C ASP A 69 14.65 8.23 12.00
N GLY A 70 14.08 8.42 10.78
CA GLY A 70 13.94 9.75 10.22
C GLY A 70 12.52 10.17 10.41
N GLN A 71 12.04 11.16 9.61
CA GLN A 71 10.66 11.59 9.75
C GLN A 71 9.88 10.87 8.67
N MET A 72 10.55 9.91 7.98
CA MET A 72 9.91 9.16 6.92
C MET A 72 8.80 8.36 7.53
N LYS A 73 9.01 7.89 8.78
CA LYS A 73 8.01 7.14 9.51
C LYS A 73 6.71 7.93 9.58
N ASP A 74 6.81 9.26 9.81
CA ASP A 74 5.64 10.11 9.90
C ASP A 74 4.87 10.10 8.60
N ILE A 75 5.60 10.10 7.45
CA ILE A 75 4.95 10.11 6.15
C ILE A 75 4.16 8.81 5.98
N ALA A 76 4.71 7.71 6.52
CA ALA A 76 4.07 6.41 6.39
C ALA A 76 2.68 6.42 7.00
N LYS A 77 2.50 7.08 8.17
CA LYS A 77 1.19 7.11 8.80
C LYS A 77 0.20 7.85 7.92
N GLU A 78 0.63 8.97 7.29
CA GLU A 78 -0.27 9.74 6.45
C GLU A 78 -0.71 8.93 5.25
N ILE A 79 0.19 8.11 4.69
CA ILE A 79 -0.14 7.31 3.52
C ILE A 79 -1.31 6.38 3.80
N LEU A 80 -1.35 5.71 4.98
CA LEU A 80 -2.46 4.80 5.26
C LEU A 80 -3.77 5.57 5.24
N ASP A 81 -3.80 6.75 5.91
CA ASP A 81 -5.02 7.52 5.95
C ASP A 81 -5.33 8.08 4.57
N THR A 82 -6.46 7.56 3.98
CA THR A 82 -6.89 8.00 2.67
C THR A 82 -8.27 7.39 2.44
N GLN A 83 -9.14 8.07 1.64
CA GLN A 83 -10.46 7.53 1.40
C GLN A 83 -10.52 6.98 0.00
N ILE A 84 -11.11 5.78 -0.17
CA ILE A 84 -11.25 5.21 -1.50
C ILE A 84 -12.62 4.57 -1.59
N CYS A 85 -13.52 5.16 -2.44
CA CYS A 85 -14.88 4.66 -2.65
C CYS A 85 -15.81 5.77 -2.29
N GLY A 86 -15.26 6.82 -1.67
CA GLY A 86 -16.05 7.94 -1.24
C GLY A 86 -16.13 7.88 0.25
N VAL A 87 -15.62 6.76 0.80
CA VAL A 87 -15.60 6.57 2.22
C VAL A 87 -14.19 6.15 2.54
N PRO A 88 -13.77 6.45 3.75
CA PRO A 88 -12.42 6.15 4.20
C PRO A 88 -12.10 4.68 4.27
N PHE A 89 -10.80 4.37 4.49
CA PHE A 89 -10.35 3.00 4.59
C PHE A 89 -11.10 2.30 5.70
N SER A 90 -11.57 3.07 6.71
CA SER A 90 -12.26 2.48 7.84
C SER A 90 -13.52 1.76 7.43
N GLN A 91 -14.39 2.32 6.54
CA GLN A 91 -15.60 1.60 6.17
C GLN A 91 -15.39 0.87 4.86
N PHE A 92 -14.13 0.79 4.38
CA PHE A 92 -13.90 0.08 3.14
C PHE A 92 -13.70 -1.37 3.47
N GLY A 93 -13.48 -1.68 4.77
CA GLY A 93 -13.25 -3.04 5.17
C GLY A 93 -14.55 -3.83 5.14
N THR A 94 -15.71 -3.15 5.06
CA THR A 94 -16.96 -3.89 5.04
C THR A 94 -17.86 -3.26 4.01
N CYS A 95 -18.95 -3.98 3.64
CA CYS A 95 -19.87 -3.46 2.68
C CYS A 95 -21.24 -3.52 3.31
N SER A 96 -21.90 -2.36 3.43
CA SER A 96 -23.21 -2.30 4.02
C SER A 96 -24.23 -2.50 2.91
N GLY A 97 -25.45 -2.98 3.28
CA GLY A 97 -26.50 -3.22 2.30
C GLY A 97 -26.95 -1.92 1.69
N SER A 98 -26.71 -0.79 2.39
CA SER A 98 -27.08 0.50 1.86
C SER A 98 -26.25 0.74 0.62
N ALA A 99 -24.97 0.31 0.66
CA ALA A 99 -24.09 0.52 -0.45
C ALA A 99 -24.33 -0.56 -1.50
N ARG A 100 -24.95 -1.71 -1.13
CA ARG A 100 -25.17 -2.75 -2.11
C ARG A 100 -26.30 -2.34 -3.04
N ASP A 101 -27.26 -1.54 -2.53
CA ASP A 101 -28.37 -1.11 -3.35
C ASP A 101 -27.91 0.06 -4.18
N LEU A 102 -26.96 0.86 -3.64
CA LEU A 102 -26.47 2.02 -4.34
C LEU A 102 -25.51 1.61 -5.44
N VAL A 103 -24.88 0.41 -5.32
CA VAL A 103 -23.94 0.00 -6.33
C VAL A 103 -24.72 -0.60 -7.49
N ASP A 104 -25.70 -1.48 -7.18
CA ASP A 104 -26.52 -2.07 -8.22
C ASP A 104 -27.23 -0.98 -9.01
N ASN A 105 -27.67 0.12 -8.35
CA ASN A 105 -28.37 1.16 -9.07
C ASN A 105 -27.34 1.99 -9.79
N ALA A 106 -26.09 1.98 -9.28
CA ALA A 106 -25.01 2.71 -9.92
C ALA A 106 -24.64 1.93 -11.15
N SER A 107 -24.04 2.60 -12.15
CA SER A 107 -23.68 1.88 -13.32
C SER A 107 -22.19 1.85 -13.42
N TYR A 108 -21.67 1.41 -14.60
CA TYR A 108 -20.23 1.33 -14.82
C TYR A 108 -19.67 2.73 -14.83
N GLN A 109 -20.55 3.70 -15.11
CA GLN A 109 -20.13 5.08 -15.17
C GLN A 109 -19.63 5.50 -13.78
N GLN A 110 -20.55 5.56 -12.79
CA GLN A 110 -20.13 5.88 -11.43
C GLN A 110 -19.06 4.93 -10.93
N GLU A 111 -19.08 3.64 -11.33
CA GLU A 111 -18.08 2.71 -10.87
C GLU A 111 -16.70 3.11 -11.35
N LYS A 112 -16.58 3.66 -12.59
CA LYS A 112 -15.29 4.05 -13.13
C LYS A 112 -14.67 5.15 -12.30
N ILE A 113 -15.48 6.10 -11.78
CA ILE A 113 -14.91 7.19 -10.99
C ILE A 113 -14.40 6.64 -9.67
N ILE A 114 -15.04 5.58 -9.14
CA ILE A 114 -14.61 5.00 -7.88
C ILE A 114 -13.25 4.34 -8.04
N ILE A 115 -13.03 3.64 -9.17
CA ILE A 115 -11.76 2.98 -9.36
C ILE A 115 -10.70 4.01 -9.59
N LYS A 116 -11.13 5.23 -9.99
CA LYS A 116 -10.18 6.29 -10.20
C LYS A 116 -9.70 6.80 -8.87
N HIS A 117 -10.51 6.66 -7.80
CA HIS A 117 -10.06 7.08 -6.50
C HIS A 117 -8.87 6.22 -6.17
N LEU A 118 -8.97 4.92 -6.56
CA LEU A 118 -7.90 3.98 -6.33
C LEU A 118 -6.72 4.31 -7.24
N ASN A 119 -7.00 4.74 -8.51
CA ASN A 119 -5.92 5.03 -9.45
C ASN A 119 -5.01 6.10 -8.89
N GLU A 120 -5.57 7.22 -8.36
CA GLU A 120 -4.72 8.26 -7.82
C GLU A 120 -3.94 7.72 -6.62
N LEU A 121 -4.66 7.06 -5.67
CA LEU A 121 -3.98 6.44 -4.51
C LEU A 121 -2.68 5.73 -4.92
N PHE A 122 -2.69 4.97 -6.04
CA PHE A 122 -1.50 4.26 -6.50
C PHE A 122 -0.42 5.26 -6.85
N GLU A 123 -0.79 6.38 -7.49
CA GLU A 123 0.16 7.39 -7.90
C GLU A 123 0.89 7.96 -6.68
N LYS A 124 0.17 8.18 -5.55
CA LYS A 124 0.82 8.73 -4.37
C LYS A 124 1.80 7.72 -3.80
N VAL A 125 1.56 6.41 -4.04
CA VAL A 125 2.48 5.38 -3.57
C VAL A 125 3.80 5.58 -4.27
N ALA A 126 3.75 5.91 -5.59
CA ALA A 126 4.94 6.15 -6.37
C ALA A 126 5.71 7.33 -5.81
N LEU A 127 4.98 8.36 -5.30
CA LEU A 127 5.65 9.54 -4.76
C LEU A 127 6.52 9.16 -3.59
N HIS A 128 6.08 8.22 -2.72
CA HIS A 128 6.91 7.83 -1.59
C HIS A 128 8.16 7.15 -2.10
N LEU A 129 8.02 6.37 -3.20
CA LEU A 129 9.15 5.65 -3.77
C LEU A 129 10.23 6.61 -4.23
N VAL A 130 9.84 7.79 -4.77
CA VAL A 130 10.82 8.74 -5.27
C VAL A 130 11.40 9.54 -4.13
N GLY A 131 11.34 9.01 -2.89
CA GLY A 131 11.88 9.70 -1.75
C GLY A 131 13.27 9.17 -1.49
N ALA A 132 13.83 8.43 -2.49
CA ALA A 132 15.14 7.84 -2.31
C ALA A 132 16.19 8.86 -2.70
N GLU A 133 15.78 9.93 -3.44
CA GLU A 133 16.72 10.95 -3.86
C GLU A 133 17.70 10.32 -4.81
N VAL A 134 17.20 9.89 -5.99
CA VAL A 134 18.08 9.27 -6.96
C VAL A 134 18.31 10.27 -8.10
N GLY A 1 37.50 -9.11 -20.85
CA GLY A 1 38.68 -8.34 -20.43
C GLY A 1 39.12 -8.76 -19.07
N PRO A 2 39.28 -7.77 -18.23
CA PRO A 2 39.71 -7.98 -16.86
C PRO A 2 38.62 -8.57 -16.00
N GLU A 3 39.04 -9.37 -14.99
CA GLU A 3 38.07 -9.99 -14.12
C GLU A 3 38.55 -9.80 -12.70
N ARG A 4 37.59 -9.71 -11.75
CA ARG A 4 37.96 -9.55 -10.37
C ARG A 4 37.59 -10.81 -9.66
N ILE A 5 38.55 -11.38 -8.89
CA ILE A 5 38.27 -12.60 -8.17
C ILE A 5 38.41 -12.29 -6.70
N SER A 6 37.33 -12.49 -5.93
CA SER A 6 37.39 -12.22 -4.52
C SER A 6 36.44 -13.16 -3.84
N LYS A 7 36.93 -13.92 -2.84
CA LYS A 7 36.09 -14.83 -2.14
C LYS A 7 36.45 -14.76 -0.69
N ALA A 8 35.58 -14.13 0.13
CA ALA A 8 35.86 -14.00 1.53
C ALA A 8 34.60 -13.60 2.23
N TYR A 9 34.51 -13.90 3.54
CA TYR A 9 33.34 -13.52 4.30
C TYR A 9 33.76 -12.42 5.24
N GLU A 10 32.89 -11.40 5.39
CA GLU A 10 33.21 -10.31 6.26
C GLU A 10 32.12 -10.23 7.29
N SER A 11 32.50 -9.95 8.55
CA SER A 11 31.51 -9.84 9.60
C SER A 11 31.92 -8.68 10.46
N LYS A 12 30.98 -7.70 10.63
CA LYS A 12 31.29 -6.56 11.44
C LYS A 12 30.05 -6.20 12.20
N ASP A 13 29.11 -5.49 11.54
CA ASP A 13 27.89 -5.09 12.22
C ASP A 13 26.73 -5.76 11.55
N VAL A 14 25.90 -6.45 12.36
CA VAL A 14 24.70 -7.11 11.85
C VAL A 14 23.70 -6.10 11.34
N ARG A 15 23.88 -4.79 11.67
CA ARG A 15 22.94 -3.79 11.21
C ARG A 15 23.01 -3.65 9.70
N LEU A 16 24.17 -3.99 9.07
CA LEU A 16 24.29 -3.88 7.63
C LEU A 16 23.44 -4.93 6.94
N VAL A 17 23.45 -6.18 7.47
CA VAL A 17 22.66 -7.26 6.88
C VAL A 17 21.19 -6.96 7.03
N ALA A 18 20.80 -6.40 8.18
CA ALA A 18 19.40 -6.09 8.42
C ALA A 18 18.93 -5.04 7.44
N ARG A 19 19.81 -4.06 7.11
CA ARG A 19 19.47 -2.99 6.20
C ARG A 19 19.21 -3.56 4.82
N ASP A 20 19.93 -4.64 4.43
CA ASP A 20 19.75 -5.22 3.11
C ASP A 20 18.36 -5.82 2.99
N SER A 21 17.85 -6.48 4.06
CA SER A 21 16.53 -7.08 4.02
C SER A 21 15.47 -6.01 3.81
N ALA A 22 15.61 -4.85 4.50
CA ALA A 22 14.64 -3.78 4.37
C ALA A 22 14.56 -3.32 2.93
N PHE A 23 15.67 -3.46 2.16
CA PHE A 23 15.67 -3.04 0.78
C PHE A 23 14.65 -3.85 0.01
N LEU A 24 14.55 -5.19 0.24
CA LEU A 24 13.60 -6.03 -0.46
C LEU A 24 12.18 -5.63 -0.14
N GLY A 25 11.91 -5.22 1.13
CA GLY A 25 10.55 -4.85 1.50
C GLY A 25 10.07 -3.72 0.63
N LEU A 26 10.95 -2.76 0.31
CA LEU A 26 10.58 -1.64 -0.54
C LEU A 26 10.20 -2.17 -1.91
N GLN A 27 10.92 -3.22 -2.38
CA GLN A 27 10.66 -3.77 -3.70
C GLN A 27 9.25 -4.35 -3.81
N ARG A 28 8.72 -5.04 -2.75
CA ARG A 28 7.37 -5.61 -2.84
C ARG A 28 6.37 -4.49 -2.99
N ALA A 29 6.59 -3.39 -2.24
CA ALA A 29 5.71 -2.25 -2.31
C ALA A 29 5.60 -1.79 -3.75
N ILE A 30 6.71 -1.89 -4.52
CA ILE A 30 6.70 -1.47 -5.92
C ILE A 30 5.80 -2.39 -6.75
N ARG A 31 5.81 -3.72 -6.49
CA ARG A 31 5.02 -4.63 -7.31
C ARG A 31 3.62 -4.85 -6.77
N SER A 32 3.15 -3.99 -5.84
CA SER A 32 1.78 -4.13 -5.32
C SER A 32 0.81 -4.16 -6.49
N GLU A 33 -0.22 -5.06 -6.42
CA GLU A 33 -1.17 -5.19 -7.50
C GLU A 33 -2.58 -5.12 -6.96
N ARG A 34 -3.53 -4.79 -7.88
CA ARG A 34 -4.93 -4.68 -7.47
C ARG A 34 -5.84 -5.00 -8.64
N PHE A 35 -7.00 -5.65 -8.34
CA PHE A 35 -7.96 -6.00 -9.37
C PHE A 35 -8.86 -4.80 -9.59
N GLU A 36 -9.57 -4.78 -10.75
CA GLU A 36 -10.44 -3.66 -11.05
C GLU A 36 -11.87 -4.12 -11.05
N LEU A 37 -12.77 -3.36 -11.75
CA LEU A 37 -14.20 -3.68 -11.83
C LEU A 37 -14.47 -5.10 -12.28
N ASP A 38 -13.46 -5.84 -12.75
CA ASP A 38 -13.71 -7.20 -13.20
C ASP A 38 -14.22 -8.03 -12.06
N ASN A 39 -13.67 -7.83 -10.84
CA ASN A 39 -14.13 -8.60 -9.72
C ASN A 39 -14.84 -7.68 -8.76
N PHE A 40 -14.61 -6.36 -8.91
CA PHE A 40 -15.27 -5.43 -8.05
C PHE A 40 -16.61 -5.10 -8.64
N LYS A 41 -16.98 -5.81 -9.74
CA LYS A 41 -18.25 -5.54 -10.36
C LYS A 41 -19.35 -5.95 -9.45
N SER A 42 -19.36 -7.18 -8.91
CA SER A 42 -20.42 -7.55 -8.05
C SER A 42 -19.81 -7.88 -6.71
N ASN A 43 -18.48 -8.15 -6.70
CA ASN A 43 -17.82 -8.49 -5.46
C ASN A 43 -17.12 -7.28 -4.94
N PHE A 44 -17.56 -6.07 -5.36
CA PHE A 44 -16.94 -4.85 -4.89
C PHE A 44 -16.93 -4.82 -3.37
N PRO A 45 -18.08 -5.00 -2.74
CA PRO A 45 -18.17 -5.01 -1.30
C PRO A 45 -17.80 -6.33 -0.68
N TYR A 46 -17.72 -7.41 -1.49
CA TYR A 46 -17.42 -8.73 -0.96
C TYR A 46 -15.99 -8.78 -0.50
N LEU A 47 -15.04 -8.14 -1.22
CA LEU A 47 -13.66 -8.19 -0.79
C LEU A 47 -13.49 -7.10 0.24
N THR A 48 -13.71 -7.47 1.51
CA THR A 48 -13.60 -6.53 2.60
C THR A 48 -12.25 -6.69 3.27
N VAL A 49 -11.38 -7.59 2.77
CA VAL A 49 -10.10 -7.75 3.42
C VAL A 49 -9.06 -7.33 2.43
N ALA A 50 -7.92 -6.82 2.93
CA ALA A 50 -6.90 -6.38 2.04
C ALA A 50 -5.57 -6.54 2.71
N ASN A 51 -5.07 -7.79 2.78
CA ASN A 51 -3.77 -8.00 3.36
C ASN A 51 -2.94 -8.65 2.29
N GLY A 52 -3.46 -8.64 1.05
CA GLY A 52 -2.74 -9.22 -0.03
C GLY A 52 -1.87 -8.17 -0.66
N SER A 53 -2.08 -6.88 -0.28
CA SER A 53 -1.28 -5.83 -0.87
C SER A 53 -1.25 -4.65 0.07
N LEU A 54 -2.32 -4.44 0.87
CA LEU A 54 -2.37 -3.30 1.76
C LEU A 54 -1.53 -3.59 2.98
N ARG A 55 -1.69 -4.77 3.59
CA ARG A 55 -0.96 -5.10 4.79
C ARG A 55 0.49 -5.33 4.45
N THR A 56 0.75 -5.87 3.23
CA THR A 56 2.10 -6.11 2.80
C THR A 56 2.87 -4.81 2.73
N ILE A 57 2.27 -3.73 2.17
CA ILE A 57 2.97 -2.46 2.08
C ILE A 57 3.07 -1.84 3.47
N VAL A 58 2.24 -2.32 4.44
CA VAL A 58 2.30 -1.77 5.78
C VAL A 58 3.59 -2.21 6.43
N THR A 59 3.98 -3.50 6.25
CA THR A 59 5.18 -4.03 6.86
C THR A 59 6.42 -3.39 6.26
N GLY A 60 6.43 -3.17 4.93
CA GLY A 60 7.60 -2.57 4.29
C GLY A 60 7.86 -1.20 4.88
N LEU A 61 6.80 -0.39 5.11
CA LEU A 61 6.99 0.93 5.67
C LEU A 61 7.40 0.80 7.11
N LYS A 62 6.96 -0.30 7.80
CA LYS A 62 7.33 -0.50 9.19
C LYS A 62 8.83 -0.66 9.26
N GLY A 63 9.42 -1.34 8.24
CA GLY A 63 10.84 -1.53 8.20
C GLY A 63 11.55 -0.20 8.12
N ILE A 64 11.03 0.76 7.31
CA ILE A 64 11.67 2.07 7.19
C ILE A 64 11.61 2.83 8.50
N VAL A 65 10.47 2.79 9.21
CA VAL A 65 10.33 3.55 10.44
C VAL A 65 11.31 3.06 11.50
N GLU A 66 11.54 1.71 11.59
CA GLU A 66 12.40 1.17 12.62
C GLU A 66 13.85 1.50 12.38
N PHE A 67 14.33 1.37 11.13
CA PHE A 67 15.73 1.64 10.88
C PHE A 67 16.01 3.10 10.95
N ASP A 68 15.13 3.94 10.36
CA ASP A 68 15.32 5.36 10.41
C ASP A 68 15.14 5.86 11.82
N ASP A 69 13.89 6.12 12.23
CA ASP A 69 13.65 6.62 13.57
C ASP A 69 12.20 7.01 13.66
N GLY A 70 11.62 7.56 12.55
CA GLY A 70 10.22 7.90 12.61
C GLY A 70 9.90 9.13 11.81
N GLN A 71 10.88 9.75 11.12
CA GLN A 71 10.53 10.89 10.30
C GLN A 71 9.73 10.32 9.15
N MET A 72 10.25 9.19 8.65
CA MET A 72 9.61 8.48 7.58
C MET A 72 8.36 7.84 8.11
N LYS A 73 8.36 7.50 9.42
CA LYS A 73 7.22 6.87 10.05
C LYS A 73 6.02 7.80 10.02
N ASP A 74 6.25 9.13 10.18
CA ASP A 74 5.17 10.09 10.21
C ASP A 74 4.49 10.13 8.85
N ILE A 75 5.31 10.05 7.78
CA ILE A 75 4.76 10.12 6.44
C ILE A 75 3.97 8.85 6.16
N ALA A 76 4.50 7.73 6.67
CA ALA A 76 3.87 6.43 6.47
C ALA A 76 2.45 6.43 7.01
N LYS A 77 2.22 7.10 8.16
CA LYS A 77 0.90 7.15 8.76
C LYS A 77 -0.05 7.87 7.82
N GLU A 78 0.42 8.98 7.19
CA GLU A 78 -0.42 9.74 6.29
C GLU A 78 -0.85 8.91 5.10
N ILE A 79 0.06 8.03 4.61
CA ILE A 79 -0.25 7.21 3.45
C ILE A 79 -1.41 6.27 3.76
N LEU A 80 -1.44 5.68 4.98
CA LEU A 80 -2.51 4.75 5.33
C LEU A 80 -3.84 5.45 5.28
N ASP A 81 -3.93 6.70 5.78
CA ASP A 81 -5.19 7.41 5.78
C ASP A 81 -5.49 7.90 4.38
N THR A 82 -6.55 7.33 3.75
CA THR A 82 -6.92 7.76 2.42
C THR A 82 -8.33 7.30 2.16
N GLN A 83 -9.10 8.12 1.41
CA GLN A 83 -10.47 7.76 1.09
C GLN A 83 -10.53 7.37 -0.36
N ILE A 84 -11.19 6.22 -0.65
CA ILE A 84 -11.33 5.78 -2.02
C ILE A 84 -12.73 5.26 -2.19
N CYS A 85 -13.53 5.96 -3.06
CA CYS A 85 -14.91 5.59 -3.36
C CYS A 85 -15.80 6.62 -2.74
N GLY A 86 -15.25 7.42 -1.81
CA GLY A 86 -16.04 8.44 -1.15
C GLY A 86 -16.08 8.09 0.30
N VAL A 87 -15.50 6.93 0.66
CA VAL A 87 -15.47 6.52 2.04
C VAL A 87 -14.04 6.12 2.33
N PRO A 88 -13.67 6.27 3.57
CA PRO A 88 -12.31 5.97 4.03
C PRO A 88 -11.98 4.50 4.06
N PHE A 89 -10.68 4.19 4.30
CA PHE A 89 -10.22 2.83 4.37
C PHE A 89 -10.95 2.11 5.49
N SER A 90 -11.31 2.84 6.57
CA SER A 90 -11.97 2.24 7.70
C SER A 90 -13.30 1.64 7.31
N GLN A 91 -14.11 2.33 6.46
CA GLN A 91 -15.39 1.79 6.09
C GLN A 91 -15.25 0.81 4.95
N PHE A 92 -14.02 0.53 4.50
CA PHE A 92 -13.84 -0.41 3.42
C PHE A 92 -13.41 -1.72 4.01
N GLY A 93 -13.69 -1.93 5.31
CA GLY A 93 -13.29 -3.16 5.94
C GLY A 93 -14.51 -4.02 6.15
N THR A 94 -15.73 -3.47 5.87
CA THR A 94 -16.93 -4.25 6.04
C THR A 94 -17.84 -3.97 4.90
N CYS A 95 -18.88 -4.82 4.72
CA CYS A 95 -19.80 -4.60 3.65
C CYS A 95 -21.15 -4.28 4.25
N SER A 96 -21.84 -3.28 3.66
CA SER A 96 -23.13 -2.90 4.17
C SER A 96 -24.11 -2.97 3.03
N GLY A 97 -25.39 -3.33 3.34
CA GLY A 97 -26.42 -3.44 2.34
C GLY A 97 -26.79 -2.07 1.84
N SER A 98 -26.51 -1.02 2.64
CA SER A 98 -26.80 0.33 2.21
C SER A 98 -25.92 0.65 1.04
N ALA A 99 -24.67 0.15 1.07
CA ALA A 99 -23.74 0.42 0.02
C ALA A 99 -24.00 -0.52 -1.14
N ARG A 100 -24.67 -1.68 -0.90
CA ARG A 100 -24.92 -2.60 -1.99
C ARG A 100 -26.03 -2.03 -2.86
N ASP A 101 -26.92 -1.20 -2.27
CA ASP A 101 -28.00 -0.62 -3.04
C ASP A 101 -27.45 0.58 -3.80
N LEU A 102 -26.46 1.29 -3.20
CA LEU A 102 -25.89 2.45 -3.83
C LEU A 102 -25.00 2.05 -4.99
N VAL A 103 -24.39 0.85 -4.93
CA VAL A 103 -23.51 0.41 -6.01
C VAL A 103 -24.39 0.01 -7.18
N ASP A 104 -25.40 -0.85 -6.91
CA ASP A 104 -26.31 -1.29 -7.96
C ASP A 104 -27.03 -0.10 -8.59
N ASN A 105 -27.41 0.93 -7.80
CA ASN A 105 -28.10 2.08 -8.38
C ASN A 105 -27.09 2.88 -9.14
N ALA A 106 -25.80 2.78 -8.73
CA ALA A 106 -24.75 3.46 -9.43
C ALA A 106 -24.52 2.68 -10.69
N SER A 107 -23.96 3.30 -11.72
CA SER A 107 -23.79 2.56 -12.93
C SER A 107 -22.33 2.42 -13.24
N TYR A 108 -22.08 1.70 -14.36
CA TYR A 108 -20.74 1.45 -14.85
C TYR A 108 -20.03 2.77 -15.10
N GLN A 109 -20.80 3.87 -15.23
CA GLN A 109 -20.19 5.16 -15.50
C GLN A 109 -19.71 5.78 -14.20
N GLN A 110 -20.27 5.34 -13.05
CA GLN A 110 -19.86 5.96 -11.81
C GLN A 110 -18.73 5.14 -11.30
N GLU A 111 -18.88 3.80 -11.44
CA GLU A 111 -17.86 2.87 -11.04
C GLU A 111 -16.58 3.18 -11.78
N LYS A 112 -16.68 3.63 -13.05
CA LYS A 112 -15.49 3.93 -13.84
C LYS A 112 -14.70 5.06 -13.18
N ILE A 113 -15.36 6.14 -12.71
CA ILE A 113 -14.58 7.20 -12.09
C ILE A 113 -14.08 6.77 -10.72
N ILE A 114 -14.76 5.79 -10.07
CA ILE A 114 -14.34 5.33 -8.76
C ILE A 114 -13.07 4.52 -8.89
N ILE A 115 -12.99 3.63 -9.92
CA ILE A 115 -11.81 2.82 -10.09
C ILE A 115 -10.65 3.70 -10.43
N LYS A 116 -10.92 4.92 -10.96
CA LYS A 116 -9.83 5.80 -11.27
C LYS A 116 -9.29 6.39 -10.00
N HIS A 117 -10.12 6.47 -8.93
CA HIS A 117 -9.63 6.97 -7.67
C HIS A 117 -8.52 6.02 -7.26
N LEU A 118 -8.77 4.73 -7.50
CA LEU A 118 -7.79 3.71 -7.19
C LEU A 118 -6.53 3.94 -7.99
N ASN A 119 -6.65 4.27 -9.30
CA ASN A 119 -5.46 4.48 -10.11
C ASN A 119 -4.69 5.70 -9.65
N GLU A 120 -5.41 6.80 -9.33
CA GLU A 120 -4.74 8.01 -8.89
C GLU A 120 -4.15 7.84 -7.50
N LEU A 121 -4.61 6.84 -6.70
CA LEU A 121 -4.09 6.75 -5.36
C LEU A 121 -2.81 5.97 -5.46
N PHE A 122 -2.78 5.00 -6.40
CA PHE A 122 -1.62 4.17 -6.61
C PHE A 122 -0.47 5.04 -7.04
N GLU A 123 -0.71 6.09 -7.87
CA GLU A 123 0.36 6.93 -8.32
C GLU A 123 0.94 7.69 -7.15
N LYS A 124 0.09 8.17 -6.21
CA LYS A 124 0.63 8.89 -5.06
C LYS A 124 1.51 7.97 -4.22
N VAL A 125 1.23 6.64 -4.25
CA VAL A 125 2.04 5.69 -3.51
C VAL A 125 3.44 5.70 -4.09
N ALA A 126 3.53 5.79 -5.45
CA ALA A 126 4.81 5.82 -6.13
C ALA A 126 5.58 7.04 -5.72
N LEU A 127 4.88 8.18 -5.46
CA LEU A 127 5.56 9.41 -5.07
C LEU A 127 6.31 9.20 -3.78
N HIS A 128 5.73 8.44 -2.81
CA HIS A 128 6.42 8.20 -1.56
C HIS A 128 7.66 7.37 -1.82
N LEU A 129 7.55 6.42 -2.77
CA LEU A 129 8.64 5.54 -3.09
C LEU A 129 9.84 6.32 -3.60
N VAL A 130 9.63 7.38 -4.41
CA VAL A 130 10.77 8.11 -4.94
C VAL A 130 11.21 9.20 -3.99
N GLY A 131 10.84 9.10 -2.69
CA GLY A 131 11.20 10.13 -1.76
C GLY A 131 12.55 9.85 -1.17
N ALA A 132 13.23 8.78 -1.64
CA ALA A 132 14.53 8.50 -1.11
C ALA A 132 15.52 9.10 -2.04
N GLU A 133 15.76 8.43 -3.18
CA GLU A 133 16.69 8.97 -4.13
C GLU A 133 15.93 9.18 -5.40
N VAL A 134 15.56 10.44 -5.67
CA VAL A 134 14.82 10.74 -6.85
C VAL A 134 15.76 11.42 -7.86
N GLY A 1 27.73 10.14 -10.33
CA GLY A 1 27.48 9.84 -8.90
C GLY A 1 28.77 9.57 -8.20
N PRO A 2 29.17 10.53 -7.41
CA PRO A 2 30.39 10.46 -6.64
C PRO A 2 30.31 9.50 -5.49
N GLU A 3 31.46 8.95 -5.08
CA GLU A 3 31.48 8.01 -3.99
C GLU A 3 32.50 8.49 -2.99
N ARG A 4 32.27 8.18 -1.70
CA ARG A 4 33.19 8.58 -0.67
C ARG A 4 33.90 7.35 -0.19
N ILE A 5 35.22 7.49 0.10
CA ILE A 5 35.97 6.36 0.58
C ILE A 5 36.35 6.63 2.00
N SER A 6 35.94 5.76 2.93
CA SER A 6 36.27 5.95 4.32
C SER A 6 36.36 4.60 4.94
N LYS A 7 37.37 4.40 5.83
CA LYS A 7 37.53 3.13 6.48
C LYS A 7 36.62 3.11 7.69
N ALA A 8 36.03 1.93 7.99
CA ALA A 8 35.14 1.84 9.10
C ALA A 8 35.29 0.46 9.69
N TYR A 9 35.02 0.34 11.01
CA TYR A 9 35.13 -0.94 11.66
C TYR A 9 33.85 -1.69 11.43
N GLU A 10 33.94 -3.03 11.32
CA GLU A 10 32.75 -3.81 11.10
C GLU A 10 32.45 -4.54 12.37
N SER A 11 31.15 -4.51 12.77
CA SER A 11 30.76 -5.16 13.99
C SER A 11 29.63 -6.09 13.64
N LYS A 12 29.50 -7.19 14.40
CA LYS A 12 28.45 -8.14 14.15
C LYS A 12 27.26 -7.72 14.98
N ASP A 13 26.11 -7.51 14.33
CA ASP A 13 24.93 -7.10 15.05
C ASP A 13 23.73 -7.51 14.24
N VAL A 14 22.53 -7.43 14.87
CA VAL A 14 21.31 -7.79 14.20
C VAL A 14 20.94 -6.74 13.18
N ARG A 15 21.56 -5.54 13.22
CA ARG A 15 21.21 -4.50 12.27
C ARG A 15 21.63 -4.90 10.87
N LEU A 16 22.58 -5.85 10.72
CA LEU A 16 23.01 -6.27 9.40
C LEU A 16 21.94 -7.14 8.77
N VAL A 17 21.39 -8.10 9.56
CA VAL A 17 20.38 -9.00 9.06
C VAL A 17 19.14 -8.22 8.70
N ALA A 18 18.76 -7.25 9.56
CA ALA A 18 17.58 -6.45 9.30
C ALA A 18 17.75 -5.66 8.03
N ARG A 19 18.97 -5.15 7.77
CA ARG A 19 19.24 -4.36 6.58
C ARG A 19 18.99 -5.20 5.35
N ASP A 20 19.24 -6.53 5.43
CA ASP A 20 19.07 -7.38 4.28
C ASP A 20 17.60 -7.61 3.98
N SER A 21 16.75 -7.83 5.03
CA SER A 21 15.34 -8.07 4.80
C SER A 21 14.62 -6.77 4.52
N ALA A 22 15.23 -5.63 4.89
CA ALA A 22 14.61 -4.35 4.66
C ALA A 22 14.64 -4.10 3.17
N PHE A 23 15.74 -4.54 2.53
CA PHE A 23 15.92 -4.35 1.11
C PHE A 23 14.87 -5.12 0.34
N LEU A 24 14.43 -6.30 0.84
CA LEU A 24 13.47 -7.08 0.06
C LEU A 24 12.11 -6.42 0.14
N GLY A 25 11.77 -5.82 1.31
CA GLY A 25 10.49 -5.19 1.49
C GLY A 25 10.32 -4.05 0.51
N LEU A 26 11.41 -3.28 0.25
CA LEU A 26 11.33 -2.19 -0.71
C LEU A 26 11.13 -2.75 -2.09
N GLN A 27 11.54 -4.01 -2.31
CA GLN A 27 11.41 -4.60 -3.63
C GLN A 27 9.94 -4.92 -3.91
N ARG A 28 9.18 -5.43 -2.89
CA ARG A 28 7.78 -5.79 -3.12
C ARG A 28 6.95 -4.54 -3.33
N ALA A 29 7.22 -3.48 -2.53
CA ALA A 29 6.47 -2.24 -2.68
C ALA A 29 6.59 -1.73 -4.09
N ILE A 30 7.77 -1.88 -4.73
CA ILE A 30 7.94 -1.42 -6.10
C ILE A 30 7.03 -2.19 -7.04
N ARG A 31 6.88 -3.53 -6.83
CA ARG A 31 6.06 -4.33 -7.75
C ARG A 31 4.59 -3.95 -7.66
N SER A 32 4.08 -3.61 -6.46
CA SER A 32 2.67 -3.26 -6.29
C SER A 32 1.75 -4.36 -6.84
N GLU A 33 0.44 -4.03 -6.94
CA GLU A 33 -0.55 -4.96 -7.47
C GLU A 33 -1.89 -4.27 -7.33
N ARG A 34 -2.76 -4.35 -8.38
CA ARG A 34 -4.03 -3.68 -8.30
C ARG A 34 -5.06 -4.42 -9.13
N PHE A 35 -6.37 -4.29 -8.76
CA PHE A 35 -7.41 -4.92 -9.53
C PHE A 35 -8.36 -3.81 -9.92
N GLU A 36 -9.08 -3.98 -11.05
CA GLU A 36 -10.00 -2.96 -11.48
C GLU A 36 -11.41 -3.37 -11.16
N LEU A 37 -12.39 -2.54 -11.63
CA LEU A 37 -13.80 -2.80 -11.41
C LEU A 37 -14.21 -4.10 -12.06
N ASP A 38 -13.34 -4.67 -12.93
CA ASP A 38 -13.68 -5.91 -13.59
C ASP A 38 -13.76 -7.00 -12.54
N ASN A 39 -13.00 -6.85 -11.43
CA ASN A 39 -13.00 -7.85 -10.40
C ASN A 39 -13.84 -7.36 -9.25
N PHE A 40 -14.16 -6.05 -9.23
CA PHE A 40 -14.97 -5.51 -8.16
C PHE A 40 -16.43 -5.94 -8.29
N LYS A 41 -16.91 -6.24 -9.53
CA LYS A 41 -18.30 -6.64 -9.71
C LYS A 41 -18.60 -7.93 -8.95
N SER A 42 -17.72 -8.95 -9.06
CA SER A 42 -18.01 -10.21 -8.40
C SER A 42 -17.36 -10.27 -7.05
N ASN A 43 -16.34 -9.43 -6.80
CA ASN A 43 -15.68 -9.47 -5.51
C ASN A 43 -16.11 -8.28 -4.70
N PHE A 44 -17.31 -7.73 -5.00
CA PHE A 44 -17.80 -6.59 -4.27
C PHE A 44 -18.03 -6.96 -2.82
N PRO A 45 -18.87 -7.94 -2.57
CA PRO A 45 -19.18 -8.36 -1.22
C PRO A 45 -18.36 -9.50 -0.70
N TYR A 46 -17.62 -10.23 -1.57
CA TYR A 46 -16.86 -11.36 -1.10
C TYR A 46 -15.49 -10.91 -0.68
N LEU A 47 -14.88 -9.94 -1.39
CA LEU A 47 -13.56 -9.50 -0.99
C LEU A 47 -13.75 -8.30 -0.12
N THR A 48 -13.81 -8.54 1.21
CA THR A 48 -14.00 -7.45 2.14
C THR A 48 -12.71 -7.18 2.84
N VAL A 49 -11.60 -7.82 2.40
CA VAL A 49 -10.34 -7.59 3.04
C VAL A 49 -9.36 -7.10 2.01
N ALA A 50 -8.30 -6.42 2.46
CA ALA A 50 -7.33 -5.92 1.52
C ALA A 50 -5.97 -5.99 2.16
N ASN A 51 -5.33 -7.18 2.08
CA ASN A 51 -4.01 -7.33 2.63
C ASN A 51 -3.18 -8.02 1.59
N GLY A 52 -3.63 -7.94 0.32
CA GLY A 52 -2.91 -8.56 -0.75
C GLY A 52 -1.89 -7.59 -1.29
N SER A 53 -1.89 -6.33 -0.79
CA SER A 53 -0.93 -5.38 -1.27
C SER A 53 -0.98 -4.16 -0.40
N LEU A 54 -2.16 -3.86 0.18
CA LEU A 54 -2.29 -2.69 1.02
C LEU A 54 -1.54 -2.92 2.32
N ARG A 55 -1.72 -4.10 2.93
CA ARG A 55 -1.10 -4.37 4.20
C ARG A 55 0.36 -4.74 4.00
N THR A 56 0.71 -5.35 2.85
CA THR A 56 2.09 -5.73 2.59
C THR A 56 2.96 -4.50 2.52
N ILE A 57 2.53 -3.44 1.79
CA ILE A 57 3.33 -2.24 1.69
C ILE A 57 3.41 -1.57 3.05
N VAL A 58 2.40 -1.78 3.94
CA VAL A 58 2.47 -1.16 5.27
C VAL A 58 3.66 -1.72 6.03
N THR A 59 3.92 -3.05 5.93
CA THR A 59 5.04 -3.65 6.64
C THR A 59 6.35 -3.09 6.14
N GLY A 60 6.48 -2.90 4.81
CA GLY A 60 7.69 -2.37 4.25
C GLY A 60 7.97 -1.01 4.82
N LEU A 61 6.90 -0.21 5.06
CA LEU A 61 7.06 1.12 5.61
C LEU A 61 7.66 1.04 6.99
N LYS A 62 7.28 0.02 7.81
CA LYS A 62 7.83 -0.11 9.14
C LYS A 62 9.34 -0.25 9.06
N GLY A 63 9.84 -1.03 8.07
CA GLY A 63 11.28 -1.20 7.92
C GLY A 63 11.93 0.13 7.62
N ILE A 64 11.23 1.01 6.87
CA ILE A 64 11.78 2.31 6.52
C ILE A 64 11.98 3.13 7.78
N VAL A 65 10.99 3.10 8.71
CA VAL A 65 11.06 3.85 9.95
C VAL A 65 12.23 3.39 10.80
N GLU A 66 12.40 2.07 10.93
CA GLU A 66 13.43 1.51 11.79
C GLU A 66 14.82 1.86 11.33
N PHE A 67 15.10 1.92 10.02
CA PHE A 67 16.46 2.18 9.61
C PHE A 67 16.67 3.64 9.34
N ASP A 68 15.73 4.28 8.61
CA ASP A 68 15.87 5.69 8.30
C ASP A 68 15.84 6.50 9.56
N ASP A 69 14.65 6.53 10.22
CA ASP A 69 14.47 7.30 11.41
C ASP A 69 13.00 7.55 11.54
N GLY A 70 12.60 8.68 12.17
CA GLY A 70 11.21 8.92 12.37
C GLY A 70 10.70 10.09 11.58
N GLN A 71 11.44 10.54 10.57
CA GLN A 71 10.92 11.60 9.77
C GLN A 71 10.03 10.86 8.83
N MET A 72 10.65 9.89 8.15
CA MET A 72 9.98 8.97 7.28
C MET A 72 8.90 8.23 8.04
N LYS A 73 9.15 7.98 9.34
CA LYS A 73 8.20 7.29 10.18
C LYS A 73 6.88 8.04 10.22
N ASP A 74 6.93 9.39 10.30
CA ASP A 74 5.72 10.19 10.34
C ASP A 74 5.05 10.17 8.99
N ILE A 75 5.84 9.85 7.95
CA ILE A 75 5.30 9.82 6.61
C ILE A 75 4.54 8.52 6.44
N ALA A 76 5.01 7.44 7.12
CA ALA A 76 4.35 6.15 7.01
C ALA A 76 2.93 6.26 7.52
N LYS A 77 2.71 7.02 8.62
CA LYS A 77 1.37 7.17 9.18
C LYS A 77 0.48 7.87 8.17
N GLU A 78 1.02 8.92 7.49
CA GLU A 78 0.22 9.66 6.53
C GLU A 78 -0.15 8.80 5.34
N ILE A 79 0.66 7.77 5.01
CA ILE A 79 0.36 6.94 3.86
C ILE A 79 -0.84 6.04 4.17
N LEU A 80 -0.92 5.53 5.43
CA LEU A 80 -2.03 4.64 5.80
C LEU A 80 -3.33 5.37 5.61
N ASP A 81 -3.42 6.64 6.06
CA ASP A 81 -4.64 7.37 5.94
C ASP A 81 -4.92 7.68 4.49
N THR A 82 -6.01 7.09 3.94
CA THR A 82 -6.38 7.34 2.57
C THR A 82 -7.83 6.94 2.39
N GLN A 83 -8.58 7.74 1.59
CA GLN A 83 -9.98 7.43 1.34
C GLN A 83 -10.12 6.91 -0.06
N ILE A 84 -10.93 5.83 -0.24
CA ILE A 84 -11.15 5.28 -1.57
C ILE A 84 -12.60 4.89 -1.71
N CYS A 85 -13.38 5.73 -2.47
CA CYS A 85 -14.79 5.48 -2.76
C CYS A 85 -15.58 6.65 -2.24
N GLY A 86 -14.96 7.48 -1.40
CA GLY A 86 -15.65 8.62 -0.85
C GLY A 86 -15.68 8.40 0.64
N VAL A 87 -15.15 7.25 1.07
CA VAL A 87 -15.09 6.93 2.47
C VAL A 87 -13.68 6.47 2.72
N PRO A 88 -13.22 6.69 3.93
CA PRO A 88 -11.86 6.34 4.32
C PRO A 88 -11.62 4.87 4.47
N PHE A 89 -10.37 4.52 4.87
CA PHE A 89 -9.99 3.13 5.09
C PHE A 89 -10.90 2.51 6.11
N SER A 90 -11.35 3.31 7.10
CA SER A 90 -12.23 2.80 8.15
C SER A 90 -13.53 2.27 7.58
N GLN A 91 -14.13 2.95 6.57
CA GLN A 91 -15.39 2.46 6.03
C GLN A 91 -15.12 1.65 4.78
N PHE A 92 -13.84 1.38 4.48
CA PHE A 92 -13.53 0.59 3.31
C PHE A 92 -13.17 -0.78 3.80
N GLY A 93 -13.97 -1.77 3.40
CA GLY A 93 -13.72 -3.12 3.81
C GLY A 93 -15.04 -3.81 3.80
N THR A 94 -16.00 -3.29 4.60
CA THR A 94 -17.30 -3.89 4.64
C THR A 94 -18.24 -2.92 4.01
N CYS A 95 -19.10 -3.40 3.08
CA CYS A 95 -20.01 -2.50 2.43
C CYS A 95 -21.36 -2.63 3.10
N SER A 96 -21.89 -1.47 3.55
CA SER A 96 -23.18 -1.45 4.21
C SER A 96 -24.28 -1.59 3.17
N GLY A 97 -25.56 -1.59 3.64
CA GLY A 97 -26.70 -1.75 2.75
C GLY A 97 -26.90 -0.53 1.90
N SER A 98 -26.38 0.64 2.31
CA SER A 98 -26.53 1.84 1.51
C SER A 98 -25.58 1.73 0.35
N ALA A 99 -24.55 0.87 0.54
CA ALA A 99 -23.57 0.66 -0.49
C ALA A 99 -24.09 -0.36 -1.46
N ARG A 100 -24.94 -1.31 -0.98
CA ARG A 100 -25.45 -2.33 -1.86
C ARG A 100 -26.62 -1.79 -2.65
N ASP A 101 -27.30 -0.73 -2.13
CA ASP A 101 -28.44 -0.18 -2.83
C ASP A 101 -27.98 0.66 -3.98
N LEU A 102 -27.03 1.59 -3.72
CA LEU A 102 -26.56 2.48 -4.77
C LEU A 102 -25.82 1.69 -5.82
N VAL A 103 -24.93 0.75 -5.41
CA VAL A 103 -24.17 -0.06 -6.36
C VAL A 103 -25.08 -0.93 -7.20
N ASP A 104 -26.17 -1.49 -6.61
CA ASP A 104 -27.06 -2.36 -7.36
C ASP A 104 -27.68 -1.59 -8.52
N ASN A 105 -28.07 -0.32 -8.31
CA ASN A 105 -28.68 0.45 -9.36
C ASN A 105 -27.58 1.13 -10.15
N ALA A 106 -26.37 1.12 -9.58
CA ALA A 106 -25.23 1.73 -10.22
C ALA A 106 -24.71 0.76 -11.23
N SER A 107 -24.02 1.29 -12.26
CA SER A 107 -23.47 0.43 -13.26
C SER A 107 -21.99 0.67 -13.26
N TYR A 108 -21.32 0.27 -14.36
CA TYR A 108 -19.89 0.45 -14.44
C TYR A 108 -19.64 1.94 -14.54
N GLN A 109 -20.52 2.61 -15.28
CA GLN A 109 -20.44 4.06 -15.45
C GLN A 109 -20.13 4.76 -14.12
N GLN A 110 -20.92 4.52 -13.03
CA GLN A 110 -20.65 5.20 -11.80
C GLN A 110 -19.52 4.51 -11.07
N GLU A 111 -19.24 3.22 -11.38
CA GLU A 111 -18.15 2.55 -10.73
C GLU A 111 -16.86 3.11 -11.26
N LYS A 112 -16.91 3.75 -12.47
CA LYS A 112 -15.73 4.35 -13.05
C LYS A 112 -15.32 5.47 -12.13
N ILE A 113 -16.31 6.20 -11.58
CA ILE A 113 -15.97 7.27 -10.64
C ILE A 113 -15.31 6.64 -9.42
N ILE A 114 -15.79 5.45 -8.98
CA ILE A 114 -15.20 4.78 -7.84
C ILE A 114 -13.76 4.40 -8.15
N ILE A 115 -13.49 3.93 -9.40
CA ILE A 115 -12.15 3.51 -9.76
C ILE A 115 -11.26 4.73 -9.92
N LYS A 116 -11.87 5.93 -10.07
CA LYS A 116 -11.06 7.12 -10.23
C LYS A 116 -10.52 7.46 -8.86
N HIS A 117 -11.22 7.02 -7.77
CA HIS A 117 -10.74 7.27 -6.42
C HIS A 117 -9.51 6.42 -6.22
N LEU A 118 -9.53 5.17 -6.75
CA LEU A 118 -8.38 4.28 -6.63
C LEU A 118 -7.25 4.84 -7.46
N ASN A 119 -7.61 5.58 -8.53
CA ASN A 119 -6.62 6.16 -9.41
C ASN A 119 -5.80 7.16 -8.64
N GLU A 120 -6.45 8.00 -7.79
CA GLU A 120 -5.71 8.98 -7.04
C GLU A 120 -4.88 8.31 -5.97
N LEU A 121 -5.35 7.16 -5.41
CA LEU A 121 -4.58 6.45 -4.41
C LEU A 121 -3.25 6.02 -4.99
N PHE A 122 -3.25 5.51 -6.24
CA PHE A 122 -2.02 5.09 -6.90
C PHE A 122 -1.10 6.28 -7.05
N GLU A 123 -1.68 7.49 -7.20
CA GLU A 123 -0.87 8.68 -7.37
C GLU A 123 -0.07 8.93 -6.10
N LYS A 124 -0.71 8.75 -4.92
CA LYS A 124 -0.03 8.97 -3.65
C LYS A 124 1.08 7.95 -3.45
N VAL A 125 0.90 6.71 -3.94
CA VAL A 125 1.92 5.69 -3.80
C VAL A 125 3.18 6.12 -4.51
N ALA A 126 3.03 6.72 -5.72
CA ALA A 126 4.17 7.17 -6.49
C ALA A 126 4.91 8.24 -5.72
N LEU A 127 4.18 9.11 -4.98
CA LEU A 127 4.81 10.17 -4.22
C LEU A 127 5.74 9.58 -3.20
N HIS A 128 5.37 8.44 -2.58
CA HIS A 128 6.23 7.81 -1.60
C HIS A 128 7.51 7.34 -2.27
N LEU A 129 7.39 6.78 -3.51
CA LEU A 129 8.53 6.25 -4.24
C LEU A 129 9.46 7.37 -4.67
N VAL A 130 8.97 8.63 -4.76
CA VAL A 130 9.84 9.71 -5.20
C VAL A 130 10.64 10.24 -4.03
N GLY A 131 10.76 9.45 -2.94
CA GLY A 131 11.51 9.89 -1.80
C GLY A 131 12.93 9.37 -1.93
N ALA A 132 13.29 8.84 -3.12
CA ALA A 132 14.61 8.34 -3.32
C ALA A 132 15.28 9.22 -4.33
N GLU A 133 14.51 9.71 -5.32
CA GLU A 133 15.07 10.56 -6.33
C GLU A 133 14.23 11.81 -6.38
N VAL A 134 14.28 12.61 -5.30
CA VAL A 134 13.52 13.83 -5.26
C VAL A 134 14.16 14.85 -6.22
N GLY A 1 44.89 -0.83 28.79
CA GLY A 1 45.38 -1.20 27.43
C GLY A 1 46.80 -0.77 27.27
N PRO A 2 47.66 -1.75 27.33
CA PRO A 2 49.10 -1.55 27.19
C PRO A 2 49.51 -1.17 25.80
N GLU A 3 48.69 -1.52 24.79
CA GLU A 3 49.03 -1.20 23.43
C GLU A 3 47.74 -0.97 22.68
N ARG A 4 47.84 -0.27 21.53
CA ARG A 4 46.66 0.00 20.75
C ARG A 4 46.79 -0.78 19.46
N ILE A 5 45.68 -1.42 19.03
CA ILE A 5 45.72 -2.19 17.82
C ILE A 5 44.58 -1.74 16.95
N SER A 6 44.75 -1.84 15.61
CA SER A 6 43.71 -1.43 14.72
C SER A 6 43.88 -2.16 13.43
N LYS A 7 42.91 -3.02 13.07
CA LYS A 7 42.98 -3.76 11.84
C LYS A 7 41.58 -3.96 11.37
N ALA A 8 41.28 -3.55 10.12
CA ALA A 8 39.95 -3.71 9.60
C ALA A 8 40.03 -3.78 8.11
N TYR A 9 39.13 -4.58 7.50
CA TYR A 9 39.10 -4.70 6.08
C TYR A 9 37.67 -4.54 5.66
N GLU A 10 36.83 -5.54 5.98
CA GLU A 10 35.43 -5.46 5.64
C GLU A 10 34.67 -5.25 6.91
N SER A 11 35.12 -5.92 8.01
CA SER A 11 34.48 -5.79 9.30
C SER A 11 33.18 -6.56 9.29
N LYS A 12 32.56 -6.70 10.48
CA LYS A 12 31.31 -7.39 10.56
C LYS A 12 30.36 -6.48 11.29
N ASP A 13 29.44 -5.84 10.52
CA ASP A 13 28.51 -4.92 11.13
C ASP A 13 27.13 -5.49 11.03
N VAL A 14 26.43 -5.53 12.19
CA VAL A 14 25.06 -6.01 12.25
C VAL A 14 24.16 -5.10 11.45
N ARG A 15 24.45 -3.77 11.47
CA ARG A 15 23.60 -2.81 10.76
C ARG A 15 23.57 -3.07 9.27
N LEU A 16 24.64 -3.64 8.67
CA LEU A 16 24.63 -3.89 7.23
C LEU A 16 23.64 -5.01 6.94
N VAL A 17 23.63 -6.03 7.84
CA VAL A 17 22.72 -7.17 7.68
C VAL A 17 21.29 -6.69 7.79
N ALA A 18 21.03 -5.78 8.75
CA ALA A 18 19.68 -5.27 8.96
C ALA A 18 19.23 -4.48 7.74
N ARG A 19 20.15 -3.70 7.14
CA ARG A 19 19.83 -2.89 5.99
C ARG A 19 19.40 -3.79 4.84
N ASP A 20 20.03 -4.98 4.71
CA ASP A 20 19.71 -5.90 3.63
C ASP A 20 18.28 -6.37 3.74
N SER A 21 17.79 -6.63 4.98
CA SER A 21 16.43 -7.11 5.16
C SER A 21 15.43 -6.05 4.75
N ALA A 22 15.72 -4.77 5.09
CA ALA A 22 14.83 -3.67 4.76
C ALA A 22 14.64 -3.59 3.27
N PHE A 23 15.68 -3.93 2.48
CA PHE A 23 15.59 -3.84 1.04
C PHE A 23 14.49 -4.78 0.53
N LEU A 24 14.37 -5.99 1.14
CA LEU A 24 13.38 -6.95 0.71
C LEU A 24 11.98 -6.43 0.98
N GLY A 25 11.77 -5.75 2.13
CA GLY A 25 10.44 -5.25 2.46
C GLY A 25 9.95 -4.30 1.40
N LEU A 26 10.85 -3.45 0.86
CA LEU A 26 10.48 -2.50 -0.17
C LEU A 26 10.02 -3.24 -1.40
N GLN A 27 10.67 -4.39 -1.72
CA GLN A 27 10.33 -5.16 -2.89
C GLN A 27 8.90 -5.68 -2.83
N ARG A 28 8.41 -6.09 -1.62
CA ARG A 28 7.05 -6.63 -1.52
C ARG A 28 6.05 -5.52 -1.82
N ALA A 29 6.34 -4.30 -1.31
CA ALA A 29 5.46 -3.17 -1.55
C ALA A 29 5.28 -2.95 -3.04
N ILE A 30 6.35 -3.18 -3.84
CA ILE A 30 6.28 -3.00 -5.27
C ILE A 30 5.30 -4.01 -5.87
N ARG A 31 5.30 -5.26 -5.37
CA ARG A 31 4.43 -6.30 -5.93
C ARG A 31 2.96 -6.04 -5.67
N SER A 32 2.59 -5.06 -4.80
CA SER A 32 1.17 -4.76 -4.56
C SER A 32 0.40 -4.67 -5.87
N GLU A 33 -0.89 -5.17 -5.88
CA GLU A 33 -1.68 -5.17 -7.09
C GLU A 33 -3.05 -4.57 -6.84
N ARG A 34 -3.78 -4.28 -7.97
CA ARG A 34 -5.11 -3.69 -7.89
C ARG A 34 -6.07 -4.35 -8.86
N PHE A 35 -7.38 -3.94 -8.76
CA PHE A 35 -8.42 -4.50 -9.61
C PHE A 35 -9.17 -3.35 -10.26
N GLU A 36 -9.94 -3.64 -11.35
CA GLU A 36 -10.67 -2.58 -12.04
C GLU A 36 -12.12 -2.57 -11.56
N LEU A 37 -12.98 -1.78 -12.27
CA LEU A 37 -14.40 -1.64 -11.91
C LEU A 37 -15.13 -2.91 -12.26
N ASP A 38 -14.64 -3.65 -13.27
CA ASP A 38 -15.30 -4.86 -13.69
C ASP A 38 -15.24 -5.84 -12.55
N ASN A 39 -14.13 -5.82 -11.78
CA ASN A 39 -13.99 -6.73 -10.68
C ASN A 39 -14.47 -6.06 -9.42
N PHE A 40 -14.79 -4.76 -9.48
CA PHE A 40 -15.24 -4.07 -8.29
C PHE A 40 -16.64 -4.47 -7.91
N LYS A 41 -17.59 -4.60 -8.86
CA LYS A 41 -18.95 -4.97 -8.48
C LYS A 41 -19.01 -6.45 -8.21
N SER A 42 -18.73 -7.23 -9.26
CA SER A 42 -18.80 -8.69 -9.20
C SER A 42 -17.93 -9.25 -8.09
N ASN A 43 -16.71 -8.74 -7.86
CA ASN A 43 -15.87 -9.31 -6.84
C ASN A 43 -15.82 -8.43 -5.62
N PHE A 44 -16.86 -7.59 -5.39
CA PHE A 44 -16.85 -6.71 -4.25
C PHE A 44 -16.95 -7.50 -2.95
N PRO A 45 -17.96 -8.33 -2.81
CA PRO A 45 -18.16 -9.10 -1.58
C PRO A 45 -17.20 -10.24 -1.37
N TYR A 46 -16.52 -10.74 -2.42
CA TYR A 46 -15.61 -11.84 -2.23
C TYR A 46 -14.36 -11.38 -1.53
N LEU A 47 -13.81 -10.22 -1.93
CA LEU A 47 -12.61 -9.74 -1.28
C LEU A 47 -13.00 -8.77 -0.21
N THR A 48 -13.19 -9.27 1.02
CA THR A 48 -13.56 -8.39 2.11
C THR A 48 -12.36 -8.18 2.99
N VAL A 49 -11.23 -8.85 2.68
CA VAL A 49 -10.05 -8.67 3.50
C VAL A 49 -8.96 -8.25 2.58
N ALA A 50 -7.94 -7.56 3.13
CA ALA A 50 -6.87 -7.11 2.30
C ALA A 50 -5.63 -7.01 3.16
N ASN A 51 -5.02 -8.17 3.47
CA ASN A 51 -3.80 -8.14 4.24
C ASN A 51 -2.74 -8.71 3.35
N GLY A 52 -3.04 -8.77 2.03
CA GLY A 52 -2.09 -9.30 1.09
C GLY A 52 -1.30 -8.16 0.50
N SER A 53 -1.64 -6.91 0.85
CA SER A 53 -0.91 -5.80 0.29
C SER A 53 -1.03 -4.60 1.19
N LEU A 54 -2.08 -4.55 2.03
CA LEU A 54 -2.26 -3.41 2.91
C LEU A 54 -1.45 -3.63 4.16
N ARG A 55 -1.74 -4.73 4.88
CA ARG A 55 -1.04 -5.01 6.11
C ARG A 55 0.42 -5.34 5.81
N THR A 56 0.68 -6.07 4.70
CA THR A 56 2.05 -6.39 4.32
C THR A 56 2.83 -5.11 4.09
N ILE A 57 2.26 -4.11 3.37
CA ILE A 57 2.98 -2.88 3.13
C ILE A 57 3.14 -2.11 4.42
N VAL A 58 2.36 -2.46 5.48
CA VAL A 58 2.47 -1.76 6.75
C VAL A 58 3.79 -2.14 7.40
N THR A 59 4.15 -3.44 7.35
CA THR A 59 5.39 -3.91 7.97
C THR A 59 6.60 -3.34 7.26
N GLY A 60 6.54 -3.26 5.91
CA GLY A 60 7.64 -2.70 5.14
C GLY A 60 7.90 -1.28 5.60
N LEU A 61 6.82 -0.52 5.87
CA LEU A 61 6.97 0.85 6.31
C LEU A 61 7.54 0.89 7.71
N LYS A 62 7.28 -0.17 8.54
CA LYS A 62 7.80 -0.19 9.89
C LYS A 62 9.31 -0.21 9.83
N GLY A 63 9.86 -0.95 8.85
CA GLY A 63 11.30 -1.04 8.70
C GLY A 63 11.85 0.32 8.41
N ILE A 64 11.19 1.11 7.50
CA ILE A 64 11.67 2.44 7.18
C ILE A 64 11.70 3.34 8.39
N VAL A 65 10.65 3.31 9.24
CA VAL A 65 10.60 4.21 10.39
C VAL A 65 11.72 3.89 11.39
N GLU A 66 12.11 2.61 11.53
CA GLU A 66 13.14 2.25 12.49
C GLU A 66 14.52 2.70 12.04
N PHE A 67 14.85 2.49 10.75
CA PHE A 67 16.17 2.84 10.28
C PHE A 67 16.31 4.33 10.04
N ASP A 68 15.37 4.94 9.26
CA ASP A 68 15.47 6.36 8.99
C ASP A 68 15.43 7.17 10.24
N ASP A 69 14.54 6.83 11.21
CA ASP A 69 14.46 7.59 12.45
C ASP A 69 14.29 9.05 12.12
N GLY A 70 13.17 9.43 11.46
CA GLY A 70 12.97 10.80 11.08
C GLY A 70 11.48 11.00 11.01
N GLN A 71 11.02 11.91 10.12
CA GLN A 71 9.61 12.17 9.98
C GLN A 71 9.08 11.29 8.85
N MET A 72 9.91 10.32 8.39
CA MET A 72 9.49 9.49 7.30
C MET A 72 8.42 8.57 7.81
N LYS A 73 8.44 8.30 9.14
CA LYS A 73 7.46 7.45 9.77
C LYS A 73 6.09 8.10 9.68
N ASP A 74 6.03 9.44 9.85
CA ASP A 74 4.77 10.16 9.80
C ASP A 74 4.21 10.14 8.40
N ILE A 75 5.10 9.99 7.38
CA ILE A 75 4.62 9.98 6.01
C ILE A 75 3.86 8.68 5.81
N ALA A 76 4.41 7.59 6.39
CA ALA A 76 3.80 6.27 6.27
C ALA A 76 2.39 6.27 6.81
N LYS A 77 2.14 6.99 7.93
CA LYS A 77 0.80 7.04 8.51
C LYS A 77 -0.16 7.67 7.51
N GLU A 78 0.29 8.74 6.81
CA GLU A 78 -0.55 9.42 5.85
C GLU A 78 -0.95 8.48 4.72
N ILE A 79 -0.02 7.59 4.28
CA ILE A 79 -0.32 6.68 3.18
C ILE A 79 -1.46 5.77 3.55
N LEU A 80 -1.50 5.27 4.81
CA LEU A 80 -2.57 4.37 5.23
C LEU A 80 -3.91 5.06 5.09
N ASP A 81 -3.98 6.34 5.47
CA ASP A 81 -5.24 7.05 5.38
C ASP A 81 -5.50 7.49 3.95
N THR A 82 -6.50 6.84 3.30
CA THR A 82 -6.83 7.21 1.94
C THR A 82 -8.25 6.75 1.68
N GLN A 83 -9.01 7.55 0.88
CA GLN A 83 -10.38 7.21 0.57
C GLN A 83 -10.46 6.78 -0.88
N ILE A 84 -11.15 5.64 -1.15
CA ILE A 84 -11.32 5.20 -2.50
C ILE A 84 -12.74 4.69 -2.61
N CYS A 85 -13.47 5.17 -3.67
CA CYS A 85 -14.85 4.78 -3.91
C CYS A 85 -15.75 5.82 -3.31
N GLY A 86 -15.20 6.65 -2.41
CA GLY A 86 -15.98 7.69 -1.79
C GLY A 86 -16.01 7.41 -0.32
N VAL A 87 -15.43 6.28 0.09
CA VAL A 87 -15.39 5.93 1.49
C VAL A 87 -13.97 5.56 1.79
N PRO A 88 -13.58 5.80 3.02
CA PRO A 88 -12.24 5.52 3.50
C PRO A 88 -11.94 4.06 3.67
N PHE A 89 -10.65 3.73 3.95
CA PHE A 89 -10.26 2.35 4.17
C PHE A 89 -10.96 1.81 5.40
N SER A 90 -11.46 2.72 6.27
CA SER A 90 -12.15 2.29 7.48
C SER A 90 -13.43 1.56 7.14
N GLN A 91 -14.18 2.05 6.12
CA GLN A 91 -15.44 1.42 5.77
C GLN A 91 -15.19 0.33 4.77
N PHE A 92 -13.91 -0.02 4.53
CA PHE A 92 -13.62 -1.07 3.60
C PHE A 92 -13.20 -2.25 4.41
N GLY A 93 -14.00 -3.33 4.37
CA GLY A 93 -13.69 -4.50 5.12
C GLY A 93 -14.93 -5.36 5.13
N THR A 94 -16.12 -4.71 5.11
CA THR A 94 -17.34 -5.47 5.10
C THR A 94 -18.26 -4.88 4.06
N CYS A 95 -19.27 -5.68 3.63
CA CYS A 95 -20.22 -5.20 2.63
C CYS A 95 -21.54 -4.97 3.32
N SER A 96 -21.96 -3.68 3.40
CA SER A 96 -23.21 -3.37 4.05
C SER A 96 -24.27 -3.17 2.99
N GLY A 97 -25.55 -2.96 3.45
CA GLY A 97 -26.65 -2.77 2.53
C GLY A 97 -26.61 -1.37 1.97
N SER A 98 -25.77 -0.51 2.57
CA SER A 98 -25.63 0.85 2.06
C SER A 98 -24.70 0.77 0.88
N ALA A 99 -23.94 -0.34 0.80
CA ALA A 99 -23.01 -0.51 -0.28
C ALA A 99 -23.74 -1.17 -1.42
N ARG A 100 -24.72 -2.06 -1.10
CA ARG A 100 -25.45 -2.74 -2.14
C ARG A 100 -26.43 -1.77 -2.76
N ASP A 101 -26.89 -0.75 -2.00
CA ASP A 101 -27.84 0.20 -2.54
C ASP A 101 -27.10 1.29 -3.26
N LEU A 102 -25.83 1.55 -2.89
CA LEU A 102 -25.08 2.59 -3.54
C LEU A 102 -24.45 2.06 -4.80
N VAL A 103 -24.24 0.73 -4.90
CA VAL A 103 -23.60 0.19 -6.08
C VAL A 103 -24.66 0.03 -7.14
N ASP A 104 -25.90 -0.33 -6.71
CA ASP A 104 -26.98 -0.48 -7.64
C ASP A 104 -27.39 0.90 -8.15
N ASN A 105 -27.30 1.93 -7.26
CA ASN A 105 -27.69 3.27 -7.64
C ASN A 105 -26.45 3.97 -8.15
N ALA A 106 -25.31 3.25 -8.16
CA ALA A 106 -24.10 3.83 -8.68
C ALA A 106 -24.08 3.42 -10.11
N SER A 107 -24.14 4.38 -11.03
CA SER A 107 -24.17 4.00 -12.41
C SER A 107 -22.76 3.75 -12.85
N TYR A 108 -22.63 3.00 -13.96
CA TYR A 108 -21.32 2.72 -14.52
C TYR A 108 -20.62 4.02 -14.80
N GLN A 109 -21.39 5.10 -15.06
CA GLN A 109 -20.81 6.39 -15.37
C GLN A 109 -20.27 7.05 -14.09
N GLN A 110 -20.78 6.67 -12.90
CA GLN A 110 -20.29 7.35 -11.74
C GLN A 110 -19.16 6.51 -11.26
N GLU A 111 -19.31 5.18 -11.43
CA GLU A 111 -18.27 4.25 -11.10
C GLU A 111 -17.04 4.59 -11.91
N LYS A 112 -17.23 5.22 -13.11
CA LYS A 112 -16.11 5.60 -13.95
C LYS A 112 -15.27 6.64 -13.26
N ILE A 113 -15.90 7.68 -12.63
CA ILE A 113 -15.07 8.66 -11.95
C ILE A 113 -14.48 8.03 -10.69
N ILE A 114 -15.10 6.95 -10.18
CA ILE A 114 -14.60 6.28 -9.00
C ILE A 114 -13.30 5.58 -9.36
N ILE A 115 -13.25 4.92 -10.55
CA ILE A 115 -12.01 4.26 -10.94
C ILE A 115 -10.94 5.29 -11.03
N LYS A 116 -11.29 6.57 -11.33
CA LYS A 116 -10.27 7.60 -11.34
C LYS A 116 -9.74 7.81 -9.96
N HIS A 117 -10.54 7.51 -8.91
CA HIS A 117 -10.04 7.64 -7.57
C HIS A 117 -8.87 6.69 -7.46
N LEU A 118 -9.00 5.52 -8.12
CA LEU A 118 -7.95 4.53 -8.12
C LEU A 118 -6.77 5.06 -8.92
N ASN A 119 -7.01 5.92 -9.96
CA ASN A 119 -5.89 6.45 -10.74
C ASN A 119 -5.02 7.31 -9.85
N GLU A 120 -5.63 8.24 -9.07
CA GLU A 120 -4.85 9.07 -8.13
C GLU A 120 -4.33 8.21 -6.98
N LEU A 121 -4.94 7.03 -6.83
CA LEU A 121 -4.55 6.11 -5.77
C LEU A 121 -3.21 5.53 -6.12
N PHE A 122 -3.14 4.90 -7.29
CA PHE A 122 -1.92 4.28 -7.80
C PHE A 122 -0.78 5.28 -7.88
N GLU A 123 -1.01 6.51 -8.40
CA GLU A 123 0.06 7.49 -8.52
C GLU A 123 0.63 7.83 -7.16
N LYS A 124 -0.22 7.94 -6.12
CA LYS A 124 0.25 8.28 -4.79
C LYS A 124 1.18 7.19 -4.29
N VAL A 125 0.86 5.92 -4.63
CA VAL A 125 1.68 4.80 -4.20
C VAL A 125 3.05 4.93 -4.82
N ALA A 126 3.10 5.34 -6.10
CA ALA A 126 4.35 5.48 -6.82
C ALA A 126 5.21 6.56 -6.19
N LEU A 127 4.60 7.65 -5.69
CA LEU A 127 5.35 8.74 -5.10
C LEU A 127 6.12 8.24 -3.89
N HIS A 128 5.50 7.37 -3.08
CA HIS A 128 6.17 6.83 -1.91
C HIS A 128 7.35 5.97 -2.32
N LEU A 129 7.17 5.20 -3.41
CA LEU A 129 8.19 4.30 -3.87
C LEU A 129 9.45 5.04 -4.23
N VAL A 130 9.35 6.23 -4.87
CA VAL A 130 10.55 6.93 -5.28
C VAL A 130 11.11 7.77 -4.16
N GLY A 131 10.78 7.49 -2.89
CA GLY A 131 11.29 8.29 -1.82
C GLY A 131 12.64 7.78 -1.40
N ALA A 132 13.13 6.70 -2.04
CA ALA A 132 14.41 6.17 -1.67
C ALA A 132 15.32 6.15 -2.87
N GLU A 133 14.92 6.79 -3.99
CA GLU A 133 15.77 6.78 -5.16
C GLU A 133 16.15 8.21 -5.42
N VAL A 134 15.89 9.09 -4.44
CA VAL A 134 16.22 10.49 -4.61
C VAL A 134 17.43 10.79 -3.71
N GLY A 1 45.68 -12.07 -7.86
CA GLY A 1 46.96 -11.47 -7.41
C GLY A 1 46.70 -10.24 -6.62
N PRO A 2 46.98 -10.36 -5.35
CA PRO A 2 46.80 -9.28 -4.39
C PRO A 2 47.81 -8.18 -4.55
N GLU A 3 47.42 -6.95 -4.17
CA GLU A 3 48.32 -5.82 -4.28
C GLU A 3 48.36 -5.15 -2.94
N ARG A 4 49.53 -4.56 -2.61
CA ARG A 4 49.66 -3.89 -1.34
C ARG A 4 49.83 -2.42 -1.61
N ILE A 5 48.87 -1.60 -1.16
CA ILE A 5 48.97 -0.18 -1.37
C ILE A 5 48.92 0.48 -0.02
N SER A 6 47.85 0.22 0.75
CA SER A 6 47.73 0.82 2.06
C SER A 6 47.07 -0.21 2.94
N LYS A 7 46.70 0.18 4.18
CA LYS A 7 46.07 -0.75 5.07
C LYS A 7 44.59 -0.48 5.05
N ALA A 8 43.80 -1.44 4.54
CA ALA A 8 42.38 -1.27 4.49
C ALA A 8 41.77 -2.64 4.35
N TYR A 9 40.56 -2.83 4.92
CA TYR A 9 39.91 -4.11 4.83
C TYR A 9 38.45 -3.88 5.08
N GLU A 10 37.58 -4.55 4.30
CA GLU A 10 36.16 -4.37 4.48
C GLU A 10 35.70 -5.35 5.52
N SER A 11 34.73 -4.93 6.36
CA SER A 11 34.23 -5.80 7.39
C SER A 11 32.75 -5.95 7.17
N LYS A 12 32.20 -7.12 7.58
CA LYS A 12 30.79 -7.35 7.40
C LYS A 12 30.12 -7.06 8.71
N ASP A 13 29.07 -6.20 8.68
CA ASP A 13 28.37 -5.87 9.89
C ASP A 13 26.96 -6.40 9.79
N VAL A 14 26.43 -6.89 10.93
CA VAL A 14 25.06 -7.40 10.98
C VAL A 14 24.07 -6.32 10.57
N ARG A 15 24.28 -5.05 10.98
CA ARG A 15 23.33 -4.00 10.63
C ARG A 15 23.29 -3.82 9.12
N LEU A 16 24.43 -4.02 8.41
CA LEU A 16 24.45 -3.85 6.97
C LEU A 16 23.55 -4.89 6.32
N VAL A 17 23.58 -6.15 6.81
CA VAL A 17 22.77 -7.21 6.24
C VAL A 17 21.30 -6.90 6.45
N ALA A 18 20.92 -6.40 7.65
CA ALA A 18 19.53 -6.10 7.92
C ALA A 18 19.04 -5.01 7.00
N ARG A 19 19.92 -4.03 6.69
CA ARG A 19 19.56 -2.92 5.82
C ARG A 19 19.18 -3.47 4.45
N ASP A 20 19.90 -4.51 3.97
CA ASP A 20 19.63 -5.07 2.67
C ASP A 20 18.24 -5.68 2.63
N SER A 21 17.81 -6.35 3.73
CA SER A 21 16.49 -6.98 3.78
C SER A 21 15.40 -5.92 3.63
N ALA A 22 15.57 -4.75 4.28
CA ALA A 22 14.56 -3.70 4.20
C ALA A 22 14.39 -3.26 2.76
N PHE A 23 15.49 -3.32 1.96
CA PHE A 23 15.42 -2.90 0.57
C PHE A 23 14.40 -3.74 -0.18
N LEU A 24 14.39 -5.09 0.04
CA LEU A 24 13.45 -5.96 -0.65
C LEU A 24 12.03 -5.63 -0.27
N GLY A 25 11.78 -5.26 1.01
CA GLY A 25 10.42 -4.95 1.44
C GLY A 25 9.85 -3.82 0.60
N LEU A 26 10.69 -2.81 0.27
CA LEU A 26 10.22 -1.71 -0.54
C LEU A 26 9.82 -2.21 -1.91
N GLN A 27 10.57 -3.20 -2.46
CA GLN A 27 10.28 -3.73 -3.78
C GLN A 27 8.89 -4.36 -3.85
N ARG A 28 8.45 -5.12 -2.80
CA ARG A 28 7.13 -5.73 -2.82
C ARG A 28 6.07 -4.65 -2.87
N ALA A 29 6.33 -3.54 -2.16
CA ALA A 29 5.40 -2.42 -2.13
C ALA A 29 5.16 -1.94 -3.55
N ILE A 30 6.21 -1.95 -4.40
CA ILE A 30 6.07 -1.52 -5.77
C ILE A 30 5.20 -2.49 -6.57
N ARG A 31 5.31 -3.83 -6.31
CA ARG A 31 4.58 -4.80 -7.11
C ARG A 31 3.07 -4.65 -6.96
N SER A 32 2.54 -4.42 -5.73
CA SER A 32 1.09 -4.25 -5.56
C SER A 32 0.31 -5.45 -6.13
N GLU A 33 -1.06 -5.30 -6.19
CA GLU A 33 -1.93 -6.35 -6.72
C GLU A 33 -3.32 -5.76 -6.82
N ARG A 34 -4.10 -6.11 -7.89
CA ARG A 34 -5.43 -5.54 -8.04
C ARG A 34 -6.32 -6.48 -8.84
N PHE A 35 -7.67 -6.25 -8.79
CA PHE A 35 -8.60 -7.02 -9.57
C PHE A 35 -9.38 -5.99 -10.35
N GLU A 36 -9.95 -6.37 -11.51
CA GLU A 36 -10.68 -5.40 -12.31
C GLU A 36 -12.15 -5.47 -11.97
N LEU A 37 -12.94 -4.52 -12.57
CA LEU A 37 -14.38 -4.45 -12.38
C LEU A 37 -15.06 -5.76 -12.72
N ASP A 38 -14.34 -6.72 -13.33
CA ASP A 38 -14.94 -7.98 -13.67
C ASP A 38 -15.35 -8.68 -12.40
N ASN A 39 -14.57 -8.53 -11.32
CA ASN A 39 -14.92 -9.18 -10.07
C ASN A 39 -15.53 -8.17 -9.15
N PHE A 40 -15.29 -6.87 -9.42
CA PHE A 40 -15.86 -5.86 -8.59
C PHE A 40 -17.23 -5.54 -9.10
N LYS A 41 -17.71 -6.30 -10.11
CA LYS A 41 -19.00 -6.04 -10.66
C LYS A 41 -20.07 -6.43 -9.71
N SER A 42 -20.05 -7.63 -9.10
CA SER A 42 -21.12 -7.98 -8.22
C SER A 42 -20.49 -8.24 -6.89
N ASN A 43 -19.15 -8.50 -6.88
CA ASN A 43 -18.46 -8.81 -5.66
C ASN A 43 -17.75 -7.57 -5.19
N PHE A 44 -18.19 -6.38 -5.66
CA PHE A 44 -17.54 -5.15 -5.25
C PHE A 44 -17.51 -5.07 -3.72
N PRO A 45 -18.65 -5.24 -3.06
CA PRO A 45 -18.70 -5.19 -1.61
C PRO A 45 -18.28 -6.46 -0.92
N TYR A 46 -18.19 -7.59 -1.67
CA TYR A 46 -17.82 -8.85 -1.06
C TYR A 46 -16.34 -8.87 -0.73
N LEU A 47 -15.49 -8.14 -1.47
CA LEU A 47 -14.08 -8.17 -1.14
C LEU A 47 -13.83 -7.07 -0.16
N THR A 48 -13.98 -7.42 1.14
CA THR A 48 -13.79 -6.45 2.20
C THR A 48 -12.47 -6.68 2.88
N VAL A 49 -11.61 -7.57 2.33
CA VAL A 49 -10.34 -7.81 2.97
C VAL A 49 -9.29 -7.15 2.11
N ALA A 50 -8.18 -6.72 2.73
CA ALA A 50 -7.17 -6.06 1.95
C ALA A 50 -5.82 -6.37 2.53
N ASN A 51 -5.27 -7.56 2.20
CA ASN A 51 -3.95 -7.89 2.65
C ASN A 51 -3.16 -8.23 1.43
N GLY A 52 -3.76 -7.94 0.25
CA GLY A 52 -3.09 -8.21 -1.00
C GLY A 52 -1.87 -7.34 -1.09
N SER A 53 -1.98 -6.07 -0.66
CA SER A 53 -0.84 -5.19 -0.74
C SER A 53 -0.93 -4.16 0.36
N LEU A 54 -2.12 -3.97 0.94
CA LEU A 54 -2.29 -2.97 1.98
C LEU A 54 -1.61 -3.43 3.26
N ARG A 55 -1.78 -4.72 3.62
CA ARG A 55 -1.22 -5.23 4.84
C ARG A 55 0.29 -5.38 4.69
N THR A 56 0.76 -5.92 3.55
CA THR A 56 2.17 -6.13 3.34
C THR A 56 2.92 -4.81 3.31
N ILE A 57 2.35 -3.75 2.68
CA ILE A 57 3.06 -2.49 2.61
C ILE A 57 3.21 -1.92 4.02
N VAL A 58 2.28 -2.27 4.94
CA VAL A 58 2.39 -1.79 6.31
C VAL A 58 3.67 -2.34 6.93
N THR A 59 3.98 -3.64 6.66
CA THR A 59 5.17 -4.25 7.23
C THR A 59 6.44 -3.54 6.74
N GLY A 60 6.54 -3.27 5.41
CA GLY A 60 7.72 -2.59 4.90
C GLY A 60 7.93 -1.25 5.56
N LEU A 61 6.85 -0.51 5.88
CA LEU A 61 7.00 0.79 6.51
C LEU A 61 7.50 0.60 7.92
N LYS A 62 7.23 -0.58 8.52
CA LYS A 62 7.67 -0.85 9.88
C LYS A 62 9.18 -0.84 9.88
N GLY A 63 9.80 -1.46 8.84
CA GLY A 63 11.24 -1.51 8.74
C GLY A 63 11.82 -0.12 8.55
N ILE A 64 11.13 0.74 7.77
CA ILE A 64 11.62 2.08 7.49
C ILE A 64 11.72 2.90 8.75
N VAL A 65 10.67 2.87 9.62
CA VAL A 65 10.68 3.68 10.82
C VAL A 65 11.75 3.20 11.78
N GLU A 66 11.98 1.87 11.85
CA GLU A 66 12.95 1.31 12.77
C GLU A 66 14.38 1.59 12.35
N PHE A 67 14.70 1.52 11.04
CA PHE A 67 16.08 1.68 10.62
C PHE A 67 16.38 3.11 10.25
N ASP A 68 15.37 4.01 10.24
CA ASP A 68 15.66 5.37 9.89
C ASP A 68 15.45 6.18 11.14
N ASP A 69 14.22 6.08 11.68
CA ASP A 69 13.88 6.77 12.92
C ASP A 69 13.91 8.26 12.68
N GLY A 70 13.42 8.72 11.50
CA GLY A 70 13.39 10.13 11.22
C GLY A 70 11.96 10.54 11.08
N GLN A 71 11.69 11.55 10.22
CA GLN A 71 10.33 11.99 10.03
C GLN A 71 9.68 11.19 8.94
N MET A 72 10.40 10.17 8.39
CA MET A 72 9.81 9.34 7.36
C MET A 72 8.75 8.48 7.99
N LYS A 73 8.91 8.22 9.31
CA LYS A 73 7.94 7.43 10.04
C LYS A 73 6.60 8.14 9.99
N ASP A 74 6.60 9.50 10.07
CA ASP A 74 5.37 10.25 10.01
C ASP A 74 4.72 10.06 8.67
N ILE A 75 5.55 10.05 7.59
CA ILE A 75 5.03 9.85 6.25
C ILE A 75 4.40 8.48 6.14
N ALA A 76 4.84 7.52 7.01
CA ALA A 76 4.28 6.18 6.99
C ALA A 76 2.82 6.26 7.38
N LYS A 77 2.50 7.16 8.35
CA LYS A 77 1.13 7.33 8.81
C LYS A 77 0.28 7.83 7.65
N GLU A 78 0.84 8.73 6.80
CA GLU A 78 0.08 9.25 5.68
C GLU A 78 -0.35 8.09 4.80
N ILE A 79 0.54 7.09 4.63
CA ILE A 79 0.20 5.91 3.84
C ILE A 79 -1.04 5.24 4.44
N LEU A 80 -1.12 5.11 5.79
CA LEU A 80 -2.29 4.50 6.44
C LEU A 80 -3.47 5.43 6.30
N ASP A 81 -3.26 6.64 5.79
CA ASP A 81 -4.35 7.58 5.67
C ASP A 81 -4.78 7.60 4.22
N THR A 82 -5.95 6.96 3.90
CA THR A 82 -6.38 6.96 2.52
C THR A 82 -7.88 6.80 2.46
N GLN A 83 -8.53 7.68 1.65
CA GLN A 83 -9.97 7.61 1.47
C GLN A 83 -10.25 7.09 0.08
N ILE A 84 -11.15 6.08 -0.03
CA ILE A 84 -11.50 5.54 -1.32
C ILE A 84 -12.99 5.29 -1.33
N CYS A 85 -13.72 6.00 -2.25
CA CYS A 85 -15.17 5.83 -2.40
C CYS A 85 -15.85 6.91 -1.60
N GLY A 86 -15.09 7.89 -1.10
CA GLY A 86 -15.69 8.96 -0.33
C GLY A 86 -15.59 8.63 1.13
N VAL A 87 -15.15 7.40 1.45
CA VAL A 87 -15.03 7.01 2.83
C VAL A 87 -13.64 6.44 2.99
N PRO A 88 -13.11 6.58 4.19
CA PRO A 88 -11.76 6.11 4.50
C PRO A 88 -11.61 4.61 4.52
N PHE A 89 -10.38 4.14 4.83
CA PHE A 89 -10.10 2.72 4.87
C PHE A 89 -10.98 2.06 5.91
N SER A 90 -11.34 2.81 6.98
CA SER A 90 -12.16 2.26 8.05
C SER A 90 -13.53 1.81 7.54
N GLN A 91 -14.19 2.60 6.65
CA GLN A 91 -15.52 2.19 6.20
C GLN A 91 -15.41 1.38 4.94
N PHE A 92 -14.19 1.05 4.49
CA PHE A 92 -14.07 0.26 3.30
C PHE A 92 -13.63 -1.13 3.71
N GLY A 93 -13.77 -1.45 5.00
CA GLY A 93 -13.37 -2.75 5.46
C GLY A 93 -14.60 -3.60 5.66
N THR A 94 -15.81 -3.04 5.41
CA THR A 94 -17.01 -3.81 5.60
C THR A 94 -17.93 -3.55 4.45
N CYS A 95 -18.98 -4.39 4.30
CA CYS A 95 -19.91 -4.19 3.23
C CYS A 95 -21.21 -3.73 3.83
N SER A 96 -21.85 -2.75 3.16
CA SER A 96 -23.10 -2.25 3.65
C SER A 96 -24.12 -2.38 2.55
N GLY A 97 -25.40 -2.63 2.94
CA GLY A 97 -26.47 -2.78 1.96
C GLY A 97 -26.78 -1.44 1.35
N SER A 98 -26.35 -0.34 2.01
CA SER A 98 -26.58 0.97 1.46
C SER A 98 -25.74 1.13 0.23
N ALA A 99 -24.51 0.56 0.27
CA ALA A 99 -23.63 0.68 -0.85
C ALA A 99 -23.98 -0.34 -1.90
N ARG A 100 -24.69 -1.45 -1.52
CA ARG A 100 -25.04 -2.45 -2.52
C ARG A 100 -26.17 -1.94 -3.39
N ASP A 101 -27.09 -1.13 -2.80
CA ASP A 101 -28.20 -0.61 -3.56
C ASP A 101 -27.70 0.46 -4.50
N LEU A 102 -26.71 1.26 -4.03
CA LEU A 102 -26.17 2.33 -4.83
C LEU A 102 -25.40 1.76 -6.01
N VAL A 103 -24.68 0.64 -5.81
CA VAL A 103 -23.91 0.06 -6.91
C VAL A 103 -24.86 -0.36 -8.01
N ASP A 104 -25.93 -1.11 -7.65
CA ASP A 104 -26.90 -1.53 -8.65
C ASP A 104 -27.44 -0.36 -9.44
N ASN A 105 -27.70 0.81 -8.81
CA ASN A 105 -28.24 1.93 -9.55
C ASN A 105 -27.13 2.57 -10.35
N ALA A 106 -25.85 2.31 -9.96
CA ALA A 106 -24.72 2.87 -10.65
C ALA A 106 -24.38 1.99 -11.83
N SER A 107 -23.68 2.57 -12.82
CA SER A 107 -23.29 1.80 -13.98
C SER A 107 -21.80 1.77 -14.04
N TYR A 108 -21.27 1.17 -15.13
CA TYR A 108 -19.85 1.04 -15.36
C TYR A 108 -19.18 2.38 -15.47
N GLN A 109 -19.94 3.50 -15.45
CA GLN A 109 -19.24 4.74 -15.68
C GLN A 109 -18.79 5.16 -14.31
N GLN A 110 -19.78 5.32 -13.41
CA GLN A 110 -19.51 5.65 -12.04
C GLN A 110 -18.63 4.60 -11.38
N GLU A 111 -18.55 3.33 -11.90
CA GLU A 111 -17.70 2.37 -11.22
C GLU A 111 -16.28 2.67 -11.58
N LYS A 112 -16.06 3.12 -12.85
CA LYS A 112 -14.73 3.43 -13.32
C LYS A 112 -14.14 4.56 -12.50
N ILE A 113 -14.96 5.56 -12.10
CA ILE A 113 -14.39 6.66 -11.33
C ILE A 113 -14.07 6.24 -9.91
N ILE A 114 -14.77 5.22 -9.36
CA ILE A 114 -14.45 4.80 -7.99
C ILE A 114 -13.08 4.13 -7.99
N ILE A 115 -12.81 3.26 -9.00
CA ILE A 115 -11.55 2.57 -9.05
C ILE A 115 -10.48 3.53 -9.48
N LYS A 116 -10.88 4.66 -10.09
CA LYS A 116 -9.91 5.64 -10.53
C LYS A 116 -9.42 6.40 -9.32
N HIS A 117 -10.25 6.48 -8.24
CA HIS A 117 -9.83 7.16 -7.03
C HIS A 117 -8.72 6.36 -6.41
N LEU A 118 -8.88 5.03 -6.41
CA LEU A 118 -7.88 4.17 -5.80
C LEU A 118 -6.59 4.24 -6.57
N ASN A 119 -6.65 4.24 -7.93
CA ASN A 119 -5.45 4.29 -8.73
C ASN A 119 -4.70 5.58 -8.50
N GLU A 120 -5.41 6.72 -8.39
CA GLU A 120 -4.75 7.99 -8.19
C GLU A 120 -4.19 8.07 -6.79
N LEU A 121 -4.69 7.27 -5.84
CA LEU A 121 -4.20 7.37 -4.49
C LEU A 121 -2.94 6.55 -4.41
N PHE A 122 -2.80 5.50 -5.26
CA PHE A 122 -1.61 4.70 -5.26
C PHE A 122 -0.50 5.54 -5.87
N GLU A 123 -0.87 6.46 -6.78
CA GLU A 123 0.10 7.34 -7.39
C GLU A 123 0.73 8.18 -6.31
N LYS A 124 -0.09 8.63 -5.33
CA LYS A 124 0.41 9.42 -4.23
C LYS A 124 1.39 8.58 -3.42
N VAL A 125 1.15 7.25 -3.37
CA VAL A 125 2.06 6.33 -2.68
C VAL A 125 3.38 6.38 -3.39
N ALA A 126 3.35 6.48 -4.74
CA ALA A 126 4.56 6.54 -5.53
C ALA A 126 5.33 7.78 -5.18
N LEU A 127 4.62 8.87 -4.77
CA LEU A 127 5.29 10.10 -4.39
C LEU A 127 6.17 9.82 -3.19
N HIS A 128 5.68 8.99 -2.23
CA HIS A 128 6.50 8.64 -1.07
C HIS A 128 7.71 7.87 -1.54
N LEU A 129 7.52 7.02 -2.58
CA LEU A 129 8.58 6.19 -3.13
C LEU A 129 9.73 7.03 -3.63
N VAL A 130 9.45 8.25 -4.17
CA VAL A 130 10.52 9.07 -4.73
C VAL A 130 11.44 9.56 -3.62
N GLY A 131 11.21 9.16 -2.35
CA GLY A 131 12.08 9.58 -1.27
C GLY A 131 13.36 8.80 -1.36
N ALA A 132 13.39 7.80 -2.26
CA ALA A 132 14.57 7.00 -2.46
C ALA A 132 15.62 7.89 -3.04
N GLU A 133 15.20 8.81 -3.94
CA GLU A 133 16.13 9.72 -4.53
C GLU A 133 16.35 10.84 -3.55
N VAL A 134 15.43 11.85 -3.57
CA VAL A 134 15.53 12.97 -2.65
C VAL A 134 16.70 13.88 -3.06
N GLY A 1 2.13 -16.94 -14.52
CA GLY A 1 2.37 -16.51 -13.13
C GLY A 1 3.81 -16.70 -12.77
N PRO A 2 4.50 -15.59 -12.75
CA PRO A 2 5.91 -15.55 -12.43
C PRO A 2 6.18 -15.34 -10.97
N GLU A 3 5.85 -16.37 -10.13
CA GLU A 3 6.07 -16.25 -8.72
C GLU A 3 6.90 -17.43 -8.29
N ARG A 4 7.86 -17.19 -7.37
CA ARG A 4 8.70 -18.25 -6.89
C ARG A 4 8.69 -18.20 -5.39
N ILE A 5 8.81 -19.38 -4.74
CA ILE A 5 8.80 -19.42 -3.29
C ILE A 5 10.14 -19.97 -2.85
N SER A 6 10.84 -19.23 -1.96
CA SER A 6 12.12 -19.68 -1.49
C SER A 6 12.10 -19.72 0.00
N LYS A 7 12.91 -20.62 0.59
CA LYS A 7 12.98 -20.74 2.04
C LYS A 7 14.32 -20.21 2.47
N ALA A 8 14.41 -19.68 3.71
CA ALA A 8 15.66 -19.15 4.18
C ALA A 8 15.80 -19.50 5.63
N TYR A 9 17.06 -19.44 6.13
CA TYR A 9 17.33 -19.76 7.51
C TYR A 9 17.75 -18.50 8.20
N GLU A 10 17.40 -18.38 9.51
CA GLU A 10 17.78 -17.21 10.26
C GLU A 10 19.06 -17.50 10.97
N SER A 11 19.91 -16.45 11.15
CA SER A 11 21.18 -16.66 11.80
C SER A 11 21.44 -15.46 12.68
N LYS A 12 22.72 -15.04 12.78
CA LYS A 12 23.08 -13.91 13.61
C LYS A 12 23.23 -12.71 12.72
N ASP A 13 23.71 -11.56 13.31
CA ASP A 13 23.90 -10.34 12.55
C ASP A 13 22.56 -9.71 12.35
N VAL A 14 21.95 -9.23 13.47
CA VAL A 14 20.64 -8.63 13.42
C VAL A 14 20.61 -7.37 12.58
N ARG A 15 21.58 -6.43 12.74
CA ARG A 15 21.52 -5.19 11.99
C ARG A 15 22.04 -5.37 10.57
N LEU A 16 22.78 -6.47 10.33
CA LEU A 16 23.35 -6.68 9.01
C LEU A 16 22.27 -7.21 8.09
N VAL A 17 21.59 -8.29 8.53
CA VAL A 17 20.56 -8.89 7.72
C VAL A 17 19.30 -8.09 7.79
N ALA A 18 19.14 -7.21 8.82
CA ALA A 18 17.93 -6.45 8.93
C ALA A 18 17.96 -5.35 7.89
N ARG A 19 19.15 -4.74 7.67
CA ARG A 19 19.28 -3.68 6.69
C ARG A 19 18.95 -4.26 5.33
N ASP A 20 19.55 -5.44 5.04
CA ASP A 20 19.35 -6.11 3.78
C ASP A 20 17.88 -6.46 3.58
N SER A 21 17.17 -6.94 4.64
CA SER A 21 15.78 -7.32 4.48
C SER A 21 14.87 -6.12 4.32
N ALA A 22 15.29 -4.92 4.80
CA ALA A 22 14.47 -3.74 4.66
C ALA A 22 14.40 -3.37 3.19
N PHE A 23 15.53 -3.59 2.48
CA PHE A 23 15.61 -3.28 1.07
C PHE A 23 14.55 -4.08 0.32
N LEU A 24 14.42 -5.39 0.63
CA LEU A 24 13.46 -6.25 -0.04
C LEU A 24 12.04 -5.79 0.21
N GLY A 25 11.73 -5.29 1.44
CA GLY A 25 10.37 -4.87 1.75
C GLY A 25 9.91 -3.77 0.81
N LEU A 26 10.80 -2.80 0.50
CA LEU A 26 10.42 -1.72 -0.39
C LEU A 26 10.10 -2.30 -1.75
N GLN A 27 10.89 -3.31 -2.17
CA GLN A 27 10.70 -3.93 -3.48
C GLN A 27 9.29 -4.49 -3.63
N ARG A 28 8.72 -5.15 -2.58
CA ARG A 28 7.37 -5.71 -2.69
C ARG A 28 6.36 -4.62 -2.89
N ALA A 29 6.56 -3.47 -2.20
CA ALA A 29 5.63 -2.37 -2.29
C ALA A 29 5.48 -1.94 -3.74
N ILE A 30 6.60 -1.95 -4.51
CA ILE A 30 6.53 -1.56 -5.91
C ILE A 30 5.79 -2.60 -6.75
N ARG A 31 5.99 -3.91 -6.46
CA ARG A 31 5.42 -4.96 -7.29
C ARG A 31 3.97 -5.28 -6.98
N SER A 32 3.27 -4.57 -6.07
CA SER A 32 1.87 -4.91 -5.82
C SER A 32 1.02 -4.53 -7.01
N GLU A 33 -0.19 -5.15 -7.14
CA GLU A 33 -1.06 -4.85 -8.27
C GLU A 33 -2.50 -4.77 -7.80
N ARG A 34 -3.39 -4.22 -8.68
CA ARG A 34 -4.80 -4.08 -8.33
C ARG A 34 -5.69 -4.54 -9.47
N PHE A 35 -7.03 -4.59 -9.22
CA PHE A 35 -7.99 -5.02 -10.21
C PHE A 35 -9.02 -3.90 -10.36
N GLU A 36 -9.70 -3.84 -11.54
CA GLU A 36 -10.71 -2.81 -11.74
C GLU A 36 -12.07 -3.45 -11.64
N LEU A 37 -13.15 -2.75 -12.17
CA LEU A 37 -14.51 -3.27 -12.14
C LEU A 37 -14.66 -4.65 -12.72
N ASP A 38 -13.61 -5.22 -13.34
CA ASP A 38 -13.74 -6.54 -13.90
C ASP A 38 -14.09 -7.52 -12.81
N ASN A 39 -13.53 -7.34 -11.60
CA ASN A 39 -13.84 -8.25 -10.53
C ASN A 39 -14.65 -7.51 -9.49
N PHE A 40 -14.62 -6.17 -9.52
CA PHE A 40 -15.39 -5.41 -8.55
C PHE A 40 -16.80 -5.24 -9.04
N LYS A 41 -17.15 -5.88 -10.18
CA LYS A 41 -18.49 -5.73 -10.70
C LYS A 41 -19.46 -6.50 -9.87
N SER A 42 -19.22 -7.79 -9.58
CA SER A 42 -20.19 -8.51 -8.82
C SER A 42 -19.52 -8.96 -7.55
N ASN A 43 -18.17 -8.91 -7.52
CA ASN A 43 -17.46 -9.34 -6.35
C ASN A 43 -17.06 -8.12 -5.56
N PHE A 44 -17.73 -6.97 -5.83
CA PHE A 44 -17.41 -5.75 -5.12
C PHE A 44 -17.55 -5.98 -3.62
N PRO A 45 -18.69 -6.50 -3.17
CA PRO A 45 -18.92 -6.75 -1.75
C PRO A 45 -18.38 -8.06 -1.24
N TYR A 46 -18.01 -9.00 -2.14
CA TYR A 46 -17.52 -10.28 -1.66
C TYR A 46 -16.04 -10.22 -1.38
N LEU A 47 -15.33 -9.17 -1.84
CA LEU A 47 -13.92 -9.10 -1.53
C LEU A 47 -13.79 -8.23 -0.31
N THR A 48 -13.91 -8.87 0.87
CA THR A 48 -13.82 -8.14 2.12
C THR A 48 -12.43 -8.31 2.70
N VAL A 49 -11.49 -8.93 1.97
CA VAL A 49 -10.17 -9.09 2.51
C VAL A 49 -9.30 -8.13 1.76
N ALA A 50 -8.56 -7.27 2.51
CA ALA A 50 -7.74 -6.30 1.82
C ALA A 50 -6.38 -6.24 2.47
N ASN A 51 -5.54 -7.26 2.22
CA ASN A 51 -4.21 -7.23 2.76
C ASN A 51 -3.29 -7.63 1.63
N GLY A 52 -3.82 -7.58 0.39
CA GLY A 52 -3.04 -7.93 -0.76
C GLY A 52 -1.93 -6.94 -0.93
N SER A 53 -2.19 -5.63 -0.68
CA SER A 53 -1.14 -4.66 -0.86
C SER A 53 -1.22 -3.59 0.20
N LEU A 54 -2.38 -3.42 0.86
CA LEU A 54 -2.49 -2.37 1.86
C LEU A 54 -1.73 -2.74 3.10
N ARG A 55 -1.97 -3.96 3.64
CA ARG A 55 -1.32 -4.38 4.85
C ARG A 55 0.15 -4.68 4.61
N THR A 56 0.48 -5.31 3.46
CA THR A 56 1.86 -5.63 3.15
C THR A 56 2.73 -4.39 3.09
N ILE A 57 2.27 -3.29 2.46
CA ILE A 57 3.12 -2.11 2.39
C ILE A 57 3.33 -1.54 3.77
N VAL A 58 2.28 -1.55 4.64
CA VAL A 58 2.43 -1.04 5.99
C VAL A 58 3.59 -1.73 6.71
N THR A 59 3.76 -3.06 6.55
CA THR A 59 4.85 -3.76 7.24
C THR A 59 6.18 -3.21 6.75
N GLY A 60 6.34 -3.06 5.42
CA GLY A 60 7.59 -2.54 4.87
C GLY A 60 7.87 -1.15 5.41
N LEU A 61 6.81 -0.32 5.58
CA LEU A 61 7.01 1.03 6.08
C LEU A 61 7.37 1.00 7.54
N LYS A 62 7.06 -0.12 8.25
CA LYS A 62 7.40 -0.20 9.66
C LYS A 62 8.90 -0.32 9.76
N GLY A 63 9.49 -1.11 8.82
CA GLY A 63 10.92 -1.30 8.78
C GLY A 63 11.61 0.03 8.54
N ILE A 64 11.03 0.91 7.68
CA ILE A 64 11.68 2.17 7.38
C ILE A 64 11.72 3.07 8.60
N VAL A 65 10.62 3.13 9.40
CA VAL A 65 10.59 4.02 10.55
C VAL A 65 11.57 3.57 11.62
N GLU A 66 11.70 2.23 11.84
CA GLU A 66 12.57 1.72 12.89
C GLU A 66 14.03 1.92 12.56
N PHE A 67 14.42 1.65 11.30
CA PHE A 67 15.81 1.75 10.94
C PHE A 67 16.25 3.17 10.77
N ASP A 68 15.38 4.05 10.21
CA ASP A 68 15.78 5.41 10.00
C ASP A 68 15.53 6.18 11.26
N ASP A 69 14.23 6.38 11.63
CA ASP A 69 13.91 7.11 12.84
C ASP A 69 14.17 8.57 12.56
N GLY A 70 13.35 9.18 11.65
CA GLY A 70 13.56 10.57 11.32
C GLY A 70 12.27 11.18 10.82
N GLN A 71 12.28 11.58 9.52
CA GLN A 71 11.12 12.23 8.93
C GLN A 71 10.31 11.23 8.14
N MET A 72 10.95 10.09 7.78
CA MET A 72 10.29 9.09 6.98
C MET A 72 9.11 8.51 7.73
N LYS A 73 9.23 8.34 9.06
CA LYS A 73 8.15 7.78 9.84
C LYS A 73 6.88 8.62 9.73
N ASP A 74 7.02 9.97 9.69
CA ASP A 74 5.85 10.84 9.63
C ASP A 74 5.09 10.64 8.34
N ILE A 75 5.81 10.45 7.22
CA ILE A 75 5.16 10.27 5.92
C ILE A 75 4.45 8.93 5.91
N ALA A 76 5.01 7.96 6.65
CA ALA A 76 4.43 6.62 6.69
C ALA A 76 3.01 6.69 7.22
N LYS A 77 2.77 7.50 8.28
CA LYS A 77 1.44 7.61 8.86
C LYS A 77 0.48 8.28 7.89
N GLU A 78 0.95 9.34 7.18
CA GLU A 78 0.08 10.06 6.26
C GLU A 78 -0.37 9.16 5.12
N ILE A 79 0.55 8.32 4.61
CA ILE A 79 0.25 7.45 3.50
C ILE A 79 -0.90 6.51 3.84
N LEU A 80 -0.94 5.94 5.07
CA LEU A 80 -2.02 5.03 5.42
C LEU A 80 -3.35 5.75 5.32
N ASP A 81 -3.41 7.01 5.83
CA ASP A 81 -4.66 7.74 5.80
C ASP A 81 -5.02 8.17 4.38
N THR A 82 -6.21 7.70 3.91
CA THR A 82 -6.70 8.07 2.59
C THR A 82 -8.06 7.42 2.42
N GLN A 83 -9.03 8.11 1.75
CA GLN A 83 -10.33 7.52 1.54
C GLN A 83 -10.45 7.10 0.10
N ILE A 84 -10.99 5.88 -0.14
CA ILE A 84 -11.18 5.44 -1.52
C ILE A 84 -12.50 4.71 -1.60
N CYS A 85 -13.55 5.40 -2.16
CA CYS A 85 -14.88 4.82 -2.35
C CYS A 85 -15.87 5.83 -1.84
N GLY A 86 -15.37 6.84 -1.12
CA GLY A 86 -16.23 7.85 -0.56
C GLY A 86 -16.18 7.66 0.92
N VAL A 87 -15.52 6.56 1.35
CA VAL A 87 -15.38 6.28 2.75
C VAL A 87 -13.92 5.99 2.98
N PRO A 88 -13.48 6.26 4.18
CA PRO A 88 -12.07 6.07 4.56
C PRO A 88 -11.63 4.65 4.62
N PHE A 89 -10.29 4.46 4.77
CA PHE A 89 -9.72 3.13 4.86
C PHE A 89 -10.34 2.35 6.00
N SER A 90 -10.93 3.05 7.01
CA SER A 90 -11.51 2.36 8.14
C SER A 90 -12.71 1.53 7.71
N GLN A 91 -13.64 2.09 6.88
CA GLN A 91 -14.78 1.30 6.47
C GLN A 91 -14.50 0.62 5.16
N PHE A 92 -13.25 0.67 4.67
CA PHE A 92 -12.95 0.00 3.43
C PHE A 92 -12.43 -1.36 3.81
N GLY A 93 -13.14 -2.40 3.36
CA GLY A 93 -12.74 -3.74 3.67
C GLY A 93 -14.01 -4.48 4.00
N THR A 94 -15.07 -3.73 4.37
CA THR A 94 -16.32 -4.36 4.69
C THR A 94 -17.34 -3.65 3.86
N CYS A 95 -18.23 -4.41 3.18
CA CYS A 95 -19.23 -3.79 2.37
C CYS A 95 -20.51 -3.87 3.15
N SER A 96 -21.15 -2.70 3.36
CA SER A 96 -22.38 -2.67 4.12
C SER A 96 -23.52 -2.74 3.14
N GLY A 97 -24.74 -3.11 3.63
CA GLY A 97 -25.91 -3.23 2.78
C GLY A 97 -26.31 -1.89 2.24
N SER A 98 -25.90 -0.79 2.91
CA SER A 98 -26.22 0.54 2.43
C SER A 98 -25.49 0.77 1.13
N ALA A 99 -24.24 0.27 1.05
CA ALA A 99 -23.46 0.49 -0.13
C ALA A 99 -23.85 -0.52 -1.19
N ARG A 100 -24.52 -1.65 -0.80
CA ARG A 100 -24.90 -2.63 -1.79
C ARG A 100 -26.10 -2.12 -2.54
N ASP A 101 -27.01 -1.38 -1.87
CA ASP A 101 -28.19 -0.87 -2.53
C ASP A 101 -27.75 0.18 -3.51
N LEU A 102 -26.79 1.04 -3.11
CA LEU A 102 -26.31 2.08 -3.98
C LEU A 102 -25.53 1.48 -5.14
N VAL A 103 -24.68 0.45 -4.89
CA VAL A 103 -23.88 -0.17 -5.94
C VAL A 103 -24.75 -1.08 -6.80
N ASP A 104 -25.98 -1.39 -6.35
CA ASP A 104 -26.77 -2.32 -7.14
C ASP A 104 -27.45 -1.49 -8.19
N ASN A 105 -27.86 -0.25 -7.80
CA ASN A 105 -28.51 0.64 -8.72
C ASN A 105 -27.45 1.50 -9.36
N ALA A 106 -26.17 1.30 -8.96
CA ALA A 106 -25.08 2.07 -9.53
C ALA A 106 -24.83 1.53 -10.89
N SER A 107 -24.22 2.35 -11.76
CA SER A 107 -23.95 1.89 -13.08
C SER A 107 -22.50 2.09 -13.40
N TYR A 108 -22.11 1.59 -14.60
CA TYR A 108 -20.76 1.69 -15.12
C TYR A 108 -20.25 3.12 -15.04
N GLN A 109 -21.16 4.10 -14.87
CA GLN A 109 -20.73 5.47 -14.84
C GLN A 109 -20.15 5.76 -13.47
N GLN A 110 -21.01 5.69 -12.41
CA GLN A 110 -20.50 5.91 -11.07
C GLN A 110 -19.36 4.96 -10.74
N GLU A 111 -19.45 3.66 -11.11
CA GLU A 111 -18.36 2.76 -10.83
C GLU A 111 -17.07 3.22 -11.48
N LYS A 112 -17.13 3.83 -12.69
CA LYS A 112 -15.92 4.28 -13.37
C LYS A 112 -15.20 5.33 -12.55
N ILE A 113 -15.93 6.27 -11.90
CA ILE A 113 -15.24 7.31 -11.14
C ILE A 113 -14.66 6.72 -9.86
N ILE A 114 -15.20 5.57 -9.37
CA ILE A 114 -14.65 4.99 -8.17
C ILE A 114 -13.28 4.41 -8.47
N ILE A 115 -13.16 3.65 -9.58
CA ILE A 115 -11.88 3.05 -9.92
C ILE A 115 -10.88 4.12 -10.30
N LYS A 116 -11.35 5.32 -10.68
CA LYS A 116 -10.45 6.37 -11.07
C LYS A 116 -9.78 6.97 -9.83
N HIS A 117 -10.49 7.05 -8.67
CA HIS A 117 -9.84 7.63 -7.50
C HIS A 117 -8.86 6.64 -6.93
N LEU A 118 -9.07 5.32 -7.18
CA LEU A 118 -8.14 4.34 -6.69
C LEU A 118 -6.86 4.46 -7.48
N ASN A 119 -6.99 4.66 -8.81
CA ASN A 119 -5.83 4.77 -9.68
C ASN A 119 -4.91 5.89 -9.22
N GLU A 120 -5.47 7.07 -8.84
CA GLU A 120 -4.59 8.15 -8.39
C GLU A 120 -3.91 7.76 -7.09
N LEU A 121 -4.66 7.14 -6.16
CA LEU A 121 -4.06 6.69 -4.89
C LEU A 121 -2.77 5.92 -5.14
N PHE A 122 -2.76 4.99 -6.12
CA PHE A 122 -1.55 4.22 -6.43
C PHE A 122 -0.45 5.18 -6.86
N GLU A 123 -0.82 6.21 -7.65
CA GLU A 123 0.16 7.18 -8.12
C GLU A 123 0.84 7.87 -6.93
N LYS A 124 0.09 8.19 -5.85
CA LYS A 124 0.69 8.84 -4.70
C LYS A 124 1.66 7.89 -4.02
N VAL A 125 1.41 6.56 -4.13
CA VAL A 125 2.33 5.59 -3.54
C VAL A 125 3.67 5.73 -4.23
N ALA A 126 3.65 5.94 -5.57
CA ALA A 126 4.87 6.10 -6.33
C ALA A 126 5.62 7.32 -5.84
N LEU A 127 4.88 8.39 -5.43
CA LEU A 127 5.53 9.60 -4.97
C LEU A 127 6.36 9.32 -3.73
N HIS A 128 5.88 8.44 -2.81
CA HIS A 128 6.65 8.13 -1.62
C HIS A 128 7.94 7.46 -2.01
N LEU A 129 7.87 6.58 -3.04
CA LEU A 129 9.03 5.85 -3.49
C LEU A 129 10.09 6.81 -4.02
N VAL A 130 9.65 7.89 -4.71
CA VAL A 130 10.60 8.85 -5.28
C VAL A 130 11.06 9.83 -4.22
N GLY A 131 11.03 9.41 -2.92
CA GLY A 131 11.46 10.28 -1.85
C GLY A 131 12.89 10.70 -2.07
N ALA A 132 13.70 9.86 -2.75
CA ALA A 132 15.07 10.22 -3.00
C ALA A 132 15.08 11.19 -4.17
N GLU A 133 14.77 10.65 -5.37
CA GLU A 133 14.73 11.45 -6.57
C GLU A 133 14.75 10.49 -7.74
N VAL A 134 14.81 9.18 -7.45
CA VAL A 134 14.87 8.20 -8.49
C VAL A 134 13.45 7.66 -8.71
N GLY A 1 19.75 -39.84 1.66
CA GLY A 1 20.89 -39.08 1.11
C GLY A 1 21.49 -38.21 2.16
N PRO A 2 22.66 -38.61 2.57
CA PRO A 2 23.42 -37.91 3.57
C PRO A 2 24.36 -36.89 3.00
N GLU A 3 23.81 -35.89 2.28
CA GLU A 3 24.64 -34.87 1.70
C GLU A 3 24.08 -33.54 2.08
N ARG A 4 24.97 -32.55 2.32
CA ARG A 4 24.50 -31.24 2.69
C ARG A 4 25.10 -30.26 1.72
N ILE A 5 24.30 -29.26 1.30
CA ILE A 5 24.79 -28.27 0.38
C ILE A 5 24.72 -26.93 1.07
N SER A 6 25.86 -26.23 1.17
CA SER A 6 25.88 -24.94 1.81
C SER A 6 26.90 -24.11 1.11
N LYS A 7 26.49 -22.90 0.65
CA LYS A 7 27.40 -22.03 -0.03
C LYS A 7 27.01 -20.63 0.32
N ALA A 8 27.82 -19.96 1.17
CA ALA A 8 27.50 -18.61 1.57
C ALA A 8 28.74 -17.99 2.16
N TYR A 9 28.77 -16.63 2.20
CA TYR A 9 29.90 -15.95 2.77
C TYR A 9 29.45 -15.35 4.08
N GLU A 10 30.34 -15.41 5.09
CA GLU A 10 29.99 -14.86 6.38
C GLU A 10 30.99 -13.80 6.71
N SER A 11 30.53 -12.71 7.37
CA SER A 11 31.42 -11.64 7.72
C SER A 11 31.03 -11.15 9.08
N LYS A 12 31.34 -9.87 9.39
CA LYS A 12 31.02 -9.32 10.69
C LYS A 12 30.00 -8.23 10.51
N ASP A 13 29.12 -8.35 9.48
CA ASP A 13 28.13 -7.32 9.26
C ASP A 13 26.82 -7.81 9.82
N VAL A 14 26.35 -7.14 10.91
CA VAL A 14 25.10 -7.52 11.52
C VAL A 14 24.01 -6.61 11.00
N ARG A 15 24.20 -5.29 11.18
CA ARG A 15 23.22 -4.33 10.74
C ARG A 15 23.26 -4.17 9.24
N LEU A 16 24.40 -4.51 8.59
CA LEU A 16 24.47 -4.37 7.16
C LEU A 16 23.51 -5.34 6.50
N VAL A 17 23.50 -6.62 6.97
CA VAL A 17 22.60 -7.61 6.40
C VAL A 17 21.16 -7.23 6.69
N ALA A 18 20.87 -6.75 7.93
CA ALA A 18 19.50 -6.38 8.27
C ALA A 18 19.03 -5.26 7.38
N ARG A 19 19.94 -4.30 7.05
CA ARG A 19 19.58 -3.17 6.21
C ARG A 19 19.16 -3.65 4.83
N ASP A 20 19.83 -4.71 4.31
CA ASP A 20 19.50 -5.20 2.98
C ASP A 20 18.08 -5.75 2.94
N SER A 21 17.64 -6.47 4.00
CA SER A 21 16.30 -7.02 4.04
C SER A 21 15.26 -5.93 3.94
N ALA A 22 15.47 -4.79 4.65
CA ALA A 22 14.50 -3.70 4.60
C ALA A 22 14.36 -3.20 3.18
N PHE A 23 15.47 -3.25 2.39
CA PHE A 23 15.44 -2.76 1.03
C PHE A 23 14.40 -3.53 0.22
N LEU A 24 14.35 -4.89 0.34
CA LEU A 24 13.39 -5.68 -0.42
C LEU A 24 11.97 -5.36 -0.02
N GLY A 25 11.72 -5.02 1.27
CA GLY A 25 10.37 -4.71 1.70
C GLY A 25 9.85 -3.54 0.90
N LEU A 26 10.71 -2.55 0.61
CA LEU A 26 10.30 -1.40 -0.18
C LEU A 26 9.92 -1.85 -1.58
N GLN A 27 10.65 -2.85 -2.14
CA GLN A 27 10.37 -3.33 -3.48
C GLN A 27 8.96 -3.90 -3.61
N ARG A 28 8.48 -4.70 -2.61
CA ARG A 28 7.12 -5.25 -2.68
C ARG A 28 6.12 -4.13 -2.68
N ALA A 29 6.43 -3.06 -1.93
CA ALA A 29 5.56 -1.90 -1.86
C ALA A 29 5.34 -1.36 -3.26
N ILE A 30 6.39 -1.40 -4.11
CA ILE A 30 6.29 -0.92 -5.47
C ILE A 30 5.38 -1.81 -6.31
N ARG A 31 5.44 -3.16 -6.10
CA ARG A 31 4.68 -4.08 -6.95
C ARG A 31 3.17 -3.90 -6.78
N SER A 32 2.67 -3.76 -5.51
CA SER A 32 1.23 -3.60 -5.29
C SER A 32 0.44 -4.75 -5.90
N GLU A 33 -0.91 -4.61 -5.94
CA GLU A 33 -1.77 -5.65 -6.51
C GLU A 33 -3.16 -5.06 -6.63
N ARG A 34 -3.89 -5.36 -7.74
CA ARG A 34 -5.22 -4.79 -7.90
C ARG A 34 -6.09 -5.71 -8.71
N PHE A 35 -7.44 -5.53 -8.59
CA PHE A 35 -8.38 -6.30 -9.36
C PHE A 35 -9.24 -5.27 -10.06
N GLU A 36 -9.75 -5.58 -11.27
CA GLU A 36 -10.54 -4.62 -11.98
C GLU A 36 -12.00 -4.89 -11.77
N LEU A 37 -12.87 -4.09 -12.49
CA LEU A 37 -14.31 -4.23 -12.42
C LEU A 37 -14.77 -5.65 -12.70
N ASP A 38 -13.86 -6.54 -13.16
CA ASP A 38 -14.25 -7.91 -13.43
C ASP A 38 -14.71 -8.55 -12.14
N ASN A 39 -14.03 -8.25 -11.01
CA ASN A 39 -14.41 -8.83 -9.77
C ASN A 39 -15.08 -7.78 -8.94
N PHE A 40 -14.89 -6.49 -9.30
CA PHE A 40 -15.50 -5.43 -8.56
C PHE A 40 -16.89 -5.22 -9.11
N LYS A 41 -17.35 -6.10 -10.03
CA LYS A 41 -18.65 -5.93 -10.59
C LYS A 41 -19.69 -6.30 -9.59
N SER A 42 -19.65 -7.50 -8.98
CA SER A 42 -20.67 -7.82 -8.03
C SER A 42 -19.98 -8.05 -6.72
N ASN A 43 -18.64 -8.25 -6.76
CA ASN A 43 -17.91 -8.50 -5.56
C ASN A 43 -17.20 -7.25 -5.16
N PHE A 44 -17.66 -6.07 -5.65
CA PHE A 44 -17.02 -4.83 -5.29
C PHE A 44 -16.98 -4.71 -3.78
N PRO A 45 -18.12 -4.82 -3.13
CA PRO A 45 -18.18 -4.76 -1.69
C PRO A 45 -17.99 -6.09 -1.03
N TYR A 46 -18.06 -7.19 -1.82
CA TYR A 46 -17.90 -8.53 -1.28
C TYR A 46 -16.48 -8.72 -0.84
N LEU A 47 -15.49 -8.20 -1.60
CA LEU A 47 -14.12 -8.39 -1.18
C LEU A 47 -13.84 -7.33 -0.15
N THR A 48 -14.09 -7.71 1.12
CA THR A 48 -13.89 -6.80 2.24
C THR A 48 -12.56 -7.06 2.87
N VAL A 49 -11.74 -7.97 2.30
CA VAL A 49 -10.46 -8.24 2.90
C VAL A 49 -9.43 -7.55 2.07
N ALA A 50 -8.58 -6.72 2.70
CA ALA A 50 -7.59 -6.02 1.93
C ALA A 50 -6.23 -6.27 2.53
N ASN A 51 -5.55 -7.34 2.06
CA ASN A 51 -4.22 -7.64 2.51
C ASN A 51 -3.41 -7.93 1.29
N GLY A 52 -4.00 -7.66 0.11
CA GLY A 52 -3.33 -7.90 -1.14
C GLY A 52 -2.16 -6.95 -1.25
N SER A 53 -2.35 -5.69 -0.82
CA SER A 53 -1.27 -4.74 -0.92
C SER A 53 -1.33 -3.79 0.26
N LEU A 54 -2.50 -3.70 0.93
CA LEU A 54 -2.64 -2.78 2.04
C LEU A 54 -1.90 -3.29 3.25
N ARG A 55 -2.02 -4.61 3.54
CA ARG A 55 -1.40 -5.15 4.73
C ARG A 55 0.09 -5.33 4.53
N THR A 56 0.52 -5.81 3.35
CA THR A 56 1.93 -6.03 3.10
C THR A 56 2.69 -4.72 3.14
N ILE A 57 2.13 -3.63 2.57
CA ILE A 57 2.85 -2.37 2.55
C ILE A 57 3.00 -1.84 3.97
N VAL A 58 2.02 -2.13 4.87
CA VAL A 58 2.15 -1.64 6.24
C VAL A 58 3.32 -2.33 6.91
N THR A 59 3.66 -3.58 6.50
CA THR A 59 4.77 -4.27 7.12
C THR A 59 6.07 -3.60 6.75
N GLY A 60 6.25 -3.22 5.46
CA GLY A 60 7.47 -2.55 5.05
C GLY A 60 7.67 -1.27 5.81
N LEU A 61 6.57 -0.53 6.12
CA LEU A 61 6.70 0.72 6.85
C LEU A 61 7.14 0.42 8.27
N LYS A 62 6.83 -0.79 8.75
CA LYS A 62 7.24 -1.16 10.11
C LYS A 62 8.75 -1.17 10.16
N GLY A 63 9.40 -1.71 9.11
CA GLY A 63 10.85 -1.77 9.09
C GLY A 63 11.44 -0.40 8.76
N ILE A 64 10.65 0.49 8.11
CA ILE A 64 11.18 1.80 7.75
C ILE A 64 11.33 2.66 8.99
N VAL A 65 10.27 2.73 9.83
CA VAL A 65 10.32 3.57 11.02
C VAL A 65 11.33 3.03 12.02
N GLU A 66 11.36 1.69 12.20
CA GLU A 66 12.23 1.06 13.18
C GLU A 66 13.70 1.14 12.82
N PHE A 67 14.05 0.97 11.54
CA PHE A 67 15.46 0.95 11.17
C PHE A 67 15.89 2.32 10.73
N ASP A 68 14.97 3.29 10.66
CA ASP A 68 15.37 4.61 10.26
C ASP A 68 15.07 5.55 11.39
N ASP A 69 13.76 5.83 11.62
CA ASP A 69 13.37 6.73 12.68
C ASP A 69 13.72 8.13 12.24
N GLY A 70 12.82 9.11 12.48
CA GLY A 70 13.15 10.46 12.09
C GLY A 70 12.07 11.06 11.23
N GLN A 71 12.42 11.22 9.93
CA GLN A 71 11.52 11.86 8.99
C GLN A 71 10.73 10.81 8.24
N MET A 72 11.31 9.60 8.12
CA MET A 72 10.67 8.54 7.36
C MET A 72 9.43 8.04 8.06
N LYS A 73 9.45 8.00 9.41
CA LYS A 73 8.32 7.49 10.16
C LYS A 73 7.08 8.34 9.90
N ASP A 74 7.25 9.69 9.77
CA ASP A 74 6.11 10.55 9.54
C ASP A 74 5.48 10.23 8.20
N ILE A 75 6.33 10.00 7.18
CA ILE A 75 5.83 9.68 5.85
C ILE A 75 5.08 8.37 5.89
N ALA A 76 5.43 7.46 6.83
CA ALA A 76 4.74 6.18 6.92
C ALA A 76 3.28 6.42 7.26
N LYS A 77 3.00 7.41 8.14
CA LYS A 77 1.62 7.72 8.52
C LYS A 77 0.85 8.17 7.31
N GLU A 78 1.48 8.95 6.40
CA GLU A 78 0.75 9.40 5.22
C GLU A 78 0.28 8.19 4.43
N ILE A 79 1.12 7.14 4.38
CA ILE A 79 0.75 5.92 3.67
C ILE A 79 -0.51 5.30 4.29
N LEU A 80 -0.61 5.27 5.65
CA LEU A 80 -1.81 4.70 6.31
C LEU A 80 -3.01 5.59 6.05
N ASP A 81 -2.79 6.77 5.45
CA ASP A 81 -3.90 7.66 5.19
C ASP A 81 -4.34 7.41 3.76
N THR A 82 -5.49 6.70 3.56
CA THR A 82 -5.93 6.45 2.20
C THR A 82 -7.42 6.24 2.18
N GLN A 83 -8.14 7.09 1.39
CA GLN A 83 -9.57 6.96 1.27
C GLN A 83 -9.87 6.44 -0.12
N ILE A 84 -10.76 5.41 -0.22
CA ILE A 84 -11.11 4.88 -1.52
C ILE A 84 -12.60 4.61 -1.52
N CYS A 85 -13.35 5.34 -2.41
CA CYS A 85 -14.79 5.16 -2.57
C CYS A 85 -15.48 6.28 -1.86
N GLY A 86 -14.72 7.30 -1.41
CA GLY A 86 -15.32 8.42 -0.74
C GLY A 86 -15.22 8.19 0.74
N VAL A 87 -14.77 7.00 1.16
CA VAL A 87 -14.63 6.72 2.56
C VAL A 87 -13.24 6.19 2.77
N PRO A 88 -12.71 6.45 3.95
CA PRO A 88 -11.36 6.05 4.31
C PRO A 88 -11.16 4.58 4.49
N PHE A 89 -9.92 4.20 4.89
CA PHE A 89 -9.57 2.80 5.11
C PHE A 89 -10.46 2.24 6.20
N SER A 90 -10.97 3.12 7.10
CA SER A 90 -11.82 2.67 8.19
C SER A 90 -13.12 2.08 7.67
N GLN A 91 -13.78 2.70 6.67
CA GLN A 91 -15.05 2.15 6.19
C GLN A 91 -14.80 1.21 5.04
N PHE A 92 -13.53 0.97 4.67
CA PHE A 92 -13.28 0.07 3.60
C PHE A 92 -12.86 -1.23 4.23
N GLY A 93 -13.65 -2.28 3.97
CA GLY A 93 -13.35 -3.55 4.56
C GLY A 93 -14.61 -4.12 5.12
N THR A 94 -15.74 -3.38 4.96
CA THR A 94 -17.00 -3.88 5.46
C THR A 94 -18.00 -3.68 4.36
N CYS A 95 -18.87 -4.69 4.13
CA CYS A 95 -19.85 -4.59 3.07
C CYS A 95 -21.13 -4.05 3.67
N SER A 96 -21.56 -2.86 3.21
CA SER A 96 -22.78 -2.28 3.71
C SER A 96 -23.84 -2.39 2.64
N GLY A 97 -25.10 -2.65 3.06
CA GLY A 97 -26.19 -2.79 2.12
C GLY A 97 -26.55 -1.45 1.54
N SER A 98 -26.09 -0.36 2.18
CA SER A 98 -26.37 0.96 1.67
C SER A 98 -25.56 1.14 0.41
N ALA A 99 -24.35 0.54 0.38
CA ALA A 99 -23.51 0.71 -0.76
C ALA A 99 -23.89 -0.32 -1.80
N ARG A 100 -24.60 -1.41 -1.40
CA ARG A 100 -24.97 -2.41 -2.37
C ARG A 100 -26.10 -1.88 -3.22
N ASP A 101 -27.06 -1.13 -2.63
CA ASP A 101 -28.16 -0.59 -3.40
C ASP A 101 -27.61 0.44 -4.36
N LEU A 102 -26.62 1.23 -3.88
CA LEU A 102 -26.02 2.24 -4.72
C LEU A 102 -25.26 1.61 -5.88
N VAL A 103 -24.55 0.46 -5.66
CA VAL A 103 -23.76 -0.18 -6.70
C VAL A 103 -24.69 -1.12 -7.46
N ASP A 104 -25.94 -1.27 -6.97
CA ASP A 104 -26.78 -2.23 -7.63
C ASP A 104 -27.53 -1.48 -8.70
N ASN A 105 -27.62 -0.13 -8.53
CA ASN A 105 -28.31 0.69 -9.48
C ASN A 105 -27.28 1.55 -10.15
N ALA A 106 -26.00 1.41 -9.74
CA ALA A 106 -24.94 2.17 -10.35
C ALA A 106 -24.59 1.46 -11.62
N SER A 107 -24.00 2.19 -12.58
CA SER A 107 -23.64 1.57 -13.82
C SER A 107 -22.15 1.63 -13.97
N TYR A 108 -21.64 1.25 -15.16
CA TYR A 108 -20.23 1.23 -15.45
C TYR A 108 -19.68 2.63 -15.49
N GLN A 109 -20.55 3.67 -15.43
CA GLN A 109 -19.98 4.98 -15.63
C GLN A 109 -19.60 5.49 -14.26
N GLN A 110 -20.33 5.01 -13.23
CA GLN A 110 -20.10 5.46 -11.90
C GLN A 110 -19.10 4.53 -11.28
N GLU A 111 -18.91 3.31 -11.86
CA GLU A 111 -17.97 2.40 -11.28
C GLU A 111 -16.61 2.80 -11.80
N LYS A 112 -16.59 3.41 -13.02
CA LYS A 112 -15.34 3.85 -13.62
C LYS A 112 -14.74 4.96 -12.78
N ILE A 113 -15.57 5.89 -12.25
CA ILE A 113 -14.99 6.95 -11.45
C ILE A 113 -14.55 6.42 -10.09
N ILE A 114 -15.17 5.32 -9.60
CA ILE A 114 -14.76 4.76 -8.31
C ILE A 114 -13.39 4.12 -8.43
N ILE A 115 -13.13 3.41 -9.55
CA ILE A 115 -11.85 2.75 -9.72
C ILE A 115 -10.80 3.80 -9.93
N LYS A 116 -11.22 5.01 -10.35
CA LYS A 116 -10.27 6.07 -10.55
C LYS A 116 -9.86 6.62 -9.22
N HIS A 117 -10.72 6.49 -8.18
CA HIS A 117 -10.34 6.95 -6.87
C HIS A 117 -9.14 6.12 -6.47
N LEU A 118 -9.20 4.81 -6.80
CA LEU A 118 -8.11 3.93 -6.48
C LEU A 118 -6.89 4.28 -7.31
N ASN A 119 -7.06 4.61 -8.62
CA ASN A 119 -5.92 4.93 -9.46
C ASN A 119 -5.22 6.17 -8.95
N GLU A 120 -5.99 7.22 -8.58
CA GLU A 120 -5.37 8.44 -8.10
C GLU A 120 -4.73 8.21 -6.74
N LEU A 121 -5.17 7.20 -5.97
CA LEU A 121 -4.60 7.00 -4.67
C LEU A 121 -3.28 6.29 -4.85
N PHE A 122 -3.14 5.47 -5.92
CA PHE A 122 -1.89 4.79 -6.17
C PHE A 122 -0.85 5.82 -6.52
N GLU A 123 -1.26 6.94 -7.17
CA GLU A 123 -0.32 7.97 -7.53
C GLU A 123 0.28 8.56 -6.28
N LYS A 124 -0.53 8.73 -5.21
CA LYS A 124 0.01 9.25 -3.94
C LYS A 124 1.05 8.28 -3.40
N VAL A 125 0.82 6.96 -3.58
CA VAL A 125 1.77 5.96 -3.13
C VAL A 125 3.09 6.17 -3.85
N ALA A 126 3.01 6.50 -5.17
CA ALA A 126 4.22 6.71 -5.96
C ALA A 126 4.96 7.92 -5.45
N LEU A 127 4.24 8.90 -4.82
CA LEU A 127 4.90 10.07 -4.29
C LEU A 127 5.84 9.65 -3.19
N HIS A 128 5.44 8.66 -2.35
CA HIS A 128 6.33 8.19 -1.29
C HIS A 128 7.50 7.46 -1.93
N LEU A 129 7.23 6.80 -3.07
CA LEU A 129 8.23 6.03 -3.79
C LEU A 129 9.38 6.90 -4.23
N VAL A 130 9.12 8.18 -4.62
CA VAL A 130 10.21 9.02 -5.12
C VAL A 130 11.15 9.43 -4.01
N GLY A 131 10.95 8.93 -2.77
CA GLY A 131 11.85 9.27 -1.68
C GLY A 131 13.10 8.43 -1.80
N ALA A 132 13.15 7.54 -2.81
CA ALA A 132 14.31 6.70 -3.00
C ALA A 132 15.46 7.57 -3.44
N GLU A 133 15.13 8.57 -4.31
CA GLU A 133 16.13 9.48 -4.83
C GLU A 133 16.89 8.73 -5.87
N VAL A 134 16.17 8.26 -6.91
CA VAL A 134 16.79 7.49 -7.95
C VAL A 134 16.76 8.35 -9.23
N GLY A 1 30.60 9.46 -16.51
CA GLY A 1 31.81 9.35 -15.66
C GLY A 1 31.81 8.05 -14.93
N PRO A 2 32.69 7.19 -15.36
CA PRO A 2 32.86 5.88 -14.79
C PRO A 2 33.48 5.90 -13.42
N GLU A 3 33.14 4.91 -12.58
CA GLU A 3 33.70 4.86 -11.25
C GLU A 3 34.02 3.43 -10.97
N ARG A 4 35.27 3.17 -10.49
CA ARG A 4 35.66 1.83 -10.20
C ARG A 4 36.06 1.80 -8.75
N ILE A 5 35.35 0.98 -7.95
CA ILE A 5 35.66 0.89 -6.54
C ILE A 5 35.75 -0.56 -6.16
N SER A 6 36.30 -0.84 -4.95
CA SER A 6 36.43 -2.20 -4.51
C SER A 6 36.13 -2.25 -3.03
N LYS A 7 35.84 -3.46 -2.52
CA LYS A 7 35.54 -3.60 -1.12
C LYS A 7 36.16 -4.88 -0.63
N ALA A 8 36.53 -4.92 0.67
CA ALA A 8 37.14 -6.11 1.21
C ALA A 8 37.18 -5.97 2.70
N TYR A 9 36.00 -6.01 3.36
CA TYR A 9 35.98 -5.89 4.80
C TYR A 9 35.16 -7.04 5.32
N GLU A 10 35.57 -7.58 6.49
CA GLU A 10 34.83 -8.69 7.06
C GLU A 10 34.38 -8.29 8.43
N SER A 11 33.09 -8.51 8.72
CA SER A 11 32.56 -8.17 10.02
C SER A 11 31.33 -9.00 10.26
N LYS A 12 30.93 -9.11 11.53
CA LYS A 12 29.76 -9.89 11.85
C LYS A 12 28.77 -8.97 12.54
N ASP A 13 28.09 -8.12 11.75
CA ASP A 13 27.14 -7.22 12.34
C ASP A 13 25.77 -7.60 11.85
N VAL A 14 24.84 -7.83 12.82
CA VAL A 14 23.48 -8.19 12.49
C VAL A 14 22.77 -7.00 11.85
N ARG A 15 23.20 -5.76 12.19
CA ARG A 15 22.57 -4.56 11.65
C ARG A 15 22.70 -4.52 10.14
N LEU A 16 23.84 -5.00 9.58
CA LEU A 16 24.05 -4.96 8.14
C LEU A 16 23.12 -5.95 7.46
N VAL A 17 22.96 -7.14 8.10
CA VAL A 17 22.11 -8.18 7.53
C VAL A 17 20.67 -7.69 7.49
N ALA A 18 20.21 -7.03 8.57
CA ALA A 18 18.85 -6.53 8.62
C ALA A 18 18.64 -5.50 7.54
N ARG A 19 19.67 -4.65 7.26
CA ARG A 19 19.57 -3.63 6.25
C ARG A 19 19.31 -4.26 4.90
N ASP A 20 19.91 -5.44 4.62
CA ASP A 20 19.73 -6.10 3.36
C ASP A 20 18.29 -6.56 3.19
N SER A 21 17.68 -7.10 4.28
CA SER A 21 16.31 -7.58 4.23
C SER A 21 15.37 -6.42 3.99
N ALA A 22 15.65 -5.27 4.65
CA ALA A 22 14.82 -4.09 4.52
C ALA A 22 14.77 -3.64 3.07
N PHE A 23 15.84 -3.89 2.30
CA PHE A 23 15.87 -3.50 0.90
C PHE A 23 14.79 -4.25 0.14
N LEU A 24 14.58 -5.56 0.45
CA LEU A 24 13.58 -6.34 -0.26
C LEU A 24 12.18 -5.84 0.07
N GLY A 25 11.95 -5.43 1.34
CA GLY A 25 10.63 -4.96 1.74
C GLY A 25 10.22 -3.77 0.90
N LEU A 26 11.18 -2.87 0.61
CA LEU A 26 10.89 -1.70 -0.22
C LEU A 26 10.46 -2.15 -1.60
N GLN A 27 11.08 -3.23 -2.11
CA GLN A 27 10.76 -3.71 -3.45
C GLN A 27 9.32 -4.18 -3.54
N ARG A 28 8.78 -4.87 -2.49
CA ARG A 28 7.41 -5.37 -2.56
C ARG A 28 6.44 -4.21 -2.58
N ALA A 29 6.73 -3.16 -1.78
CA ALA A 29 5.89 -1.98 -1.75
C ALA A 29 5.75 -1.38 -3.14
N ILE A 30 6.83 -1.43 -3.94
CA ILE A 30 6.80 -0.89 -5.29
C ILE A 30 5.84 -1.70 -6.15
N ARG A 31 5.80 -3.04 -5.97
CA ARG A 31 4.98 -3.90 -6.81
C ARG A 31 3.50 -3.58 -6.63
N SER A 32 3.04 -3.32 -5.38
CA SER A 32 1.63 -3.03 -5.13
C SER A 32 0.71 -4.08 -5.76
N GLU A 33 -0.55 -3.66 -6.06
CA GLU A 33 -1.52 -4.56 -6.67
C GLU A 33 -2.59 -3.68 -7.30
N ARG A 34 -3.37 -4.25 -8.27
CA ARG A 34 -4.39 -3.46 -8.95
C ARG A 34 -5.65 -4.28 -9.08
N PHE A 35 -6.83 -3.60 -8.99
CA PHE A 35 -8.10 -4.29 -9.13
C PHE A 35 -8.85 -3.59 -10.24
N GLU A 36 -9.88 -4.26 -10.81
CA GLU A 36 -10.62 -3.65 -11.89
C GLU A 36 -12.03 -3.38 -11.40
N LEU A 37 -12.89 -2.92 -12.35
CA LEU A 37 -14.27 -2.63 -12.02
C LEU A 37 -15.00 -3.93 -11.84
N ASP A 38 -14.47 -4.99 -12.51
CA ASP A 38 -15.08 -6.28 -12.41
C ASP A 38 -14.73 -6.88 -11.08
N ASN A 39 -13.72 -6.32 -10.37
CA ASN A 39 -13.37 -6.87 -9.09
C ASN A 39 -14.08 -6.08 -8.04
N PHE A 40 -14.58 -4.89 -8.40
CA PHE A 40 -15.30 -4.11 -7.44
C PHE A 40 -16.68 -4.69 -7.23
N LYS A 41 -17.34 -5.21 -8.30
CA LYS A 41 -18.67 -5.78 -8.14
C LYS A 41 -18.55 -7.21 -7.65
N SER A 42 -17.65 -7.99 -8.30
CA SER A 42 -17.47 -9.38 -7.96
C SER A 42 -16.96 -9.52 -6.54
N ASN A 43 -16.00 -8.67 -6.12
CA ASN A 43 -15.44 -8.78 -4.80
C ASN A 43 -16.00 -7.70 -3.91
N PHE A 44 -17.21 -7.20 -4.20
CA PHE A 44 -17.78 -6.15 -3.37
C PHE A 44 -17.98 -6.66 -1.96
N PRO A 45 -18.74 -7.73 -1.79
CA PRO A 45 -19.01 -8.28 -0.48
C PRO A 45 -18.11 -9.42 -0.06
N TYR A 46 -17.35 -10.02 -0.99
CA TYR A 46 -16.52 -11.15 -0.62
C TYR A 46 -15.18 -10.67 -0.15
N LEU A 47 -14.64 -9.58 -0.72
CA LEU A 47 -13.35 -9.12 -0.28
C LEU A 47 -13.57 -8.04 0.75
N THR A 48 -13.57 -8.45 2.04
CA THR A 48 -13.78 -7.49 3.10
C THR A 48 -12.48 -7.32 3.86
N VAL A 49 -11.42 -8.05 3.47
CA VAL A 49 -10.17 -7.93 4.17
C VAL A 49 -9.11 -7.66 3.13
N ALA A 50 -8.09 -6.85 3.47
CA ALA A 50 -7.09 -6.55 2.49
C ALA A 50 -5.73 -6.66 3.13
N ASN A 51 -5.10 -7.85 2.99
CA ASN A 51 -3.77 -8.04 3.49
C ASN A 51 -2.96 -8.55 2.34
N GLY A 52 -3.52 -8.42 1.11
CA GLY A 52 -2.84 -8.86 -0.07
C GLY A 52 -1.63 -8.00 -0.30
N SER A 53 -1.77 -6.67 -0.09
CA SER A 53 -0.64 -5.79 -0.31
C SER A 53 -0.73 -4.62 0.64
N LEU A 54 -1.93 -4.36 1.20
CA LEU A 54 -2.08 -3.24 2.11
C LEU A 54 -1.37 -3.52 3.41
N ARG A 55 -1.55 -4.76 3.94
CA ARG A 55 -0.96 -5.09 5.21
C ARG A 55 0.51 -5.42 5.01
N THR A 56 0.87 -5.99 3.84
CA THR A 56 2.24 -6.32 3.57
C THR A 56 3.06 -5.05 3.49
N ILE A 57 2.51 -3.99 2.85
CA ILE A 57 3.24 -2.75 2.72
C ILE A 57 3.43 -2.11 4.07
N VAL A 58 2.54 -2.36 5.08
CA VAL A 58 2.75 -1.72 6.37
C VAL A 58 3.92 -2.38 7.07
N THR A 59 4.22 -3.67 6.75
CA THR A 59 5.34 -4.34 7.39
C THR A 59 6.63 -3.71 6.89
N GLY A 60 6.70 -3.42 5.57
CA GLY A 60 7.87 -2.79 5.01
C GLY A 60 8.03 -1.44 5.64
N LEU A 61 6.91 -0.80 6.00
CA LEU A 61 6.95 0.50 6.62
C LEU A 61 7.67 0.41 7.94
N LYS A 62 7.48 -0.69 8.72
CA LYS A 62 8.17 -0.83 9.99
C LYS A 62 9.66 -0.84 9.76
N GLY A 63 10.12 -1.52 8.68
CA GLY A 63 11.55 -1.54 8.41
C GLY A 63 12.02 -0.15 8.05
N ILE A 64 11.10 0.71 7.58
CA ILE A 64 11.46 2.06 7.20
C ILE A 64 11.79 2.86 8.44
N VAL A 65 10.96 2.75 9.50
CA VAL A 65 11.19 3.51 10.73
C VAL A 65 12.43 2.99 11.46
N GLU A 66 12.66 1.66 11.42
CA GLU A 66 13.78 1.07 12.14
C GLU A 66 15.10 1.59 11.64
N PHE A 67 15.25 1.78 10.32
CA PHE A 67 16.53 2.26 9.87
C PHE A 67 16.44 3.77 9.80
N ASP A 68 15.21 4.28 9.53
CA ASP A 68 14.98 5.70 9.48
C ASP A 68 13.81 5.97 10.38
N ASP A 69 14.06 6.24 11.68
CA ASP A 69 12.99 6.50 12.61
C ASP A 69 12.86 8.00 12.75
N GLY A 70 12.85 8.74 11.61
CA GLY A 70 12.78 10.17 11.70
C GLY A 70 11.52 10.68 11.05
N GLN A 71 11.68 11.25 9.83
CA GLN A 71 10.57 11.83 9.13
C GLN A 71 10.00 10.85 8.13
N MET A 72 10.64 9.67 7.98
CA MET A 72 10.16 8.73 7.00
C MET A 72 9.00 7.97 7.58
N LYS A 73 9.09 7.64 8.90
CA LYS A 73 8.02 6.93 9.56
C LYS A 73 6.73 7.73 9.47
N ASP A 74 6.81 9.08 9.57
CA ASP A 74 5.62 9.91 9.49
C ASP A 74 4.96 9.75 8.14
N ILE A 75 5.77 9.66 7.06
CA ILE A 75 5.23 9.49 5.72
C ILE A 75 4.47 8.17 5.64
N ALA A 76 4.97 7.14 6.36
CA ALA A 76 4.33 5.83 6.35
C ALA A 76 2.90 5.92 6.86
N LYS A 77 2.66 6.75 7.90
CA LYS A 77 1.30 6.89 8.44
C LYS A 77 0.38 7.43 7.37
N GLU A 78 0.88 8.39 6.55
CA GLU A 78 0.08 8.98 5.51
C GLU A 78 -0.35 7.92 4.51
N ILE A 79 0.53 6.92 4.24
CA ILE A 79 0.21 5.87 3.27
C ILE A 79 -0.95 5.02 3.76
N LEU A 80 -1.02 4.71 5.09
CA LEU A 80 -2.11 3.89 5.60
C LEU A 80 -3.41 4.56 5.31
N ASP A 81 -3.49 5.89 5.48
CA ASP A 81 -4.71 6.61 5.21
C ASP A 81 -4.96 6.59 3.71
N THR A 82 -6.11 5.98 3.29
CA THR A 82 -6.41 5.90 1.88
C THR A 82 -7.91 5.93 1.68
N GLN A 83 -8.39 6.97 0.96
CA GLN A 83 -9.81 7.11 0.66
C GLN A 83 -10.06 6.64 -0.75
N ILE A 84 -11.09 5.76 -0.94
CA ILE A 84 -11.42 5.26 -2.26
C ILE A 84 -12.93 5.22 -2.39
N CYS A 85 -13.51 6.31 -2.96
CA CYS A 85 -14.96 6.41 -3.20
C CYS A 85 -15.52 7.42 -2.24
N GLY A 86 -14.65 8.20 -1.58
CA GLY A 86 -15.13 9.18 -0.64
C GLY A 86 -15.13 8.55 0.72
N VAL A 87 -14.91 7.23 0.78
CA VAL A 87 -14.89 6.55 2.06
C VAL A 87 -13.51 5.96 2.19
N PRO A 88 -13.00 6.00 3.40
CA PRO A 88 -11.66 5.52 3.71
C PRO A 88 -11.51 4.02 3.73
N PHE A 89 -10.30 3.57 4.12
CA PHE A 89 -9.99 2.16 4.21
C PHE A 89 -10.95 1.49 5.16
N SER A 90 -11.30 2.19 6.26
CA SER A 90 -12.19 1.62 7.27
C SER A 90 -13.55 1.29 6.69
N GLN A 91 -14.13 2.17 5.84
CA GLN A 91 -15.46 1.89 5.32
C GLN A 91 -15.38 1.04 4.07
N PHE A 92 -14.17 0.63 3.65
CA PHE A 92 -14.07 -0.20 2.47
C PHE A 92 -13.81 -1.61 2.92
N GLY A 93 -13.65 -1.81 4.25
CA GLY A 93 -13.39 -3.13 4.77
C GLY A 93 -14.68 -3.70 5.29
N THR A 94 -15.84 -3.05 5.02
CA THR A 94 -17.09 -3.57 5.54
C THR A 94 -18.13 -3.52 4.45
N CYS A 95 -18.97 -4.57 4.37
CA CYS A 95 -20.02 -4.63 3.38
C CYS A 95 -21.11 -3.66 3.75
N SER A 96 -21.66 -2.94 2.74
CA SER A 96 -22.71 -1.99 3.00
C SER A 96 -23.88 -2.31 2.11
N GLY A 97 -25.11 -2.31 2.70
CA GLY A 97 -26.29 -2.60 1.92
C GLY A 97 -26.79 -1.32 1.34
N SER A 98 -26.44 -0.18 1.98
CA SER A 98 -26.84 1.12 1.47
C SER A 98 -26.11 1.34 0.18
N ALA A 99 -24.83 0.90 0.15
CA ALA A 99 -24.02 1.09 -1.01
C ALA A 99 -24.37 0.05 -2.05
N ARG A 100 -24.93 -1.13 -1.63
CA ARG A 100 -25.25 -2.15 -2.61
C ARG A 100 -26.47 -1.73 -3.41
N ASP A 101 -27.39 -0.94 -2.80
CA ASP A 101 -28.58 -0.53 -3.52
C ASP A 101 -28.23 0.57 -4.49
N LEU A 102 -27.43 1.57 -4.03
CA LEU A 102 -27.08 2.68 -4.89
C LEU A 102 -26.23 2.20 -6.05
N VAL A 103 -25.17 1.37 -5.80
CA VAL A 103 -24.35 0.89 -6.90
C VAL A 103 -25.15 0.03 -7.85
N ASP A 104 -26.20 -0.68 -7.37
CA ASP A 104 -27.01 -1.49 -8.25
C ASP A 104 -27.69 -0.59 -9.27
N ASN A 105 -28.14 0.61 -8.83
CA ASN A 105 -28.81 1.51 -9.73
C ASN A 105 -27.76 2.20 -10.57
N ALA A 106 -26.52 2.29 -10.05
CA ALA A 106 -25.44 2.90 -10.78
C ALA A 106 -24.97 1.88 -11.78
N SER A 107 -24.32 2.34 -12.86
CA SER A 107 -23.87 1.40 -13.83
C SER A 107 -22.37 1.41 -13.83
N TYR A 108 -21.76 0.90 -14.92
CA TYR A 108 -20.32 0.85 -14.99
C TYR A 108 -19.82 2.27 -15.14
N GLN A 109 -20.54 3.04 -15.97
CA GLN A 109 -20.20 4.43 -16.20
C GLN A 109 -19.94 5.19 -14.90
N GLN A 110 -20.76 5.00 -13.82
CA GLN A 110 -20.53 5.78 -12.63
C GLN A 110 -19.46 5.10 -11.82
N GLU A 111 -19.32 3.76 -12.01
CA GLU A 111 -18.31 3.03 -11.31
C GLU A 111 -16.96 3.39 -11.88
N LYS A 112 -16.93 3.91 -13.14
CA LYS A 112 -15.69 4.27 -13.79
C LYS A 112 -15.08 5.44 -13.07
N ILE A 113 -15.90 6.45 -12.67
CA ILE A 113 -15.32 7.57 -11.96
C ILE A 113 -14.87 7.13 -10.58
N ILE A 114 -15.56 6.14 -9.97
CA ILE A 114 -15.16 5.67 -8.65
C ILE A 114 -13.80 4.98 -8.72
N ILE A 115 -13.57 4.19 -9.79
CA ILE A 115 -12.32 3.46 -9.90
C ILE A 115 -11.19 4.42 -10.15
N LYS A 116 -11.42 5.60 -10.79
CA LYS A 116 -10.31 6.48 -10.99
C LYS A 116 -9.92 7.12 -9.68
N HIS A 117 -10.82 7.15 -8.65
CA HIS A 117 -10.42 7.71 -7.36
C HIS A 117 -9.32 6.82 -6.84
N LEU A 118 -9.50 5.50 -7.04
CA LEU A 118 -8.51 4.53 -6.59
C LEU A 118 -7.21 4.75 -7.30
N ASN A 119 -7.24 5.03 -8.63
CA ASN A 119 -6.01 5.23 -9.36
C ASN A 119 -5.39 6.53 -8.94
N GLU A 120 -6.22 7.47 -8.43
CA GLU A 120 -5.73 8.74 -8.00
C GLU A 120 -4.80 8.50 -6.86
N LEU A 121 -5.23 7.65 -5.90
CA LEU A 121 -4.40 7.36 -4.78
C LEU A 121 -3.21 6.57 -5.23
N PHE A 122 -3.32 5.87 -6.38
CA PHE A 122 -2.20 5.12 -6.89
C PHE A 122 -1.03 6.04 -7.10
N GLU A 123 -1.22 7.23 -7.72
CA GLU A 123 -0.10 8.14 -7.88
C GLU A 123 0.37 8.59 -6.52
N LYS A 124 -0.54 8.73 -5.51
CA LYS A 124 -0.11 9.13 -4.18
C LYS A 124 0.81 8.06 -3.61
N VAL A 125 0.66 6.79 -4.11
CA VAL A 125 1.53 5.71 -3.68
C VAL A 125 2.92 6.06 -4.16
N ALA A 126 3.00 6.65 -5.36
CA ALA A 126 4.27 7.06 -5.91
C ALA A 126 4.83 8.18 -5.06
N LEU A 127 3.96 8.93 -4.33
CA LEU A 127 4.46 9.97 -3.45
C LEU A 127 5.30 9.29 -2.40
N HIS A 128 4.91 8.07 -1.99
CA HIS A 128 5.75 7.34 -1.05
C HIS A 128 7.05 6.99 -1.78
N LEU A 129 6.93 6.67 -3.10
CA LEU A 129 8.08 6.32 -3.93
C LEU A 129 8.78 7.58 -4.43
N VAL A 130 8.54 8.72 -3.74
CA VAL A 130 9.22 9.97 -4.11
C VAL A 130 10.59 10.00 -3.46
N GLY A 131 11.12 8.82 -3.05
CA GLY A 131 12.41 8.79 -2.42
C GLY A 131 13.48 8.72 -3.47
N ALA A 132 13.08 8.75 -4.76
CA ALA A 132 14.06 8.71 -5.81
C ALA A 132 13.94 9.99 -6.58
N GLU A 133 12.72 10.28 -7.08
CA GLU A 133 12.52 11.49 -7.82
C GLU A 133 11.73 12.39 -6.94
N VAL A 134 12.35 13.52 -6.54
CA VAL A 134 11.65 14.44 -5.66
C VAL A 134 11.53 15.78 -6.40
N GLY A 1 20.17 26.76 -20.13
CA GLY A 1 21.18 27.85 -20.07
C GLY A 1 22.41 27.38 -19.37
N PRO A 2 22.62 27.98 -18.23
CA PRO A 2 23.76 27.68 -17.38
C PRO A 2 23.63 26.35 -16.68
N GLU A 3 24.79 25.72 -16.39
CA GLU A 3 24.77 24.45 -15.72
C GLU A 3 25.70 24.52 -14.56
N ARG A 4 25.44 23.71 -13.52
CA ARG A 4 26.29 23.72 -12.34
C ARG A 4 27.16 22.50 -12.41
N ILE A 5 28.46 22.68 -12.07
CA ILE A 5 29.37 21.56 -12.10
C ILE A 5 29.88 21.37 -10.70
N SER A 6 29.72 20.14 -10.16
CA SER A 6 30.18 19.87 -8.82
C SER A 6 30.77 18.49 -8.82
N LYS A 7 31.94 18.34 -8.17
CA LYS A 7 32.58 17.05 -8.11
C LYS A 7 32.78 16.71 -6.65
N ALA A 8 32.37 15.49 -6.25
CA ALA A 8 32.51 15.09 -4.88
C ALA A 8 32.84 13.63 -4.84
N TYR A 9 33.50 13.18 -3.74
CA TYR A 9 33.86 11.79 -3.61
C TYR A 9 32.67 11.03 -3.10
N GLU A 10 32.53 9.76 -3.55
CA GLU A 10 31.43 8.95 -3.11
C GLU A 10 32.00 7.67 -2.57
N SER A 11 31.39 7.14 -1.48
CA SER A 11 31.87 5.92 -0.88
C SER A 11 30.70 4.98 -0.74
N LYS A 12 31.00 3.66 -0.72
CA LYS A 12 29.93 2.68 -0.58
C LYS A 12 30.05 2.11 0.81
N ASP A 13 28.90 1.96 1.51
CA ASP A 13 28.94 1.43 2.86
C ASP A 13 28.08 0.20 2.95
N VAL A 14 28.54 -0.78 3.75
CA VAL A 14 27.82 -2.03 3.96
C VAL A 14 26.46 -1.75 4.59
N ARG A 15 26.35 -0.77 5.54
CA ARG A 15 25.07 -0.50 6.15
C ARG A 15 24.10 -0.07 5.07
N LEU A 16 24.59 0.73 4.10
CA LEU A 16 23.75 1.19 2.99
C LEU A 16 23.18 0.01 2.23
N VAL A 17 23.97 -1.07 2.01
CA VAL A 17 23.46 -2.23 1.28
C VAL A 17 22.29 -2.85 2.02
N ALA A 18 22.41 -3.00 3.37
CA ALA A 18 21.33 -3.60 4.14
C ALA A 18 20.10 -2.71 4.07
N ARG A 19 20.32 -1.38 4.06
CA ARG A 19 19.23 -0.42 4.01
C ARG A 19 18.46 -0.63 2.71
N ASP A 20 19.17 -1.00 1.62
CA ASP A 20 18.52 -1.23 0.35
C ASP A 20 17.53 -2.37 0.48
N SER A 21 17.87 -3.41 1.29
CA SER A 21 16.94 -4.52 1.48
C SER A 21 15.60 -4.02 1.99
N ALA A 22 15.59 -3.07 2.97
CA ALA A 22 14.32 -2.54 3.47
C ALA A 22 13.58 -1.86 2.33
N PHE A 23 14.34 -1.31 1.35
CA PHE A 23 13.74 -0.64 0.22
C PHE A 23 12.86 -1.63 -0.53
N LEU A 24 13.40 -2.84 -0.83
CA LEU A 24 12.60 -3.89 -1.49
C LEU A 24 11.26 -4.07 -0.81
N GLY A 25 11.21 -4.01 0.54
CA GLY A 25 9.94 -4.17 1.24
C GLY A 25 8.96 -3.10 0.80
N LEU A 26 9.46 -1.86 0.62
CA LEU A 26 8.59 -0.77 0.21
C LEU A 26 7.98 -1.04 -1.14
N GLN A 27 8.75 -1.64 -2.10
CA GLN A 27 8.23 -1.92 -3.43
C GLN A 27 7.05 -2.88 -3.38
N ARG A 28 7.15 -3.97 -2.57
CA ARG A 28 6.01 -4.90 -2.46
C ARG A 28 4.76 -4.11 -2.12
N ALA A 29 4.92 -3.10 -1.25
CA ALA A 29 3.80 -2.27 -0.85
C ALA A 29 3.23 -1.56 -2.06
N ILE A 30 4.12 -1.12 -2.98
CA ILE A 30 3.72 -0.39 -4.16
C ILE A 30 2.89 -1.23 -5.11
N ARG A 31 3.23 -2.53 -5.34
CA ARG A 31 2.49 -3.30 -6.34
C ARG A 31 1.05 -3.52 -5.94
N SER A 32 0.77 -3.89 -4.67
CA SER A 32 -0.62 -4.10 -4.25
C SER A 32 -1.32 -5.07 -5.22
N GLU A 33 -2.69 -5.00 -5.30
CA GLU A 33 -3.44 -5.86 -6.21
C GLU A 33 -4.87 -5.34 -6.29
N ARG A 34 -5.64 -5.75 -7.35
CA ARG A 34 -7.00 -5.26 -7.49
C ARG A 34 -7.85 -6.31 -8.21
N PHE A 35 -9.21 -6.18 -8.11
CA PHE A 35 -10.09 -7.11 -8.80
C PHE A 35 -10.98 -6.29 -9.70
N GLU A 36 -11.52 -6.95 -10.75
CA GLU A 36 -12.38 -6.27 -11.71
C GLU A 36 -13.73 -6.02 -11.07
N LEU A 37 -14.52 -5.11 -11.69
CA LEU A 37 -15.83 -4.79 -11.19
C LEU A 37 -16.74 -5.95 -11.47
N ASP A 38 -16.27 -6.91 -12.30
CA ASP A 38 -17.04 -8.07 -12.61
C ASP A 38 -17.14 -8.91 -11.36
N ASN A 39 -16.12 -8.85 -10.48
CA ASN A 39 -16.16 -9.62 -9.27
C ASN A 39 -16.74 -8.77 -8.19
N PHE A 40 -16.77 -7.44 -8.40
CA PHE A 40 -17.32 -6.57 -7.40
C PHE A 40 -18.83 -6.46 -7.53
N LYS A 41 -19.44 -6.98 -8.62
CA LYS A 41 -20.89 -6.85 -8.76
C LYS A 41 -21.61 -7.78 -7.80
N SER A 42 -21.19 -9.06 -7.70
CA SER A 42 -21.91 -9.97 -6.85
C SER A 42 -21.11 -10.27 -5.61
N ASN A 43 -19.79 -10.07 -5.64
CA ASN A 43 -18.99 -10.38 -4.48
C ASN A 43 -18.56 -9.09 -3.83
N PHE A 44 -19.32 -8.00 -4.04
CA PHE A 44 -18.97 -6.73 -3.44
C PHE A 44 -18.92 -6.83 -1.93
N PRO A 45 -19.98 -7.34 -1.31
CA PRO A 45 -20.03 -7.45 0.15
C PRO A 45 -19.25 -8.58 0.76
N TYR A 46 -18.79 -9.55 -0.04
CA TYR A 46 -18.07 -10.67 0.53
C TYR A 46 -16.62 -10.32 0.78
N LEU A 47 -16.03 -9.38 0.01
CA LEU A 47 -14.66 -9.03 0.24
C LEU A 47 -14.65 -7.83 1.15
N THR A 48 -14.62 -8.07 2.48
CA THR A 48 -14.62 -6.98 3.43
C THR A 48 -13.28 -6.91 4.13
N VAL A 49 -12.29 -7.74 3.70
CA VAL A 49 -11.00 -7.70 4.34
C VAL A 49 -9.99 -7.50 3.24
N ALA A 50 -8.77 -7.02 3.58
CA ALA A 50 -7.82 -6.81 2.53
C ALA A 50 -6.42 -6.88 3.05
N ASN A 51 -5.89 -8.12 3.22
CA ASN A 51 -4.51 -8.26 3.62
C ASN A 51 -3.78 -8.65 2.38
N GLY A 52 -4.42 -8.39 1.21
CA GLY A 52 -3.84 -8.72 -0.05
C GLY A 52 -2.55 -7.94 -0.19
N SER A 53 -2.54 -6.66 0.24
CA SER A 53 -1.33 -5.89 0.12
C SER A 53 -1.34 -4.77 1.13
N LEU A 54 -2.52 -4.40 1.69
CA LEU A 54 -2.58 -3.31 2.65
C LEU A 54 -1.85 -3.72 3.93
N ARG A 55 -2.17 -4.92 4.44
CA ARG A 55 -1.57 -5.38 5.66
C ARG A 55 -0.12 -5.76 5.39
N THR A 56 0.19 -6.08 4.11
CA THR A 56 1.54 -6.44 3.73
C THR A 56 2.42 -5.20 3.82
N ILE A 57 1.90 -4.01 3.43
CA ILE A 57 2.70 -2.80 3.48
C ILE A 57 2.95 -2.47 4.93
N VAL A 58 2.10 -3.03 5.83
CA VAL A 58 2.28 -2.79 7.25
C VAL A 58 3.61 -3.38 7.68
N THR A 59 3.93 -4.63 7.22
CA THR A 59 5.19 -5.27 7.60
C THR A 59 6.41 -4.55 7.02
N GLY A 60 6.37 -4.14 5.73
CA GLY A 60 7.50 -3.46 5.13
C GLY A 60 7.82 -2.19 5.88
N LEU A 61 6.78 -1.51 6.38
CA LEU A 61 6.99 -0.27 7.10
C LEU A 61 7.72 -0.57 8.39
N LYS A 62 7.49 -1.77 8.99
CA LYS A 62 8.17 -2.14 10.22
C LYS A 62 9.66 -2.13 9.99
N GLY A 63 10.11 -2.62 8.81
CA GLY A 63 11.54 -2.62 8.50
C GLY A 63 12.04 -1.19 8.48
N ILE A 64 11.23 -0.26 7.92
CA ILE A 64 11.63 1.14 7.83
C ILE A 64 11.87 1.72 9.22
N VAL A 65 10.95 1.49 10.18
CA VAL A 65 11.13 2.06 11.53
C VAL A 65 12.36 1.49 12.22
N GLU A 66 12.71 0.21 11.97
CA GLU A 66 13.86 -0.41 12.64
C GLU A 66 15.17 0.15 12.15
N PHE A 67 15.26 0.48 10.85
CA PHE A 67 16.52 0.95 10.33
C PHE A 67 16.61 2.46 10.42
N ASP A 68 15.60 3.19 9.90
CA ASP A 68 15.63 4.64 9.95
C ASP A 68 15.65 5.11 11.39
N ASP A 69 14.83 4.51 12.27
CA ASP A 69 14.82 4.88 13.67
C ASP A 69 14.49 6.34 13.82
N GLY A 70 13.33 6.79 13.30
CA GLY A 70 12.97 8.18 13.42
C GLY A 70 11.47 8.30 13.37
N GLN A 71 10.97 9.57 13.25
CA GLN A 71 9.54 9.81 13.17
C GLN A 71 9.06 9.50 11.78
N MET A 72 9.93 8.89 10.94
CA MET A 72 9.55 8.53 9.60
C MET A 72 8.53 7.42 9.71
N LYS A 73 8.64 6.62 10.81
CA LYS A 73 7.69 5.55 11.07
C LYS A 73 6.28 6.10 11.14
N ASP A 74 6.11 7.28 11.77
CA ASP A 74 4.78 7.88 11.88
C ASP A 74 4.28 8.21 10.48
N ILE A 75 5.20 8.78 9.66
CA ILE A 75 4.88 9.09 8.28
C ILE A 75 4.28 7.86 7.59
N ALA A 76 4.77 6.65 7.93
CA ALA A 76 4.25 5.43 7.34
C ALA A 76 2.78 5.28 7.68
N LYS A 77 2.37 5.65 8.91
CA LYS A 77 0.97 5.56 9.30
C LYS A 77 0.14 6.44 8.39
N GLU A 78 0.67 7.63 8.02
CA GLU A 78 -0.04 8.55 7.15
C GLU A 78 -0.28 7.88 5.81
N ILE A 79 0.68 7.03 5.37
CA ILE A 79 0.57 6.36 4.09
C ILE A 79 -0.64 5.44 4.11
N LEU A 80 -0.87 4.72 5.24
CA LEU A 80 -2.01 3.81 5.35
C LEU A 80 -3.29 4.56 5.16
N ASP A 81 -3.41 5.76 5.76
CA ASP A 81 -4.64 6.52 5.64
C ASP A 81 -4.75 7.03 4.23
N THR A 82 -5.75 6.48 3.48
CA THR A 82 -5.97 6.89 2.12
C THR A 82 -7.37 6.51 1.75
N GLN A 83 -7.94 7.22 0.74
CA GLN A 83 -9.29 6.92 0.32
C GLN A 83 -9.25 6.10 -0.95
N ILE A 84 -10.19 5.13 -1.04
CA ILE A 84 -10.33 4.28 -2.20
C ILE A 84 -11.82 4.24 -2.44
N CYS A 85 -12.29 4.06 -3.71
CA CYS A 85 -13.72 4.10 -3.98
C CYS A 85 -14.25 5.51 -3.86
N GLY A 86 -13.58 6.39 -3.07
CA GLY A 86 -14.04 7.74 -2.92
C GLY A 86 -14.34 7.93 -1.45
N VAL A 87 -14.09 6.88 -0.65
CA VAL A 87 -14.30 6.93 0.77
C VAL A 87 -13.07 6.32 1.39
N PRO A 88 -12.76 6.71 2.61
CA PRO A 88 -11.57 6.23 3.31
C PRO A 88 -11.51 4.74 3.51
N PHE A 89 -10.34 4.26 4.02
CA PHE A 89 -10.11 2.85 4.27
C PHE A 89 -11.20 2.30 5.17
N SER A 90 -11.55 3.05 6.24
CA SER A 90 -12.55 2.59 7.19
C SER A 90 -13.91 2.40 6.55
N GLN A 91 -14.31 3.29 5.61
CA GLN A 91 -15.63 3.18 5.01
C GLN A 91 -15.72 1.97 4.13
N PHE A 92 -14.62 1.62 3.42
CA PHE A 92 -14.66 0.47 2.54
C PHE A 92 -14.10 -0.71 3.29
N GLY A 93 -14.75 -1.05 4.42
CA GLY A 93 -14.33 -2.18 5.20
C GLY A 93 -15.53 -3.07 5.36
N THR A 94 -16.74 -2.57 4.99
CA THR A 94 -17.92 -3.38 5.12
C THR A 94 -18.91 -2.87 4.10
N CYS A 95 -19.96 -3.68 3.82
CA CYS A 95 -20.94 -3.27 2.84
C CYS A 95 -21.89 -2.30 3.48
N SER A 96 -22.61 -1.54 2.63
CA SER A 96 -23.57 -0.57 3.12
C SER A 96 -24.69 -0.43 2.10
N GLY A 97 -25.77 0.32 2.48
CA GLY A 97 -26.90 0.52 1.59
C GLY A 97 -26.57 1.64 0.64
N SER A 98 -25.53 2.44 0.98
CA SER A 98 -25.10 3.51 0.11
C SER A 98 -24.25 2.86 -0.94
N ALA A 99 -23.84 1.61 -0.63
CA ALA A 99 -23.00 0.87 -1.52
C ALA A 99 -23.90 0.11 -2.47
N ARG A 100 -25.12 -0.25 -2.01
CA ARG A 100 -26.02 -1.02 -2.85
C ARG A 100 -26.78 -0.11 -3.81
N ASP A 101 -27.10 1.14 -3.41
CA ASP A 101 -27.85 2.03 -4.29
C ASP A 101 -26.91 2.65 -5.29
N LEU A 102 -25.70 3.06 -4.83
CA LEU A 102 -24.76 3.67 -5.73
C LEU A 102 -24.27 2.64 -6.70
N VAL A 103 -24.12 1.36 -6.27
CA VAL A 103 -23.64 0.32 -7.17
C VAL A 103 -24.67 0.06 -8.26
N ASP A 104 -26.00 0.16 -7.96
CA ASP A 104 -26.99 -0.07 -9.00
C ASP A 104 -26.88 0.98 -10.08
N ASN A 105 -26.62 2.25 -9.70
CA ASN A 105 -26.49 3.30 -10.67
C ASN A 105 -25.04 3.35 -11.10
N ALA A 106 -24.25 2.47 -10.46
CA ALA A 106 -22.85 2.38 -10.78
C ALA A 106 -22.74 1.59 -12.03
N SER A 107 -22.24 2.25 -13.09
CA SER A 107 -22.09 1.59 -14.34
C SER A 107 -20.69 1.10 -14.41
N TYR A 108 -20.30 0.53 -15.57
CA TYR A 108 -18.97 0.01 -15.71
C TYR A 108 -18.03 1.19 -15.69
N GLN A 109 -18.30 2.16 -16.60
CA GLN A 109 -17.48 3.36 -16.70
C GLN A 109 -17.33 4.08 -15.35
N GLN A 110 -18.39 4.20 -14.53
CA GLN A 110 -18.25 4.90 -13.26
C GLN A 110 -17.38 4.12 -12.30
N GLU A 111 -17.47 2.77 -12.31
CA GLU A 111 -16.67 1.98 -11.41
C GLU A 111 -15.23 2.04 -11.88
N LYS A 112 -14.99 2.37 -13.17
CA LYS A 112 -13.65 2.45 -13.70
C LYS A 112 -12.96 3.67 -13.14
N ILE A 113 -13.73 4.76 -12.87
CA ILE A 113 -13.12 5.97 -12.32
C ILE A 113 -12.67 5.66 -10.92
N ILE A 114 -13.42 4.78 -10.22
CA ILE A 114 -13.03 4.39 -8.87
C ILE A 114 -11.68 3.70 -8.91
N ILE A 115 -11.52 2.79 -9.91
CA ILE A 115 -10.25 2.07 -10.05
C ILE A 115 -9.15 3.09 -10.24
N LYS A 116 -9.49 4.28 -10.78
CA LYS A 116 -8.50 5.29 -10.97
C LYS A 116 -8.10 5.90 -9.67
N HIS A 117 -8.99 5.89 -8.66
CA HIS A 117 -8.63 6.43 -7.36
C HIS A 117 -7.48 5.59 -6.87
N LEU A 118 -7.54 4.28 -7.20
CA LEU A 118 -6.48 3.37 -6.84
C LEU A 118 -5.19 3.80 -7.55
N ASN A 119 -5.29 4.17 -8.86
CA ASN A 119 -4.10 4.56 -9.60
C ASN A 119 -3.48 5.82 -9.03
N GLU A 120 -4.30 6.83 -8.65
CA GLU A 120 -3.73 8.05 -8.08
C GLU A 120 -3.03 7.74 -6.76
N LEU A 121 -3.50 6.70 -6.01
CA LEU A 121 -2.86 6.34 -4.76
C LEU A 121 -1.47 5.84 -5.05
N PHE A 122 -1.32 5.16 -6.21
CA PHE A 122 -0.03 4.65 -6.65
C PHE A 122 0.96 5.79 -6.79
N GLU A 123 0.54 6.94 -7.37
CA GLU A 123 1.44 8.06 -7.53
C GLU A 123 1.92 8.56 -6.17
N LYS A 124 1.03 8.60 -5.15
CA LYS A 124 1.44 9.07 -3.84
C LYS A 124 2.43 8.10 -3.20
N VAL A 125 2.40 6.80 -3.58
CA VAL A 125 3.33 5.86 -2.99
C VAL A 125 4.72 6.17 -3.51
N ALA A 126 4.81 6.69 -4.76
CA ALA A 126 6.08 7.06 -5.35
C ALA A 126 6.65 8.21 -4.56
N LEU A 127 5.77 9.12 -4.07
CA LEU A 127 6.23 10.27 -3.31
C LEU A 127 6.93 9.81 -2.03
N HIS A 128 6.43 8.75 -1.36
CA HIS A 128 7.10 8.27 -0.15
C HIS A 128 8.41 7.63 -0.52
N LEU A 129 8.49 7.09 -1.76
CA LEU A 129 9.70 6.44 -2.23
C LEU A 129 10.84 7.43 -2.28
N VAL A 130 10.57 8.70 -2.67
CA VAL A 130 11.66 9.68 -2.77
C VAL A 130 11.95 10.28 -1.41
N GLY A 131 11.52 9.61 -0.33
CA GLY A 131 11.78 10.12 1.00
C GLY A 131 13.09 9.56 1.49
N ALA A 132 13.94 9.03 0.57
CA ALA A 132 15.18 8.44 1.00
C ALA A 132 16.25 9.51 0.99
N GLU A 133 15.93 10.68 0.36
CA GLU A 133 16.87 11.78 0.29
C GLU A 133 18.09 11.35 -0.47
N VAL A 134 17.89 10.73 -1.65
CA VAL A 134 19.02 10.29 -2.43
C VAL A 134 19.12 11.22 -3.64
N GLY A 1 12.98 26.61 10.10
CA GLY A 1 13.41 25.21 10.34
C GLY A 1 14.84 25.03 9.92
N PRO A 2 15.66 24.93 10.92
CA PRO A 2 17.10 24.75 10.74
C PRO A 2 17.45 23.36 10.26
N GLU A 3 18.56 23.26 9.50
CA GLU A 3 18.97 21.97 9.01
C GLU A 3 20.45 21.85 9.21
N ARG A 4 20.88 20.74 9.86
CA ARG A 4 22.28 20.53 10.10
C ARG A 4 22.59 19.12 9.71
N ILE A 5 23.84 18.87 9.23
CA ILE A 5 24.20 17.55 8.83
C ILE A 5 25.41 17.14 9.63
N SER A 6 25.55 15.82 9.87
CA SER A 6 26.68 15.33 10.65
C SER A 6 27.28 14.19 9.89
N LYS A 7 28.59 13.94 10.11
CA LYS A 7 29.25 12.85 9.44
C LYS A 7 28.88 11.58 10.15
N ALA A 8 28.80 10.45 9.41
CA ALA A 8 28.44 9.21 10.02
C ALA A 8 29.54 8.21 9.75
N TYR A 9 29.69 7.25 10.69
CA TYR A 9 30.71 6.24 10.54
C TYR A 9 30.04 4.99 10.05
N GLU A 10 30.74 4.23 9.18
CA GLU A 10 30.17 3.03 8.65
C GLU A 10 30.76 1.87 9.43
N SER A 11 29.88 1.00 9.97
CA SER A 11 30.34 -0.13 10.72
C SER A 11 29.66 -1.35 10.18
N LYS A 12 30.30 -2.52 10.34
CA LYS A 12 29.71 -3.75 9.85
C LYS A 12 29.24 -4.53 11.06
N ASP A 13 27.93 -4.88 11.08
CA ASP A 13 27.40 -5.61 12.19
C ASP A 13 26.11 -6.26 11.72
N VAL A 14 25.24 -6.64 12.69
CA VAL A 14 23.98 -7.28 12.36
C VAL A 14 23.03 -6.26 11.76
N ARG A 15 23.34 -4.95 11.89
CA ARG A 15 22.47 -3.94 11.33
C ARG A 15 22.56 -3.97 9.81
N LEU A 16 23.65 -4.57 9.27
CA LEU A 16 23.80 -4.65 7.82
C LEU A 16 22.82 -5.68 7.29
N VAL A 17 22.71 -6.82 8.00
CA VAL A 17 21.80 -7.88 7.61
C VAL A 17 20.38 -7.39 7.69
N ALA A 18 20.08 -6.58 8.74
CA ALA A 18 18.73 -6.08 8.93
C ALA A 18 18.38 -5.15 7.79
N ARG A 19 19.36 -4.32 7.35
CA ARG A 19 19.13 -3.38 6.27
C ARG A 19 18.83 -4.11 4.97
N ASP A 20 19.42 -5.32 4.78
CA ASP A 20 19.22 -6.06 3.57
C ASP A 20 17.78 -6.55 3.48
N SER A 21 17.20 -7.00 4.63
CA SER A 21 15.83 -7.51 4.62
C SER A 21 14.87 -6.40 4.28
N ALA A 22 15.13 -5.18 4.81
CA ALA A 22 14.26 -4.05 4.54
C ALA A 22 14.21 -3.76 3.06
N PHE A 23 15.31 -4.02 2.32
CA PHE A 23 15.35 -3.77 0.90
C PHE A 23 14.30 -4.61 0.19
N LEU A 24 14.10 -5.89 0.62
CA LEU A 24 13.15 -6.76 -0.05
C LEU A 24 11.75 -6.27 0.21
N GLY A 25 11.49 -5.73 1.43
CA GLY A 25 10.16 -5.25 1.77
C GLY A 25 9.72 -4.18 0.80
N LEU A 26 10.66 -3.29 0.40
CA LEU A 26 10.33 -2.22 -0.53
C LEU A 26 9.95 -2.82 -1.85
N GLN A 27 10.59 -3.96 -2.22
CA GLN A 27 10.31 -4.60 -3.50
C GLN A 27 8.87 -5.10 -3.56
N ARG A 28 8.33 -5.66 -2.44
CA ARG A 28 6.96 -6.19 -2.47
C ARG A 28 5.97 -5.05 -2.68
N ALA A 29 6.22 -3.91 -2.02
CA ALA A 29 5.34 -2.76 -2.19
C ALA A 29 5.24 -2.41 -3.66
N ILE A 30 6.34 -2.59 -4.42
CA ILE A 30 6.33 -2.30 -5.84
C ILE A 30 5.38 -3.25 -6.58
N ARG A 31 5.35 -4.56 -6.20
CA ARG A 31 4.51 -5.53 -6.91
C ARG A 31 3.03 -5.38 -6.59
N SER A 32 2.66 -4.44 -5.69
CA SER A 32 1.24 -4.23 -5.35
C SER A 32 0.39 -4.20 -6.62
N GLU A 33 -0.84 -4.79 -6.55
CA GLU A 33 -1.70 -4.86 -7.70
C GLU A 33 -2.86 -3.89 -7.56
N ARG A 34 -3.79 -3.91 -8.57
CA ARG A 34 -4.94 -3.02 -8.56
C ARG A 34 -6.16 -3.77 -9.09
N PHE A 35 -7.39 -3.21 -8.82
CA PHE A 35 -8.61 -3.84 -9.29
C PHE A 35 -9.38 -2.83 -10.11
N GLU A 36 -10.37 -3.29 -10.93
CA GLU A 36 -11.13 -2.38 -11.76
C GLU A 36 -12.59 -2.36 -11.33
N LEU A 37 -13.48 -1.87 -12.23
CA LEU A 37 -14.91 -1.76 -11.97
C LEU A 37 -15.52 -3.14 -12.00
N ASP A 38 -14.99 -4.01 -12.89
CA ASP A 38 -15.53 -5.34 -13.02
C ASP A 38 -15.19 -6.11 -11.77
N ASN A 39 -14.03 -5.79 -11.14
CA ASN A 39 -13.65 -6.49 -9.95
C ASN A 39 -14.21 -5.77 -8.75
N PHE A 40 -14.84 -4.59 -8.97
CA PHE A 40 -15.40 -3.88 -7.86
C PHE A 40 -16.65 -4.62 -7.42
N LYS A 41 -17.55 -4.94 -8.39
CA LYS A 41 -18.77 -5.65 -8.04
C LYS A 41 -18.47 -7.11 -7.80
N SER A 42 -17.65 -7.70 -8.70
CA SER A 42 -17.29 -9.10 -8.62
C SER A 42 -16.58 -9.40 -7.32
N ASN A 43 -15.64 -8.53 -6.89
CA ASN A 43 -14.90 -8.80 -5.67
C ASN A 43 -15.40 -7.92 -4.57
N PHE A 44 -16.66 -7.46 -4.64
CA PHE A 44 -17.18 -6.60 -3.59
C PHE A 44 -17.30 -7.38 -2.30
N PRO A 45 -18.07 -8.46 -2.29
CA PRO A 45 -18.27 -9.25 -1.09
C PRO A 45 -17.30 -10.36 -0.88
N TYR A 46 -16.49 -10.73 -1.90
CA TYR A 46 -15.58 -11.83 -1.74
C TYR A 46 -14.29 -11.35 -1.15
N LEU A 47 -13.71 -10.25 -1.66
CA LEU A 47 -12.46 -9.79 -1.12
C LEU A 47 -12.75 -8.72 -0.12
N THR A 48 -12.75 -9.08 1.18
CA THR A 48 -13.00 -8.11 2.22
C THR A 48 -11.75 -7.95 3.04
N VAL A 49 -10.90 -8.99 3.07
CA VAL A 49 -9.69 -8.91 3.86
C VAL A 49 -8.75 -9.97 3.34
N ALA A 50 -7.42 -9.65 3.25
CA ALA A 50 -6.48 -10.63 2.76
C ALA A 50 -5.18 -9.94 2.44
N ASN A 51 -4.75 -8.98 3.30
CA ASN A 51 -3.50 -8.27 3.06
C ASN A 51 -3.60 -7.60 1.71
N GLY A 52 -4.64 -6.75 1.54
CA GLY A 52 -4.85 -6.09 0.26
C GLY A 52 -3.68 -5.23 -0.08
N SER A 53 -3.14 -4.47 0.90
CA SER A 53 -2.00 -3.62 0.60
C SER A 53 -1.64 -2.84 1.83
N LEU A 54 -2.58 -2.71 2.80
CA LEU A 54 -2.30 -1.93 3.98
C LEU A 54 -1.28 -2.61 4.86
N ARG A 55 -1.39 -3.94 5.01
CA ARG A 55 -0.51 -4.66 5.90
C ARG A 55 0.81 -5.00 5.23
N THR A 56 0.78 -5.35 3.93
CA THR A 56 2.02 -5.68 3.23
C THR A 56 2.95 -4.47 3.25
N ILE A 57 2.44 -3.27 2.91
CA ILE A 57 3.29 -2.11 2.91
C ILE A 57 3.54 -1.65 4.33
N VAL A 58 2.73 -2.12 5.34
CA VAL A 58 2.96 -1.70 6.71
C VAL A 58 4.25 -2.32 7.20
N THR A 59 4.58 -3.54 6.69
CA THR A 59 5.82 -4.19 7.09
C THR A 59 6.96 -3.42 6.49
N GLY A 60 6.75 -2.97 5.23
CA GLY A 60 7.76 -2.20 4.55
C GLY A 60 8.01 -0.94 5.36
N LEU A 61 6.91 -0.40 5.95
CA LEU A 61 6.98 0.80 6.76
C LEU A 61 7.55 0.45 8.11
N LYS A 62 7.64 -0.86 8.46
CA LYS A 62 8.15 -1.24 9.75
C LYS A 62 9.61 -0.89 9.75
N GLY A 63 10.31 -1.19 8.63
CA GLY A 63 11.72 -0.87 8.55
C GLY A 63 11.86 0.60 8.21
N ILE A 64 10.79 1.17 7.65
CA ILE A 64 10.80 2.58 7.28
C ILE A 64 11.03 3.42 8.53
N VAL A 65 10.27 3.19 9.61
CA VAL A 65 10.44 3.96 10.84
C VAL A 65 11.69 3.52 11.59
N GLU A 66 11.95 2.21 11.65
CA GLU A 66 13.10 1.71 12.41
C GLU A 66 14.43 2.17 11.86
N PHE A 67 14.60 2.21 10.53
CA PHE A 67 15.89 2.59 9.98
C PHE A 67 15.93 4.05 9.67
N ASP A 68 14.76 4.74 9.63
CA ASP A 68 14.78 6.14 9.34
C ASP A 68 14.78 6.91 10.62
N ASP A 69 13.65 6.84 11.38
CA ASP A 69 13.56 7.54 12.64
C ASP A 69 13.69 9.02 12.37
N GLY A 70 12.58 9.70 12.04
CA GLY A 70 12.63 11.09 11.72
C GLY A 70 11.21 11.50 11.42
N GLN A 71 11.02 12.37 10.41
CA GLN A 71 9.68 12.78 10.04
C GLN A 71 9.20 11.90 8.91
N MET A 72 9.96 10.82 8.61
CA MET A 72 9.59 9.97 7.50
C MET A 72 8.56 8.98 7.98
N LYS A 73 8.58 8.66 9.29
CA LYS A 73 7.63 7.72 9.85
C LYS A 73 6.25 8.32 9.72
N ASP A 74 6.13 9.65 9.95
CA ASP A 74 4.84 10.31 9.88
C ASP A 74 4.27 10.19 8.49
N ILE A 75 5.08 10.48 7.43
CA ILE A 75 4.58 10.34 6.06
C ILE A 75 4.05 8.93 5.83
N ALA A 76 4.66 7.88 6.43
CA ALA A 76 4.18 6.52 6.23
C ALA A 76 2.74 6.41 6.68
N LYS A 77 2.37 7.09 7.80
CA LYS A 77 1.00 7.05 8.28
C LYS A 77 0.09 7.66 7.22
N GLU A 78 0.57 8.72 6.53
CA GLU A 78 -0.21 9.37 5.50
C GLU A 78 -0.49 8.39 4.36
N ILE A 79 0.41 7.39 4.16
CA ILE A 79 0.20 6.41 3.10
C ILE A 79 -1.01 5.58 3.43
N LEU A 80 -1.15 5.17 4.72
CA LEU A 80 -2.30 4.38 5.17
C LEU A 80 -3.56 5.18 4.92
N ASP A 81 -3.42 6.53 4.90
CA ASP A 81 -4.54 7.40 4.67
C ASP A 81 -4.83 7.41 3.17
N THR A 82 -5.97 6.80 2.75
CA THR A 82 -6.31 6.76 1.34
C THR A 82 -7.81 6.69 1.19
N GLN A 83 -8.36 7.46 0.20
CA GLN A 83 -9.79 7.46 -0.02
C GLN A 83 -10.10 6.78 -1.34
N ILE A 84 -11.12 5.89 -1.35
CA ILE A 84 -11.51 5.23 -2.57
C ILE A 84 -13.01 5.15 -2.58
N CYS A 85 -13.64 5.77 -3.61
CA CYS A 85 -15.09 5.76 -3.75
C CYS A 85 -15.72 6.62 -2.67
N GLY A 86 -15.11 7.79 -2.34
CA GLY A 86 -15.69 8.65 -1.34
C GLY A 86 -15.35 8.19 0.06
N VAL A 87 -15.27 6.88 0.30
CA VAL A 87 -14.98 6.41 1.63
C VAL A 87 -13.56 5.92 1.66
N PRO A 88 -12.97 6.01 2.84
CA PRO A 88 -11.59 5.60 3.06
C PRO A 88 -11.37 4.11 2.98
N PHE A 89 -10.11 3.69 3.20
CA PHE A 89 -9.78 2.29 3.15
C PHE A 89 -10.30 1.62 4.40
N SER A 90 -10.74 2.43 5.40
CA SER A 90 -11.25 1.86 6.62
C SER A 90 -12.70 1.48 6.42
N GLN A 91 -13.32 1.94 5.32
CA GLN A 91 -14.71 1.60 5.09
C GLN A 91 -14.74 0.45 4.11
N PHE A 92 -13.55 -0.08 3.77
CA PHE A 92 -13.50 -1.20 2.86
C PHE A 92 -12.88 -2.36 3.59
N GLY A 93 -13.48 -2.72 4.74
CA GLY A 93 -12.95 -3.82 5.52
C GLY A 93 -14.04 -4.83 5.72
N THR A 94 -15.33 -4.42 5.58
CA THR A 94 -16.40 -5.34 5.78
C THR A 94 -17.43 -5.10 4.72
N CYS A 95 -18.44 -6.01 4.63
CA CYS A 95 -19.46 -5.85 3.63
C CYS A 95 -20.50 -4.90 4.14
N SER A 96 -21.13 -4.19 3.18
CA SER A 96 -22.17 -3.24 3.53
C SER A 96 -23.27 -3.37 2.51
N GLY A 97 -24.53 -3.51 3.01
CA GLY A 97 -25.66 -3.66 2.12
C GLY A 97 -26.14 -2.29 1.72
N SER A 98 -25.81 -1.25 2.52
CA SER A 98 -26.23 0.08 2.16
C SER A 98 -25.43 0.51 0.97
N ALA A 99 -24.13 0.14 0.97
CA ALA A 99 -23.25 0.47 -0.13
C ALA A 99 -23.64 -0.32 -1.35
N ARG A 100 -24.08 -1.60 -1.16
CA ARG A 100 -24.44 -2.42 -2.32
C ARG A 100 -25.69 -1.86 -2.96
N ASP A 101 -26.55 -1.17 -2.19
CA ASP A 101 -27.76 -0.61 -2.74
C ASP A 101 -27.42 0.64 -3.50
N LEU A 102 -26.38 1.38 -3.05
CA LEU A 102 -25.99 2.60 -3.71
C LEU A 102 -25.38 2.28 -5.05
N VAL A 103 -24.23 1.57 -5.08
CA VAL A 103 -23.61 1.21 -6.35
C VAL A 103 -24.58 0.48 -7.26
N ASP A 104 -25.59 -0.23 -6.69
CA ASP A 104 -26.56 -0.90 -7.53
C ASP A 104 -27.32 0.14 -8.31
N ASN A 105 -27.65 1.27 -7.65
CA ASN A 105 -28.37 2.34 -8.31
C ASN A 105 -27.39 3.41 -8.74
N ALA A 106 -26.07 3.12 -8.70
CA ALA A 106 -25.10 4.10 -9.13
C ALA A 106 -24.95 3.87 -10.60
N SER A 107 -24.59 4.92 -11.35
CA SER A 107 -24.48 4.74 -12.76
C SER A 107 -23.14 4.16 -13.10
N TYR A 108 -23.16 3.37 -14.21
CA TYR A 108 -21.95 2.74 -14.71
C TYR A 108 -20.94 3.82 -15.05
N GLN A 109 -21.44 5.05 -15.37
CA GLN A 109 -20.56 6.15 -15.73
C GLN A 109 -19.92 6.70 -14.46
N GLN A 110 -20.52 6.43 -13.28
CA GLN A 110 -19.99 6.97 -12.06
C GLN A 110 -19.01 5.95 -11.56
N GLU A 111 -19.41 4.68 -11.68
CA GLU A 111 -18.56 3.58 -11.32
C GLU A 111 -17.22 3.71 -12.01
N LYS A 112 -17.20 4.21 -13.28
CA LYS A 112 -15.94 4.37 -14.00
C LYS A 112 -15.08 5.44 -13.38
N ILE A 113 -15.67 6.60 -12.96
CA ILE A 113 -14.83 7.64 -12.38
C ILE A 113 -14.36 7.23 -10.99
N ILE A 114 -15.10 6.33 -10.31
CA ILE A 114 -14.71 5.90 -8.98
C ILE A 114 -13.46 5.05 -9.07
N ILE A 115 -13.41 4.12 -10.06
CA ILE A 115 -12.25 3.26 -10.18
C ILE A 115 -11.04 4.07 -10.51
N LYS A 116 -11.10 5.16 -11.31
CA LYS A 116 -9.88 5.90 -11.55
C LYS A 116 -9.45 6.61 -10.29
N HIS A 117 -10.37 6.84 -9.30
CA HIS A 117 -9.94 7.48 -8.05
C HIS A 117 -8.92 6.58 -7.42
N LEU A 118 -9.21 5.27 -7.45
CA LEU A 118 -8.33 4.29 -6.89
C LEU A 118 -7.02 4.26 -7.63
N ASN A 119 -7.04 4.45 -8.97
CA ASN A 119 -5.83 4.38 -9.76
C ASN A 119 -4.92 5.56 -9.47
N GLU A 120 -5.49 6.79 -9.42
CA GLU A 120 -4.70 7.98 -9.21
C GLU A 120 -4.17 8.04 -7.80
N LEU A 121 -4.83 7.35 -6.84
CA LEU A 121 -4.35 7.47 -5.49
C LEU A 121 -3.23 6.48 -5.33
N PHE A 122 -3.31 5.37 -6.11
CA PHE A 122 -2.29 4.36 -6.10
C PHE A 122 -0.98 4.96 -6.52
N GLU A 123 -0.93 5.82 -7.57
CA GLU A 123 0.34 6.39 -7.99
C GLU A 123 0.89 7.26 -6.90
N LYS A 124 0.02 8.00 -6.16
CA LYS A 124 0.52 8.85 -5.06
C LYS A 124 1.28 7.98 -4.09
N VAL A 125 0.82 6.72 -3.89
CA VAL A 125 1.49 5.80 -3.00
C VAL A 125 2.88 5.53 -3.54
N ALA A 126 3.00 5.41 -4.89
CA ALA A 126 4.29 5.13 -5.52
C ALA A 126 5.20 6.33 -5.35
N LEU A 127 4.64 7.55 -5.19
CA LEU A 127 5.47 8.72 -5.02
C LEU A 127 6.23 8.59 -3.72
N HIS A 128 5.57 8.06 -2.67
CA HIS A 128 6.25 7.86 -1.40
C HIS A 128 7.16 6.67 -1.52
N LEU A 129 6.88 5.79 -2.50
CA LEU A 129 7.68 4.61 -2.70
C LEU A 129 9.09 5.01 -3.03
N VAL A 130 9.29 6.07 -3.86
CA VAL A 130 10.64 6.45 -4.21
C VAL A 130 11.20 7.42 -3.20
N GLY A 131 10.57 7.53 -2.02
CA GLY A 131 11.05 8.45 -1.02
C GLY A 131 11.85 7.67 -0.02
N ALA A 132 12.17 6.41 -0.35
CA ALA A 132 12.92 5.60 0.56
C ALA A 132 14.37 5.70 0.20
N GLU A 133 14.69 5.91 -1.11
CA GLU A 133 16.07 6.03 -1.49
C GLU A 133 16.62 7.27 -0.84
N VAL A 134 15.91 8.41 -1.01
CA VAL A 134 16.35 9.63 -0.37
C VAL A 134 16.24 9.44 1.15
N GLY A 1 31.74 8.82 -10.71
CA GLY A 1 31.17 8.26 -9.46
C GLY A 1 32.27 7.81 -8.56
N PRO A 2 32.55 8.66 -7.61
CA PRO A 2 33.59 8.42 -6.62
C PRO A 2 33.22 7.35 -5.63
N GLU A 3 34.23 6.65 -5.09
CA GLU A 3 33.97 5.60 -4.14
C GLU A 3 35.11 5.56 -3.16
N ARG A 4 34.88 4.93 -1.99
CA ARG A 4 35.91 4.85 -0.99
C ARG A 4 36.30 3.40 -0.86
N ILE A 5 37.60 3.14 -0.64
CA ILE A 5 38.06 1.79 -0.50
C ILE A 5 38.92 1.72 0.74
N SER A 6 38.74 0.65 1.54
CA SER A 6 39.51 0.51 2.75
C SER A 6 39.69 -0.96 2.99
N LYS A 7 40.89 -1.36 3.49
CA LYS A 7 41.16 -2.76 3.75
C LYS A 7 40.44 -3.14 5.01
N ALA A 8 39.90 -4.37 5.04
CA ALA A 8 39.20 -4.82 6.22
C ALA A 8 39.46 -6.29 6.36
N TYR A 9 39.54 -6.77 7.62
CA TYR A 9 39.78 -8.17 7.85
C TYR A 9 38.51 -8.74 8.43
N GLU A 10 38.15 -8.29 9.65
CA GLU A 10 36.95 -8.78 10.26
C GLU A 10 36.29 -7.61 10.93
N SER A 11 35.00 -7.38 10.61
CA SER A 11 34.30 -6.28 11.19
C SER A 11 32.86 -6.71 11.34
N LYS A 12 32.25 -6.41 12.50
CA LYS A 12 30.88 -6.78 12.70
C LYS A 12 30.03 -5.78 11.98
N ASP A 13 29.05 -6.27 11.20
CA ASP A 13 28.20 -5.36 10.47
C ASP A 13 26.84 -5.99 10.38
N VAL A 14 26.16 -6.12 11.53
CA VAL A 14 24.83 -6.69 11.53
C VAL A 14 23.85 -5.65 11.03
N ARG A 15 24.26 -4.36 10.99
CA ARG A 15 23.36 -3.33 10.53
C ARG A 15 23.29 -3.34 9.02
N LEU A 16 24.33 -3.89 8.33
CA LEU A 16 24.31 -3.95 6.88
C LEU A 16 23.37 -5.06 6.48
N VAL A 17 23.43 -6.20 7.21
CA VAL A 17 22.58 -7.34 6.93
C VAL A 17 21.14 -6.95 7.15
N ALA A 18 20.88 -6.17 8.23
CA ALA A 18 19.52 -5.75 8.54
C ALA A 18 19.02 -4.85 7.43
N ARG A 19 19.90 -3.99 6.90
CA ARG A 19 19.55 -3.06 5.84
C ARG A 19 19.16 -3.82 4.59
N ASP A 20 19.82 -4.97 4.32
CA ASP A 20 19.55 -5.73 3.12
C ASP A 20 18.14 -6.31 3.18
N SER A 21 17.72 -6.75 4.38
CA SER A 21 16.40 -7.35 4.54
C SER A 21 15.33 -6.28 4.32
N ALA A 22 15.56 -5.07 4.87
CA ALA A 22 14.60 -3.98 4.74
C ALA A 22 14.38 -3.63 3.29
N PHE A 23 15.41 -3.79 2.43
CA PHE A 23 15.28 -3.46 1.03
C PHE A 23 14.25 -4.38 0.39
N LEU A 24 14.19 -5.67 0.82
CA LEU A 24 13.24 -6.60 0.24
C LEU A 24 11.83 -6.19 0.62
N GLY A 25 11.62 -5.70 1.87
CA GLY A 25 10.30 -5.31 2.32
C GLY A 25 9.74 -4.21 1.45
N LEU A 26 10.61 -3.25 1.04
CA LEU A 26 10.15 -2.15 0.22
C LEU A 26 9.76 -2.69 -1.15
N GLN A 27 10.40 -3.80 -1.58
CA GLN A 27 10.09 -4.38 -2.87
C GLN A 27 8.71 -5.01 -2.84
N ARG A 28 8.24 -5.49 -1.64
CA ARG A 28 6.92 -6.11 -1.57
C ARG A 28 5.87 -5.03 -1.78
N ALA A 29 6.11 -3.82 -1.20
CA ALA A 29 5.19 -2.72 -1.39
C ALA A 29 5.00 -2.48 -2.86
N ILE A 30 6.07 -2.63 -3.67
CA ILE A 30 5.98 -2.45 -5.10
C ILE A 30 5.08 -3.53 -5.72
N ARG A 31 5.18 -4.80 -5.23
CA ARG A 31 4.43 -5.91 -5.81
C ARG A 31 2.97 -5.90 -5.40
N SER A 32 2.46 -4.82 -4.77
CA SER A 32 1.03 -4.78 -4.40
C SER A 32 0.17 -4.95 -5.63
N GLU A 33 -1.11 -5.40 -5.42
CA GLU A 33 -2.00 -5.61 -6.53
C GLU A 33 -3.27 -4.80 -6.35
N ARG A 34 -3.62 -4.03 -7.40
CA ARG A 34 -4.83 -3.22 -7.36
C ARG A 34 -5.82 -3.67 -8.43
N PHE A 35 -7.14 -3.66 -8.06
CA PHE A 35 -8.19 -4.10 -8.98
C PHE A 35 -8.98 -2.91 -9.48
N GLU A 36 -9.75 -3.12 -10.60
CA GLU A 36 -10.51 -2.05 -11.22
C GLU A 36 -11.98 -2.13 -10.83
N LEU A 37 -12.86 -1.51 -11.70
CA LEU A 37 -14.30 -1.44 -11.47
C LEU A 37 -14.92 -2.78 -11.76
N ASP A 38 -14.39 -3.51 -12.78
CA ASP A 38 -14.94 -4.78 -13.15
C ASP A 38 -14.75 -5.74 -12.01
N ASN A 39 -13.60 -5.64 -11.31
CA ASN A 39 -13.35 -6.54 -10.22
C ASN A 39 -13.84 -5.91 -8.95
N PHE A 40 -14.36 -4.66 -9.01
CA PHE A 40 -14.87 -4.05 -7.82
C PHE A 40 -16.15 -4.74 -7.43
N LYS A 41 -17.08 -4.96 -8.41
CA LYS A 41 -18.34 -5.64 -8.08
C LYS A 41 -18.08 -7.12 -7.88
N SER A 42 -17.36 -7.72 -8.86
CA SER A 42 -17.08 -9.15 -8.82
C SER A 42 -16.34 -9.53 -7.55
N ASN A 43 -15.35 -8.72 -7.12
CA ASN A 43 -14.60 -9.08 -5.93
C ASN A 43 -15.03 -8.22 -4.76
N PHE A 44 -16.27 -7.70 -4.79
CA PHE A 44 -16.73 -6.86 -3.71
C PHE A 44 -16.89 -7.67 -2.43
N PRO A 45 -17.67 -8.74 -2.47
CA PRO A 45 -17.92 -9.55 -1.29
C PRO A 45 -16.87 -10.61 -1.02
N TYR A 46 -16.00 -10.91 -1.99
CA TYR A 46 -15.02 -11.95 -1.78
C TYR A 46 -13.91 -11.44 -0.90
N LEU A 47 -13.30 -10.28 -1.24
CA LEU A 47 -12.22 -9.80 -0.41
C LEU A 47 -12.77 -8.78 0.53
N THR A 48 -13.02 -9.20 1.78
CA THR A 48 -13.53 -8.27 2.76
C THR A 48 -12.49 -8.12 3.84
N VAL A 49 -11.66 -9.17 4.07
CA VAL A 49 -10.66 -9.08 5.10
C VAL A 49 -9.64 -10.16 4.86
N ALA A 50 -8.34 -9.83 5.13
CA ALA A 50 -7.28 -10.79 4.94
C ALA A 50 -5.98 -10.04 4.94
N ASN A 51 -5.30 -10.03 3.77
CA ASN A 51 -4.04 -9.34 3.65
C ASN A 51 -4.01 -8.87 2.23
N GLY A 52 -4.93 -7.93 1.89
CA GLY A 52 -5.02 -7.44 0.54
C GLY A 52 -3.74 -6.73 0.19
N SER A 53 -3.21 -5.88 1.10
CA SER A 53 -2.00 -5.16 0.80
C SER A 53 -1.77 -4.11 1.85
N LEU A 54 -2.82 -3.75 2.61
CA LEU A 54 -2.69 -2.71 3.61
C LEU A 54 -1.74 -3.14 4.71
N ARG A 55 -1.98 -4.34 5.28
CA ARG A 55 -1.16 -4.81 6.38
C ARG A 55 0.23 -5.20 5.93
N THR A 56 0.35 -5.83 4.74
CA THR A 56 1.66 -6.22 4.23
C THR A 56 2.53 -4.98 4.06
N ILE A 57 1.98 -3.89 3.49
CA ILE A 57 2.76 -2.69 3.30
C ILE A 57 3.00 -2.02 4.65
N VAL A 58 2.24 -2.39 5.71
CA VAL A 58 2.43 -1.77 7.00
C VAL A 58 3.75 -2.26 7.58
N THR A 59 4.02 -3.60 7.43
CA THR A 59 5.24 -4.20 7.95
C THR A 59 6.46 -3.63 7.26
N GLY A 60 6.39 -3.47 5.92
CA GLY A 60 7.52 -2.92 5.19
C GLY A 60 7.86 -1.53 5.71
N LEU A 61 6.83 -0.72 6.01
CA LEU A 61 7.05 0.62 6.49
C LEU A 61 7.56 0.59 7.92
N LYS A 62 7.28 -0.51 8.67
CA LYS A 62 7.74 -0.61 10.04
C LYS A 62 9.26 -0.68 10.01
N GLY A 63 9.82 -1.40 9.02
CA GLY A 63 11.25 -1.50 8.90
C GLY A 63 11.83 -0.14 8.66
N ILE A 64 11.20 0.68 7.78
CA ILE A 64 11.72 2.02 7.51
C ILE A 64 11.80 2.87 8.77
N VAL A 65 10.75 2.88 9.62
CA VAL A 65 10.79 3.73 10.81
C VAL A 65 11.94 3.35 11.73
N GLU A 66 12.23 2.04 11.87
CA GLU A 66 13.30 1.60 12.76
C GLU A 66 14.67 2.05 12.28
N PHE A 67 14.95 1.96 10.96
CA PHE A 67 16.27 2.31 10.50
C PHE A 67 16.41 3.79 10.26
N ASP A 68 15.52 4.40 9.44
CA ASP A 68 15.63 5.81 9.14
C ASP A 68 15.53 6.66 10.38
N ASP A 69 14.55 6.38 11.29
CA ASP A 69 14.41 7.17 12.49
C ASP A 69 14.33 8.63 12.10
N GLY A 70 13.26 9.01 11.37
CA GLY A 70 13.12 10.37 10.93
C GLY A 70 11.66 10.63 10.78
N GLN A 71 11.29 11.51 9.82
CA GLN A 71 9.89 11.82 9.60
C GLN A 71 9.38 10.92 8.49
N MET A 72 10.17 9.91 8.08
CA MET A 72 9.74 9.04 7.00
C MET A 72 8.64 8.17 7.51
N LYS A 73 8.63 7.93 8.84
CA LYS A 73 7.59 7.12 9.46
C LYS A 73 6.26 7.84 9.31
N ASP A 74 6.28 9.20 9.42
CA ASP A 74 5.07 9.99 9.30
C ASP A 74 4.55 9.92 7.88
N ILE A 75 5.44 9.64 6.92
CA ILE A 75 5.02 9.55 5.53
C ILE A 75 4.16 8.30 5.43
N ALA A 76 4.59 7.24 6.14
CA ALA A 76 3.88 5.97 6.16
C ALA A 76 2.47 6.15 6.66
N LYS A 77 2.26 7.06 7.65
CA LYS A 77 0.92 7.27 8.19
C LYS A 77 0.00 7.80 7.09
N GLU A 78 0.50 8.72 6.24
CA GLU A 78 -0.32 9.27 5.17
C GLU A 78 -0.72 8.17 4.21
N ILE A 79 0.16 7.17 3.98
CA ILE A 79 -0.14 6.10 3.05
C ILE A 79 -1.32 5.29 3.54
N LEU A 80 -1.41 5.03 4.87
CA LEU A 80 -2.52 4.24 5.41
C LEU A 80 -3.82 4.94 5.11
N ASP A 81 -3.87 6.28 5.28
CA ASP A 81 -5.11 7.00 5.04
C ASP A 81 -5.30 7.18 3.54
N THR A 82 -6.31 6.50 2.97
CA THR A 82 -6.57 6.61 1.54
C THR A 82 -8.02 6.30 1.30
N GLN A 83 -8.71 7.17 0.51
CA GLN A 83 -10.11 6.96 0.21
C GLN A 83 -10.27 6.55 -1.23
N ILE A 84 -11.08 5.51 -1.50
CA ILE A 84 -11.32 5.09 -2.87
C ILE A 84 -12.79 4.73 -2.98
N CYS A 85 -13.44 5.20 -4.08
CA CYS A 85 -14.85 4.92 -4.34
C CYS A 85 -15.68 5.97 -3.66
N GLY A 86 -15.09 6.73 -2.73
CA GLY A 86 -15.84 7.76 -2.06
C GLY A 86 -15.84 7.45 -0.59
N VAL A 87 -15.25 6.31 -0.20
CA VAL A 87 -15.19 5.96 1.19
C VAL A 87 -13.77 5.55 1.49
N PRO A 88 -13.38 5.82 2.71
CA PRO A 88 -12.02 5.52 3.19
C PRO A 88 -11.75 4.06 3.42
N PHE A 89 -10.47 3.73 3.73
CA PHE A 89 -10.11 2.35 3.99
C PHE A 89 -10.76 1.91 5.28
N SER A 90 -11.25 2.86 6.10
CA SER A 90 -11.91 2.54 7.34
C SER A 90 -13.19 1.80 7.03
N GLN A 91 -13.90 2.24 5.97
CA GLN A 91 -15.16 1.63 5.62
C GLN A 91 -14.90 0.51 4.64
N PHE A 92 -13.61 0.13 4.46
CA PHE A 92 -13.29 -0.94 3.57
C PHE A 92 -12.91 -2.09 4.45
N GLY A 93 -13.69 -3.18 4.37
CA GLY A 93 -13.39 -4.32 5.20
C GLY A 93 -14.69 -4.98 5.59
N THR A 94 -15.84 -4.38 5.20
CA THR A 94 -17.11 -4.98 5.56
C THR A 94 -18.10 -4.67 4.44
N CYS A 95 -19.20 -5.47 4.37
CA CYS A 95 -20.17 -5.26 3.32
C CYS A 95 -21.38 -4.59 3.91
N SER A 96 -21.63 -3.32 3.47
CA SER A 96 -22.79 -2.60 3.94
C SER A 96 -23.83 -2.71 2.85
N GLY A 97 -25.12 -2.89 3.27
CA GLY A 97 -26.20 -3.01 2.31
C GLY A 97 -26.47 -1.69 1.66
N SER A 98 -26.13 -0.58 2.33
CA SER A 98 -26.36 0.74 1.76
C SER A 98 -25.50 0.82 0.52
N ALA A 99 -24.21 0.41 0.66
CA ALA A 99 -23.29 0.44 -0.45
C ALA A 99 -23.68 -0.58 -1.50
N ARG A 100 -24.36 -1.69 -1.12
CA ARG A 100 -24.71 -2.67 -2.13
C ARG A 100 -25.79 -2.09 -3.02
N ASP A 101 -26.60 -1.14 -2.49
CA ASP A 101 -27.63 -0.53 -3.29
C ASP A 101 -27.05 0.64 -4.06
N LEU A 102 -25.89 1.18 -3.60
CA LEU A 102 -25.27 2.30 -4.29
C LEU A 102 -24.39 1.77 -5.41
N VAL A 103 -23.99 0.48 -5.32
CA VAL A 103 -23.12 -0.06 -6.34
C VAL A 103 -24.01 -0.47 -7.46
N ASP A 104 -25.16 -1.10 -7.11
CA ASP A 104 -26.11 -1.53 -8.10
C ASP A 104 -26.77 -0.32 -8.72
N ASN A 105 -27.02 0.74 -7.92
CA ASN A 105 -27.70 1.90 -8.46
C ASN A 105 -26.70 2.95 -8.87
N ALA A 106 -25.38 2.67 -8.86
CA ALA A 106 -24.44 3.67 -9.31
C ALA A 106 -24.28 3.42 -10.78
N SER A 107 -24.35 4.47 -11.61
CA SER A 107 -24.23 4.25 -13.03
C SER A 107 -22.78 3.96 -13.34
N TYR A 108 -22.59 3.18 -14.44
CA TYR A 108 -21.24 2.83 -14.86
C TYR A 108 -20.48 4.09 -15.21
N GLN A 109 -21.20 5.18 -15.58
CA GLN A 109 -20.53 6.42 -15.92
C GLN A 109 -20.06 7.11 -14.65
N GLN A 110 -20.62 6.73 -13.48
CA GLN A 110 -20.23 7.40 -12.28
C GLN A 110 -19.08 6.59 -11.77
N GLU A 111 -19.23 5.25 -11.94
CA GLU A 111 -18.21 4.31 -11.57
C GLU A 111 -16.94 4.65 -12.34
N LYS A 112 -17.07 5.31 -13.53
CA LYS A 112 -15.90 5.69 -14.32
C LYS A 112 -15.13 6.78 -13.61
N ILE A 113 -15.84 7.78 -13.01
CA ILE A 113 -15.09 8.81 -12.29
C ILE A 113 -14.51 8.17 -11.05
N ILE A 114 -15.10 7.04 -10.60
CA ILE A 114 -14.59 6.35 -9.45
C ILE A 114 -13.27 5.74 -9.83
N ILE A 115 -13.16 5.19 -11.07
CA ILE A 115 -11.89 4.61 -11.51
C ILE A 115 -10.85 5.66 -11.35
N LYS A 116 -11.20 6.93 -11.63
CA LYS A 116 -10.22 7.98 -11.47
C LYS A 116 -9.79 8.13 -10.04
N HIS A 117 -10.65 7.77 -9.07
CA HIS A 117 -10.23 7.84 -7.68
C HIS A 117 -9.04 6.91 -7.58
N LEU A 118 -9.13 5.79 -8.31
CA LEU A 118 -8.07 4.82 -8.36
C LEU A 118 -6.85 5.44 -9.03
N ASN A 119 -7.04 6.31 -10.07
CA ASN A 119 -5.89 6.91 -10.74
C ASN A 119 -5.13 7.78 -9.75
N GLU A 120 -5.83 8.69 -9.02
CA GLU A 120 -5.15 9.52 -8.01
C GLU A 120 -4.63 8.63 -6.87
N LEU A 121 -5.18 7.41 -6.80
CA LEU A 121 -4.78 6.46 -5.77
C LEU A 121 -3.37 6.01 -6.11
N PHE A 122 -3.20 5.59 -7.37
CA PHE A 122 -1.91 5.16 -7.89
C PHE A 122 -0.86 6.23 -7.64
N GLU A 123 -1.18 7.53 -7.88
CA GLU A 123 -0.21 8.59 -7.64
C GLU A 123 0.25 8.61 -6.20
N LYS A 124 -0.67 8.38 -5.23
CA LYS A 124 -0.29 8.40 -3.82
C LYS A 124 0.72 7.28 -3.56
N VAL A 125 0.54 6.14 -4.25
CA VAL A 125 1.45 5.03 -4.10
C VAL A 125 2.83 5.49 -4.54
N ALA A 126 2.88 6.32 -5.61
CA ALA A 126 4.12 6.82 -6.13
C ALA A 126 4.71 7.83 -5.18
N LEU A 127 3.89 8.45 -4.29
CA LEU A 127 4.44 9.41 -3.35
C LEU A 127 5.38 8.67 -2.45
N HIS A 128 5.05 7.40 -2.12
CA HIS A 128 5.97 6.62 -1.33
C HIS A 128 7.02 6.05 -2.28
N LEU A 129 6.64 5.94 -3.59
CA LEU A 129 7.53 5.43 -4.62
C LEU A 129 8.25 6.60 -5.28
N VAL A 130 8.41 7.71 -4.53
CA VAL A 130 9.09 8.87 -5.09
C VAL A 130 10.58 8.69 -4.94
N GLY A 131 11.05 7.46 -4.65
CA GLY A 131 12.46 7.22 -4.48
C GLY A 131 13.02 6.62 -5.75
N ALA A 132 12.25 6.69 -6.85
CA ALA A 132 12.71 6.12 -8.10
C ALA A 132 12.79 7.22 -9.11
N GLU A 133 12.69 8.48 -8.65
CA GLU A 133 12.75 9.59 -9.55
C GLU A 133 13.97 10.38 -9.19
N VAL A 134 14.30 10.42 -7.88
CA VAL A 134 15.45 11.13 -7.42
C VAL A 134 16.68 10.24 -7.64
N GLY A 1 20.62 -18.70 6.63
CA GLY A 1 21.39 -19.95 6.78
C GLY A 1 22.05 -20.30 5.50
N PRO A 2 23.35 -20.14 5.50
CA PRO A 2 24.18 -20.43 4.36
C PRO A 2 24.35 -21.90 4.10
N GLU A 3 24.53 -22.28 2.82
CA GLU A 3 24.68 -23.67 2.49
C GLU A 3 25.86 -23.81 1.58
N ARG A 4 26.60 -24.93 1.73
CA ARG A 4 27.77 -25.20 0.91
C ARG A 4 28.87 -24.25 1.28
N ILE A 5 29.92 -24.16 0.42
CA ILE A 5 31.03 -23.28 0.71
C ILE A 5 31.15 -22.30 -0.43
N SER A 6 31.17 -20.98 -0.11
CA SER A 6 31.28 -19.98 -1.14
C SER A 6 32.66 -19.36 -1.07
N LYS A 7 33.56 -19.94 -0.25
CA LYS A 7 34.91 -19.41 -0.11
C LYS A 7 34.84 -18.03 0.48
N ALA A 8 34.10 -17.88 1.61
CA ALA A 8 33.99 -16.59 2.22
C ALA A 8 34.73 -16.66 3.54
N TYR A 9 35.57 -15.61 3.82
CA TYR A 9 36.31 -15.59 5.04
C TYR A 9 36.39 -14.16 5.49
N GLU A 10 36.12 -13.92 6.80
CA GLU A 10 36.16 -12.58 7.35
C GLU A 10 35.05 -11.78 6.74
N SER A 11 33.80 -12.30 6.79
CA SER A 11 32.69 -11.58 6.24
C SER A 11 31.74 -11.30 7.36
N LYS A 12 31.50 -10.01 7.64
CA LYS A 12 30.58 -9.65 8.70
C LYS A 12 29.81 -8.46 8.20
N ASP A 13 28.57 -8.72 7.70
CA ASP A 13 27.76 -7.64 7.20
C ASP A 13 26.41 -7.72 7.86
N VAL A 14 26.38 -7.73 9.20
CA VAL A 14 25.12 -7.79 9.92
C VAL A 14 24.24 -6.62 9.53
N ARG A 15 24.76 -5.37 9.52
CA ARG A 15 23.91 -4.25 9.17
C ARG A 15 23.79 -4.12 7.67
N LEU A 16 24.86 -4.46 6.90
CA LEU A 16 24.80 -4.35 5.44
C LEU A 16 23.70 -5.24 4.89
N VAL A 17 23.64 -6.52 5.33
CA VAL A 17 22.62 -7.43 4.85
C VAL A 17 21.25 -6.96 5.30
N ALA A 18 21.15 -6.47 6.56
CA ALA A 18 19.87 -6.02 7.08
C ALA A 18 19.33 -4.89 6.24
N ARG A 19 20.23 -4.00 5.75
CA ARG A 19 19.81 -2.87 4.92
C ARG A 19 19.18 -3.38 3.64
N ASP A 20 19.75 -4.46 3.06
CA ASP A 20 19.22 -5.00 1.81
C ASP A 20 17.79 -5.49 2.02
N SER A 21 17.51 -6.17 3.16
CA SER A 21 16.16 -6.66 3.45
C SER A 21 15.15 -5.53 3.47
N ALA A 22 15.54 -4.36 4.01
CA ALA A 22 14.60 -3.25 4.09
C ALA A 22 14.18 -2.85 2.69
N PHE A 23 15.12 -2.88 1.72
CA PHE A 23 14.79 -2.51 0.36
C PHE A 23 13.71 -3.43 -0.20
N LEU A 24 13.83 -4.77 0.01
CA LEU A 24 12.83 -5.71 -0.48
C LEU A 24 11.45 -5.40 0.04
N GLY A 25 11.31 -4.95 1.31
CA GLY A 25 9.99 -4.65 1.84
C GLY A 25 9.33 -3.58 1.02
N LEU A 26 10.09 -2.56 0.59
CA LEU A 26 9.53 -1.49 -0.21
C LEU A 26 9.02 -2.03 -1.54
N GLN A 27 9.73 -3.04 -2.10
CA GLN A 27 9.35 -3.59 -3.39
C GLN A 27 7.95 -4.21 -3.35
N ARG A 28 7.62 -5.02 -2.30
CA ARG A 28 6.28 -5.61 -2.21
C ARG A 28 5.26 -4.51 -2.05
N ALA A 29 5.66 -3.39 -1.44
CA ALA A 29 4.77 -2.28 -1.19
C ALA A 29 4.24 -1.74 -2.51
N ILE A 30 5.08 -1.68 -3.56
CA ILE A 30 4.63 -1.14 -4.83
C ILE A 30 3.98 -2.20 -5.71
N ARG A 31 4.44 -3.47 -5.63
CA ARG A 31 3.93 -4.48 -6.56
C ARG A 31 2.45 -4.78 -6.35
N SER A 32 1.98 -4.89 -5.07
CA SER A 32 0.57 -5.20 -4.83
C SER A 32 -0.36 -4.33 -5.68
N GLU A 33 -1.39 -4.98 -6.28
CA GLU A 33 -2.33 -4.28 -7.13
C GLU A 33 -3.66 -4.22 -6.41
N ARG A 34 -4.77 -4.00 -7.18
CA ARG A 34 -6.08 -3.90 -6.58
C ARG A 34 -7.10 -4.41 -7.57
N PHE A 35 -8.31 -4.80 -7.08
CA PHE A 35 -9.36 -5.29 -7.96
C PHE A 35 -10.10 -4.09 -8.49
N GLU A 36 -10.87 -4.23 -9.60
CA GLU A 36 -11.54 -3.07 -10.14
C GLU A 36 -13.01 -3.29 -10.40
N LEU A 37 -13.39 -3.24 -11.71
CA LEU A 37 -14.79 -3.33 -12.07
C LEU A 37 -15.18 -4.77 -12.25
N ASP A 38 -14.23 -5.59 -12.74
CA ASP A 38 -14.51 -6.98 -13.02
C ASP A 38 -14.87 -7.72 -11.76
N ASN A 39 -14.23 -7.40 -10.61
CA ASN A 39 -14.52 -8.16 -9.42
C ASN A 39 -15.43 -7.38 -8.50
N PHE A 40 -15.64 -6.08 -8.73
CA PHE A 40 -16.49 -5.35 -7.83
C PHE A 40 -17.95 -5.53 -8.19
N LYS A 41 -18.27 -5.94 -9.43
CA LYS A 41 -19.68 -6.09 -9.79
C LYS A 41 -20.33 -7.28 -9.12
N SER A 42 -19.68 -8.47 -9.13
CA SER A 42 -20.34 -9.62 -8.54
C SER A 42 -19.62 -10.06 -7.31
N ASN A 43 -18.35 -9.68 -7.14
CA ASN A 43 -17.62 -10.10 -5.98
C ASN A 43 -17.44 -8.94 -5.05
N PHE A 44 -18.33 -7.92 -5.13
CA PHE A 44 -18.22 -6.76 -4.28
C PHE A 44 -18.21 -7.17 -2.80
N PRO A 45 -19.20 -7.93 -2.36
CA PRO A 45 -19.29 -8.38 -0.97
C PRO A 45 -18.30 -9.42 -0.53
N TYR A 46 -17.61 -10.08 -1.48
CA TYR A 46 -16.68 -11.11 -1.08
C TYR A 46 -15.33 -10.51 -0.76
N LEU A 47 -15.15 -9.18 -0.98
CA LEU A 47 -13.87 -8.59 -0.65
C LEU A 47 -14.00 -7.99 0.72
N THR A 48 -13.84 -8.84 1.76
CA THR A 48 -13.95 -8.36 3.12
C THR A 48 -12.62 -8.53 3.85
N VAL A 49 -11.50 -8.70 3.13
CA VAL A 49 -10.23 -8.87 3.82
C VAL A 49 -9.58 -7.52 3.97
N ALA A 50 -8.73 -7.38 5.02
CA ALA A 50 -8.10 -6.11 5.27
C ALA A 50 -6.62 -6.19 4.96
N ASN A 51 -6.03 -7.41 4.84
CA ASN A 51 -4.62 -7.49 4.55
C ASN A 51 -4.44 -7.77 3.09
N GLY A 52 -5.25 -7.08 2.24
CA GLY A 52 -5.13 -7.24 0.82
C GLY A 52 -3.79 -6.68 0.41
N SER A 53 -3.41 -5.53 1.02
CA SER A 53 -2.14 -4.92 0.69
C SER A 53 -1.84 -3.85 1.70
N LEU A 54 -2.86 -3.39 2.46
CA LEU A 54 -2.66 -2.33 3.43
C LEU A 54 -1.84 -2.84 4.60
N ARG A 55 -2.15 -4.06 5.08
CA ARG A 55 -1.43 -4.61 6.23
C ARG A 55 -0.01 -5.00 5.86
N THR A 56 0.21 -5.48 4.63
CA THR A 56 1.54 -5.90 4.22
C THR A 56 2.47 -4.70 4.15
N ILE A 57 1.98 -3.55 3.64
CA ILE A 57 2.85 -2.39 3.54
C ILE A 57 3.20 -1.91 4.92
N VAL A 58 2.30 -2.08 5.93
CA VAL A 58 2.62 -1.66 7.30
C VAL A 58 3.88 -2.37 7.78
N THR A 59 4.03 -3.68 7.49
CA THR A 59 5.21 -4.41 7.96
C THR A 59 6.47 -3.80 7.36
N GLY A 60 6.44 -3.49 6.03
CA GLY A 60 7.60 -2.91 5.38
C GLY A 60 7.90 -1.57 6.01
N LEU A 61 6.84 -0.85 6.42
CA LEU A 61 6.98 0.46 7.02
C LEU A 61 7.58 0.35 8.41
N LYS A 62 7.57 -0.86 9.03
CA LYS A 62 8.10 -0.96 10.37
C LYS A 62 9.59 -0.97 10.22
N GLY A 63 10.07 -1.67 9.15
CA GLY A 63 11.48 -1.74 8.87
C GLY A 63 12.01 -0.36 8.57
N ILE A 64 11.19 0.51 7.93
CA ILE A 64 11.63 1.84 7.57
C ILE A 64 11.93 2.66 8.80
N VAL A 65 11.03 2.65 9.82
CA VAL A 65 11.27 3.46 11.02
C VAL A 65 12.49 2.98 11.78
N GLU A 66 12.70 1.64 11.86
CA GLU A 66 13.81 1.06 12.62
C GLU A 66 15.17 1.39 12.04
N PHE A 67 15.29 1.44 10.70
CA PHE A 67 16.60 1.66 10.13
C PHE A 67 16.79 3.12 9.83
N ASP A 68 15.69 3.86 9.55
CA ASP A 68 15.82 5.26 9.25
C ASP A 68 16.04 6.02 10.52
N ASP A 69 15.02 6.09 11.43
CA ASP A 69 15.18 6.80 12.68
C ASP A 69 15.05 8.27 12.39
N GLY A 70 13.81 8.74 12.14
CA GLY A 70 13.60 10.13 11.84
C GLY A 70 12.12 10.41 11.76
N GLN A 71 11.74 11.32 10.84
CA GLN A 71 10.35 11.69 10.66
C GLN A 71 9.76 10.85 9.55
N MET A 72 10.56 9.91 9.02
CA MET A 72 10.12 9.07 7.93
C MET A 72 8.95 8.22 8.41
N LYS A 73 9.02 7.74 9.68
CA LYS A 73 7.95 6.94 10.24
C LYS A 73 6.62 7.67 10.20
N ASP A 74 6.62 9.02 10.43
CA ASP A 74 5.38 9.77 10.41
C ASP A 74 4.78 9.73 9.02
N ILE A 75 5.66 9.83 8.00
CA ILE A 75 5.22 9.77 6.62
C ILE A 75 4.51 8.45 6.38
N ALA A 76 4.96 7.35 7.04
CA ALA A 76 4.32 6.06 6.87
C ALA A 76 2.86 6.14 7.30
N LYS A 77 2.56 6.93 8.36
CA LYS A 77 1.18 7.07 8.81
C LYS A 77 0.34 7.68 7.70
N GLU A 78 0.92 8.64 6.93
CA GLU A 78 0.18 9.25 5.83
C GLU A 78 -0.20 8.17 4.82
N ILE A 79 0.70 7.18 4.64
CA ILE A 79 0.44 6.09 3.69
C ILE A 79 -0.79 5.30 4.12
N LEU A 80 -0.97 5.06 5.45
CA LEU A 80 -2.15 4.31 5.93
C LEU A 80 -3.39 5.06 5.53
N ASP A 81 -3.31 6.40 5.50
CA ASP A 81 -4.46 7.21 5.15
C ASP A 81 -4.68 7.02 3.65
N THR A 82 -5.85 6.44 3.28
CA THR A 82 -6.09 6.21 1.87
C THR A 82 -7.56 6.33 1.55
N GLN A 83 -7.82 6.81 0.30
CA GLN A 83 -9.18 7.00 -0.17
C GLN A 83 -9.38 6.13 -1.39
N ILE A 84 -10.42 5.28 -1.43
CA ILE A 84 -10.64 4.49 -2.63
C ILE A 84 -12.11 4.41 -2.89
N CYS A 85 -12.46 4.47 -4.20
CA CYS A 85 -13.83 4.37 -4.63
C CYS A 85 -14.74 5.37 -3.94
N GLY A 86 -14.27 6.55 -3.47
CA GLY A 86 -15.22 7.45 -2.86
C GLY A 86 -15.22 7.31 -1.36
N VAL A 87 -14.62 6.22 -0.82
CA VAL A 87 -14.63 6.06 0.62
C VAL A 87 -13.27 5.64 1.09
N PRO A 88 -12.93 6.10 2.27
CA PRO A 88 -11.64 5.82 2.90
C PRO A 88 -11.50 4.45 3.50
N PHE A 89 -10.39 4.26 4.25
CA PHE A 89 -10.14 3.01 4.96
C PHE A 89 -11.30 2.74 5.91
N SER A 90 -11.72 3.79 6.65
CA SER A 90 -12.78 3.65 7.64
C SER A 90 -14.13 3.39 6.98
N GLN A 91 -14.23 3.38 5.63
CA GLN A 91 -15.53 3.12 5.05
C GLN A 91 -15.54 1.79 4.36
N PHE A 92 -14.35 1.33 3.88
CA PHE A 92 -14.31 0.08 3.18
C PHE A 92 -13.55 -0.91 4.03
N GLY A 93 -14.06 -1.18 5.23
CA GLY A 93 -13.42 -2.13 6.09
C GLY A 93 -14.35 -3.30 6.20
N THR A 94 -15.65 -3.09 5.88
CA THR A 94 -16.61 -4.15 5.96
C THR A 94 -17.45 -4.09 4.72
N CYS A 95 -18.16 -5.20 4.41
CA CYS A 95 -18.99 -5.22 3.24
C CYS A 95 -20.35 -4.71 3.62
N SER A 96 -21.02 -4.01 2.68
CA SER A 96 -22.33 -3.51 2.98
C SER A 96 -23.18 -3.63 1.74
N GLY A 97 -24.39 -4.20 1.92
CA GLY A 97 -25.30 -4.36 0.80
C GLY A 97 -25.99 -3.04 0.60
N SER A 98 -25.73 -2.08 1.50
CA SER A 98 -26.30 -0.77 1.38
C SER A 98 -25.67 -0.10 0.20
N ALA A 99 -24.33 -0.26 0.00
CA ALA A 99 -23.71 0.41 -1.08
C ALA A 99 -23.80 -0.49 -2.30
N ARG A 100 -24.07 -1.83 -2.11
CA ARG A 100 -24.17 -2.69 -3.28
C ARG A 100 -25.42 -2.30 -4.03
N ASP A 101 -26.51 -1.93 -3.30
CA ASP A 101 -27.73 -1.51 -3.95
C ASP A 101 -27.45 -0.20 -4.62
N LEU A 102 -26.62 0.65 -3.96
CA LEU A 102 -26.28 1.93 -4.51
C LEU A 102 -25.50 1.79 -5.81
N VAL A 103 -24.51 0.86 -5.92
CA VAL A 103 -23.73 0.72 -7.12
C VAL A 103 -24.54 -0.03 -8.15
N ASP A 104 -25.65 -0.69 -7.74
CA ASP A 104 -26.39 -1.43 -8.71
C ASP A 104 -27.29 -0.43 -9.40
N ASN A 105 -27.57 0.69 -8.67
CA ASN A 105 -28.40 1.72 -9.21
C ASN A 105 -27.49 2.78 -9.78
N ALA A 106 -26.14 2.61 -9.63
CA ALA A 106 -25.20 3.57 -10.18
C ALA A 106 -24.89 3.07 -11.57
N SER A 107 -24.42 3.95 -12.46
CA SER A 107 -24.13 3.52 -13.80
C SER A 107 -22.67 3.16 -13.91
N TYR A 108 -22.29 2.59 -15.08
CA TYR A 108 -20.92 2.17 -15.29
C TYR A 108 -20.07 3.42 -15.31
N GLN A 109 -20.57 4.44 -16.05
CA GLN A 109 -19.87 5.72 -16.13
C GLN A 109 -19.42 6.16 -14.72
N GLN A 110 -20.32 6.17 -13.71
CA GLN A 110 -19.92 6.52 -12.36
C GLN A 110 -18.86 5.56 -11.83
N GLU A 111 -18.96 4.28 -12.19
CA GLU A 111 -18.00 3.29 -11.74
C GLU A 111 -16.63 3.63 -12.34
N LYS A 112 -16.62 4.27 -13.54
CA LYS A 112 -15.39 4.63 -14.22
C LYS A 112 -14.63 5.64 -13.40
N ILE A 113 -15.33 6.63 -12.77
CA ILE A 113 -14.60 7.62 -11.99
C ILE A 113 -14.05 6.95 -10.74
N ILE A 114 -14.68 5.86 -10.25
CA ILE A 114 -14.19 5.17 -9.07
C ILE A 114 -12.81 4.58 -9.36
N ILE A 115 -12.62 4.01 -10.59
CA ILE A 115 -11.34 3.40 -10.90
C ILE A 115 -10.27 4.46 -10.99
N LYS A 116 -10.59 5.63 -11.57
CA LYS A 116 -9.58 6.67 -11.68
C LYS A 116 -9.16 7.15 -10.29
N HIS A 117 -10.04 6.97 -9.24
CA HIS A 117 -9.65 7.37 -7.89
C HIS A 117 -8.50 6.49 -7.47
N LEU A 118 -8.58 5.20 -7.86
CA LEU A 118 -7.53 4.25 -7.52
C LEU A 118 -6.23 4.66 -8.16
N ASN A 119 -6.27 5.11 -9.44
CA ASN A 119 -5.07 5.48 -10.16
C ASN A 119 -4.31 6.58 -9.43
N GLU A 120 -5.02 7.62 -8.90
CA GLU A 120 -4.31 8.69 -8.23
C GLU A 120 -3.66 8.18 -6.96
N LEU A 121 -4.36 7.30 -6.20
CA LEU A 121 -3.80 6.72 -4.98
C LEU A 121 -2.46 6.06 -5.27
N PHE A 122 -2.31 5.43 -6.46
CA PHE A 122 -1.06 4.78 -6.81
C PHE A 122 0.03 5.83 -6.92
N GLU A 123 -0.30 7.00 -7.51
CA GLU A 123 0.68 8.07 -7.66
C GLU A 123 1.21 8.50 -6.29
N LYS A 124 0.35 8.54 -5.24
CA LYS A 124 0.81 8.93 -3.92
C LYS A 124 1.84 7.92 -3.41
N VAL A 125 1.67 6.62 -3.77
CA VAL A 125 2.61 5.59 -3.35
C VAL A 125 3.98 5.92 -3.93
N ALA A 126 4.02 6.39 -5.19
CA ALA A 126 5.27 6.74 -5.83
C ALA A 126 5.95 7.85 -5.05
N LEU A 127 5.16 8.80 -4.50
CA LEU A 127 5.72 9.90 -3.73
C LEU A 127 6.45 9.39 -2.51
N HIS A 128 5.92 8.32 -1.87
CA HIS A 128 6.57 7.75 -0.69
C HIS A 128 7.94 7.26 -1.06
N LEU A 129 8.06 6.57 -2.22
CA LEU A 129 9.33 6.03 -2.64
C LEU A 129 10.32 7.15 -2.93
N VAL A 130 9.83 8.26 -3.55
CA VAL A 130 10.70 9.37 -3.91
C VAL A 130 10.89 10.30 -2.73
N GLY A 131 10.78 9.78 -1.49
CA GLY A 131 10.90 10.61 -0.30
C GLY A 131 12.26 11.27 -0.26
N ALA A 132 13.33 10.59 -0.69
CA ALA A 132 14.64 11.19 -0.64
C ALA A 132 15.34 10.92 -1.93
N GLU A 133 14.63 10.32 -2.89
CA GLU A 133 15.23 10.04 -4.17
C GLU A 133 14.49 10.89 -5.15
N VAL A 134 15.20 11.86 -5.74
CA VAL A 134 14.56 12.74 -6.65
C VAL A 134 15.64 13.51 -7.43
N GLY A 1 -5.48 -25.98 -1.53
CA GLY A 1 -5.23 -26.89 -0.38
C GLY A 1 -4.17 -26.30 0.50
N PRO A 2 -4.63 -25.84 1.64
CA PRO A 2 -3.77 -25.23 2.64
C PRO A 2 -2.88 -26.22 3.33
N GLU A 3 -1.68 -25.77 3.76
CA GLU A 3 -0.78 -26.64 4.44
C GLU A 3 -0.29 -25.93 5.67
N ARG A 4 0.04 -26.71 6.73
CA ARG A 4 0.52 -26.11 7.94
C ARG A 4 2.00 -25.85 7.79
N ILE A 5 2.46 -24.68 8.30
CA ILE A 5 3.86 -24.36 8.19
C ILE A 5 4.38 -24.02 9.56
N SER A 6 5.70 -24.18 9.77
CA SER A 6 6.27 -23.87 11.07
C SER A 6 7.66 -23.38 10.83
N LYS A 7 7.94 -22.12 11.26
CA LYS A 7 9.25 -21.56 11.10
C LYS A 7 9.67 -20.99 12.43
N ALA A 8 11.01 -20.96 12.67
CA ALA A 8 11.51 -20.44 13.92
C ALA A 8 12.14 -19.11 13.63
N TYR A 9 12.24 -18.25 14.67
CA TYR A 9 12.83 -16.96 14.47
C TYR A 9 14.26 -17.03 14.92
N GLU A 10 15.17 -16.46 14.10
CA GLU A 10 16.57 -16.48 14.43
C GLU A 10 17.09 -15.08 14.30
N SER A 11 18.07 -14.71 15.15
CA SER A 11 18.61 -13.37 15.08
C SER A 11 20.10 -13.47 15.31
N LYS A 12 20.89 -12.91 14.37
CA LYS A 12 22.33 -12.95 14.51
C LYS A 12 22.87 -11.59 14.19
N ASP A 13 22.67 -11.13 12.92
CA ASP A 13 23.15 -9.82 12.54
C ASP A 13 21.96 -8.90 12.43
N VAL A 14 21.71 -8.13 13.50
CA VAL A 14 20.58 -7.23 13.51
C VAL A 14 20.68 -6.17 12.42
N ARG A 15 21.82 -5.45 12.30
CA ARG A 15 21.89 -4.38 11.31
C ARG A 15 22.33 -4.89 9.95
N LEU A 16 22.95 -6.07 9.91
CA LEU A 16 23.43 -6.58 8.65
C LEU A 16 22.28 -7.16 7.87
N VAL A 17 21.56 -8.13 8.49
CA VAL A 17 20.46 -8.76 7.79
C VAL A 17 19.27 -7.86 7.76
N ALA A 18 19.15 -6.87 8.68
CA ALA A 18 18.00 -6.01 8.65
C ALA A 18 18.11 -5.08 7.46
N ARG A 19 19.33 -4.58 7.18
CA ARG A 19 19.54 -3.68 6.07
C ARG A 19 19.17 -4.36 4.76
N ASP A 20 19.65 -5.61 4.55
CA ASP A 20 19.35 -6.30 3.30
C ASP A 20 17.86 -6.58 3.17
N SER A 21 17.20 -7.01 4.27
CA SER A 21 15.78 -7.32 4.22
C SER A 21 14.95 -6.09 3.93
N ALA A 22 15.35 -4.92 4.49
CA ALA A 22 14.60 -3.70 4.27
C ALA A 22 14.55 -3.37 2.80
N PHE A 23 15.64 -3.67 2.06
CA PHE A 23 15.71 -3.35 0.66
C PHE A 23 14.59 -4.08 -0.08
N LEU A 24 14.39 -5.40 0.18
CA LEU A 24 13.38 -6.17 -0.50
C LEU A 24 11.98 -5.70 -0.15
N GLY A 25 11.78 -5.21 1.10
CA GLY A 25 10.45 -4.76 1.51
C GLY A 25 9.98 -3.65 0.61
N LEU A 26 10.89 -2.71 0.24
CA LEU A 26 10.52 -1.62 -0.64
C LEU A 26 10.13 -2.18 -1.98
N GLN A 27 10.83 -3.24 -2.43
CA GLN A 27 10.55 -3.85 -3.73
C GLN A 27 9.12 -4.35 -3.83
N ARG A 28 8.59 -5.05 -2.79
CA ARG A 28 7.22 -5.57 -2.86
C ARG A 28 6.23 -4.43 -2.95
N ALA A 29 6.48 -3.34 -2.19
CA ALA A 29 5.59 -2.20 -2.22
C ALA A 29 5.42 -1.73 -3.66
N ILE A 30 6.49 -1.81 -4.49
CA ILE A 30 6.40 -1.40 -5.87
C ILE A 30 5.51 -2.34 -6.67
N ARG A 31 5.60 -3.68 -6.40
CA ARG A 31 4.82 -4.64 -7.19
C ARG A 31 3.40 -4.80 -6.69
N SER A 32 2.94 -3.92 -5.76
CA SER A 32 1.56 -3.99 -5.27
C SER A 32 0.59 -4.07 -6.45
N GLU A 33 -0.45 -4.95 -6.33
CA GLU A 33 -1.40 -5.10 -7.42
C GLU A 33 -2.81 -5.05 -6.86
N ARG A 34 -3.79 -4.68 -7.74
CA ARG A 34 -5.18 -4.59 -7.30
C ARG A 34 -6.08 -4.88 -8.48
N PHE A 35 -7.22 -5.60 -8.22
CA PHE A 35 -8.18 -5.92 -9.26
C PHE A 35 -9.11 -4.73 -9.43
N GLU A 36 -9.73 -4.62 -10.64
CA GLU A 36 -10.61 -3.49 -10.89
C GLU A 36 -12.03 -3.99 -11.00
N LEU A 37 -12.91 -3.18 -11.67
CA LEU A 37 -14.33 -3.50 -11.87
C LEU A 37 -14.57 -4.90 -12.39
N ASP A 38 -13.54 -5.63 -12.87
CA ASP A 38 -13.76 -6.95 -13.38
C ASP A 38 -14.30 -7.85 -12.30
N ASN A 39 -13.78 -7.71 -11.06
CA ASN A 39 -14.26 -8.55 -9.99
C ASN A 39 -14.99 -7.69 -9.01
N PHE A 40 -14.78 -6.36 -9.08
CA PHE A 40 -15.47 -5.48 -8.19
C PHE A 40 -16.80 -5.16 -8.79
N LYS A 41 -17.13 -5.80 -9.94
CA LYS A 41 -18.38 -5.53 -10.58
C LYS A 41 -19.50 -6.01 -9.73
N SER A 42 -19.49 -7.27 -9.25
CA SER A 42 -20.57 -7.70 -8.43
C SER A 42 -20.00 -8.10 -7.10
N ASN A 43 -18.66 -8.37 -7.08
CA ASN A 43 -18.04 -8.80 -5.85
C ASN A 43 -17.31 -7.64 -5.25
N PHE A 44 -17.72 -6.39 -5.60
CA PHE A 44 -17.07 -5.22 -5.06
C PHE A 44 -17.03 -5.28 -3.54
N PRO A 45 -18.15 -5.53 -2.89
CA PRO A 45 -18.20 -5.61 -1.44
C PRO A 45 -17.76 -6.93 -0.86
N TYR A 46 -17.67 -8.00 -1.69
CA TYR A 46 -17.30 -9.31 -1.17
C TYR A 46 -15.86 -9.34 -0.75
N LEU A 47 -14.94 -8.71 -1.50
CA LEU A 47 -13.55 -8.77 -1.10
C LEU A 47 -13.26 -7.54 -0.28
N THR A 48 -13.38 -7.69 1.05
CA THR A 48 -13.13 -6.59 1.94
C THR A 48 -11.78 -6.78 2.61
N VAL A 49 -11.39 -8.03 2.94
CA VAL A 49 -10.13 -8.24 3.62
C VAL A 49 -9.50 -9.50 3.10
N ALA A 50 -8.15 -9.63 3.29
CA ALA A 50 -7.43 -10.81 2.86
C ALA A 50 -5.97 -10.48 2.70
N ASN A 51 -5.48 -9.37 3.34
CA ASN A 51 -4.08 -8.96 3.20
C ASN A 51 -3.81 -8.84 1.72
N GLY A 52 -4.71 -8.11 1.01
CA GLY A 52 -4.59 -7.97 -0.42
C GLY A 52 -3.29 -7.32 -0.79
N SER A 53 -2.90 -6.23 -0.10
CA SER A 53 -1.68 -5.57 -0.46
C SER A 53 -1.47 -4.38 0.43
N LEU A 54 -2.53 -3.89 1.11
CA LEU A 54 -2.37 -2.73 1.95
C LEU A 54 -1.60 -3.10 3.19
N ARG A 55 -1.72 -4.37 3.66
CA ARG A 55 -1.03 -4.76 4.85
C ARG A 55 0.44 -4.97 4.52
N THR A 56 0.73 -5.59 3.35
CA THR A 56 2.10 -5.84 2.95
C THR A 56 2.85 -4.52 2.77
N ILE A 57 2.16 -3.44 2.30
CA ILE A 57 2.85 -2.17 2.12
C ILE A 57 3.00 -1.49 3.46
N VAL A 58 2.21 -1.92 4.48
CA VAL A 58 2.33 -1.31 5.79
C VAL A 58 3.62 -1.78 6.41
N THR A 59 3.94 -3.08 6.24
CA THR A 59 5.14 -3.67 6.80
C THR A 59 6.39 -3.07 6.17
N GLY A 60 6.39 -2.88 4.83
CA GLY A 60 7.56 -2.32 4.16
C GLY A 60 7.85 -0.92 4.69
N LEU A 61 6.80 -0.10 4.92
CA LEU A 61 7.02 1.24 5.41
C LEU A 61 7.47 1.17 6.85
N LYS A 62 7.08 0.10 7.58
CA LYS A 62 7.49 -0.05 8.96
C LYS A 62 8.99 -0.19 8.96
N GLY A 63 9.55 -0.89 7.94
CA GLY A 63 10.98 -1.08 7.85
C GLY A 63 11.66 0.26 7.71
N ILE A 64 11.12 1.19 6.89
CA ILE A 64 11.74 2.51 6.74
C ILE A 64 11.76 3.25 8.05
N VAL A 65 10.65 3.15 8.82
CA VAL A 65 10.55 3.85 10.09
C VAL A 65 11.61 3.38 11.07
N GLU A 66 11.83 2.05 11.17
CA GLU A 66 12.79 1.52 12.12
C GLU A 66 14.21 1.93 11.81
N PHE A 67 14.62 1.94 10.53
CA PHE A 67 16.02 2.27 10.24
C PHE A 67 16.24 3.76 10.21
N ASP A 68 15.36 4.52 9.51
CA ASP A 68 15.53 5.95 9.41
C ASP A 68 15.55 6.63 10.76
N ASP A 69 14.64 6.22 11.69
CA ASP A 69 14.62 6.85 13.00
C ASP A 69 14.45 8.34 12.84
N GLY A 70 13.24 8.78 12.40
CA GLY A 70 12.99 10.19 12.20
C GLY A 70 11.51 10.35 12.09
N GLN A 71 11.01 11.54 11.68
CA GLN A 71 9.58 11.75 11.54
C GLN A 71 9.11 11.20 10.22
N MET A 72 9.97 10.42 9.53
CA MET A 72 9.58 9.86 8.27
C MET A 72 8.53 8.81 8.56
N LYS A 73 8.56 8.29 9.82
CA LYS A 73 7.58 7.33 10.27
C LYS A 73 6.20 7.97 10.24
N ASP A 74 6.13 9.27 10.62
CA ASP A 74 4.87 9.97 10.64
C ASP A 74 4.32 10.08 9.23
N ILE A 75 5.21 10.09 8.22
CA ILE A 75 4.76 10.19 6.85
C ILE A 75 4.04 8.90 6.50
N ALA A 76 4.59 7.76 7.00
CA ALA A 76 3.99 6.46 6.74
C ALA A 76 2.55 6.42 7.23
N LYS A 77 2.26 7.06 8.39
CA LYS A 77 0.91 7.06 8.92
C LYS A 77 -0.02 7.78 7.96
N GLU A 78 0.43 8.90 7.36
CA GLU A 78 -0.40 9.67 6.45
C GLU A 78 -0.76 8.84 5.24
N ILE A 79 0.16 7.99 4.74
CA ILE A 79 -0.11 7.17 3.57
C ILE A 79 -1.29 6.25 3.83
N LEU A 80 -1.34 5.63 5.05
CA LEU A 80 -2.44 4.72 5.36
C LEU A 80 -3.76 5.43 5.28
N ASP A 81 -3.84 6.69 5.79
CA ASP A 81 -5.09 7.40 5.78
C ASP A 81 -5.37 7.96 4.39
N THR A 82 -6.40 7.40 3.71
CA THR A 82 -6.75 7.87 2.40
C THR A 82 -8.15 7.41 2.10
N GLN A 83 -8.94 8.23 1.34
CA GLN A 83 -10.29 7.86 1.02
C GLN A 83 -10.34 7.45 -0.44
N ILE A 84 -10.94 6.26 -0.72
CA ILE A 84 -11.05 5.82 -2.08
C ILE A 84 -12.42 5.20 -2.26
N CYS A 85 -13.25 5.81 -3.17
CA CYS A 85 -14.60 5.33 -3.46
C CYS A 85 -15.56 6.36 -2.96
N GLY A 86 -15.07 7.25 -2.06
CA GLY A 86 -15.91 8.26 -1.51
C GLY A 86 -15.98 8.03 -0.03
N VAL A 87 -15.37 6.91 0.42
CA VAL A 87 -15.34 6.59 1.82
C VAL A 87 -13.93 6.19 2.15
N PRO A 88 -13.55 6.42 3.37
CA PRO A 88 -12.20 6.13 3.85
C PRO A 88 -11.90 4.66 3.98
N PHE A 89 -10.60 4.33 4.22
CA PHE A 89 -10.19 2.95 4.37
C PHE A 89 -10.83 2.35 5.59
N SER A 90 -11.33 3.19 6.52
CA SER A 90 -11.95 2.68 7.73
C SER A 90 -13.22 1.93 7.40
N GLN A 91 -14.05 2.46 6.47
CA GLN A 91 -15.29 1.78 6.13
C GLN A 91 -15.04 0.75 5.05
N PHE A 92 -13.78 0.57 4.61
CA PHE A 92 -13.51 -0.40 3.60
C PHE A 92 -12.89 -1.60 4.27
N GLY A 93 -13.56 -2.13 5.30
CA GLY A 93 -13.04 -3.27 6.00
C GLY A 93 -14.08 -4.35 5.96
N THR A 94 -15.37 -3.98 5.87
CA THR A 94 -16.41 -4.97 5.83
C THR A 94 -17.43 -4.53 4.80
N CYS A 95 -18.34 -5.45 4.42
CA CYS A 95 -19.34 -5.10 3.44
C CYS A 95 -20.63 -4.82 4.16
N SER A 96 -21.37 -3.82 3.64
CA SER A 96 -22.64 -3.47 4.22
C SER A 96 -23.68 -3.52 3.12
N GLY A 97 -24.94 -3.88 3.49
CA GLY A 97 -26.00 -3.97 2.52
C GLY A 97 -26.37 -2.58 2.05
N SER A 98 -26.03 -1.56 2.86
CA SER A 98 -26.32 -0.20 2.48
C SER A 98 -25.49 0.14 1.28
N ALA A 99 -24.24 -0.38 1.25
CA ALA A 99 -23.35 -0.09 0.15
C ALA A 99 -23.64 -1.01 -1.00
N ARG A 100 -24.33 -2.16 -0.76
CA ARG A 100 -24.63 -3.06 -1.86
C ARG A 100 -25.73 -2.46 -2.69
N ASP A 101 -26.60 -1.64 -2.06
CA ASP A 101 -27.68 -1.02 -2.79
C ASP A 101 -27.15 0.22 -3.46
N LEU A 102 -26.11 0.86 -2.86
CA LEU A 102 -25.54 2.07 -3.42
C LEU A 102 -24.70 1.74 -4.62
N VAL A 103 -24.15 0.50 -4.72
CA VAL A 103 -23.34 0.16 -5.86
C VAL A 103 -24.25 -0.21 -6.99
N ASP A 104 -25.29 -1.05 -6.71
CA ASP A 104 -26.24 -1.42 -7.74
C ASP A 104 -26.93 -0.18 -8.30
N ASN A 105 -27.20 0.84 -7.47
CA ASN A 105 -27.87 2.03 -7.95
C ASN A 105 -26.84 2.85 -8.68
N ALA A 106 -25.55 2.68 -8.32
CA ALA A 106 -24.49 3.38 -9.00
C ALA A 106 -24.39 2.75 -10.34
N SER A 107 -23.93 3.48 -11.36
CA SER A 107 -23.88 2.88 -12.66
C SER A 107 -22.45 2.65 -13.04
N TYR A 108 -22.30 1.89 -14.15
CA TYR A 108 -20.99 1.55 -14.70
C TYR A 108 -20.21 2.83 -14.98
N GLN A 109 -20.92 3.97 -15.06
CA GLN A 109 -20.25 5.23 -15.35
C GLN A 109 -19.55 5.67 -14.08
N GLN A 110 -20.33 5.99 -13.02
CA GLN A 110 -19.71 6.37 -11.75
C GLN A 110 -18.69 5.33 -11.30
N GLU A 111 -18.96 4.03 -11.48
CA GLU A 111 -17.98 3.03 -11.07
C GLU A 111 -16.64 3.22 -11.77
N LYS A 112 -16.65 3.62 -13.07
CA LYS A 112 -15.40 3.80 -13.81
C LYS A 112 -14.56 4.93 -13.20
N ILE A 113 -15.19 6.04 -12.76
CA ILE A 113 -14.39 7.13 -12.20
C ILE A 113 -13.87 6.73 -10.83
N ILE A 114 -14.57 5.80 -10.14
CA ILE A 114 -14.13 5.38 -8.83
C ILE A 114 -12.86 4.57 -8.97
N ILE A 115 -12.78 3.70 -10.01
CA ILE A 115 -11.58 2.90 -10.19
C ILE A 115 -10.45 3.82 -10.54
N LYS A 116 -10.75 5.02 -11.09
CA LYS A 116 -9.68 5.94 -11.42
C LYS A 116 -9.16 6.56 -10.15
N HIS A 117 -9.98 6.61 -9.07
CA HIS A 117 -9.51 7.15 -7.82
C HIS A 117 -8.37 6.26 -7.41
N LEU A 118 -8.55 4.95 -7.63
CA LEU A 118 -7.54 3.98 -7.31
C LEU A 118 -6.29 4.23 -8.14
N ASN A 119 -6.43 4.55 -9.46
CA ASN A 119 -5.26 4.76 -10.28
C ASN A 119 -4.52 6.01 -9.85
N GLU A 120 -5.25 7.11 -9.56
CA GLU A 120 -4.61 8.35 -9.14
C GLU A 120 -4.04 8.22 -7.73
N LEU A 121 -4.52 7.22 -6.94
CA LEU A 121 -4.04 7.15 -5.58
C LEU A 121 -2.76 6.36 -5.62
N PHE A 122 -2.70 5.39 -6.56
CA PHE A 122 -1.53 4.57 -6.73
C PHE A 122 -0.37 5.44 -7.17
N GLU A 123 -0.63 6.48 -8.01
CA GLU A 123 0.45 7.31 -8.48
C GLU A 123 1.01 8.11 -7.32
N LYS A 124 0.15 8.59 -6.38
CA LYS A 124 0.68 9.34 -5.25
C LYS A 124 1.55 8.43 -4.38
N VAL A 125 1.28 7.11 -4.41
CA VAL A 125 2.09 6.16 -3.65
C VAL A 125 3.48 6.17 -4.22
N ALA A 126 3.58 6.24 -5.58
CA ALA A 126 4.85 6.25 -6.25
C ALA A 126 5.64 7.48 -5.84
N LEU A 127 4.93 8.62 -5.59
CA LEU A 127 5.61 9.84 -5.20
C LEU A 127 6.34 9.62 -3.88
N HIS A 128 5.73 8.85 -2.95
CA HIS A 128 6.38 8.57 -1.68
C HIS A 128 7.62 7.74 -1.93
N LEU A 129 7.54 6.84 -2.92
CA LEU A 129 8.64 5.95 -3.26
C LEU A 129 9.86 6.74 -3.69
N VAL A 130 9.67 7.86 -4.42
CA VAL A 130 10.82 8.62 -4.88
C VAL A 130 11.30 9.58 -3.81
N GLY A 131 10.98 9.29 -2.53
CA GLY A 131 11.40 10.16 -1.45
C GLY A 131 12.88 10.04 -1.26
N ALA A 132 13.51 8.97 -1.82
CA ALA A 132 14.93 8.81 -1.68
C ALA A 132 15.55 9.02 -3.02
N GLU A 133 14.85 9.78 -3.90
CA GLU A 133 15.35 9.99 -5.24
C GLU A 133 15.46 8.66 -5.90
N VAL A 134 16.25 8.61 -6.98
CA VAL A 134 16.48 7.38 -7.70
C VAL A 134 15.28 7.12 -8.61
#